data_5O3Z
#
_entry.id   5O3Z
#
_cell.length_a   120.707
_cell.length_b   138.057
_cell.length_c   199.442
_cell.angle_alpha   90.00
_cell.angle_beta   90.00
_cell.angle_gamma   90.00
#
_symmetry.space_group_name_H-M   'P 21 21 21'
#
loop_
_entity.id
_entity.type
_entity.pdbx_description
1 polymer 'Sorbitol-6-phosphate dehydrogenase'
2 non-polymer 'CHLORIDE ION'
3 water water
#
_entity_poly.entity_id   1
_entity_poly.type   'polypeptide(L)'
_entity_poly.pdbx_seq_one_letter_code
;GAMAMEQVAVVIGGGQTLGAFLCEGLAQAGYHVAVADLNESNANRLADTINSRYGAGRAYGFKVDATDEASVEALARAVD
ETFGRADLLVYSAGVAKAAPITQFRLTDFDLSLQVNLVGYFLCSREFSKLMIRDGIKGRIIQINSKSGKVGSKHNSGYSA
AKFGGVGLTQSLALDLAEYGITVHSLMLGNLLKSPMFQSLLPQYAEKLGITPEEVEPYYVDKVPLKRGCDYQDVLNVLLF
YASDKAAYCTGQSINVTGGQVMF
;
_entity_poly.pdbx_strand_id   A,B,C,D,E,F,G,H,I,J,K,L
#
loop_
_chem_comp.id
_chem_comp.type
_chem_comp.name
_chem_comp.formula
CL non-polymer 'CHLORIDE ION' 'Cl -1'
#
# COMPACT_ATOMS: atom_id res chain seq x y z
N GLU A 6 -3.12 -3.88 48.77
CA GLU A 6 -1.84 -3.78 47.96
C GLU A 6 -1.94 -3.89 46.41
N GLN A 7 -3.13 -3.76 45.88
CA GLN A 7 -3.36 -3.89 44.42
C GLN A 7 -2.88 -2.68 43.58
N VAL A 8 -2.42 -3.00 42.38
CA VAL A 8 -1.95 -2.01 41.40
C VAL A 8 -2.90 -1.95 40.21
N ALA A 9 -3.39 -0.77 39.88
CA ALA A 9 -4.20 -0.56 38.72
C ALA A 9 -3.31 0.10 37.69
N VAL A 10 -3.35 -0.38 36.46
CA VAL A 10 -2.76 0.33 35.29
C VAL A 10 -3.91 0.95 34.51
N VAL A 11 -3.88 2.26 34.27
CA VAL A 11 -4.88 2.91 33.45
C VAL A 11 -4.23 3.49 32.16
N ILE A 12 -4.61 2.92 31.01
CA ILE A 12 -4.15 3.37 29.68
C ILE A 12 -5.09 4.47 29.29
N GLY A 13 -4.53 5.62 28.96
CA GLY A 13 -5.32 6.84 28.68
C GLY A 13 -5.67 7.59 29.95
N GLY A 14 -4.90 7.31 31.02
CA GLY A 14 -5.04 7.95 32.31
C GLY A 14 -4.74 9.42 32.47
N GLY A 15 -4.25 10.07 31.44
CA GLY A 15 -3.69 11.39 31.62
C GLY A 15 -4.61 12.56 31.50
N GLN A 16 -5.85 12.31 31.15
CA GLN A 16 -6.79 13.43 31.06
C GLN A 16 -8.22 12.89 31.16
N THR A 17 -9.16 13.83 31.30
CA THR A 17 -10.61 13.61 31.19
C THR A 17 -11.01 12.37 32.01
N LEU A 18 -11.73 11.42 31.39
CA LEU A 18 -12.24 10.26 32.12
C LEU A 18 -11.17 9.36 32.69
N GLY A 19 -10.16 9.04 31.90
CA GLY A 19 -9.02 8.32 32.39
C GLY A 19 -8.41 8.92 33.65
N ALA A 20 -8.32 10.25 33.66
CA ALA A 20 -7.71 10.95 34.81
C ALA A 20 -8.61 10.80 36.06
N PHE A 21 -9.92 10.93 35.86
CA PHE A 21 -10.88 10.72 36.91
C PHE A 21 -10.83 9.32 37.45
N LEU A 22 -10.69 8.28 36.61
CA LEU A 22 -10.62 6.92 37.13
C LEU A 22 -9.36 6.69 37.93
N CYS A 23 -8.22 7.26 37.48
CA CYS A 23 -6.94 7.16 38.25
C CYS A 23 -7.11 7.72 39.66
N GLU A 24 -7.73 8.87 39.78
CA GLU A 24 -7.92 9.51 41.11
C GLU A 24 -8.86 8.68 42.00
N GLY A 25 -9.91 8.20 41.35
CA GLY A 25 -10.92 7.39 42.00
C GLY A 25 -10.35 6.08 42.47
N LEU A 26 -9.44 5.48 41.68
CA LEU A 26 -8.78 4.26 42.10
C LEU A 26 -7.77 4.48 43.24
N ALA A 27 -7.13 5.62 43.26
CA ALA A 27 -6.18 5.89 44.38
C ALA A 27 -7.00 6.00 45.67
N GLN A 28 -8.07 6.79 45.61
CA GLN A 28 -9.03 6.88 46.73
C GLN A 28 -9.52 5.55 47.25
N ALA A 29 -9.91 4.66 46.36
CA ALA A 29 -10.31 3.29 46.74
C ALA A 29 -9.19 2.43 47.29
N GLY A 30 -7.97 2.97 47.41
CA GLY A 30 -6.87 2.22 47.93
C GLY A 30 -5.91 1.56 46.95
N TYR A 31 -6.02 1.86 45.65
CA TYR A 31 -5.09 1.28 44.67
C TYR A 31 -3.77 2.09 44.54
N HIS A 32 -2.68 1.39 44.28
CA HIS A 32 -1.51 2.03 43.61
C HIS A 32 -1.81 2.16 42.12
N VAL A 33 -1.50 3.30 41.54
CA VAL A 33 -1.95 3.58 40.18
C VAL A 33 -0.75 3.83 39.27
N ALA A 34 -0.71 3.09 38.16
CA ALA A 34 0.19 3.38 37.04
C ALA A 34 -0.61 4.19 35.99
N VAL A 35 -0.34 5.49 35.92
CA VAL A 35 -0.97 6.44 34.95
C VAL A 35 -0.18 6.37 33.61
N ALA A 36 -0.79 5.70 32.60
CA ALA A 36 -0.13 5.47 31.29
C ALA A 36 -0.80 6.34 30.22
N ASP A 37 -0.02 7.12 29.48
CA ASP A 37 -0.62 7.98 28.50
C ASP A 37 0.31 8.41 27.35
N LEU A 38 -0.27 8.76 26.22
CA LEU A 38 0.53 9.20 25.05
C LEU A 38 1.30 10.47 25.48
N ASN A 39 0.65 11.32 26.29
CA ASN A 39 1.25 12.52 26.86
C ASN A 39 1.87 12.25 28.21
N GLU A 40 3.18 12.00 28.21
CA GLU A 40 3.92 11.59 29.39
C GLU A 40 3.91 12.65 30.49
N SER A 41 3.84 13.92 30.11
CA SER A 41 3.87 14.98 31.13
C SER A 41 2.52 14.99 31.88
N ASN A 42 1.41 14.83 31.15
CA ASN A 42 0.09 14.61 31.73
C ASN A 42 0.10 13.43 32.65
N ALA A 43 0.63 12.29 32.19
CA ALA A 43 0.71 11.15 33.07
C ALA A 43 1.48 11.48 34.38
N ASN A 44 2.67 12.06 34.25
CA ASN A 44 3.52 12.38 35.44
C ASN A 44 2.94 13.35 36.43
N ARG A 45 2.33 14.43 35.93
CA ARG A 45 1.70 15.44 36.78
C ARG A 45 0.44 14.97 37.56
N LEU A 46 -0.37 14.12 36.91
CA LEU A 46 -1.50 13.55 37.60
C LEU A 46 -0.96 12.63 38.65
N ALA A 47 0.05 11.82 38.37
CA ALA A 47 0.63 10.98 39.40
C ALA A 47 1.22 11.80 40.58
N ASP A 48 1.73 12.99 40.29
CA ASP A 48 2.29 13.89 41.34
C ASP A 48 1.13 14.37 42.21
N THR A 49 0.08 14.89 41.58
CA THR A 49 -1.18 15.20 42.29
C THR A 49 -1.65 14.05 43.22
N ILE A 50 -1.71 12.84 42.69
CA ILE A 50 -2.06 11.66 43.50
C ILE A 50 -1.05 11.43 44.64
N ASN A 51 0.24 11.50 44.38
CA ASN A 51 1.21 11.37 45.52
C ASN A 51 1.20 12.55 46.52
N SER A 52 0.89 13.76 46.06
CA SER A 52 0.70 14.93 46.94
C SER A 52 -0.47 14.77 47.92
N ARG A 53 -1.44 13.89 47.60
CA ARG A 53 -2.57 13.60 48.49
C ARG A 53 -2.45 12.31 49.26
N TYR A 54 -1.84 11.27 48.70
CA TYR A 54 -1.92 9.90 49.21
C TYR A 54 -0.61 9.34 49.71
N GLY A 55 0.51 10.03 49.47
CA GLY A 55 1.82 9.56 49.90
C GLY A 55 2.70 9.28 48.69
N ALA A 56 4.01 9.48 48.83
CA ALA A 56 4.97 9.22 47.74
C ALA A 56 4.93 7.76 47.32
N GLY A 57 5.05 7.50 46.02
CA GLY A 57 5.15 6.13 45.48
C GLY A 57 3.78 5.46 45.37
N ARG A 58 2.72 6.25 45.50
CA ARG A 58 1.37 5.72 45.30
C ARG A 58 1.04 5.60 43.82
N ALA A 59 1.38 6.67 43.09
CA ALA A 59 1.24 6.76 41.63
C ALA A 59 2.58 7.08 40.88
N TYR A 60 2.78 6.42 39.72
CA TYR A 60 3.82 6.78 38.73
C TYR A 60 3.20 7.00 37.35
N GLY A 61 3.74 7.97 36.62
CA GLY A 61 3.32 8.27 35.26
C GLY A 61 4.22 7.54 34.25
N PHE A 62 3.61 7.04 33.17
CA PHE A 62 4.35 6.32 32.11
C PHE A 62 3.85 6.78 30.76
N LYS A 63 4.76 6.83 29.76
CA LYS A 63 4.41 7.10 28.40
C LYS A 63 4.01 5.79 27.73
N VAL A 64 2.92 5.83 26.98
CA VAL A 64 2.61 4.66 26.09
C VAL A 64 1.79 5.10 24.86
N ASP A 65 2.12 4.44 23.73
CA ASP A 65 1.36 4.52 22.52
C ASP A 65 0.75 3.17 22.46
N ALA A 66 -0.53 3.07 22.81
CA ALA A 66 -1.12 1.74 22.92
C ALA A 66 -1.20 1.03 21.55
N THR A 67 -1.09 1.75 20.46
CA THR A 67 -1.17 1.19 19.11
C THR A 67 0.16 0.58 18.67
N ASP A 68 1.23 0.79 19.46
CA ASP A 68 2.59 0.31 19.12
C ASP A 68 3.03 -0.82 20.04
N GLU A 69 3.35 -2.00 19.49
CA GLU A 69 3.72 -3.18 20.28
C GLU A 69 4.98 -3.02 21.16
N ALA A 70 5.97 -2.30 20.66
CA ALA A 70 7.22 -2.09 21.43
C ALA A 70 6.96 -1.13 22.62
N SER A 71 6.20 -0.10 22.39
CA SER A 71 5.81 0.81 23.43
C SER A 71 4.93 0.14 24.53
N VAL A 72 3.98 -0.73 24.14
CA VAL A 72 3.22 -1.49 25.16
C VAL A 72 4.08 -2.48 25.92
N GLU A 73 4.94 -3.21 25.22
CA GLU A 73 5.72 -4.21 25.91
C GLU A 73 6.67 -3.53 26.88
N ALA A 74 7.13 -2.31 26.57
CA ALA A 74 8.04 -1.61 27.49
C ALA A 74 7.26 -1.08 28.70
N LEU A 75 6.02 -0.65 28.46
CA LEU A 75 5.16 -0.17 29.56
C LEU A 75 4.98 -1.24 30.57
N ALA A 76 4.73 -2.47 30.12
CA ALA A 76 4.58 -3.57 31.03
C ALA A 76 5.84 -3.83 31.80
N ARG A 77 6.98 -3.81 31.13
CA ARG A 77 8.29 -3.93 31.89
C ARG A 77 8.44 -2.81 32.94
N ALA A 78 8.12 -1.57 32.54
CA ALA A 78 8.23 -0.43 33.42
C ALA A 78 7.31 -0.51 34.65
N VAL A 79 6.07 -0.90 34.44
CA VAL A 79 5.17 -1.09 35.56
C VAL A 79 5.64 -2.19 36.48
N ASP A 80 6.15 -3.32 35.94
CA ASP A 80 6.59 -4.43 36.76
C ASP A 80 7.81 -4.00 37.56
N GLU A 81 8.79 -3.40 36.90
CA GLU A 81 9.98 -2.86 37.60
C GLU A 81 9.54 -1.99 38.77
N THR A 82 8.58 -1.06 38.50
CA THR A 82 8.12 -0.08 39.46
C THR A 82 7.24 -0.59 40.67
N PHE A 83 6.16 -1.33 40.42
CA PHE A 83 5.30 -1.86 41.47
C PHE A 83 5.46 -3.32 41.72
N GLY A 84 6.17 -4.04 40.87
CA GLY A 84 6.34 -5.51 41.04
C GLY A 84 5.13 -6.41 40.81
N ARG A 85 3.99 -5.84 40.40
CA ARG A 85 2.79 -6.63 40.08
C ARG A 85 1.78 -5.78 39.33
N ALA A 86 0.72 -6.43 38.86
CA ALA A 86 -0.41 -5.73 38.21
C ALA A 86 -1.69 -6.56 38.43
N ASP A 87 -2.72 -5.87 38.91
CA ASP A 87 -3.98 -6.51 39.41
C ASP A 87 -5.22 -6.18 38.54
N LEU A 88 -5.25 -4.96 38.02
CA LEU A 88 -6.34 -4.38 37.26
C LEU A 88 -5.76 -3.65 36.05
N LEU A 89 -6.18 -4.01 34.84
CA LEU A 89 -5.97 -3.16 33.65
C LEU A 89 -7.25 -2.40 33.30
N VAL A 90 -7.19 -1.06 33.24
CA VAL A 90 -8.23 -0.27 32.68
C VAL A 90 -7.79 0.29 31.34
N TYR A 91 -8.53 -0.06 30.27
CA TYR A 91 -8.25 0.45 28.94
C TYR A 91 -9.27 1.46 28.54
N SER A 92 -8.80 2.68 28.52
CA SER A 92 -9.61 3.81 28.26
C SER A 92 -9.03 4.64 27.11
N ALA A 93 -9.51 4.42 25.91
CA ALA A 93 -9.00 5.05 24.72
C ALA A 93 -10.07 5.10 23.66
N GLY A 94 -9.89 6.04 22.72
CA GLY A 94 -10.65 6.07 21.46
C GLY A 94 -11.82 7.02 21.47
N VAL A 95 -12.00 7.73 20.34
CA VAL A 95 -13.01 8.79 20.16
C VAL A 95 -13.79 8.59 18.84
N ALA A 96 -14.92 9.29 18.71
CA ALA A 96 -15.85 9.09 17.61
C ALA A 96 -15.53 10.07 16.48
N LYS A 97 -15.44 9.55 15.25
CA LYS A 97 -15.42 10.39 14.04
C LYS A 97 -16.56 10.01 13.09
N ALA A 98 -17.36 11.03 12.73
CA ALA A 98 -18.61 10.86 12.08
C ALA A 98 -18.54 11.30 10.62
N ALA A 99 -19.11 10.48 9.74
CA ALA A 99 -19.29 10.77 8.32
C ALA A 99 -20.10 9.61 7.75
N PRO A 100 -21.04 9.90 6.83
CA PRO A 100 -21.78 8.78 6.19
C PRO A 100 -20.81 7.88 5.46
N ILE A 101 -21.16 6.58 5.37
CA ILE A 101 -20.27 5.57 4.74
C ILE A 101 -19.71 6.06 3.37
N THR A 102 -20.54 6.75 2.60
CA THR A 102 -20.16 7.19 1.23
C THR A 102 -19.03 8.28 1.22
N GLN A 103 -18.70 8.87 2.38
CA GLN A 103 -17.57 9.82 2.55
C GLN A 103 -16.59 9.42 3.66
N PHE A 104 -16.69 8.19 4.18
CA PHE A 104 -15.97 7.83 5.42
C PHE A 104 -14.62 7.37 4.98
N ARG A 105 -13.57 7.85 5.62
CA ARG A 105 -12.20 7.64 5.10
C ARG A 105 -11.56 6.42 5.67
N LEU A 106 -10.78 5.71 4.88
CA LEU A 106 -10.06 4.56 5.32
C LEU A 106 -9.06 4.85 6.43
N THR A 107 -8.37 5.97 6.35
CA THR A 107 -7.42 6.35 7.40
C THR A 107 -8.08 6.39 8.76
N ASP A 108 -9.27 6.96 8.81
CA ASP A 108 -10.04 7.07 10.08
C ASP A 108 -10.57 5.74 10.54
N PHE A 109 -11.03 4.91 9.58
CA PHE A 109 -11.57 3.61 9.92
C PHE A 109 -10.44 2.81 10.51
N ASP A 110 -9.32 2.85 9.83
CA ASP A 110 -8.11 2.21 10.32
C ASP A 110 -7.64 2.69 11.70
N LEU A 111 -7.60 4.00 11.91
CA LEU A 111 -7.20 4.57 13.18
C LEU A 111 -8.16 4.12 14.28
N SER A 112 -9.45 4.24 14.02
CA SER A 112 -10.44 3.67 14.99
C SER A 112 -10.09 2.27 15.41
N LEU A 113 -9.71 1.39 14.47
CA LEU A 113 -9.36 0.01 14.83
C LEU A 113 -8.09 -0.08 15.68
N GLN A 114 -7.12 0.77 15.37
CA GLN A 114 -5.83 0.73 16.11
C GLN A 114 -6.05 1.14 17.59
N VAL A 115 -6.67 2.29 17.78
CA VAL A 115 -6.84 2.92 19.08
C VAL A 115 -7.87 2.11 19.89
N ASN A 116 -9.00 1.76 19.27
CA ASN A 116 -10.07 1.14 20.03
C ASN A 116 -9.95 -0.32 20.24
N LEU A 117 -9.21 -0.99 19.36
CA LEU A 117 -9.19 -2.41 19.34
C LEU A 117 -7.83 -3.00 19.46
N VAL A 118 -6.87 -2.66 18.58
CA VAL A 118 -5.57 -3.29 18.66
C VAL A 118 -4.84 -2.90 19.99
N GLY A 119 -5.01 -1.66 20.41
CA GLY A 119 -4.47 -1.23 21.70
C GLY A 119 -5.00 -2.06 22.83
N TYR A 120 -6.28 -2.43 22.73
CA TYR A 120 -6.91 -3.20 23.78
C TYR A 120 -6.35 -4.57 23.79
N PHE A 121 -6.13 -5.16 22.61
CA PHE A 121 -5.51 -6.48 22.48
C PHE A 121 -4.05 -6.41 23.02
N LEU A 122 -3.26 -5.41 22.60
CA LEU A 122 -1.88 -5.41 23.10
C LEU A 122 -1.75 -5.32 24.62
N CYS A 123 -2.45 -4.35 25.20
CA CYS A 123 -2.53 -4.17 26.65
C CYS A 123 -3.06 -5.35 27.40
N SER A 124 -4.10 -6.02 26.91
CA SER A 124 -4.58 -7.23 27.57
C SER A 124 -3.57 -8.40 27.55
N ARG A 125 -2.96 -8.55 26.40
CA ARG A 125 -1.92 -9.56 26.21
C ARG A 125 -0.81 -9.43 27.23
N GLU A 126 -0.21 -8.25 27.29
CA GLU A 126 1.01 -8.03 28.09
C GLU A 126 0.77 -8.00 29.58
N PHE A 127 -0.36 -7.45 30.00
CA PHE A 127 -0.69 -7.48 31.40
C PHE A 127 -1.29 -8.70 31.90
N SER A 128 -2.08 -9.42 31.11
CA SER A 128 -2.41 -10.81 31.48
C SER A 128 -1.22 -11.71 31.76
N LYS A 129 -0.13 -11.59 30.99
CA LYS A 129 1.06 -12.42 31.25
C LYS A 129 1.61 -12.14 32.66
N LEU A 130 1.65 -10.88 33.04
CA LEU A 130 2.10 -10.49 34.40
C LEU A 130 1.19 -11.09 35.46
N MET A 131 -0.10 -11.15 35.16
CA MET A 131 -1.09 -11.58 36.14
C MET A 131 -0.96 -13.07 36.32
N ILE A 132 -0.76 -13.76 35.21
CA ILE A 132 -0.51 -15.17 35.17
C ILE A 132 0.77 -15.59 35.88
N ARG A 133 1.83 -14.86 35.60
CA ARG A 133 3.16 -15.16 36.17
C ARG A 133 3.10 -15.15 37.67
N ASP A 134 2.54 -14.10 38.24
CA ASP A 134 2.44 -13.91 39.69
C ASP A 134 1.24 -14.53 40.36
N GLY A 135 0.49 -15.37 39.66
CA GLY A 135 -0.74 -15.96 40.26
C GLY A 135 -1.87 -15.05 40.76
N ILE A 136 -2.08 -13.91 40.11
CA ILE A 136 -3.06 -12.92 40.53
C ILE A 136 -4.44 -13.20 39.83
N LYS A 137 -5.52 -13.06 40.59
CA LYS A 137 -6.84 -13.25 40.07
C LYS A 137 -7.26 -11.89 39.66
N GLY A 138 -6.80 -11.50 38.47
CA GLY A 138 -6.83 -10.11 38.04
C GLY A 138 -8.13 -9.71 37.37
N ARG A 139 -8.21 -8.43 37.00
CA ARG A 139 -9.31 -7.82 36.32
C ARG A 139 -8.83 -7.05 35.09
N ILE A 140 -9.61 -7.09 34.01
CA ILE A 140 -9.36 -6.29 32.85
C ILE A 140 -10.70 -5.63 32.56
N ILE A 141 -10.71 -4.32 32.52
CA ILE A 141 -11.94 -3.62 32.23
C ILE A 141 -11.71 -2.69 31.11
N GLN A 142 -12.50 -2.83 30.03
CA GLN A 142 -12.47 -1.88 28.92
C GLN A 142 -13.54 -0.81 28.97
N ILE A 143 -13.19 0.43 28.71
CA ILE A 143 -14.18 1.50 28.50
C ILE A 143 -14.72 1.39 27.06
N ASN A 144 -16.03 1.16 26.92
CA ASN A 144 -16.66 0.95 25.65
C ASN A 144 -17.82 1.97 25.68
N SER A 145 -18.87 1.70 24.92
CA SER A 145 -19.81 2.69 24.50
C SER A 145 -21.10 1.96 24.21
N LYS A 146 -22.20 2.66 24.29
CA LYS A 146 -23.45 2.09 23.75
C LYS A 146 -23.34 1.83 22.22
N SER A 147 -22.43 2.52 21.55
CA SER A 147 -22.12 2.26 20.17
C SER A 147 -21.48 0.91 19.95
N GLY A 148 -21.05 0.19 20.99
CA GLY A 148 -20.70 -1.21 20.92
C GLY A 148 -21.84 -2.20 21.15
N LYS A 149 -23.02 -1.68 21.42
CA LYS A 149 -24.26 -2.49 21.56
C LYS A 149 -25.21 -2.33 20.38
N VAL A 150 -25.36 -1.10 19.92
CA VAL A 150 -26.14 -0.66 18.79
C VAL A 150 -25.28 0.18 17.83
N GLY A 151 -25.32 -0.19 16.55
CA GLY A 151 -24.56 0.46 15.52
C GLY A 151 -25.01 1.92 15.41
N SER A 152 -24.09 2.77 14.99
CA SER A 152 -24.28 4.24 15.02
C SER A 152 -24.25 4.73 13.61
N LYS A 153 -25.29 5.48 13.27
CA LYS A 153 -25.42 6.10 11.99
C LYS A 153 -24.26 7.08 11.83
N HIS A 154 -23.58 7.07 10.69
CA HIS A 154 -22.40 7.93 10.42
C HIS A 154 -21.16 7.67 11.28
N ASN A 155 -21.13 6.54 11.97
CA ASN A 155 -20.08 6.25 12.86
C ASN A 155 -19.61 4.84 12.73
N SER A 156 -19.53 4.39 11.48
CA SER A 156 -19.11 3.03 11.16
C SER A 156 -17.80 2.57 11.78
N GLY A 157 -16.78 3.45 11.75
CA GLY A 157 -15.48 3.11 12.27
C GLY A 157 -15.49 2.86 13.76
N TYR A 158 -16.20 3.77 14.42
CA TYR A 158 -16.44 3.66 15.84
C TYR A 158 -17.27 2.41 16.25
N SER A 159 -18.40 2.13 15.59
CA SER A 159 -19.17 0.93 15.94
C SER A 159 -18.46 -0.40 15.67
N ALA A 160 -17.82 -0.50 14.52
CA ALA A 160 -17.05 -1.65 14.16
C ALA A 160 -16.03 -2.00 15.29
N ALA A 161 -15.33 -0.96 15.75
CA ALA A 161 -14.25 -1.16 16.67
C ALA A 161 -14.77 -1.44 18.07
N LYS A 162 -15.88 -0.78 18.48
CA LYS A 162 -16.47 -0.96 19.79
C LYS A 162 -17.19 -2.28 19.88
N PHE A 163 -17.95 -2.67 18.86
CA PHE A 163 -18.42 -4.08 18.85
C PHE A 163 -17.27 -5.10 18.92
N GLY A 164 -16.24 -4.85 18.12
CA GLY A 164 -15.05 -5.72 18.15
C GLY A 164 -14.45 -5.83 19.53
N GLY A 165 -14.48 -4.75 20.27
CA GLY A 165 -14.08 -4.85 21.69
C GLY A 165 -14.90 -5.85 22.55
N VAL A 166 -16.21 -5.94 22.28
CA VAL A 166 -17.05 -6.91 23.01
C VAL A 166 -16.59 -8.28 22.71
N GLY A 167 -16.39 -8.53 21.43
CA GLY A 167 -15.84 -9.84 20.97
C GLY A 167 -14.51 -10.20 21.63
N LEU A 168 -13.60 -9.21 21.64
CA LEU A 168 -12.30 -9.44 22.29
C LEU A 168 -12.45 -9.70 23.80
N THR A 169 -13.30 -8.89 24.46
CA THR A 169 -13.67 -9.13 25.87
C THR A 169 -14.19 -10.56 26.11
N GLN A 170 -15.04 -11.14 25.26
CA GLN A 170 -15.53 -12.47 25.52
C GLN A 170 -14.44 -13.55 25.30
N SER A 171 -13.70 -13.46 24.20
CA SER A 171 -12.61 -14.38 23.95
C SER A 171 -11.56 -14.28 25.10
N LEU A 172 -11.16 -13.07 25.45
CA LEU A 172 -10.23 -12.89 26.62
C LEU A 172 -10.73 -13.60 27.88
N ALA A 173 -12.00 -13.40 28.17
CA ALA A 173 -12.63 -14.00 29.34
C ALA A 173 -12.51 -15.47 29.28
N LEU A 174 -12.71 -16.07 28.11
CA LEU A 174 -12.69 -17.50 28.02
C LEU A 174 -11.22 -18.02 28.09
N ASP A 175 -10.32 -17.26 27.49
CA ASP A 175 -8.88 -17.65 27.54
C ASP A 175 -8.33 -17.52 28.94
N LEU A 176 -8.88 -16.62 29.73
CA LEU A 176 -8.25 -16.29 31.02
C LEU A 176 -8.98 -16.82 32.24
N ALA A 177 -10.20 -17.37 32.02
CA ALA A 177 -10.97 -17.95 33.11
C ALA A 177 -10.16 -18.91 33.95
N GLU A 178 -9.37 -19.77 33.32
CA GLU A 178 -8.69 -20.79 34.08
C GLU A 178 -7.69 -20.16 35.07
N TYR A 179 -7.28 -18.93 34.81
CA TYR A 179 -6.38 -18.20 35.72
C TYR A 179 -7.09 -17.29 36.71
N GLY A 180 -8.42 -17.33 36.78
CA GLY A 180 -9.15 -16.48 37.70
C GLY A 180 -9.08 -15.03 37.36
N ILE A 181 -8.81 -14.73 36.11
CA ILE A 181 -8.89 -13.34 35.68
C ILE A 181 -10.23 -13.14 34.96
N THR A 182 -10.98 -12.14 35.36
CA THR A 182 -12.19 -11.71 34.68
C THR A 182 -11.98 -10.45 33.79
N VAL A 183 -12.86 -10.29 32.79
CA VAL A 183 -12.73 -9.30 31.71
C VAL A 183 -14.14 -8.83 31.39
N HIS A 184 -14.34 -7.52 31.40
CA HIS A 184 -15.59 -6.83 31.09
C HIS A 184 -15.42 -5.64 30.23
N SER A 185 -16.47 -5.30 29.49
CA SER A 185 -16.54 -4.08 28.75
C SER A 185 -17.67 -3.26 29.34
N LEU A 186 -17.42 -1.98 29.56
CA LEU A 186 -18.41 -1.09 30.13
C LEU A 186 -19.02 -0.28 29.06
N MET A 187 -20.33 -0.42 28.83
CA MET A 187 -20.94 0.23 27.74
C MET A 187 -21.51 1.55 28.15
N LEU A 188 -20.74 2.60 28.04
CA LEU A 188 -21.19 3.92 28.54
C LEU A 188 -22.18 4.58 27.68
N GLY A 189 -23.11 5.33 28.29
CA GLY A 189 -23.92 6.27 27.55
C GLY A 189 -23.07 7.51 27.30
N ASN A 190 -23.72 8.61 27.00
CA ASN A 190 -23.08 9.83 26.57
C ASN A 190 -22.63 10.65 27.78
N LEU A 191 -21.35 11.05 27.78
CA LEU A 191 -20.76 11.86 28.87
C LEU A 191 -20.94 13.32 28.48
N LEU A 192 -22.16 13.80 28.67
CA LEU A 192 -22.63 15.08 28.07
C LEU A 192 -21.82 16.31 28.53
N LYS A 193 -21.29 16.24 29.74
CA LYS A 193 -20.46 17.30 30.31
C LYS A 193 -18.96 17.05 30.15
N SER A 194 -18.59 16.08 29.34
CA SER A 194 -17.24 15.97 28.88
C SER A 194 -16.85 17.19 28.07
N PRO A 195 -15.61 17.64 28.20
CA PRO A 195 -15.04 18.62 27.24
C PRO A 195 -15.19 18.14 25.76
N MET A 196 -14.79 16.89 25.53
CA MET A 196 -15.02 16.22 24.26
C MET A 196 -16.42 16.53 23.73
N PHE A 197 -17.45 16.24 24.56
CA PHE A 197 -18.85 16.26 24.11
C PHE A 197 -19.27 17.70 23.92
N GLN A 198 -18.97 18.50 24.96
CA GLN A 198 -19.16 19.94 24.99
C GLN A 198 -18.59 20.68 23.77
N SER A 199 -17.44 20.23 23.28
CA SER A 199 -16.79 20.91 22.14
C SER A 199 -17.43 20.53 20.82
N LEU A 200 -18.08 19.36 20.79
CA LEU A 200 -18.74 18.85 19.58
C LEU A 200 -20.20 19.26 19.43
N LEU A 201 -20.74 20.05 20.35
CA LEU A 201 -22.13 20.48 20.25
C LEU A 201 -22.48 21.04 18.84
N PRO A 202 -21.67 21.99 18.29
CA PRO A 202 -21.80 22.46 16.88
C PRO A 202 -22.07 21.40 15.81
N GLN A 203 -21.31 20.31 15.80
CA GLN A 203 -21.42 19.30 14.74
C GLN A 203 -22.69 18.47 14.82
N TYR A 204 -22.99 18.02 16.05
CA TYR A 204 -24.27 17.36 16.35
C TYR A 204 -25.43 18.31 16.05
N ALA A 205 -25.30 19.59 16.46
CA ALA A 205 -26.26 20.63 16.08
C ALA A 205 -26.57 20.55 14.58
N GLU A 206 -25.52 20.75 13.76
CA GLU A 206 -25.60 20.61 12.31
C GLU A 206 -26.12 19.24 11.86
N LYS A 207 -25.40 18.16 12.19
CA LYS A 207 -25.85 16.77 11.85
C LYS A 207 -27.36 16.56 12.02
N LEU A 208 -27.89 16.99 13.17
CA LEU A 208 -29.28 16.75 13.57
C LEU A 208 -30.26 17.79 13.02
N GLY A 209 -29.78 19.02 12.85
CA GLY A 209 -30.55 20.08 12.24
C GLY A 209 -31.20 20.92 13.30
N ILE A 210 -30.37 21.45 14.20
CA ILE A 210 -30.86 22.26 15.31
C ILE A 210 -29.76 23.07 16.00
N THR A 211 -30.15 24.13 16.72
CA THR A 211 -29.23 24.96 17.50
C THR A 211 -28.44 24.13 18.53
N PRO A 212 -27.13 24.42 18.67
CA PRO A 212 -26.31 23.80 19.71
C PRO A 212 -26.86 23.78 21.14
N GLU A 213 -27.68 24.75 21.50
CA GLU A 213 -28.34 24.75 22.83
C GLU A 213 -29.40 23.64 22.98
N GLU A 214 -29.97 23.20 21.86
CA GLU A 214 -30.90 22.06 21.83
C GLU A 214 -30.26 20.66 21.94
N VAL A 215 -28.93 20.57 21.99
CA VAL A 215 -28.26 19.28 21.80
C VAL A 215 -28.24 18.40 23.06
N GLU A 216 -27.91 18.97 24.20
CA GLU A 216 -27.93 18.20 25.47
C GLU A 216 -29.34 17.74 25.85
N PRO A 217 -30.33 18.65 25.81
CA PRO A 217 -31.75 18.27 25.91
C PRO A 217 -32.17 17.19 24.97
N TYR A 218 -31.78 17.31 23.71
CA TYR A 218 -32.06 16.27 22.77
C TYR A 218 -31.55 14.87 23.23
N TYR A 219 -30.35 14.78 23.80
CA TYR A 219 -29.82 13.46 24.14
C TYR A 219 -30.33 13.00 25.49
N VAL A 220 -30.56 13.93 26.40
CA VAL A 220 -31.16 13.63 27.69
C VAL A 220 -32.51 12.94 27.53
N ASP A 221 -33.33 13.45 26.63
CA ASP A 221 -34.68 12.99 26.50
C ASP A 221 -34.71 11.58 25.90
N LYS A 222 -33.61 11.14 25.31
CA LYS A 222 -33.50 9.73 24.93
C LYS A 222 -33.26 8.80 26.10
N VAL A 223 -32.82 9.28 27.25
CA VAL A 223 -32.48 8.41 28.36
C VAL A 223 -33.73 8.23 29.26
N PRO A 224 -34.13 7.00 29.60
CA PRO A 224 -35.26 6.92 30.56
C PRO A 224 -34.99 7.70 31.89
N LEU A 225 -33.83 7.54 32.48
CA LEU A 225 -33.49 8.26 33.70
C LEU A 225 -33.29 9.73 33.54
N LYS A 226 -33.44 10.27 32.33
CA LYS A 226 -33.40 11.71 31.99
C LYS A 226 -32.12 12.45 32.44
N ARG A 227 -31.00 11.77 32.28
CA ARG A 227 -29.70 12.23 32.83
C ARG A 227 -28.65 11.74 31.85
N GLY A 228 -27.58 12.52 31.64
CA GLY A 228 -26.40 12.04 30.93
C GLY A 228 -25.52 11.16 31.78
N CYS A 229 -24.54 10.50 31.20
CA CYS A 229 -23.69 9.63 32.00
C CYS A 229 -22.65 10.49 32.69
N ASP A 230 -22.36 10.23 33.93
CA ASP A 230 -21.25 10.98 34.49
C ASP A 230 -20.10 10.11 34.94
N TYR A 231 -18.98 10.75 35.25
CA TYR A 231 -17.74 10.00 35.47
C TYR A 231 -17.84 9.14 36.69
N GLN A 232 -18.62 9.62 37.67
CA GLN A 232 -18.76 8.85 38.90
C GLN A 232 -19.54 7.54 38.68
N ASP A 233 -20.53 7.55 37.80
CA ASP A 233 -21.25 6.27 37.47
C ASP A 233 -20.27 5.27 36.91
N VAL A 234 -19.36 5.73 36.07
CA VAL A 234 -18.36 4.86 35.50
C VAL A 234 -17.50 4.22 36.56
N LEU A 235 -16.92 5.10 37.40
CA LEU A 235 -16.11 4.69 38.53
C LEU A 235 -16.80 3.68 39.42
N ASN A 236 -18.09 3.91 39.70
CA ASN A 236 -18.88 3.05 40.61
C ASN A 236 -18.89 1.66 40.13
N VAL A 237 -19.31 1.51 38.85
CA VAL A 237 -19.44 0.22 38.21
C VAL A 237 -18.05 -0.44 38.02
N LEU A 238 -17.11 0.35 37.53
CA LEU A 238 -15.73 -0.14 37.44
C LEU A 238 -15.25 -0.78 38.75
N LEU A 239 -15.49 -0.09 39.85
CA LEU A 239 -15.00 -0.56 41.17
C LEU A 239 -15.66 -1.84 41.57
N PHE A 240 -16.93 -2.00 41.20
CA PHE A 240 -17.63 -3.18 41.63
C PHE A 240 -17.09 -4.33 40.85
N TYR A 241 -17.06 -4.23 39.50
CA TYR A 241 -16.53 -5.37 38.68
C TYR A 241 -15.02 -5.66 38.87
N ALA A 242 -14.30 -4.69 39.36
CA ALA A 242 -12.87 -4.90 39.71
C ALA A 242 -12.67 -5.58 41.07
N SER A 243 -13.71 -5.57 41.91
CA SER A 243 -13.61 -6.08 43.26
C SER A 243 -13.63 -7.62 43.30
N ASP A 244 -13.22 -8.20 44.43
CA ASP A 244 -13.40 -9.66 44.63
C ASP A 244 -14.88 -10.04 44.79
N LYS A 245 -15.75 -9.07 44.97
CA LYS A 245 -17.22 -9.35 45.08
C LYS A 245 -17.90 -9.82 43.76
N ALA A 246 -17.28 -9.50 42.62
CA ALA A 246 -17.71 -9.81 41.27
C ALA A 246 -16.86 -10.92 40.66
N ALA A 247 -16.27 -11.80 41.48
CA ALA A 247 -15.46 -12.89 40.99
C ALA A 247 -16.15 -13.93 40.10
N TYR A 248 -17.47 -14.09 40.21
CA TYR A 248 -18.20 -15.07 39.44
C TYR A 248 -18.85 -14.44 38.18
N CYS A 249 -18.50 -13.20 37.89
CA CYS A 249 -18.94 -12.53 36.70
C CYS A 249 -17.77 -12.39 35.74
N THR A 250 -17.94 -12.89 34.52
CA THR A 250 -16.88 -12.55 33.51
C THR A 250 -17.40 -12.56 32.08
N GLY A 251 -16.70 -11.79 31.23
CA GLY A 251 -17.07 -11.63 29.85
C GLY A 251 -18.21 -10.69 29.51
N GLN A 252 -18.60 -9.89 30.43
CA GLN A 252 -19.79 -9.09 30.31
C GLN A 252 -19.70 -7.71 29.58
N SER A 253 -20.78 -7.35 28.91
CA SER A 253 -20.98 -6.00 28.42
C SER A 253 -21.91 -5.39 29.39
N ILE A 254 -21.41 -4.51 30.28
CA ILE A 254 -22.19 -3.96 31.38
C ILE A 254 -22.72 -2.59 30.96
N ASN A 255 -24.03 -2.43 30.81
CA ASN A 255 -24.55 -1.18 30.39
C ASN A 255 -24.52 -0.17 31.50
N VAL A 256 -24.20 1.07 31.15
CA VAL A 256 -24.19 2.17 32.10
C VAL A 256 -24.78 3.28 31.32
N THR A 257 -26.11 3.19 31.13
CA THR A 257 -26.77 3.97 30.11
C THR A 257 -28.03 4.69 30.57
N GLY A 258 -28.34 4.64 31.85
CA GLY A 258 -29.62 5.23 32.36
C GLY A 258 -30.84 4.60 31.74
N GLY A 259 -30.71 3.32 31.39
CA GLY A 259 -31.77 2.58 30.73
C GLY A 259 -32.02 2.76 29.25
N GLN A 260 -31.18 3.53 28.57
CA GLN A 260 -31.26 3.65 27.13
C GLN A 260 -31.13 2.33 26.40
N VAL A 261 -30.26 1.44 26.88
CA VAL A 261 -29.95 0.13 26.30
C VAL A 261 -30.19 -0.91 27.35
N MET A 262 -31.11 -1.82 27.13
CA MET A 262 -31.47 -2.82 28.13
C MET A 262 -31.24 -4.26 27.62
N PHE A 263 -30.69 -4.36 26.43
CA PHE A 263 -30.29 -5.67 25.88
C PHE A 263 -28.75 -5.81 25.97
N GLN B 7 -33.23 2.49 55.64
CA GLN B 7 -33.78 1.88 54.36
C GLN B 7 -34.42 0.57 54.64
N VAL B 8 -35.58 0.32 53.99
CA VAL B 8 -36.29 -0.95 54.19
C VAL B 8 -36.26 -1.85 52.96
N ALA B 9 -35.93 -3.11 53.19
CA ALA B 9 -35.98 -4.12 52.20
C ALA B 9 -37.18 -5.03 52.41
N VAL B 10 -37.92 -5.31 51.32
CA VAL B 10 -38.95 -6.33 51.36
C VAL B 10 -38.49 -7.52 50.58
N VAL B 11 -38.43 -8.70 51.16
CA VAL B 11 -38.02 -9.86 50.47
C VAL B 11 -39.16 -10.87 50.35
N ILE B 12 -39.59 -11.11 49.12
CA ILE B 12 -40.62 -12.08 48.84
C ILE B 12 -40.00 -13.41 48.59
N GLY B 13 -40.43 -14.41 49.35
CA GLY B 13 -39.82 -15.68 49.37
C GLY B 13 -38.65 -15.69 50.36
N GLY B 14 -38.61 -14.68 51.24
CA GLY B 14 -37.52 -14.50 52.23
C GLY B 14 -37.46 -15.56 53.31
N GLY B 15 -38.47 -16.41 53.40
CA GLY B 15 -38.58 -17.37 54.47
C GLY B 15 -37.83 -18.65 54.29
N GLN B 16 -37.14 -18.80 53.17
CA GLN B 16 -36.35 -20.00 52.96
C GLN B 16 -35.12 -19.76 52.08
N THR B 17 -34.15 -20.67 52.23
CA THR B 17 -32.93 -20.91 51.40
C THR B 17 -32.28 -19.69 50.80
N LEU B 18 -32.16 -19.58 49.47
CA LEU B 18 -31.58 -18.33 48.93
C LEU B 18 -32.28 -17.15 49.48
N GLY B 19 -33.61 -17.19 49.59
CA GLY B 19 -34.35 -16.01 50.07
C GLY B 19 -33.97 -15.63 51.50
N ALA B 20 -33.84 -16.67 52.31
CA ALA B 20 -33.41 -16.51 53.71
C ALA B 20 -31.99 -15.89 53.72
N PHE B 21 -31.06 -16.54 53.00
CA PHE B 21 -29.69 -16.02 52.83
C PHE B 21 -29.70 -14.53 52.53
N LEU B 22 -30.55 -14.13 51.59
CA LEU B 22 -30.63 -12.75 51.23
C LEU B 22 -31.15 -11.85 52.33
N CYS B 23 -32.07 -12.36 53.16
CA CYS B 23 -32.56 -11.58 54.26
C CYS B 23 -31.47 -11.29 55.34
N GLU B 24 -30.69 -12.32 55.63
CA GLU B 24 -29.58 -12.28 56.63
C GLU B 24 -28.53 -11.28 56.10
N GLY B 25 -28.22 -11.37 54.77
CA GLY B 25 -27.27 -10.47 54.14
C GLY B 25 -27.65 -9.04 54.08
N LEU B 26 -28.92 -8.72 53.81
CA LEU B 26 -29.37 -7.36 53.80
C LEU B 26 -29.32 -6.69 55.18
N ALA B 27 -29.68 -7.45 56.19
CA ALA B 27 -29.63 -6.94 57.57
C ALA B 27 -28.17 -6.65 57.99
N GLN B 28 -27.32 -7.66 57.85
CA GLN B 28 -25.84 -7.47 57.95
C GLN B 28 -25.34 -6.29 57.17
N ALA B 29 -25.84 -6.11 55.96
CA ALA B 29 -25.47 -4.93 55.21
C ALA B 29 -26.09 -3.65 55.74
N GLY B 30 -26.95 -3.73 56.76
CA GLY B 30 -27.59 -2.53 57.35
C GLY B 30 -29.04 -2.28 57.03
N TYR B 31 -29.67 -3.20 56.29
CA TYR B 31 -31.10 -3.03 56.02
C TYR B 31 -32.04 -3.47 57.16
N HIS B 32 -33.12 -2.72 57.38
CA HIS B 32 -34.35 -3.27 58.01
C HIS B 32 -35.03 -4.21 56.98
N VAL B 33 -35.33 -5.44 57.39
CA VAL B 33 -35.94 -6.46 56.55
C VAL B 33 -37.42 -6.80 56.90
N ALA B 34 -38.29 -6.82 55.88
CA ALA B 34 -39.63 -7.40 55.97
C ALA B 34 -39.58 -8.70 55.26
N VAL B 35 -39.58 -9.79 56.00
CA VAL B 35 -39.30 -11.08 55.51
C VAL B 35 -40.70 -11.69 55.19
N ALA B 36 -40.97 -12.04 53.92
CA ALA B 36 -42.38 -12.34 53.56
C ALA B 36 -42.44 -13.64 52.81
N ASP B 37 -43.31 -14.53 53.25
CA ASP B 37 -43.38 -15.85 52.68
C ASP B 37 -44.81 -16.42 52.77
N LEU B 38 -45.07 -17.46 52.02
CA LEU B 38 -46.31 -18.24 52.15
C LEU B 38 -46.36 -19.04 53.45
N ASN B 39 -45.21 -19.48 53.93
CA ASN B 39 -45.12 -20.13 55.23
C ASN B 39 -44.80 -19.07 56.27
N GLU B 40 -45.78 -18.71 57.08
CA GLU B 40 -45.60 -17.56 57.92
C GLU B 40 -44.74 -17.89 59.16
N SER B 41 -44.72 -19.17 59.48
CA SER B 41 -43.95 -19.76 60.57
C SER B 41 -42.46 -19.59 60.23
N ASN B 42 -42.04 -20.04 59.03
CA ASN B 42 -40.70 -19.75 58.53
C ASN B 42 -40.31 -18.29 58.52
N ALA B 43 -41.19 -17.42 58.02
CA ALA B 43 -40.86 -16.01 57.96
C ALA B 43 -40.64 -15.43 59.35
N ASN B 44 -41.41 -15.93 60.32
CA ASN B 44 -41.34 -15.40 61.68
C ASN B 44 -40.06 -15.75 62.38
N ARG B 45 -39.65 -17.01 62.26
CA ARG B 45 -38.43 -17.49 62.93
C ARG B 45 -37.12 -17.12 62.20
N LEU B 46 -37.16 -16.96 60.86
CA LEU B 46 -36.00 -16.43 60.16
C LEU B 46 -35.75 -15.02 60.67
N ALA B 47 -36.81 -14.21 60.83
CA ALA B 47 -36.69 -12.91 61.40
C ALA B 47 -36.22 -12.92 62.86
N ASP B 48 -36.32 -14.07 63.55
CA ASP B 48 -35.72 -14.18 64.92
C ASP B 48 -34.30 -14.78 64.99
N THR B 49 -34.03 -15.77 64.12
CA THR B 49 -32.67 -16.11 63.67
C THR B 49 -31.88 -14.79 63.40
N ILE B 50 -32.53 -13.82 62.73
CA ILE B 50 -31.93 -12.52 62.38
C ILE B 50 -31.87 -11.67 63.62
N ASN B 51 -32.91 -11.73 64.42
CA ASN B 51 -32.99 -10.92 65.65
C ASN B 51 -32.03 -11.30 66.82
N SER B 52 -31.66 -12.57 66.87
CA SER B 52 -30.61 -13.03 67.79
C SER B 52 -29.11 -12.73 67.36
N ARG B 53 -28.90 -12.17 66.15
CA ARG B 53 -27.55 -11.75 65.65
C ARG B 53 -27.35 -10.23 65.67
N TYR B 54 -28.31 -9.51 65.08
CA TYR B 54 -28.29 -8.04 64.89
C TYR B 54 -29.20 -7.39 65.87
N GLY B 55 -29.71 -8.16 66.82
CA GLY B 55 -30.54 -7.57 67.89
C GLY B 55 -32.04 -7.56 67.62
N ALA B 56 -32.72 -6.50 68.01
CA ALA B 56 -34.20 -6.48 68.05
C ALA B 56 -34.74 -5.44 67.13
N GLY B 57 -36.05 -5.59 66.81
CA GLY B 57 -36.84 -4.65 65.92
C GLY B 57 -36.36 -4.59 64.44
N ARG B 58 -35.57 -5.59 64.06
CA ARG B 58 -34.78 -5.54 62.83
C ARG B 58 -35.63 -6.06 61.68
N ALA B 59 -35.90 -7.37 61.79
CA ALA B 59 -36.68 -8.13 60.88
C ALA B 59 -38.08 -8.37 61.49
N TYR B 60 -39.02 -8.54 60.59
CA TYR B 60 -40.45 -8.80 60.86
C TYR B 60 -40.82 -9.81 59.79
N GLY B 61 -41.67 -10.76 60.19
CA GLY B 61 -42.14 -11.86 59.40
C GLY B 61 -43.59 -11.51 58.99
N PHE B 62 -43.93 -11.77 57.72
CA PHE B 62 -45.28 -11.50 57.22
C PHE B 62 -45.59 -12.69 56.35
N LYS B 63 -46.88 -12.94 56.24
CA LYS B 63 -47.43 -13.96 55.32
C LYS B 63 -47.74 -13.29 53.99
N VAL B 64 -47.44 -13.95 52.89
CA VAL B 64 -47.97 -13.45 51.58
C VAL B 64 -48.11 -14.56 50.60
N ASP B 65 -49.20 -14.50 49.83
CA ASP B 65 -49.37 -15.40 48.71
C ASP B 65 -49.25 -14.41 47.61
N ALA B 66 -48.04 -14.40 47.01
CA ALA B 66 -47.71 -13.40 45.99
C ALA B 66 -48.57 -13.53 44.73
N THR B 67 -49.25 -14.68 44.56
CA THR B 67 -50.12 -14.90 43.43
C THR B 67 -51.49 -14.31 43.62
N ASP B 68 -51.74 -13.68 44.77
CA ASP B 68 -53.04 -13.25 45.17
C ASP B 68 -53.04 -11.76 45.41
N GLU B 69 -53.83 -11.02 44.64
CA GLU B 69 -53.89 -9.59 44.70
C GLU B 69 -54.20 -9.10 46.13
N ALA B 70 -55.19 -9.73 46.78
CA ALA B 70 -55.59 -9.26 48.14
C ALA B 70 -54.43 -9.34 49.15
N SER B 71 -53.85 -10.49 49.23
CA SER B 71 -52.67 -10.78 50.04
C SER B 71 -51.50 -9.82 49.80
N VAL B 72 -51.20 -9.56 48.52
CA VAL B 72 -50.10 -8.67 48.21
C VAL B 72 -50.47 -7.26 48.62
N GLU B 73 -51.70 -6.84 48.41
CA GLU B 73 -52.06 -5.49 48.80
C GLU B 73 -52.04 -5.35 50.35
N ALA B 74 -52.41 -6.42 51.05
CA ALA B 74 -52.42 -6.42 52.56
C ALA B 74 -50.95 -6.36 53.05
N LEU B 75 -50.04 -7.09 52.40
CA LEU B 75 -48.59 -6.97 52.73
C LEU B 75 -48.05 -5.56 52.59
N ALA B 76 -48.39 -4.90 51.51
CA ALA B 76 -48.02 -3.47 51.24
C ALA B 76 -48.54 -2.39 52.26
N ARG B 77 -49.77 -2.54 52.70
CA ARG B 77 -50.35 -1.78 53.82
C ARG B 77 -49.71 -2.13 55.18
N ALA B 78 -49.31 -3.39 55.37
CA ALA B 78 -48.72 -3.82 56.63
C ALA B 78 -47.24 -3.35 56.85
N VAL B 79 -46.45 -3.45 55.78
CA VAL B 79 -45.09 -2.94 55.76
C VAL B 79 -45.09 -1.42 55.97
N ASP B 80 -46.04 -0.70 55.42
CA ASP B 80 -46.19 0.72 55.61
C ASP B 80 -46.54 1.05 57.08
N GLU B 81 -47.29 0.15 57.74
CA GLU B 81 -47.56 0.29 59.20
C GLU B 81 -46.37 -0.08 60.08
N THR B 82 -45.74 -1.17 59.72
CA THR B 82 -44.64 -1.66 60.49
C THR B 82 -43.39 -0.76 60.40
N PHE B 83 -43.07 -0.29 59.19
CA PHE B 83 -41.80 0.34 58.90
C PHE B 83 -41.96 1.77 58.44
N GLY B 84 -43.11 2.19 57.95
CA GLY B 84 -43.29 3.59 57.46
C GLY B 84 -42.82 3.89 56.03
N ARG B 85 -42.15 2.94 55.39
CA ARG B 85 -41.52 3.14 54.05
C ARG B 85 -41.20 1.83 53.40
N ALA B 86 -40.98 1.86 52.07
CA ALA B 86 -40.36 0.72 51.34
C ALA B 86 -39.26 1.21 50.41
N ASP B 87 -38.06 0.66 50.55
CA ASP B 87 -36.86 1.07 49.68
C ASP B 87 -36.38 0.06 48.62
N LEU B 88 -36.35 -1.21 48.96
CA LEU B 88 -35.94 -2.28 48.09
C LEU B 88 -36.98 -3.43 48.13
N LEU B 89 -37.36 -3.91 46.93
CA LEU B 89 -38.15 -5.09 46.76
C LEU B 89 -37.26 -6.09 46.11
N VAL B 90 -37.10 -7.25 46.75
CA VAL B 90 -36.57 -8.41 46.15
C VAL B 90 -37.67 -9.45 45.91
N TYR B 91 -37.86 -9.82 44.66
CA TYR B 91 -38.76 -10.92 44.31
C TYR B 91 -37.98 -12.22 44.06
N SER B 92 -38.14 -13.16 45.00
CA SER B 92 -37.51 -14.47 44.94
C SER B 92 -38.53 -15.60 45.01
N ALA B 93 -38.91 -16.16 43.86
CA ALA B 93 -39.81 -17.32 43.80
C ALA B 93 -39.58 -18.07 42.52
N GLY B 94 -40.18 -19.24 42.45
CA GLY B 94 -40.22 -20.01 41.24
C GLY B 94 -39.37 -21.23 41.28
N VAL B 95 -39.97 -22.34 40.89
CA VAL B 95 -39.21 -23.56 40.82
C VAL B 95 -39.58 -24.21 39.51
N ALA B 96 -38.60 -24.79 38.83
CA ALA B 96 -38.78 -25.36 37.53
C ALA B 96 -39.36 -26.76 37.68
N LYS B 97 -40.39 -27.08 36.92
CA LYS B 97 -40.86 -28.47 36.77
C LYS B 97 -40.47 -28.86 35.38
N ALA B 98 -39.74 -29.97 35.22
CA ALA B 98 -39.33 -30.48 33.91
C ALA B 98 -40.34 -31.49 33.28
N ALA B 99 -40.65 -31.29 32.00
CA ALA B 99 -41.35 -32.24 31.20
C ALA B 99 -41.13 -31.87 29.69
N PRO B 100 -41.06 -32.87 28.80
CA PRO B 100 -41.11 -32.61 27.36
C PRO B 100 -42.39 -31.93 27.03
N ILE B 101 -42.34 -30.97 26.09
CA ILE B 101 -43.57 -30.21 25.75
C ILE B 101 -44.81 -31.10 25.56
N THR B 102 -44.59 -32.21 24.90
CA THR B 102 -45.58 -33.24 24.59
C THR B 102 -46.30 -33.84 25.83
N GLN B 103 -45.67 -33.75 27.01
CA GLN B 103 -46.21 -34.19 28.30
C GLN B 103 -46.42 -33.09 29.34
N PHE B 104 -46.32 -31.83 28.94
CA PHE B 104 -46.34 -30.72 29.88
C PHE B 104 -47.79 -30.40 30.24
N ARG B 105 -48.09 -30.35 31.54
CA ARG B 105 -49.44 -30.15 31.97
C ARG B 105 -49.77 -28.68 32.03
N LEU B 106 -50.96 -28.33 31.63
CA LEU B 106 -51.39 -26.97 31.72
C LEU B 106 -51.33 -26.40 33.15
N THR B 107 -51.65 -27.22 34.16
CA THR B 107 -51.75 -26.73 35.50
C THR B 107 -50.35 -26.20 35.94
N ASP B 108 -49.34 -26.96 35.59
CA ASP B 108 -47.94 -26.63 35.80
C ASP B 108 -47.48 -25.35 35.06
N PHE B 109 -47.90 -25.20 33.81
CA PHE B 109 -47.62 -23.99 33.03
C PHE B 109 -48.24 -22.78 33.62
N ASP B 110 -49.52 -22.90 33.95
CA ASP B 110 -50.26 -21.88 34.60
C ASP B 110 -49.61 -21.58 35.95
N LEU B 111 -49.20 -22.59 36.70
CA LEU B 111 -48.59 -22.28 38.01
C LEU B 111 -47.27 -21.46 37.87
N SER B 112 -46.43 -21.87 36.96
CA SER B 112 -45.16 -21.18 36.65
C SER B 112 -45.38 -19.73 36.33
N LEU B 113 -46.41 -19.41 35.55
CA LEU B 113 -46.68 -18.04 35.24
C LEU B 113 -47.19 -17.26 36.45
N GLN B 114 -48.02 -17.91 37.27
CA GLN B 114 -48.59 -17.24 38.41
C GLN B 114 -47.46 -16.87 39.42
N VAL B 115 -46.63 -17.85 39.75
CA VAL B 115 -45.62 -17.69 40.77
C VAL B 115 -44.48 -16.75 40.28
N ASN B 116 -44.03 -16.97 39.03
CA ASN B 116 -42.78 -16.34 38.51
C ASN B 116 -43.02 -14.98 37.91
N LEU B 117 -44.23 -14.73 37.42
CA LEU B 117 -44.56 -13.55 36.70
C LEU B 117 -45.67 -12.69 37.24
N VAL B 118 -46.83 -13.32 37.50
CA VAL B 118 -47.93 -12.58 38.11
C VAL B 118 -47.53 -12.02 39.50
N GLY B 119 -46.82 -12.81 40.29
CA GLY B 119 -46.45 -12.35 41.64
C GLY B 119 -45.49 -11.19 41.60
N TYR B 120 -44.59 -11.23 40.59
CA TYR B 120 -43.61 -10.15 40.39
C TYR B 120 -44.32 -8.92 39.97
N PHE B 121 -45.25 -9.08 39.03
CA PHE B 121 -46.05 -7.92 38.64
C PHE B 121 -46.78 -7.27 39.84
N LEU B 122 -47.40 -8.12 40.65
CA LEU B 122 -48.27 -7.61 41.76
C LEU B 122 -47.42 -6.86 42.83
N CYS B 123 -46.34 -7.51 43.22
CA CYS B 123 -45.44 -6.96 44.21
C CYS B 123 -44.72 -5.74 43.71
N SER B 124 -44.34 -5.68 42.41
CA SER B 124 -43.78 -4.46 41.89
C SER B 124 -44.80 -3.39 41.83
N ARG B 125 -46.04 -3.72 41.49
CA ARG B 125 -47.02 -2.68 41.38
C ARG B 125 -47.23 -2.08 42.76
N GLU B 126 -47.48 -2.95 43.74
CA GLU B 126 -47.88 -2.41 45.09
C GLU B 126 -46.74 -1.64 45.78
N PHE B 127 -45.58 -2.24 45.76
CA PHE B 127 -44.43 -1.62 46.42
C PHE B 127 -43.87 -0.43 45.72
N SER B 128 -43.90 -0.40 44.38
CA SER B 128 -43.63 0.83 43.66
C SER B 128 -44.55 2.01 43.98
N LYS B 129 -45.85 1.78 44.22
CA LYS B 129 -46.72 2.89 44.73
C LYS B 129 -46.23 3.52 46.02
N LEU B 130 -45.72 2.70 46.90
CA LEU B 130 -45.26 3.15 48.21
C LEU B 130 -44.00 3.95 48.12
N MET B 131 -43.16 3.60 47.14
CA MET B 131 -41.97 4.37 46.85
C MET B 131 -42.33 5.70 46.26
N ILE B 132 -43.30 5.73 45.37
CA ILE B 132 -43.62 6.97 44.68
C ILE B 132 -44.17 7.93 45.74
N ARG B 133 -45.09 7.43 46.58
CA ARG B 133 -45.73 8.22 47.66
C ARG B 133 -44.67 8.97 48.51
N ASP B 134 -43.73 8.21 49.09
CA ASP B 134 -42.64 8.72 49.94
C ASP B 134 -41.42 9.31 49.16
N GLY B 135 -41.56 9.57 47.85
CA GLY B 135 -40.49 10.24 47.02
C GLY B 135 -39.16 9.45 46.98
N ILE B 136 -39.25 8.15 47.21
CA ILE B 136 -38.08 7.29 47.34
C ILE B 136 -37.64 6.85 45.95
N LYS B 137 -36.32 6.94 45.74
CA LYS B 137 -35.65 6.41 44.54
C LYS B 137 -35.20 5.02 44.78
N GLY B 138 -36.11 4.08 44.65
CA GLY B 138 -35.89 2.78 45.16
C GLY B 138 -35.37 1.79 44.16
N ARG B 139 -35.51 0.56 44.53
CA ARG B 139 -34.94 -0.55 43.87
C ARG B 139 -35.88 -1.76 43.85
N ILE B 140 -36.16 -2.26 42.65
CA ILE B 140 -36.88 -3.52 42.49
C ILE B 140 -35.85 -4.45 41.86
N ILE B 141 -35.59 -5.58 42.49
CA ILE B 141 -34.76 -6.61 41.94
C ILE B 141 -35.41 -8.03 41.91
N GLN B 142 -35.47 -8.65 40.73
CA GLN B 142 -35.96 -9.99 40.61
C GLN B 142 -34.86 -11.02 40.58
N ILE B 143 -34.96 -12.09 41.36
CA ILE B 143 -34.20 -13.27 41.13
C ILE B 143 -34.75 -14.05 39.93
N ASN B 144 -33.90 -14.24 38.91
CA ASN B 144 -34.24 -14.94 37.65
C ASN B 144 -33.14 -15.97 37.46
N SER B 145 -32.78 -16.30 36.23
CA SER B 145 -32.08 -17.50 35.88
C SER B 145 -31.51 -17.37 34.50
N LYS B 146 -30.48 -18.16 34.22
CA LYS B 146 -29.97 -18.24 32.88
C LYS B 146 -31.02 -18.81 31.94
N SER B 147 -31.99 -19.54 32.49
CA SER B 147 -33.13 -19.97 31.74
C SER B 147 -34.10 -18.85 31.34
N GLY B 148 -33.87 -17.63 31.78
CA GLY B 148 -34.50 -16.40 31.27
C GLY B 148 -33.68 -15.67 30.21
N LYS B 149 -32.53 -16.24 29.90
CA LYS B 149 -31.66 -15.80 28.81
C LYS B 149 -31.62 -16.73 27.65
N VAL B 150 -31.66 -18.03 27.95
CA VAL B 150 -31.66 -19.03 26.92
C VAL B 150 -32.65 -20.15 27.33
N GLY B 151 -33.55 -20.49 26.40
CA GLY B 151 -34.58 -21.44 26.60
C GLY B 151 -33.98 -22.77 27.06
N SER B 152 -34.68 -23.45 27.97
CA SER B 152 -34.17 -24.68 28.62
C SER B 152 -35.02 -25.86 28.08
N LYS B 153 -34.34 -26.93 27.65
CA LYS B 153 -34.99 -28.09 27.14
C LYS B 153 -35.79 -28.73 28.27
N HIS B 154 -37.06 -29.06 28.00
CA HIS B 154 -37.97 -29.76 28.91
C HIS B 154 -38.42 -28.84 30.01
N ASN B 155 -38.23 -27.51 29.85
CA ASN B 155 -38.61 -26.55 30.86
C ASN B 155 -39.34 -25.36 30.26
N SER B 156 -40.25 -25.66 29.37
CA SER B 156 -41.00 -24.59 28.69
C SER B 156 -41.68 -23.64 29.69
N GLY B 157 -42.18 -24.15 30.80
CA GLY B 157 -42.91 -23.31 31.74
C GLY B 157 -42.02 -22.30 32.43
N TYR B 158 -40.92 -22.84 32.88
CA TYR B 158 -39.95 -22.04 33.60
C TYR B 158 -39.31 -21.03 32.64
N SER B 159 -38.88 -21.47 31.46
CA SER B 159 -38.33 -20.48 30.50
C SER B 159 -39.33 -19.40 30.07
N ALA B 160 -40.57 -19.80 29.75
CA ALA B 160 -41.53 -18.81 29.33
C ALA B 160 -41.70 -17.79 30.42
N ALA B 161 -41.82 -18.26 31.67
CA ALA B 161 -42.00 -17.35 32.78
C ALA B 161 -40.82 -16.42 33.08
N LYS B 162 -39.63 -16.98 33.02
CA LYS B 162 -38.40 -16.25 33.38
C LYS B 162 -38.03 -15.23 32.28
N PHE B 163 -38.22 -15.60 31.02
CA PHE B 163 -38.11 -14.59 29.89
C PHE B 163 -39.17 -13.56 30.10
N GLY B 164 -40.37 -14.00 30.49
CA GLY B 164 -41.39 -12.98 30.76
C GLY B 164 -40.97 -11.94 31.73
N GLY B 165 -40.24 -12.38 32.73
CA GLY B 165 -39.82 -11.49 33.80
C GLY B 165 -38.84 -10.42 33.37
N VAL B 166 -37.98 -10.78 32.42
CA VAL B 166 -37.11 -9.77 31.77
C VAL B 166 -37.91 -8.69 31.10
N GLY B 167 -38.91 -9.14 30.29
CA GLY B 167 -39.80 -8.20 29.64
C GLY B 167 -40.46 -7.31 30.65
N LEU B 168 -40.90 -7.90 31.75
CA LEU B 168 -41.58 -7.08 32.74
C LEU B 168 -40.57 -6.10 33.39
N THR B 169 -39.41 -6.62 33.74
CA THR B 169 -38.28 -5.74 34.24
C THR B 169 -38.09 -4.49 33.36
N GLN B 170 -38.04 -4.67 32.04
CA GLN B 170 -37.72 -3.59 31.15
C GLN B 170 -38.91 -2.57 31.13
N SER B 171 -40.14 -3.08 31.10
CA SER B 171 -41.32 -2.21 31.04
C SER B 171 -41.44 -1.38 32.37
N LEU B 172 -41.20 -2.05 33.46
CA LEU B 172 -41.19 -1.49 34.82
C LEU B 172 -40.16 -0.38 34.83
N ALA B 173 -38.94 -0.65 34.31
CA ALA B 173 -37.86 0.32 34.33
C ALA B 173 -38.27 1.59 33.63
N LEU B 174 -38.95 1.44 32.51
CA LEU B 174 -39.33 2.52 31.68
C LEU B 174 -40.47 3.30 32.32
N ASP B 175 -41.43 2.59 32.89
CA ASP B 175 -42.51 3.23 33.65
C ASP B 175 -42.05 3.94 34.95
N LEU B 176 -41.05 3.40 35.61
CA LEU B 176 -40.62 3.91 36.95
C LEU B 176 -39.40 4.84 36.97
N ALA B 177 -38.71 4.94 35.83
CA ALA B 177 -37.59 5.87 35.62
C ALA B 177 -37.92 7.33 36.04
N GLU B 178 -39.05 7.88 35.65
CA GLU B 178 -39.37 9.22 36.09
C GLU B 178 -39.43 9.39 37.65
N TYR B 179 -39.60 8.31 38.39
CA TYR B 179 -39.54 8.32 39.84
C TYR B 179 -38.22 7.93 40.45
N GLY B 180 -37.17 7.78 39.63
CA GLY B 180 -35.87 7.37 40.15
C GLY B 180 -35.78 5.95 40.66
N ILE B 181 -36.75 5.09 40.34
CA ILE B 181 -36.70 3.74 40.80
C ILE B 181 -36.05 2.88 39.72
N THR B 182 -35.14 1.99 40.08
CA THR B 182 -34.50 1.13 39.13
C THR B 182 -34.97 -0.27 39.37
N VAL B 183 -34.88 -1.06 38.31
CA VAL B 183 -35.38 -2.38 38.21
C VAL B 183 -34.43 -3.29 37.45
N HIS B 184 -34.13 -4.45 37.97
CA HIS B 184 -33.30 -5.44 37.30
C HIS B 184 -33.66 -6.83 37.58
N SER B 185 -33.21 -7.73 36.72
CA SER B 185 -33.35 -9.13 36.92
C SER B 185 -31.95 -9.70 37.01
N LEU B 186 -31.74 -10.63 37.93
CA LEU B 186 -30.45 -11.30 38.09
C LEU B 186 -30.54 -12.62 37.47
N MET B 187 -29.66 -12.90 36.51
CA MET B 187 -29.73 -14.13 35.74
C MET B 187 -28.72 -15.10 36.30
N LEU B 188 -29.19 -15.92 37.23
CA LEU B 188 -28.35 -16.80 37.96
C LEU B 188 -28.02 -18.06 37.25
N GLY B 189 -26.78 -18.52 37.46
CA GLY B 189 -26.34 -19.82 37.14
C GLY B 189 -26.95 -20.83 38.12
N ASN B 190 -26.45 -22.02 38.04
CA ASN B 190 -26.96 -23.15 38.86
C ASN B 190 -26.47 -23.09 40.30
N LEU B 191 -27.38 -23.25 41.25
CA LEU B 191 -27.04 -23.18 42.65
C LEU B 191 -26.87 -24.58 43.10
N LEU B 192 -25.71 -25.15 42.79
CA LEU B 192 -25.52 -26.61 42.84
C LEU B 192 -25.67 -27.25 44.23
N LYS B 193 -25.42 -26.48 45.30
CA LYS B 193 -25.50 -27.04 46.64
C LYS B 193 -26.86 -26.86 47.32
N SER B 194 -27.65 -25.86 46.88
CA SER B 194 -29.06 -25.69 47.31
C SER B 194 -29.78 -27.03 47.42
N PRO B 195 -30.69 -27.19 48.42
CA PRO B 195 -31.49 -28.44 48.59
C PRO B 195 -32.21 -28.88 47.34
N MET B 196 -32.69 -27.89 46.60
CA MET B 196 -33.47 -28.14 45.38
C MET B 196 -32.63 -28.89 44.36
N PHE B 197 -31.52 -28.27 43.98
CA PHE B 197 -30.62 -28.84 43.00
C PHE B 197 -30.17 -30.26 43.41
N GLN B 198 -29.92 -30.40 44.72
CA GLN B 198 -29.41 -31.64 45.29
C GLN B 198 -30.42 -32.79 45.20
N SER B 199 -31.69 -32.47 45.44
CA SER B 199 -32.76 -33.46 45.34
C SER B 199 -32.99 -33.97 43.91
N LEU B 200 -32.70 -33.13 42.92
CA LEU B 200 -33.05 -33.43 41.52
C LEU B 200 -31.92 -33.98 40.65
N LEU B 201 -30.86 -34.44 41.31
CA LEU B 201 -29.71 -35.01 40.59
C LEU B 201 -30.13 -36.28 39.93
N PRO B 202 -30.97 -37.10 40.61
CA PRO B 202 -31.37 -38.30 39.92
C PRO B 202 -32.12 -38.02 38.61
N GLN B 203 -33.01 -37.04 38.63
CA GLN B 203 -33.78 -36.66 37.44
C GLN B 203 -32.87 -36.07 36.36
N TYR B 204 -31.96 -35.18 36.77
CA TYR B 204 -31.04 -34.58 35.83
C TYR B 204 -30.16 -35.67 35.22
N ALA B 205 -29.70 -36.60 36.06
CA ALA B 205 -28.97 -37.79 35.62
C ALA B 205 -29.73 -38.59 34.56
N GLU B 206 -31.00 -38.91 34.83
CA GLU B 206 -31.79 -39.66 33.84
C GLU B 206 -32.27 -38.80 32.68
N LYS B 207 -32.33 -37.48 32.88
CA LYS B 207 -32.58 -36.51 31.78
C LYS B 207 -31.40 -36.48 30.79
N LEU B 208 -30.21 -36.75 31.26
CA LEU B 208 -29.01 -36.59 30.46
C LEU B 208 -28.32 -37.92 30.13
N GLY B 209 -28.77 -39.01 30.75
CA GLY B 209 -28.16 -40.33 30.57
C GLY B 209 -26.77 -40.41 31.21
N ILE B 210 -26.71 -40.03 32.48
CA ILE B 210 -25.48 -40.08 33.28
C ILE B 210 -25.89 -40.63 34.63
N THR B 211 -24.91 -41.04 35.41
CA THR B 211 -25.09 -41.31 36.80
C THR B 211 -25.22 -39.97 37.55
N PRO B 212 -25.98 -39.96 38.68
CA PRO B 212 -26.18 -38.81 39.58
C PRO B 212 -24.92 -38.07 40.02
N GLU B 213 -23.99 -38.79 40.61
CA GLU B 213 -22.72 -38.23 41.05
C GLU B 213 -21.95 -37.47 39.94
N GLU B 214 -22.22 -37.83 38.68
CA GLU B 214 -21.58 -37.17 37.53
C GLU B 214 -22.41 -36.02 36.95
N VAL B 215 -23.43 -35.58 37.68
CA VAL B 215 -24.27 -34.48 37.20
C VAL B 215 -23.61 -33.15 37.45
N GLU B 216 -23.20 -32.92 38.70
CA GLU B 216 -22.52 -31.69 39.08
C GLU B 216 -21.25 -31.40 38.25
N PRO B 217 -20.35 -32.38 38.12
CA PRO B 217 -19.21 -32.12 37.24
C PRO B 217 -19.57 -31.90 35.76
N TYR B 218 -20.65 -32.50 35.26
CA TYR B 218 -21.11 -32.22 33.91
C TYR B 218 -21.55 -30.74 33.76
N TYR B 219 -22.25 -30.21 34.76
CA TYR B 219 -22.58 -28.78 34.79
C TYR B 219 -21.45 -27.84 35.15
N VAL B 220 -20.53 -28.28 36.01
CA VAL B 220 -19.42 -27.40 36.33
C VAL B 220 -18.54 -27.16 35.08
N ASP B 221 -18.27 -28.23 34.35
CA ASP B 221 -17.52 -28.20 33.10
C ASP B 221 -18.06 -27.26 32.03
N LYS B 222 -19.38 -27.02 32.05
CA LYS B 222 -19.98 -26.00 31.19
C LYS B 222 -19.55 -24.56 31.53
N VAL B 223 -19.08 -24.28 32.72
CA VAL B 223 -18.95 -22.93 33.23
C VAL B 223 -17.50 -22.53 33.02
N PRO B 224 -17.25 -21.44 32.29
CA PRO B 224 -15.84 -21.02 32.13
C PRO B 224 -15.03 -20.84 33.45
N LEU B 225 -15.63 -20.33 34.51
CA LEU B 225 -14.92 -20.27 35.79
C LEU B 225 -14.84 -21.60 36.59
N LYS B 226 -15.49 -22.63 36.09
CA LYS B 226 -15.37 -23.98 36.62
C LYS B 226 -15.84 -24.09 38.05
N ARG B 227 -16.96 -23.45 38.37
CA ARG B 227 -17.71 -23.78 39.59
C ARG B 227 -19.16 -23.33 39.44
N GLY B 228 -20.01 -23.81 40.35
CA GLY B 228 -21.41 -23.32 40.41
C GLY B 228 -21.48 -21.93 41.01
N CYS B 229 -22.69 -21.32 40.90
CA CYS B 229 -23.06 -20.07 41.53
C CYS B 229 -23.29 -20.27 43.05
N ASP B 230 -22.83 -19.31 43.83
CA ASP B 230 -22.95 -19.37 45.27
C ASP B 230 -23.90 -18.28 45.73
N TYR B 231 -24.72 -18.60 46.76
CA TYR B 231 -25.61 -17.67 47.42
C TYR B 231 -24.94 -16.29 47.60
N GLN B 232 -23.66 -16.29 47.97
CA GLN B 232 -22.89 -15.06 48.17
C GLN B 232 -22.66 -14.21 46.88
N ASP B 233 -22.34 -14.86 45.77
CA ASP B 233 -22.33 -14.19 44.43
C ASP B 233 -23.67 -13.53 44.20
N VAL B 234 -24.79 -14.22 44.51
CA VAL B 234 -26.09 -13.55 44.36
C VAL B 234 -26.14 -12.30 45.25
N LEU B 235 -25.78 -12.47 46.53
CA LEU B 235 -25.95 -11.35 47.46
C LEU B 235 -25.07 -10.14 47.08
N ASN B 236 -23.87 -10.44 46.58
CA ASN B 236 -22.92 -9.39 46.22
C ASN B 236 -23.48 -8.52 45.10
N VAL B 237 -24.05 -9.15 44.08
CA VAL B 237 -24.51 -8.36 42.92
C VAL B 237 -25.70 -7.53 43.29
N LEU B 238 -26.57 -8.14 44.11
CA LEU B 238 -27.82 -7.48 44.59
C LEU B 238 -27.54 -6.20 45.34
N LEU B 239 -26.61 -6.28 46.27
CA LEU B 239 -26.19 -5.13 47.04
C LEU B 239 -25.63 -4.04 46.17
N PHE B 240 -24.78 -4.41 45.20
CA PHE B 240 -24.31 -3.35 44.29
C PHE B 240 -25.47 -2.68 43.54
N TYR B 241 -26.29 -3.50 42.83
CA TYR B 241 -27.34 -2.87 42.04
C TYR B 241 -28.37 -2.23 42.97
N ALA B 242 -28.56 -2.79 44.18
CA ALA B 242 -29.50 -2.14 45.15
C ALA B 242 -29.00 -0.79 45.69
N SER B 243 -27.70 -0.52 45.57
CA SER B 243 -27.08 0.69 46.15
C SER B 243 -27.29 1.96 45.31
N ASP B 244 -27.09 3.13 45.90
CA ASP B 244 -27.05 4.36 45.10
C ASP B 244 -25.84 4.48 44.18
N LYS B 245 -24.84 3.64 44.32
CA LYS B 245 -23.74 3.63 43.37
C LYS B 245 -24.19 3.16 41.93
N ALA B 246 -25.26 2.37 41.84
CA ALA B 246 -25.79 1.84 40.57
C ALA B 246 -26.99 2.61 40.12
N ALA B 247 -27.07 3.89 40.46
CA ALA B 247 -28.21 4.71 40.15
C ALA B 247 -28.42 4.91 38.67
N TYR B 248 -27.34 4.87 37.88
CA TYR B 248 -27.43 5.06 36.45
C TYR B 248 -27.69 3.80 35.64
N CYS B 249 -27.93 2.65 36.30
CA CYS B 249 -28.22 1.38 35.61
C CYS B 249 -29.67 1.03 35.88
N THR B 250 -30.49 0.78 34.83
CA THR B 250 -31.85 0.28 35.07
C THR B 250 -32.36 -0.58 33.95
N GLY B 251 -33.26 -1.51 34.27
CA GLY B 251 -33.84 -2.38 33.24
C GLY B 251 -33.00 -3.49 32.71
N GLN B 252 -31.95 -3.83 33.43
CA GLN B 252 -30.97 -4.87 32.99
C GLN B 252 -31.23 -6.28 33.38
N SER B 253 -30.65 -7.21 32.61
CA SER B 253 -30.55 -8.60 32.93
C SER B 253 -29.09 -8.88 33.33
N ILE B 254 -28.80 -9.10 34.60
CA ILE B 254 -27.39 -9.14 35.04
C ILE B 254 -26.95 -10.56 35.18
N ASN B 255 -25.95 -10.96 34.40
CA ASN B 255 -25.54 -12.34 34.38
C ASN B 255 -24.72 -12.61 35.61
N VAL B 256 -24.99 -13.77 36.22
CA VAL B 256 -24.18 -14.25 37.35
C VAL B 256 -23.88 -15.71 37.10
N THR B 257 -23.11 -15.95 36.05
CA THR B 257 -23.10 -17.31 35.48
C THR B 257 -21.69 -17.88 35.32
N GLY B 258 -20.70 -17.17 35.85
CA GLY B 258 -19.31 -17.67 35.73
C GLY B 258 -18.77 -17.61 34.31
N GLY B 259 -19.38 -16.74 33.52
CA GLY B 259 -19.09 -16.67 32.09
C GLY B 259 -19.86 -17.66 31.22
N GLN B 260 -20.79 -18.43 31.77
CA GLN B 260 -21.53 -19.34 30.93
C GLN B 260 -22.40 -18.56 29.94
N VAL B 261 -22.90 -17.40 30.35
CA VAL B 261 -23.76 -16.52 29.50
C VAL B 261 -23.13 -15.15 29.43
N MET B 262 -22.76 -14.70 28.22
CA MET B 262 -22.12 -13.40 27.97
C MET B 262 -22.91 -12.39 27.10
N PHE B 263 -24.02 -12.84 26.59
CA PHE B 263 -25.06 -11.94 26.03
C PHE B 263 -26.16 -11.59 27.05
N GLU C 6 -32.45 -9.62 -14.46
CA GLU C 6 -31.22 -8.82 -14.86
C GLU C 6 -30.23 -8.49 -13.72
N GLN C 7 -30.42 -8.99 -12.50
CA GLN C 7 -29.62 -8.42 -11.36
C GLN C 7 -28.18 -8.90 -11.42
N VAL C 8 -27.27 -8.06 -10.95
CA VAL C 8 -25.88 -8.40 -10.82
C VAL C 8 -25.44 -8.55 -9.38
N ALA C 9 -24.75 -9.67 -9.14
CA ALA C 9 -24.19 -10.03 -7.84
C ALA C 9 -22.66 -9.91 -7.93
N VAL C 10 -22.04 -9.25 -6.98
CA VAL C 10 -20.61 -9.24 -6.83
C VAL C 10 -20.25 -10.03 -5.61
N VAL C 11 -19.37 -11.07 -5.78
CA VAL C 11 -19.00 -11.92 -4.69
C VAL C 11 -17.44 -11.80 -4.44
N ILE C 12 -17.09 -11.18 -3.32
CA ILE C 12 -15.74 -11.01 -2.89
C ILE C 12 -15.39 -12.29 -2.15
N GLY C 13 -14.28 -12.92 -2.51
CA GLY C 13 -13.92 -14.24 -1.96
C GLY C 13 -14.57 -15.37 -2.75
N GLY C 14 -14.91 -15.06 -3.99
CA GLY C 14 -15.59 -15.91 -4.92
C GLY C 14 -14.82 -17.10 -5.50
N GLY C 15 -13.52 -17.08 -5.43
CA GLY C 15 -12.72 -18.04 -6.16
C GLY C 15 -12.58 -19.44 -5.57
N GLN C 16 -13.07 -19.66 -4.35
CA GLN C 16 -12.93 -20.95 -3.70
C GLN C 16 -14.07 -21.32 -2.70
N THR C 17 -14.19 -22.62 -2.45
CA THR C 17 -15.03 -23.25 -1.42
C THR C 17 -16.42 -22.59 -1.27
N LEU C 18 -16.70 -21.97 -0.14
CA LEU C 18 -18.04 -21.42 0.10
C LEU C 18 -18.35 -20.34 -0.87
N GLY C 19 -17.45 -19.36 -0.98
CA GLY C 19 -17.63 -18.26 -1.95
C GLY C 19 -17.90 -18.72 -3.37
N ALA C 20 -17.21 -19.77 -3.79
CA ALA C 20 -17.40 -20.30 -5.14
C ALA C 20 -18.78 -20.94 -5.36
N PHE C 21 -19.27 -21.66 -4.37
CA PHE C 21 -20.60 -22.19 -4.37
C PHE C 21 -21.66 -21.11 -4.43
N LEU C 22 -21.47 -20.04 -3.70
CA LEU C 22 -22.49 -18.98 -3.68
C LEU C 22 -22.57 -18.34 -5.04
N CYS C 23 -21.40 -18.19 -5.66
CA CYS C 23 -21.31 -17.67 -7.01
C CYS C 23 -22.15 -18.56 -7.97
N GLU C 24 -21.95 -19.87 -7.89
CA GLU C 24 -22.70 -20.78 -8.77
C GLU C 24 -24.18 -20.79 -8.45
N GLY C 25 -24.45 -20.78 -7.15
CA GLY C 25 -25.82 -20.64 -6.68
C GLY C 25 -26.60 -19.43 -7.10
N LEU C 26 -25.93 -18.30 -7.12
CA LEU C 26 -26.53 -17.08 -7.61
C LEU C 26 -26.76 -17.10 -9.12
N ALA C 27 -25.76 -17.66 -9.84
CA ALA C 27 -25.92 -17.81 -11.25
C ALA C 27 -27.13 -18.72 -11.55
N GLN C 28 -27.27 -19.81 -10.82
CA GLN C 28 -28.41 -20.75 -10.98
C GLN C 28 -29.73 -20.07 -10.74
N ALA C 29 -29.71 -19.08 -9.87
CA ALA C 29 -30.87 -18.30 -9.56
C ALA C 29 -31.15 -17.17 -10.52
N GLY C 30 -30.27 -16.93 -11.48
CA GLY C 30 -30.54 -16.00 -12.55
C GLY C 30 -29.79 -14.70 -12.46
N TYR C 31 -28.93 -14.58 -11.44
CA TYR C 31 -28.08 -13.41 -11.40
C TYR C 31 -26.97 -13.53 -12.43
N HIS C 32 -26.53 -12.38 -12.91
CA HIS C 32 -25.17 -12.32 -13.51
C HIS C 32 -24.18 -12.13 -12.35
N VAL C 33 -23.04 -12.75 -12.43
CA VAL C 33 -22.15 -12.80 -11.31
C VAL C 33 -20.72 -12.26 -11.70
N ALA C 34 -20.20 -11.35 -10.88
CA ALA C 34 -18.79 -10.94 -10.82
C ALA C 34 -18.08 -11.73 -9.80
N VAL C 35 -17.24 -12.68 -10.22
CA VAL C 35 -16.53 -13.50 -9.35
C VAL C 35 -15.25 -12.77 -9.01
N ALA C 36 -15.08 -12.37 -7.77
CA ALA C 36 -13.96 -11.45 -7.44
C ALA C 36 -13.12 -12.10 -6.39
N ASP C 37 -11.81 -12.20 -6.62
CA ASP C 37 -10.90 -12.89 -5.67
C ASP C 37 -9.49 -12.31 -5.80
N LEU C 38 -8.69 -12.50 -4.78
CA LEU C 38 -7.25 -12.16 -4.82
C LEU C 38 -6.51 -13.03 -5.89
N ASN C 39 -7.00 -14.24 -6.09
CA ASN C 39 -6.40 -15.13 -7.05
C ASN C 39 -7.15 -15.03 -8.34
N GLU C 40 -6.62 -14.27 -9.29
CA GLU C 40 -7.36 -13.99 -10.48
C GLU C 40 -7.64 -15.26 -11.29
N SER C 41 -6.77 -16.23 -11.16
CA SER C 41 -6.80 -17.43 -11.94
C SER C 41 -7.99 -18.27 -11.44
N ASN C 42 -8.17 -18.36 -10.14
CA ASN C 42 -9.31 -19.02 -9.58
C ASN C 42 -10.62 -18.34 -9.96
N ALA C 43 -10.65 -17.01 -9.90
CA ALA C 43 -11.81 -16.20 -10.33
C ALA C 43 -12.21 -16.46 -11.74
N ASN C 44 -11.23 -16.51 -12.65
CA ASN C 44 -11.53 -16.71 -14.04
C ASN C 44 -11.90 -18.18 -14.30
N ARG C 45 -11.23 -19.10 -13.62
CA ARG C 45 -11.59 -20.52 -13.75
C ARG C 45 -13.05 -20.80 -13.26
N LEU C 46 -13.45 -20.17 -12.18
CA LEU C 46 -14.82 -20.31 -11.75
C LEU C 46 -15.84 -19.65 -12.72
N ALA C 47 -15.47 -18.50 -13.24
CA ALA C 47 -16.34 -17.80 -14.13
C ALA C 47 -16.60 -18.67 -15.39
N ASP C 48 -15.55 -19.30 -15.92
CA ASP C 48 -15.68 -20.17 -17.07
C ASP C 48 -16.54 -21.39 -16.74
N THR C 49 -16.42 -21.90 -15.53
CA THR C 49 -17.19 -23.09 -15.15
C THR C 49 -18.67 -22.70 -15.08
N ILE C 50 -18.95 -21.54 -14.48
CA ILE C 50 -20.34 -21.06 -14.43
C ILE C 50 -20.92 -20.94 -15.82
N ASN C 51 -20.12 -20.35 -16.73
CA ASN C 51 -20.55 -20.18 -18.11
C ASN C 51 -20.78 -21.49 -18.87
N SER C 52 -19.95 -22.50 -18.59
CA SER C 52 -20.11 -23.86 -19.13
C SER C 52 -21.36 -24.51 -18.62
N ARG C 53 -21.66 -24.27 -17.33
CA ARG C 53 -22.81 -24.91 -16.64
C ARG C 53 -24.14 -24.26 -16.94
N TYR C 54 -24.20 -22.93 -16.96
CA TYR C 54 -25.44 -22.18 -17.05
C TYR C 54 -25.63 -21.23 -18.22
N GLY C 55 -24.66 -21.13 -19.13
CA GLY C 55 -24.73 -20.34 -20.35
C GLY C 55 -23.75 -19.16 -20.44
N ALA C 56 -23.64 -18.69 -21.66
CA ALA C 56 -22.70 -17.70 -22.04
C ALA C 56 -22.93 -16.40 -21.33
N GLY C 57 -21.83 -15.77 -20.90
CA GLY C 57 -21.89 -14.44 -20.32
C GLY C 57 -22.55 -14.31 -18.97
N ARG C 58 -22.73 -15.40 -18.23
CA ARG C 58 -23.46 -15.31 -16.96
C ARG C 58 -22.54 -14.87 -15.86
N ALA C 59 -21.26 -15.22 -15.98
CA ALA C 59 -20.20 -14.73 -15.07
C ALA C 59 -18.93 -14.20 -15.73
N TYR C 60 -18.28 -13.30 -14.97
CA TYR C 60 -16.92 -12.79 -15.33
C TYR C 60 -16.00 -12.76 -14.10
N GLY C 61 -14.73 -13.01 -14.34
CA GLY C 61 -13.76 -13.13 -13.29
C GLY C 61 -13.05 -11.78 -13.14
N PHE C 62 -12.75 -11.42 -11.90
CA PHE C 62 -12.01 -10.19 -11.61
C PHE C 62 -11.06 -10.42 -10.44
N LYS C 63 -9.94 -9.68 -10.44
CA LYS C 63 -8.95 -9.75 -9.36
C LYS C 63 -9.27 -8.58 -8.46
N VAL C 64 -9.23 -8.78 -7.16
CA VAL C 64 -9.29 -7.69 -6.17
C VAL C 64 -8.58 -8.14 -4.91
N ASP C 65 -7.84 -7.20 -4.31
CA ASP C 65 -7.43 -7.24 -2.93
C ASP C 65 -8.39 -6.33 -2.14
N ALA C 66 -9.34 -6.93 -1.44
CA ALA C 66 -10.38 -6.16 -0.79
C ALA C 66 -9.86 -5.19 0.30
N THR C 67 -8.65 -5.45 0.77
CA THR C 67 -7.92 -4.66 1.77
C THR C 67 -7.23 -3.42 1.21
N ASP C 68 -7.25 -3.26 -0.11
CA ASP C 68 -6.66 -2.16 -0.80
C ASP C 68 -7.62 -1.26 -1.54
N GLU C 69 -7.67 0.03 -1.15
CA GLU C 69 -8.57 1.03 -1.72
C GLU C 69 -8.52 1.21 -3.25
N ALA C 70 -7.33 1.32 -3.85
CA ALA C 70 -7.23 1.41 -5.30
C ALA C 70 -7.83 0.16 -5.98
N SER C 71 -7.45 -1.02 -5.49
CA SER C 71 -7.94 -2.34 -6.00
C SER C 71 -9.49 -2.42 -5.95
N VAL C 72 -10.06 -1.99 -4.82
CA VAL C 72 -11.52 -2.00 -4.68
C VAL C 72 -12.12 -1.03 -5.65
N GLU C 73 -11.53 0.17 -5.77
CA GLU C 73 -12.05 1.13 -6.71
C GLU C 73 -11.98 0.62 -8.11
N ALA C 74 -10.87 -0.01 -8.48
CA ALA C 74 -10.71 -0.54 -9.81
C ALA C 74 -11.69 -1.70 -10.12
N LEU C 75 -12.05 -2.48 -9.11
CA LEU C 75 -12.98 -3.60 -9.32
C LEU C 75 -14.37 -3.07 -9.61
N ALA C 76 -14.76 -2.06 -8.85
CA ALA C 76 -16.01 -1.44 -9.06
C ALA C 76 -16.16 -0.79 -10.45
N ARG C 77 -15.14 -0.03 -10.87
CA ARG C 77 -15.04 0.40 -12.27
C ARG C 77 -15.15 -0.72 -13.32
N ALA C 78 -14.41 -1.81 -13.12
CA ALA C 78 -14.45 -2.94 -14.01
C ALA C 78 -15.88 -3.59 -14.05
N VAL C 79 -16.52 -3.72 -12.89
CA VAL C 79 -17.81 -4.36 -12.81
C VAL C 79 -18.84 -3.53 -13.53
N ASP C 80 -18.81 -2.24 -13.27
CA ASP C 80 -19.63 -1.30 -13.97
C ASP C 80 -19.40 -1.39 -15.52
N GLU C 81 -18.14 -1.35 -15.96
CA GLU C 81 -17.83 -1.47 -17.39
C GLU C 81 -18.39 -2.79 -17.95
N THR C 82 -18.39 -3.90 -17.18
CA THR C 82 -18.82 -5.19 -17.70
C THR C 82 -20.29 -5.37 -17.69
N PHE C 83 -20.93 -5.12 -16.53
CA PHE C 83 -22.34 -5.36 -16.36
C PHE C 83 -23.20 -4.12 -16.35
N GLY C 84 -22.63 -2.95 -16.06
CA GLY C 84 -23.38 -1.70 -16.05
C GLY C 84 -24.20 -1.35 -14.79
N ARG C 85 -24.13 -2.20 -13.77
CA ARG C 85 -24.93 -2.03 -12.52
C ARG C 85 -24.40 -3.01 -11.49
N ALA C 86 -24.80 -2.82 -10.24
CA ALA C 86 -24.53 -3.80 -9.19
C ALA C 86 -25.74 -3.76 -8.28
N ASP C 87 -26.22 -4.94 -8.01
CA ASP C 87 -27.47 -5.17 -7.14
C ASP C 87 -27.20 -5.73 -5.77
N LEU C 88 -26.22 -6.63 -5.66
CA LEU C 88 -25.98 -7.45 -4.52
C LEU C 88 -24.50 -7.59 -4.34
N LEU C 89 -24.04 -7.25 -3.16
CA LEU C 89 -22.66 -7.49 -2.73
C LEU C 89 -22.62 -8.55 -1.67
N VAL C 90 -21.87 -9.62 -1.93
CA VAL C 90 -21.57 -10.68 -0.96
C VAL C 90 -20.13 -10.62 -0.62
N TYR C 91 -19.84 -10.47 0.65
CA TYR C 91 -18.53 -10.40 1.17
C TYR C 91 -18.22 -11.64 1.95
N SER C 92 -17.35 -12.46 1.36
CA SER C 92 -16.94 -13.72 1.93
C SER C 92 -15.46 -13.76 2.15
N ALA C 93 -15.02 -13.81 3.39
CA ALA C 93 -13.59 -13.81 3.71
C ALA C 93 -13.36 -14.19 5.15
N GLY C 94 -12.13 -14.48 5.45
CA GLY C 94 -11.73 -14.66 6.85
C GLY C 94 -11.44 -16.08 7.26
N VAL C 95 -10.34 -16.24 7.97
CA VAL C 95 -10.00 -17.59 8.46
C VAL C 95 -9.47 -17.46 9.88
N ALA C 96 -10.04 -18.23 10.80
CA ALA C 96 -9.64 -18.17 12.21
C ALA C 96 -8.27 -18.82 12.39
N LYS C 97 -7.35 -18.11 13.02
CA LYS C 97 -6.05 -18.68 13.42
C LYS C 97 -6.00 -18.69 14.93
N ALA C 98 -5.88 -19.87 15.51
CA ALA C 98 -6.11 -20.05 16.92
C ALA C 98 -4.80 -19.91 17.72
N ALA C 99 -4.89 -19.23 18.85
CA ALA C 99 -3.80 -19.17 19.84
C ALA C 99 -4.35 -18.57 21.14
N PRO C 100 -3.88 -19.04 22.33
CA PRO C 100 -4.25 -18.34 23.57
C PRO C 100 -3.83 -16.90 23.48
N ILE C 101 -4.58 -15.99 24.09
CA ILE C 101 -4.22 -14.59 24.01
C ILE C 101 -2.74 -14.36 24.28
N THR C 102 -2.27 -14.99 25.37
CA THR C 102 -0.83 -15.02 25.74
C THR C 102 0.19 -15.15 24.55
N GLN C 103 -0.13 -15.98 23.56
CA GLN C 103 0.78 -16.28 22.45
C GLN C 103 0.22 -15.84 21.10
N PHE C 104 -0.81 -14.97 21.08
CA PHE C 104 -1.40 -14.53 19.83
C PHE C 104 -0.56 -13.44 19.24
N ARG C 105 -0.17 -13.60 17.98
CA ARG C 105 0.67 -12.57 17.33
C ARG C 105 -0.07 -11.34 16.84
N LEU C 106 0.54 -10.16 16.97
CA LEU C 106 -0.02 -8.97 16.42
C LEU C 106 -0.24 -9.06 14.91
N THR C 107 0.72 -9.63 14.17
CA THR C 107 0.51 -9.79 12.72
C THR C 107 -0.83 -10.54 12.38
N ASP C 108 -1.13 -11.60 13.13
CA ASP C 108 -2.36 -12.37 12.91
C ASP C 108 -3.60 -11.58 13.28
N PHE C 109 -3.52 -10.79 14.36
CA PHE C 109 -4.65 -9.97 14.81
C PHE C 109 -4.92 -8.88 13.81
N ASP C 110 -3.87 -8.14 13.40
CA ASP C 110 -3.94 -7.15 12.30
C ASP C 110 -4.52 -7.75 10.97
N LEU C 111 -4.08 -8.93 10.62
CA LEU C 111 -4.60 -9.55 9.41
C LEU C 111 -6.12 -9.78 9.48
N SER C 112 -6.58 -10.30 10.62
CA SER C 112 -8.01 -10.60 10.86
C SER C 112 -8.85 -9.38 10.70
N LEU C 113 -8.35 -8.28 11.23
CA LEU C 113 -9.02 -7.02 11.15
C LEU C 113 -9.04 -6.49 9.73
N GLN C 114 -7.91 -6.59 9.00
CA GLN C 114 -7.90 -6.11 7.64
C GLN C 114 -8.88 -6.87 6.68
N VAL C 115 -8.78 -8.18 6.74
CA VAL C 115 -9.52 -9.12 5.91
C VAL C 115 -11.05 -9.14 6.27
N ASN C 116 -11.40 -9.08 7.54
CA ASN C 116 -12.84 -9.19 7.96
C ASN C 116 -13.55 -7.90 8.15
N LEU C 117 -12.81 -6.83 8.44
CA LEU C 117 -13.42 -5.57 8.69
C LEU C 117 -13.07 -4.52 7.66
N VAL C 118 -11.78 -4.26 7.42
CA VAL C 118 -11.42 -3.19 6.51
C VAL C 118 -11.91 -3.52 5.05
N GLY C 119 -11.72 -4.76 4.61
CA GLY C 119 -12.22 -5.19 3.29
C GLY C 119 -13.73 -5.12 3.16
N TYR C 120 -14.40 -5.49 4.25
CA TYR C 120 -15.84 -5.38 4.27
C TYR C 120 -16.27 -3.93 4.12
N PHE C 121 -15.59 -3.04 4.84
CA PHE C 121 -15.83 -1.57 4.76
C PHE C 121 -15.62 -0.99 3.37
N LEU C 122 -14.53 -1.39 2.75
CA LEU C 122 -14.12 -0.79 1.49
C LEU C 122 -15.05 -1.28 0.40
N CYS C 123 -15.35 -2.57 0.41
CA CYS C 123 -16.24 -3.13 -0.60
C CYS C 123 -17.62 -2.57 -0.42
N SER C 124 -18.12 -2.49 0.82
CA SER C 124 -19.43 -1.91 1.07
C SER C 124 -19.52 -0.43 0.59
N ARG C 125 -18.46 0.33 0.88
CA ARG C 125 -18.50 1.79 0.58
C ARG C 125 -18.55 1.97 -0.96
N GLU C 126 -17.76 1.18 -1.65
CA GLU C 126 -17.65 1.31 -3.11
C GLU C 126 -18.89 0.85 -3.87
N PHE C 127 -19.40 -0.34 -3.53
CA PHE C 127 -20.55 -0.86 -4.24
C PHE C 127 -21.88 -0.17 -3.86
N SER C 128 -22.02 0.33 -2.63
CA SER C 128 -23.21 1.10 -2.23
C SER C 128 -23.25 2.34 -3.09
N LYS C 129 -22.09 2.91 -3.37
CA LYS C 129 -22.06 4.10 -4.27
C LYS C 129 -22.66 3.85 -5.66
N LEU C 130 -22.29 2.74 -6.28
CA LEU C 130 -22.89 2.27 -7.53
C LEU C 130 -24.37 2.01 -7.48
N MET C 131 -24.83 1.42 -6.35
CA MET C 131 -26.27 1.18 -6.12
C MET C 131 -27.00 2.52 -6.01
N ILE C 132 -26.45 3.43 -5.25
CA ILE C 132 -27.06 4.76 -5.10
C ILE C 132 -27.12 5.49 -6.45
N ARG C 133 -26.01 5.56 -7.17
CA ARG C 133 -25.97 6.17 -8.50
C ARG C 133 -27.15 5.78 -9.36
N ASP C 134 -27.46 4.49 -9.39
CA ASP C 134 -28.49 3.97 -10.27
C ASP C 134 -29.90 3.78 -9.67
N GLY C 135 -30.14 4.27 -8.47
CA GLY C 135 -31.42 4.16 -7.80
C GLY C 135 -31.80 2.73 -7.44
N ILE C 136 -30.79 1.87 -7.35
CA ILE C 136 -30.96 0.43 -7.00
C ILE C 136 -31.11 0.23 -5.48
N LYS C 137 -32.24 -0.39 -5.14
CA LYS C 137 -32.61 -0.74 -3.80
C LYS C 137 -31.78 -2.02 -3.47
N GLY C 138 -30.48 -1.87 -3.22
CA GLY C 138 -29.56 -2.99 -3.21
C GLY C 138 -29.53 -3.80 -1.93
N ARG C 139 -28.58 -4.72 -1.92
CA ARG C 139 -28.35 -5.65 -0.83
C ARG C 139 -26.87 -5.88 -0.63
N ILE C 140 -26.48 -5.86 0.62
CA ILE C 140 -25.15 -6.23 1.07
C ILE C 140 -25.26 -7.27 2.09
N ILE C 141 -24.59 -8.39 1.84
CA ILE C 141 -24.62 -9.53 2.75
C ILE C 141 -23.20 -9.99 3.10
N GLN C 142 -22.84 -9.93 4.40
CA GLN C 142 -21.59 -10.50 4.91
C GLN C 142 -21.74 -11.90 5.43
N ILE C 143 -20.77 -12.75 5.05
CA ILE C 143 -20.63 -14.05 5.62
C ILE C 143 -19.90 -13.90 6.94
N ASN C 144 -20.53 -14.35 8.02
CA ASN C 144 -19.97 -14.21 9.31
C ASN C 144 -20.11 -15.54 10.00
N SER C 145 -20.22 -15.56 11.33
CA SER C 145 -20.03 -16.79 12.09
C SER C 145 -20.71 -16.68 13.45
N LYS C 146 -21.02 -17.82 14.06
CA LYS C 146 -21.35 -17.77 15.49
C LYS C 146 -20.31 -17.17 16.36
N SER C 147 -19.05 -17.24 15.94
CA SER C 147 -17.95 -16.51 16.60
C SER C 147 -18.08 -14.98 16.64
N GLY C 148 -19.02 -14.46 15.87
CA GLY C 148 -19.41 -13.04 15.89
C GLY C 148 -20.65 -12.80 16.78
N LYS C 149 -21.15 -13.85 17.39
CA LYS C 149 -22.22 -13.81 18.39
C LYS C 149 -21.77 -14.14 19.80
N VAL C 150 -20.84 -15.05 19.91
CA VAL C 150 -20.30 -15.53 21.17
C VAL C 150 -18.75 -15.68 20.97
N GLY C 151 -17.99 -15.01 21.81
CA GLY C 151 -16.54 -15.16 21.85
C GLY C 151 -16.07 -16.61 21.77
N SER C 152 -15.04 -16.82 20.99
CA SER C 152 -14.43 -18.13 20.73
C SER C 152 -13.15 -18.17 21.52
N LYS C 153 -13.06 -19.17 22.37
CA LYS C 153 -11.88 -19.52 23.13
C LYS C 153 -10.71 -19.77 22.16
N HIS C 154 -9.54 -19.22 22.49
CA HIS C 154 -8.32 -19.22 21.65
C HIS C 154 -8.47 -18.56 20.25
N ASN C 155 -9.51 -17.75 20.01
CA ASN C 155 -9.70 -17.13 18.70
C ASN C 155 -10.09 -15.68 18.89
N SER C 156 -9.35 -14.95 19.72
CA SER C 156 -9.57 -13.51 19.91
C SER C 156 -9.54 -12.65 18.62
N GLY C 157 -8.62 -12.90 17.70
CA GLY C 157 -8.60 -12.17 16.48
C GLY C 157 -9.84 -12.42 15.59
N TYR C 158 -10.22 -13.68 15.49
CA TYR C 158 -11.43 -14.03 14.74
C TYR C 158 -12.72 -13.44 15.40
N SER C 159 -12.97 -13.68 16.68
CA SER C 159 -14.12 -13.05 17.33
C SER C 159 -14.13 -11.54 17.33
N ALA C 160 -13.00 -10.95 17.63
CA ALA C 160 -12.91 -9.50 17.58
C ALA C 160 -13.30 -8.98 16.20
N ALA C 161 -12.80 -9.63 15.15
CA ALA C 161 -13.08 -9.22 13.78
C ALA C 161 -14.58 -9.48 13.40
N LYS C 162 -15.06 -10.65 13.80
CA LYS C 162 -16.44 -11.05 13.44
C LYS C 162 -17.48 -10.22 14.21
N PHE C 163 -17.29 -10.01 15.53
CA PHE C 163 -18.13 -9.07 16.29
C PHE C 163 -18.12 -7.75 15.62
N GLY C 164 -16.94 -7.31 15.20
CA GLY C 164 -16.84 -6.05 14.56
C GLY C 164 -17.66 -5.91 13.27
N GLY C 165 -17.72 -7.01 12.51
CA GLY C 165 -18.53 -7.16 11.33
C GLY C 165 -19.98 -6.84 11.59
N VAL C 166 -20.46 -7.29 12.77
CA VAL C 166 -21.89 -7.08 13.14
C VAL C 166 -22.10 -5.59 13.35
N GLY C 167 -21.17 -4.96 14.04
CA GLY C 167 -21.27 -3.54 14.28
C GLY C 167 -21.25 -2.76 12.96
N LEU C 168 -20.37 -3.12 12.04
CA LEU C 168 -20.32 -2.49 10.74
C LEU C 168 -21.63 -2.68 9.90
N THR C 169 -22.13 -3.90 9.90
CA THR C 169 -23.44 -4.24 9.26
C THR C 169 -24.58 -3.31 9.81
N GLN C 170 -24.63 -3.14 11.11
CA GLN C 170 -25.66 -2.28 11.65
C GLN C 170 -25.42 -0.78 11.28
N SER C 171 -24.17 -0.27 11.38
CA SER C 171 -23.89 1.15 10.94
C SER C 171 -24.18 1.39 9.47
N LEU C 172 -23.82 0.42 8.63
CA LEU C 172 -24.08 0.50 7.19
C LEU C 172 -25.56 0.51 6.90
N ALA C 173 -26.31 -0.32 7.66
CA ALA C 173 -27.77 -0.40 7.47
C ALA C 173 -28.42 0.93 7.78
N LEU C 174 -27.94 1.58 8.85
CA LEU C 174 -28.51 2.83 9.26
C LEU C 174 -28.16 3.91 8.24
N ASP C 175 -26.93 3.91 7.72
CA ASP C 175 -26.49 4.92 6.74
C ASP C 175 -27.18 4.70 5.40
N LEU C 176 -27.45 3.45 5.06
CA LEU C 176 -27.91 3.18 3.71
C LEU C 176 -29.37 3.02 3.58
N ALA C 177 -30.10 3.01 4.67
CA ALA C 177 -31.58 2.70 4.63
C ALA C 177 -32.39 3.70 3.78
N GLU C 178 -31.94 4.95 3.80
CA GLU C 178 -32.62 5.99 3.05
C GLU C 178 -32.53 5.75 1.53
N TYR C 179 -31.61 4.91 1.10
CA TYR C 179 -31.52 4.53 -0.30
C TYR C 179 -32.11 3.18 -0.67
N GLY C 180 -32.76 2.53 0.29
CA GLY C 180 -33.42 1.29 0.07
C GLY C 180 -32.45 0.10 0.01
N ILE C 181 -31.18 0.30 0.43
CA ILE C 181 -30.22 -0.73 0.51
C ILE C 181 -30.31 -1.41 1.93
N THR C 182 -30.45 -2.73 1.97
CA THR C 182 -30.43 -3.45 3.23
C THR C 182 -29.15 -4.18 3.34
N VAL C 183 -28.76 -4.42 4.60
CA VAL C 183 -27.46 -4.95 4.94
C VAL C 183 -27.61 -5.97 6.07
N HIS C 184 -27.07 -7.18 5.89
CA HIS C 184 -27.07 -8.21 6.92
C HIS C 184 -25.81 -8.96 7.00
N SER C 185 -25.62 -9.56 8.16
CA SER C 185 -24.52 -10.57 8.42
C SER C 185 -25.11 -11.92 8.69
N LEU C 186 -24.55 -12.99 8.10
CA LEU C 186 -25.09 -14.34 8.22
C LEU C 186 -24.17 -15.02 9.23
N MET C 187 -24.72 -15.53 10.33
CA MET C 187 -23.92 -16.03 11.47
C MET C 187 -23.93 -17.57 11.37
N LEU C 188 -22.98 -18.09 10.61
CA LEU C 188 -22.89 -19.50 10.29
C LEU C 188 -22.36 -20.39 11.41
N GLY C 189 -22.97 -21.56 11.55
CA GLY C 189 -22.49 -22.59 12.42
C GLY C 189 -21.31 -23.26 11.71
N ASN C 190 -20.89 -24.44 12.21
CA ASN C 190 -19.69 -25.12 11.66
C ASN C 190 -19.97 -25.87 10.30
N LEU C 191 -19.18 -25.55 9.24
CA LEU C 191 -19.22 -26.18 7.97
C LEU C 191 -18.36 -27.45 8.08
N LEU C 192 -18.87 -28.41 8.80
CA LEU C 192 -18.09 -29.57 9.27
C LEU C 192 -17.43 -30.38 8.18
N LYS C 193 -18.07 -30.48 7.01
CA LYS C 193 -17.49 -31.21 5.86
C LYS C 193 -16.69 -30.36 4.94
N SER C 194 -16.55 -29.08 5.23
CA SER C 194 -15.78 -28.21 4.36
C SER C 194 -14.29 -28.62 4.40
N PRO C 195 -13.52 -28.28 3.34
CA PRO C 195 -12.05 -28.57 3.32
C PRO C 195 -11.27 -27.89 4.44
N MET C 196 -11.73 -26.71 4.87
CA MET C 196 -11.11 -25.98 5.98
C MET C 196 -11.34 -26.68 7.30
N PHE C 197 -12.62 -26.93 7.64
CA PHE C 197 -12.92 -27.66 8.85
C PHE C 197 -12.18 -29.01 8.86
N GLN C 198 -12.27 -29.76 7.76
CA GLN C 198 -11.66 -31.10 7.70
C GLN C 198 -10.16 -31.04 7.99
N SER C 199 -9.46 -29.99 7.57
CA SER C 199 -7.99 -29.99 7.67
C SER C 199 -7.53 -29.65 9.12
N LEU C 200 -8.36 -28.89 9.83
CA LEU C 200 -8.15 -28.59 11.27
C LEU C 200 -8.63 -29.66 12.29
N LEU C 201 -9.20 -30.79 11.84
CA LEU C 201 -9.64 -31.87 12.78
C LEU C 201 -8.55 -32.34 13.80
N PRO C 202 -7.30 -32.50 13.34
CA PRO C 202 -6.12 -32.60 14.24
C PRO C 202 -5.98 -31.49 15.29
N GLN C 203 -5.89 -30.24 14.86
CA GLN C 203 -5.75 -29.12 15.80
C GLN C 203 -6.89 -29.07 16.86
N TYR C 204 -8.14 -29.26 16.41
CA TYR C 204 -9.30 -29.38 17.34
C TYR C 204 -9.16 -30.53 18.32
N ALA C 205 -8.75 -31.71 17.81
CA ALA C 205 -8.52 -32.90 18.64
C ALA C 205 -7.64 -32.54 19.87
N GLU C 206 -6.57 -31.81 19.61
CA GLU C 206 -5.62 -31.40 20.66
C GLU C 206 -6.12 -30.31 21.58
N LYS C 207 -6.86 -29.33 21.06
CA LYS C 207 -7.49 -28.32 21.91
C LYS C 207 -8.56 -28.94 22.82
N LEU C 208 -9.29 -29.94 22.33
CA LEU C 208 -10.41 -30.55 23.06
C LEU C 208 -9.99 -31.77 23.87
N GLY C 209 -8.81 -32.30 23.58
CA GLY C 209 -8.32 -33.46 24.36
C GLY C 209 -9.09 -34.69 23.97
N ILE C 210 -9.17 -34.92 22.68
CA ILE C 210 -9.93 -36.03 22.19
C ILE C 210 -9.26 -36.46 20.90
N THR C 211 -9.72 -37.55 20.28
CA THR C 211 -9.22 -38.05 18.97
C THR C 211 -9.74 -37.24 17.73
N PRO C 212 -8.90 -37.06 16.66
CA PRO C 212 -9.42 -36.44 15.40
C PRO C 212 -10.81 -36.95 14.94
N GLU C 213 -10.99 -38.26 14.98
CA GLU C 213 -12.22 -38.97 14.55
C GLU C 213 -13.47 -38.70 15.45
N GLU C 214 -13.23 -38.19 16.66
CA GLU C 214 -14.29 -37.81 17.58
C GLU C 214 -14.64 -36.31 17.52
N VAL C 215 -13.93 -35.49 16.77
CA VAL C 215 -14.24 -34.05 16.71
C VAL C 215 -15.62 -33.70 16.10
N GLU C 216 -15.97 -34.37 15.00
CA GLU C 216 -17.22 -34.09 14.28
C GLU C 216 -18.39 -34.53 15.16
N PRO C 217 -18.36 -35.76 15.75
CA PRO C 217 -19.44 -36.00 16.74
C PRO C 217 -19.56 -35.04 17.93
N TYR C 218 -18.45 -34.53 18.47
CA TYR C 218 -18.49 -33.54 19.52
C TYR C 218 -19.27 -32.29 19.10
N TYR C 219 -18.96 -31.79 17.92
CA TYR C 219 -19.61 -30.59 17.45
C TYR C 219 -21.05 -30.84 17.03
N VAL C 220 -21.35 -31.95 16.36
CA VAL C 220 -22.73 -32.30 16.01
C VAL C 220 -23.62 -32.32 17.23
N ASP C 221 -23.12 -32.91 18.30
CA ASP C 221 -23.92 -33.07 19.50
C ASP C 221 -24.28 -31.73 20.19
N LYS C 222 -23.51 -30.66 19.98
CA LYS C 222 -23.95 -29.39 20.49
C LYS C 222 -25.02 -28.67 19.64
N VAL C 223 -25.45 -29.25 18.51
CA VAL C 223 -26.40 -28.57 17.61
C VAL C 223 -27.74 -29.25 17.93
N PRO C 224 -28.76 -28.48 18.28
CA PRO C 224 -30.11 -29.09 18.47
C PRO C 224 -30.60 -29.94 17.30
N LEU C 225 -30.42 -29.48 16.06
CA LEU C 225 -30.82 -30.24 14.91
C LEU C 225 -29.83 -31.35 14.53
N LYS C 226 -28.78 -31.54 15.31
CA LYS C 226 -27.93 -32.75 15.19
C LYS C 226 -27.33 -32.98 13.82
N ARG C 227 -26.76 -31.91 13.27
CA ARG C 227 -26.01 -31.99 12.01
C ARG C 227 -25.23 -30.67 11.84
N GLY C 228 -24.22 -30.69 10.96
CA GLY C 228 -23.47 -29.45 10.74
C GLY C 228 -24.21 -28.64 9.66
N CYS C 229 -23.63 -27.48 9.33
CA CYS C 229 -24.20 -26.54 8.35
C CYS C 229 -23.62 -26.96 7.06
N ASP C 230 -24.39 -27.01 6.00
CA ASP C 230 -23.76 -27.16 4.65
C ASP C 230 -23.91 -25.88 3.78
N TYR C 231 -23.20 -25.83 2.66
CA TYR C 231 -23.24 -24.63 1.84
C TYR C 231 -24.62 -24.25 1.33
N GLN C 232 -25.42 -25.24 0.97
CA GLN C 232 -26.81 -24.97 0.59
C GLN C 232 -27.66 -24.30 1.68
N ASP C 233 -27.39 -24.59 2.94
CA ASP C 233 -28.08 -23.85 4.06
C ASP C 233 -27.81 -22.33 3.97
N VAL C 234 -26.56 -22.02 3.65
CA VAL C 234 -26.08 -20.65 3.55
C VAL C 234 -26.70 -19.98 2.34
N LEU C 235 -26.63 -20.63 1.19
CA LEU C 235 -27.20 -20.11 -0.05
C LEU C 235 -28.71 -19.77 0.09
N ASN C 236 -29.43 -20.68 0.73
CA ASN C 236 -30.86 -20.52 0.85
C ASN C 236 -31.22 -19.36 1.66
N VAL C 237 -30.50 -19.16 2.79
CA VAL C 237 -30.73 -17.95 3.61
C VAL C 237 -30.31 -16.68 2.85
N LEU C 238 -29.16 -16.75 2.22
CA LEU C 238 -28.71 -15.64 1.41
C LEU C 238 -29.67 -15.19 0.33
N LEU C 239 -30.15 -16.15 -0.43
CA LEU C 239 -31.18 -15.90 -1.42
C LEU C 239 -32.41 -15.17 -0.92
N PHE C 240 -32.89 -15.57 0.25
CA PHE C 240 -34.13 -14.95 0.74
C PHE C 240 -33.82 -13.49 1.13
N TYR C 241 -32.78 -13.32 1.92
CA TYR C 241 -32.41 -11.93 2.37
C TYR C 241 -32.02 -10.99 1.21
N ALA C 242 -31.46 -11.57 0.17
CA ALA C 242 -31.14 -10.84 -1.07
C ALA C 242 -32.33 -10.48 -1.93
N SER C 243 -33.52 -10.95 -1.61
CA SER C 243 -34.58 -10.91 -2.55
C SER C 243 -35.42 -9.72 -2.15
N ASP C 244 -36.24 -9.31 -3.08
CA ASP C 244 -37.19 -8.24 -2.85
C ASP C 244 -38.20 -8.56 -1.71
N LYS C 245 -38.40 -9.83 -1.42
CA LYS C 245 -39.33 -10.23 -0.35
C LYS C 245 -38.83 -9.88 1.04
N ALA C 246 -37.53 -9.62 1.23
CA ALA C 246 -36.98 -9.27 2.54
C ALA C 246 -36.66 -7.74 2.63
N ALA C 247 -37.41 -6.95 1.90
CA ALA C 247 -37.17 -5.52 1.85
C ALA C 247 -37.30 -4.84 3.17
N TYR C 248 -38.14 -5.34 4.09
CA TYR C 248 -38.34 -4.69 5.37
C TYR C 248 -37.44 -5.17 6.48
N CYS C 249 -36.44 -6.02 6.17
CA CYS C 249 -35.51 -6.46 7.17
C CYS C 249 -34.12 -5.78 6.87
N THR C 250 -33.49 -5.22 7.88
CA THR C 250 -32.11 -4.66 7.65
C THR C 250 -31.30 -4.59 8.90
N GLY C 251 -29.96 -4.62 8.79
CA GLY C 251 -29.07 -4.62 9.93
C GLY C 251 -29.02 -5.85 10.81
N GLN C 252 -29.47 -7.00 10.31
CA GLN C 252 -29.63 -8.13 11.16
C GLN C 252 -28.38 -9.05 11.20
N SER C 253 -28.26 -9.80 12.26
CA SER C 253 -27.31 -10.93 12.38
C SER C 253 -28.18 -12.17 12.27
N ILE C 254 -28.21 -12.81 11.13
CA ILE C 254 -29.17 -13.92 10.94
C ILE C 254 -28.49 -15.19 11.28
N ASN C 255 -28.98 -15.89 12.29
CA ASN C 255 -28.31 -17.17 12.66
C ASN C 255 -28.64 -18.33 11.70
N VAL C 256 -27.62 -19.13 11.37
CA VAL C 256 -27.75 -20.31 10.54
C VAL C 256 -26.99 -21.41 11.26
N THR C 257 -27.51 -21.80 12.42
CA THR C 257 -26.74 -22.59 13.39
C THR C 257 -27.38 -23.93 13.92
N GLY C 258 -28.49 -24.29 13.31
CA GLY C 258 -29.19 -25.43 13.63
C GLY C 258 -29.72 -25.31 15.07
N GLY C 259 -30.01 -24.07 15.48
CA GLY C 259 -30.43 -23.82 16.87
C GLY C 259 -29.39 -23.67 17.94
N GLN C 260 -28.10 -23.77 17.59
CA GLN C 260 -27.09 -23.64 18.62
C GLN C 260 -27.06 -22.26 19.22
N VAL C 261 -27.36 -21.23 18.42
CA VAL C 261 -27.49 -19.86 18.92
C VAL C 261 -28.90 -19.35 18.64
N MET C 262 -29.61 -18.93 19.70
CA MET C 262 -30.99 -18.44 19.63
C MET C 262 -31.10 -16.97 20.00
N PHE C 263 -29.96 -16.31 20.31
CA PHE C 263 -29.95 -14.88 20.69
C PHE C 263 -29.38 -14.06 19.50
N GLU D 6 -48.80 -30.23 -0.81
CA GLU D 6 -49.79 -31.06 -0.04
C GLU D 6 -49.81 -30.71 1.48
N GLN D 7 -49.06 -29.71 1.89
CA GLN D 7 -48.97 -29.35 3.31
C GLN D 7 -50.22 -28.65 3.82
N VAL D 8 -50.49 -28.85 5.12
CA VAL D 8 -51.55 -28.19 5.83
C VAL D 8 -51.05 -27.14 6.85
N ALA D 9 -51.62 -25.94 6.77
CA ALA D 9 -51.32 -24.89 7.71
C ALA D 9 -52.60 -24.65 8.58
N VAL D 10 -52.37 -24.49 9.88
CA VAL D 10 -53.43 -24.28 10.86
C VAL D 10 -53.11 -22.90 11.34
N VAL D 11 -54.00 -21.93 11.13
CA VAL D 11 -53.76 -20.55 11.50
C VAL D 11 -54.70 -20.13 12.67
N ILE D 12 -54.16 -20.07 13.88
CA ILE D 12 -54.97 -19.74 15.04
C ILE D 12 -55.09 -18.20 15.01
N GLY D 13 -56.28 -17.68 15.08
CA GLY D 13 -56.46 -16.21 14.86
C GLY D 13 -56.64 -15.84 13.37
N GLY D 14 -57.06 -16.80 12.57
CA GLY D 14 -57.18 -16.67 11.11
C GLY D 14 -58.43 -15.89 10.64
N GLY D 15 -59.38 -15.65 11.52
CA GLY D 15 -60.65 -15.05 11.08
C GLY D 15 -60.65 -13.63 10.64
N GLN D 16 -59.66 -12.84 11.04
CA GLN D 16 -59.68 -11.44 10.69
C GLN D 16 -58.27 -10.87 10.46
N THR D 17 -58.21 -9.67 9.89
CA THR D 17 -57.07 -8.80 9.83
C THR D 17 -55.76 -9.56 9.42
N LEU D 18 -54.70 -9.54 10.23
CA LEU D 18 -53.40 -10.12 9.85
C LEU D 18 -53.54 -11.59 9.61
N GLY D 19 -54.24 -12.28 10.51
CA GLY D 19 -54.39 -13.66 10.43
C GLY D 19 -55.13 -14.14 9.18
N ALA D 20 -56.13 -13.40 8.77
CA ALA D 20 -56.85 -13.65 7.50
C ALA D 20 -55.94 -13.46 6.29
N PHE D 21 -55.14 -12.39 6.32
CA PHE D 21 -54.23 -12.11 5.26
C PHE D 21 -53.26 -13.26 5.13
N LEU D 22 -52.77 -13.83 6.25
CA LEU D 22 -51.87 -14.94 6.21
C LEU D 22 -52.51 -16.21 5.70
N CYS D 23 -53.76 -16.51 6.09
CA CYS D 23 -54.48 -17.66 5.55
C CYS D 23 -54.54 -17.61 4.00
N GLU D 24 -54.96 -16.50 3.46
CA GLU D 24 -55.03 -16.31 2.01
C GLU D 24 -53.66 -16.46 1.33
N GLY D 25 -52.64 -15.90 1.93
CA GLY D 25 -51.33 -16.01 1.40
C GLY D 25 -50.80 -17.43 1.46
N LEU D 26 -51.08 -18.16 2.52
CA LEU D 26 -50.69 -19.52 2.60
C LEU D 26 -51.34 -20.32 1.47
N ALA D 27 -52.59 -20.02 1.19
CA ALA D 27 -53.32 -20.76 0.17
C ALA D 27 -52.74 -20.39 -1.18
N GLN D 28 -52.43 -19.11 -1.40
CA GLN D 28 -51.74 -18.62 -2.60
C GLN D 28 -50.44 -19.46 -2.81
N ALA D 29 -49.65 -19.62 -1.75
CA ALA D 29 -48.47 -20.47 -1.79
C ALA D 29 -48.67 -22.01 -1.92
N GLY D 30 -49.87 -22.54 -1.91
CA GLY D 30 -50.09 -23.95 -2.07
C GLY D 30 -50.65 -24.73 -0.90
N TYR D 31 -50.73 -24.13 0.28
CA TYR D 31 -51.15 -24.85 1.49
C TYR D 31 -52.68 -25.02 1.53
N HIS D 32 -53.09 -26.15 2.05
CA HIS D 32 -54.44 -26.34 2.61
C HIS D 32 -54.45 -25.63 3.98
N VAL D 33 -55.52 -24.92 4.29
CA VAL D 33 -55.53 -24.00 5.42
C VAL D 33 -56.73 -24.33 6.33
N ALA D 34 -56.38 -24.59 7.57
CA ALA D 34 -57.35 -24.65 8.73
C ALA D 34 -57.46 -23.26 9.34
N VAL D 35 -58.52 -22.54 8.97
CA VAL D 35 -58.78 -21.20 9.46
C VAL D 35 -59.48 -21.37 10.84
N ALA D 36 -58.72 -21.10 11.90
CA ALA D 36 -59.23 -21.30 13.27
C ALA D 36 -59.35 -20.01 14.02
N ASP D 37 -60.50 -19.80 14.69
CA ASP D 37 -60.83 -18.50 15.23
C ASP D 37 -61.93 -18.59 16.29
N LEU D 38 -61.93 -17.61 17.15
CA LEU D 38 -62.97 -17.50 18.21
C LEU D 38 -64.34 -17.26 17.51
N ASN D 39 -64.34 -16.51 16.43
CA ASN D 39 -65.54 -16.25 15.63
C ASN D 39 -65.59 -17.27 14.50
N GLU D 40 -66.36 -18.30 14.68
CA GLU D 40 -66.48 -19.42 13.73
C GLU D 40 -67.03 -18.93 12.42
N SER D 41 -67.94 -17.97 12.50
CA SER D 41 -68.58 -17.36 11.30
C SER D 41 -67.56 -16.64 10.42
N ASN D 42 -66.70 -15.81 11.00
CA ASN D 42 -65.59 -15.21 10.20
C ASN D 42 -64.68 -16.31 9.64
N ALA D 43 -64.42 -17.37 10.39
CA ALA D 43 -63.53 -18.43 9.93
C ALA D 43 -64.09 -19.20 8.72
N ASN D 44 -65.33 -19.69 8.86
CA ASN D 44 -66.10 -20.36 7.78
C ASN D 44 -66.27 -19.56 6.51
N ARG D 45 -66.51 -18.25 6.63
CA ARG D 45 -66.59 -17.31 5.51
C ARG D 45 -65.24 -17.09 4.80
N LEU D 46 -64.18 -16.90 5.57
CA LEU D 46 -62.87 -16.90 4.95
C LEU D 46 -62.51 -18.16 4.22
N ALA D 47 -62.77 -19.32 4.79
CA ALA D 47 -62.59 -20.56 4.12
C ALA D 47 -63.35 -20.67 2.81
N ASP D 48 -64.58 -20.16 2.80
CA ASP D 48 -65.41 -20.13 1.57
C ASP D 48 -64.75 -19.31 0.51
N THR D 49 -64.15 -18.20 0.90
CA THR D 49 -63.51 -17.31 -0.04
C THR D 49 -62.24 -17.96 -0.68
N ILE D 50 -61.46 -18.62 0.14
CA ILE D 50 -60.27 -19.39 -0.32
C ILE D 50 -60.69 -20.53 -1.22
N ASN D 51 -61.75 -21.24 -0.88
CA ASN D 51 -62.24 -22.29 -1.72
C ASN D 51 -62.74 -21.83 -3.08
N SER D 52 -63.44 -20.73 -3.16
CA SER D 52 -63.86 -20.30 -4.47
C SER D 52 -62.64 -19.88 -5.32
N ARG D 53 -61.60 -19.32 -4.71
CA ARG D 53 -60.39 -18.82 -5.43
C ARG D 53 -59.37 -19.94 -5.71
N TYR D 54 -59.26 -20.95 -4.87
CA TYR D 54 -58.26 -22.04 -5.02
C TYR D 54 -58.77 -23.46 -5.23
N GLY D 55 -60.09 -23.64 -5.23
CA GLY D 55 -60.71 -24.94 -5.48
C GLY D 55 -61.26 -25.58 -4.23
N ALA D 56 -62.22 -26.47 -4.42
CA ALA D 56 -62.96 -27.11 -3.32
C ALA D 56 -62.01 -27.83 -2.37
N GLY D 57 -62.30 -27.70 -1.07
CA GLY D 57 -61.63 -28.46 -0.06
C GLY D 57 -60.27 -27.90 0.36
N ARG D 58 -59.88 -26.77 -0.19
CA ARG D 58 -58.58 -26.15 0.18
C ARG D 58 -58.51 -25.65 1.65
N ALA D 59 -59.63 -25.05 2.10
CA ALA D 59 -59.72 -24.48 3.41
C ALA D 59 -60.97 -24.95 4.14
N TYR D 60 -60.88 -25.01 5.47
CA TYR D 60 -62.09 -25.23 6.33
C TYR D 60 -61.97 -24.33 7.53
N GLY D 61 -63.13 -23.89 8.05
CA GLY D 61 -63.21 -23.00 9.19
C GLY D 61 -63.45 -23.82 10.47
N PHE D 62 -62.82 -23.37 11.58
CA PHE D 62 -62.97 -24.04 12.86
C PHE D 62 -63.17 -22.98 13.97
N LYS D 63 -63.95 -23.34 14.99
CA LYS D 63 -64.02 -22.58 16.23
C LYS D 63 -62.87 -22.98 17.13
N VAL D 64 -62.19 -21.99 17.69
CA VAL D 64 -61.27 -22.28 18.82
C VAL D 64 -61.16 -21.11 19.75
N ASP D 65 -61.11 -21.46 21.04
CA ASP D 65 -60.69 -20.60 22.12
C ASP D 65 -59.33 -21.13 22.64
N ALA D 66 -58.30 -20.45 22.21
CA ALA D 66 -56.95 -20.93 22.39
C ALA D 66 -56.51 -20.87 23.84
N THR D 67 -57.24 -20.13 24.65
CA THR D 67 -57.00 -20.04 26.10
C THR D 67 -57.57 -21.23 26.88
N ASP D 68 -58.39 -22.05 26.20
CA ASP D 68 -59.13 -23.19 26.78
C ASP D 68 -58.63 -24.51 26.32
N GLU D 69 -58.15 -25.32 27.25
CA GLU D 69 -57.50 -26.56 26.87
C GLU D 69 -58.43 -27.51 26.08
N ALA D 70 -59.69 -27.70 26.57
CA ALA D 70 -60.66 -28.54 25.86
C ALA D 70 -60.85 -28.07 24.42
N SER D 71 -61.09 -26.78 24.23
CA SER D 71 -61.26 -26.20 22.88
C SER D 71 -60.05 -26.46 21.94
N VAL D 72 -58.84 -26.39 22.49
CA VAL D 72 -57.65 -26.58 21.64
C VAL D 72 -57.51 -28.07 21.29
N GLU D 73 -57.79 -28.96 22.22
CA GLU D 73 -57.64 -30.39 21.97
C GLU D 73 -58.66 -30.77 20.95
N ALA D 74 -59.86 -30.15 21.02
CA ALA D 74 -60.92 -30.48 20.03
C ALA D 74 -60.55 -29.91 18.64
N LEU D 75 -59.98 -28.70 18.59
CA LEU D 75 -59.45 -28.19 17.36
C LEU D 75 -58.44 -29.13 16.74
N ALA D 76 -57.49 -29.66 17.48
CA ALA D 76 -56.49 -30.53 16.87
C ALA D 76 -57.10 -31.83 16.33
N ARG D 77 -58.06 -32.39 17.04
CA ARG D 77 -58.77 -33.54 16.53
C ARG D 77 -59.60 -33.27 15.24
N ALA D 78 -60.24 -32.10 15.19
CA ALA D 78 -61.07 -31.66 14.06
C ALA D 78 -60.21 -31.43 12.81
N VAL D 79 -59.00 -30.86 13.03
CA VAL D 79 -58.07 -30.68 11.93
C VAL D 79 -57.60 -32.00 11.38
N ASP D 80 -57.23 -32.89 12.29
CA ASP D 80 -56.75 -34.21 11.92
C ASP D 80 -57.84 -34.97 11.13
N GLU D 81 -59.08 -34.91 11.64
CA GLU D 81 -60.15 -35.61 10.93
C GLU D 81 -60.41 -35.01 9.56
N THR D 82 -60.26 -33.69 9.41
CA THR D 82 -60.53 -33.03 8.15
C THR D 82 -59.43 -33.26 7.11
N PHE D 83 -58.19 -32.95 7.50
CA PHE D 83 -57.01 -33.03 6.64
C PHE D 83 -56.14 -34.22 7.01
N GLY D 84 -55.31 -34.74 6.16
CA GLY D 84 -54.57 -35.90 6.82
C GLY D 84 -53.65 -35.69 8.06
N ARG D 85 -53.40 -34.43 8.48
CA ARG D 85 -52.10 -34.05 8.94
C ARG D 85 -52.06 -32.56 9.29
N ALA D 86 -50.98 -32.15 9.93
CA ALA D 86 -50.72 -30.77 10.20
C ALA D 86 -49.24 -30.54 9.94
N ASP D 87 -48.88 -29.54 9.12
CA ASP D 87 -47.44 -29.25 8.80
C ASP D 87 -46.92 -27.93 9.37
N LEU D 88 -47.78 -26.90 9.38
CA LEU D 88 -47.41 -25.61 9.91
C LEU D 88 -48.46 -25.11 10.88
N LEU D 89 -48.02 -24.73 12.08
CA LEU D 89 -48.83 -23.92 12.99
C LEU D 89 -48.42 -22.48 13.01
N VAL D 90 -49.38 -21.58 12.73
CA VAL D 90 -49.16 -20.15 12.88
C VAL D 90 -50.04 -19.69 14.06
N TYR D 91 -49.42 -19.04 15.06
CA TYR D 91 -50.17 -18.54 16.21
C TYR D 91 -50.26 -17.06 16.14
N SER D 92 -51.44 -16.54 15.88
CA SER D 92 -51.57 -15.12 15.79
C SER D 92 -52.66 -14.62 16.77
N ALA D 93 -52.24 -13.97 17.85
CA ALA D 93 -53.12 -13.41 18.81
C ALA D 93 -52.39 -12.40 19.64
N GLY D 94 -53.18 -11.59 20.34
CA GLY D 94 -52.69 -10.61 21.27
C GLY D 94 -52.87 -9.21 20.78
N VAL D 95 -53.36 -8.36 21.66
CA VAL D 95 -53.43 -6.94 21.40
C VAL D 95 -52.96 -6.21 22.67
N ALA D 96 -52.07 -5.25 22.55
CA ALA D 96 -51.54 -4.55 23.74
C ALA D 96 -52.66 -3.66 24.36
N LYS D 97 -52.73 -3.56 25.67
CA LYS D 97 -53.52 -2.54 26.40
C LYS D 97 -52.57 -1.67 27.21
N ALA D 98 -52.63 -0.35 27.02
CA ALA D 98 -51.64 0.56 27.55
C ALA D 98 -52.09 1.14 28.89
N ALA D 99 -51.33 0.92 29.93
CA ALA D 99 -51.51 1.62 31.22
C ALA D 99 -50.19 1.69 31.95
N PRO D 100 -49.92 2.82 32.65
CA PRO D 100 -48.75 2.80 33.52
C PRO D 100 -48.92 1.72 34.54
N ILE D 101 -47.82 1.13 35.00
CA ILE D 101 -47.87 0.00 35.95
C ILE D 101 -48.76 0.31 37.19
N THR D 102 -48.65 1.53 37.65
CA THR D 102 -49.41 2.06 38.77
C THR D 102 -50.93 1.80 38.67
N GLN D 103 -51.43 1.83 37.43
CA GLN D 103 -52.84 1.62 37.09
C GLN D 103 -53.15 0.33 36.36
N PHE D 104 -52.14 -0.51 36.17
CA PHE D 104 -52.32 -1.62 35.31
C PHE D 104 -53.21 -2.67 36.01
N ARG D 105 -54.27 -3.13 35.39
CA ARG D 105 -55.11 -4.06 36.11
C ARG D 105 -54.63 -5.48 36.05
N LEU D 106 -54.83 -6.20 37.12
CA LEU D 106 -54.45 -7.61 37.17
C LEU D 106 -55.18 -8.43 36.13
N THR D 107 -56.45 -8.14 35.92
CA THR D 107 -57.28 -8.90 34.95
C THR D 107 -56.70 -8.83 33.53
N ASP D 108 -56.23 -7.65 33.13
CA ASP D 108 -55.66 -7.40 31.82
C ASP D 108 -54.30 -8.08 31.71
N PHE D 109 -53.51 -8.07 32.79
CA PHE D 109 -52.17 -8.73 32.81
C PHE D 109 -52.31 -10.21 32.66
N ASP D 110 -53.23 -10.77 33.44
CA ASP D 110 -53.59 -12.15 33.33
C ASP D 110 -54.13 -12.54 31.94
N LEU D 111 -55.03 -11.73 31.38
CA LEU D 111 -55.52 -12.00 30.06
C LEU D 111 -54.39 -11.89 29.03
N SER D 112 -53.46 -10.94 29.17
CA SER D 112 -52.38 -10.85 28.16
C SER D 112 -51.61 -12.17 28.21
N LEU D 113 -51.41 -12.77 29.40
CA LEU D 113 -50.68 -14.01 29.46
C LEU D 113 -51.43 -15.17 28.83
N GLN D 114 -52.76 -15.15 29.05
CA GLN D 114 -53.61 -16.24 28.57
C GLN D 114 -53.61 -16.30 27.05
N VAL D 115 -53.80 -15.13 26.46
CA VAL D 115 -54.01 -15.05 25.06
C VAL D 115 -52.67 -15.20 24.34
N ASN D 116 -51.66 -14.47 24.80
CA ASN D 116 -50.36 -14.48 24.08
C ASN D 116 -49.45 -15.63 24.40
N LEU D 117 -49.55 -16.18 25.58
CA LEU D 117 -48.70 -17.22 26.00
C LEU D 117 -49.29 -18.57 26.27
N VAL D 118 -50.34 -18.64 27.10
CA VAL D 118 -50.92 -19.92 27.40
C VAL D 118 -51.47 -20.58 26.11
N GLY D 119 -52.17 -19.81 25.29
CA GLY D 119 -52.65 -20.33 24.00
C GLY D 119 -51.58 -20.82 23.05
N TYR D 120 -50.41 -20.13 23.05
CA TYR D 120 -49.29 -20.51 22.23
C TYR D 120 -48.77 -21.86 22.72
N PHE D 121 -48.70 -22.02 24.04
CA PHE D 121 -48.27 -23.26 24.62
C PHE D 121 -49.23 -24.41 24.28
N LEU D 122 -50.53 -24.21 24.48
CA LEU D 122 -51.53 -25.24 24.20
C LEU D 122 -51.52 -25.67 22.74
N CYS D 123 -51.65 -24.71 21.85
CA CYS D 123 -51.58 -25.01 20.41
C CYS D 123 -50.30 -25.71 19.99
N SER D 124 -49.14 -25.25 20.51
CA SER D 124 -47.88 -25.88 20.16
C SER D 124 -47.90 -27.36 20.61
N ARG D 125 -48.41 -27.57 21.81
CA ARG D 125 -48.41 -28.88 22.40
C ARG D 125 -49.21 -29.83 21.56
N GLU D 126 -50.46 -29.45 21.27
CA GLU D 126 -51.38 -30.37 20.53
C GLU D 126 -50.96 -30.63 19.10
N PHE D 127 -50.60 -29.56 18.40
CA PHE D 127 -50.17 -29.72 17.02
C PHE D 127 -48.81 -30.40 16.82
N SER D 128 -47.87 -30.23 17.74
CA SER D 128 -46.61 -30.96 17.69
C SER D 128 -46.82 -32.43 17.83
N LYS D 129 -47.81 -32.88 18.64
CA LYS D 129 -48.04 -34.29 18.75
C LYS D 129 -48.48 -34.84 17.47
N LEU D 130 -49.34 -34.14 16.71
CA LEU D 130 -49.68 -34.55 15.32
C LEU D 130 -48.54 -34.63 14.32
N MET D 131 -47.61 -33.66 14.38
CA MET D 131 -46.44 -33.66 13.53
C MET D 131 -45.59 -34.91 13.89
N ILE D 132 -45.43 -35.17 15.18
CA ILE D 132 -44.56 -36.24 15.62
C ILE D 132 -45.17 -37.58 15.19
N ARG D 133 -46.47 -37.73 15.39
CA ARG D 133 -47.21 -38.93 15.02
C ARG D 133 -46.99 -39.36 13.60
N ASP D 134 -47.08 -38.41 12.68
CA ASP D 134 -46.88 -38.64 11.27
C ASP D 134 -45.43 -38.48 10.75
N GLY D 135 -44.45 -38.20 11.58
CA GLY D 135 -43.03 -37.95 11.16
C GLY D 135 -42.84 -36.76 10.25
N ILE D 136 -43.69 -35.76 10.40
CA ILE D 136 -43.60 -34.51 9.66
C ILE D 136 -42.54 -33.56 10.24
N LYS D 137 -41.70 -33.06 9.37
CA LYS D 137 -40.63 -32.12 9.77
C LYS D 137 -41.29 -30.76 9.76
N GLY D 138 -42.02 -30.48 10.81
CA GLY D 138 -43.04 -29.40 10.73
C GLY D 138 -42.45 -28.10 11.18
N ARG D 139 -43.36 -27.16 11.30
CA ARG D 139 -43.07 -25.72 11.50
C ARG D 139 -44.07 -25.11 12.50
N ILE D 140 -43.56 -24.32 13.44
CA ILE D 140 -44.38 -23.58 14.41
C ILE D 140 -43.92 -22.16 14.35
N ILE D 141 -44.86 -21.28 14.01
CA ILE D 141 -44.45 -19.86 13.87
C ILE D 141 -45.35 -18.92 14.64
N GLN D 142 -44.73 -18.20 15.56
CA GLN D 142 -45.45 -17.28 16.42
C GLN D 142 -45.40 -15.88 15.89
N ILE D 143 -46.54 -15.19 15.77
CA ILE D 143 -46.50 -13.76 15.56
C ILE D 143 -46.27 -13.09 16.89
N ASN D 144 -45.18 -12.31 16.95
CA ASN D 144 -44.76 -11.60 18.12
C ASN D 144 -44.54 -10.14 17.72
N SER D 145 -43.72 -9.40 18.44
CA SER D 145 -43.66 -7.97 18.32
C SER D 145 -42.24 -7.50 18.72
N LYS D 146 -41.86 -6.33 18.23
CA LYS D 146 -40.70 -5.65 18.75
C LYS D 146 -40.85 -5.43 20.27
N SER D 147 -42.08 -5.44 20.80
CA SER D 147 -42.24 -5.37 22.25
C SER D 147 -41.92 -6.67 22.95
N GLY D 148 -41.59 -7.72 22.21
CA GLY D 148 -40.97 -8.91 22.78
C GLY D 148 -39.42 -8.91 22.71
N LYS D 149 -38.87 -7.84 22.18
CA LYS D 149 -37.38 -7.61 22.08
C LYS D 149 -36.93 -6.50 23.02
N VAL D 150 -37.76 -5.45 23.13
CA VAL D 150 -37.54 -4.32 24.03
C VAL D 150 -38.84 -4.10 24.84
N GLY D 151 -38.75 -3.91 26.14
CA GLY D 151 -39.94 -3.64 26.91
C GLY D 151 -40.53 -2.36 26.45
N SER D 152 -41.85 -2.23 26.54
CA SER D 152 -42.51 -1.06 26.00
C SER D 152 -43.12 -0.34 27.20
N LYS D 153 -42.91 0.96 27.22
CA LYS D 153 -43.47 1.82 28.26
C LYS D 153 -45.00 1.74 28.22
N HIS D 154 -45.59 1.56 29.40
CA HIS D 154 -47.00 1.49 29.63
C HIS D 154 -47.63 0.24 29.00
N ASN D 155 -46.83 -0.75 28.64
CA ASN D 155 -47.32 -2.00 28.12
C ASN D 155 -46.74 -3.19 28.82
N SER D 156 -46.70 -3.14 30.15
CA SER D 156 -46.03 -4.20 30.91
C SER D 156 -46.59 -5.60 30.65
N GLY D 157 -47.88 -5.66 30.49
CA GLY D 157 -48.59 -6.90 30.23
C GLY D 157 -48.25 -7.50 28.88
N TYR D 158 -48.19 -6.64 27.88
CA TYR D 158 -47.90 -7.07 26.52
C TYR D 158 -46.45 -7.48 26.46
N SER D 159 -45.55 -6.69 26.98
CA SER D 159 -44.14 -7.10 26.98
C SER D 159 -43.80 -8.34 27.78
N ALA D 160 -44.33 -8.49 28.99
CA ALA D 160 -44.11 -9.70 29.71
C ALA D 160 -44.55 -10.91 28.89
N ALA D 161 -45.71 -10.81 28.29
CA ALA D 161 -46.30 -11.96 27.53
C ALA D 161 -45.51 -12.29 26.26
N LYS D 162 -45.05 -11.25 25.58
CA LYS D 162 -44.34 -11.43 24.30
C LYS D 162 -42.89 -11.89 24.49
N PHE D 163 -42.17 -11.30 25.46
CA PHE D 163 -40.88 -11.85 25.90
C PHE D 163 -41.06 -13.28 26.31
N GLY D 164 -42.14 -13.54 27.07
CA GLY D 164 -42.49 -14.94 27.38
C GLY D 164 -42.55 -15.85 26.19
N GLY D 165 -43.19 -15.38 25.12
CA GLY D 165 -43.33 -16.16 23.87
C GLY D 165 -42.00 -16.56 23.28
N VAL D 166 -41.01 -15.66 23.42
CA VAL D 166 -39.65 -15.92 22.98
C VAL D 166 -39.06 -17.11 23.74
N GLY D 167 -39.13 -17.07 25.06
CA GLY D 167 -38.61 -18.12 25.91
C GLY D 167 -39.26 -19.44 25.52
N LEU D 168 -40.58 -19.39 25.36
CA LEU D 168 -41.38 -20.59 24.91
C LEU D 168 -40.89 -21.13 23.59
N THR D 169 -40.75 -20.24 22.60
CA THR D 169 -40.15 -20.60 21.29
C THR D 169 -38.84 -21.33 21.45
N GLN D 170 -37.96 -20.81 22.29
CA GLN D 170 -36.62 -21.39 22.41
C GLN D 170 -36.75 -22.77 23.08
N SER D 171 -37.61 -22.89 24.08
CA SER D 171 -37.80 -24.19 24.72
C SER D 171 -38.42 -25.24 23.82
N LEU D 172 -39.48 -24.86 23.11
CA LEU D 172 -40.14 -25.66 22.10
C LEU D 172 -39.14 -26.04 21.05
N ALA D 173 -38.34 -25.08 20.59
CA ALA D 173 -37.28 -25.49 19.57
C ALA D 173 -36.35 -26.62 20.07
N LEU D 174 -35.89 -26.49 21.32
CA LEU D 174 -35.03 -27.50 21.95
C LEU D 174 -35.75 -28.85 22.13
N ASP D 175 -37.00 -28.79 22.50
CA ASP D 175 -37.81 -30.05 22.70
C ASP D 175 -38.16 -30.78 21.43
N LEU D 176 -38.33 -30.08 20.32
CA LEU D 176 -38.81 -30.72 19.13
C LEU D 176 -37.82 -30.89 18.03
N ALA D 177 -36.59 -30.40 18.23
CA ALA D 177 -35.59 -30.47 17.20
C ALA D 177 -35.29 -31.90 16.83
N GLU D 178 -35.36 -32.80 17.79
CA GLU D 178 -35.10 -34.20 17.46
C GLU D 178 -36.11 -34.75 16.47
N TYR D 179 -37.26 -34.10 16.37
CA TYR D 179 -38.27 -34.56 15.42
C TYR D 179 -38.24 -33.78 14.15
N GLY D 180 -37.26 -32.88 13.98
CA GLY D 180 -37.17 -32.12 12.73
C GLY D 180 -38.19 -30.99 12.66
N ILE D 181 -38.73 -30.58 13.80
CA ILE D 181 -39.71 -29.50 13.81
C ILE D 181 -38.97 -28.22 14.25
N THR D 182 -39.13 -27.14 13.52
CA THR D 182 -38.44 -25.90 13.85
C THR D 182 -39.46 -24.93 14.37
N VAL D 183 -39.03 -23.95 15.21
CA VAL D 183 -39.94 -23.06 15.91
C VAL D 183 -39.35 -21.65 15.90
N HIS D 184 -40.16 -20.65 15.48
CA HIS D 184 -39.70 -19.29 15.44
C HIS D 184 -40.78 -18.33 15.91
N SER D 185 -40.32 -17.20 16.42
CA SER D 185 -41.07 -15.98 16.63
C SER D 185 -40.71 -14.81 15.64
N LEU D 186 -41.73 -14.18 15.11
CA LEU D 186 -41.55 -13.06 14.23
C LEU D 186 -41.79 -11.78 14.96
N MET D 187 -40.76 -10.91 15.09
CA MET D 187 -40.87 -9.77 15.95
C MET D 187 -41.24 -8.60 15.08
N LEU D 188 -42.54 -8.33 15.00
CA LEU D 188 -43.09 -7.36 14.04
C LEU D 188 -42.94 -5.95 14.47
N GLY D 189 -42.69 -5.08 13.52
CA GLY D 189 -42.82 -3.62 13.75
C GLY D 189 -44.30 -3.25 13.86
N ASN D 190 -44.56 -1.95 13.82
CA ASN D 190 -45.91 -1.40 13.90
C ASN D 190 -46.70 -1.57 12.59
N LEU D 191 -47.89 -2.12 12.65
CA LEU D 191 -48.67 -2.45 11.47
C LEU D 191 -49.53 -1.19 11.27
N LEU D 192 -48.90 -0.09 10.94
CA LEU D 192 -49.56 1.24 10.88
C LEU D 192 -50.87 1.32 10.13
N LYS D 193 -51.03 0.51 9.09
CA LYS D 193 -52.28 0.50 8.32
C LYS D 193 -53.38 -0.40 8.84
N SER D 194 -53.10 -1.28 9.77
CA SER D 194 -54.11 -2.20 10.27
C SER D 194 -55.30 -1.45 10.92
N PRO D 195 -56.53 -1.99 10.80
CA PRO D 195 -57.67 -1.29 11.38
C PRO D 195 -57.48 -1.06 12.86
N MET D 196 -56.86 -2.00 13.59
CA MET D 196 -56.59 -1.71 15.02
C MET D 196 -55.73 -0.44 15.18
N PHE D 197 -54.58 -0.37 14.50
CA PHE D 197 -53.69 0.77 14.65
C PHE D 197 -54.43 2.05 14.32
N GLN D 198 -55.23 2.03 13.26
CA GLN D 198 -56.02 3.19 12.81
C GLN D 198 -56.99 3.70 13.87
N SER D 199 -57.64 2.77 14.58
CA SER D 199 -58.60 3.13 15.59
C SER D 199 -57.94 3.84 16.77
N LEU D 200 -56.67 3.56 17.03
CA LEU D 200 -56.00 4.01 18.22
C LEU D 200 -55.26 5.29 18.03
N LEU D 201 -55.30 5.84 16.82
CA LEU D 201 -54.60 7.10 16.51
C LEU D 201 -54.94 8.18 17.56
N PRO D 202 -56.26 8.40 17.87
CA PRO D 202 -56.52 9.44 18.89
C PRO D 202 -55.88 9.16 20.27
N GLN D 203 -55.90 7.89 20.70
CA GLN D 203 -55.30 7.51 21.97
C GLN D 203 -53.78 7.69 21.98
N TYR D 204 -53.10 7.39 20.86
CA TYR D 204 -51.64 7.63 20.78
C TYR D 204 -51.34 9.10 20.61
N ALA D 205 -52.20 9.81 19.89
CA ALA D 205 -52.07 11.28 19.79
C ALA D 205 -51.92 11.95 21.19
N GLU D 206 -52.87 11.69 22.07
CA GLU D 206 -52.78 12.23 23.44
C GLU D 206 -51.53 11.69 24.12
N LYS D 207 -51.43 10.37 24.24
CA LYS D 207 -50.33 9.71 24.97
C LYS D 207 -48.95 10.27 24.65
N LEU D 208 -48.74 10.59 23.37
CA LEU D 208 -47.53 11.27 22.88
C LEU D 208 -47.54 12.79 23.17
N GLY D 209 -48.67 13.43 22.90
CA GLY D 209 -48.83 14.88 23.06
C GLY D 209 -48.75 15.59 21.71
N ILE D 210 -49.52 15.10 20.74
CA ILE D 210 -49.46 15.56 19.34
C ILE D 210 -50.82 15.27 18.71
N THR D 211 -51.07 15.76 17.50
CA THR D 211 -52.34 15.48 16.80
C THR D 211 -52.41 14.05 16.28
N PRO D 212 -53.65 13.55 16.04
CA PRO D 212 -53.88 12.25 15.39
C PRO D 212 -53.18 12.08 14.04
N GLU D 213 -53.17 13.14 13.23
CA GLU D 213 -52.60 13.08 11.87
C GLU D 213 -51.06 12.85 11.81
N GLU D 214 -50.36 13.28 12.88
CA GLU D 214 -48.93 13.26 12.97
C GLU D 214 -48.43 11.91 13.56
N VAL D 215 -49.35 11.06 14.05
CA VAL D 215 -48.97 9.78 14.72
C VAL D 215 -48.14 8.90 13.74
N GLU D 216 -48.73 8.55 12.58
CA GLU D 216 -48.07 7.73 11.59
C GLU D 216 -46.69 8.26 11.22
N PRO D 217 -46.55 9.58 10.98
CA PRO D 217 -45.21 10.10 10.78
C PRO D 217 -44.38 10.05 12.03
N TYR D 218 -44.93 10.20 13.24
CA TYR D 218 -44.06 10.06 14.40
C TYR D 218 -43.42 8.61 14.40
N TYR D 219 -44.25 7.58 14.19
CA TYR D 219 -43.72 6.20 14.25
C TYR D 219 -42.89 5.83 13.02
N VAL D 220 -43.21 6.40 11.84
CA VAL D 220 -42.46 6.17 10.62
C VAL D 220 -41.00 6.63 10.80
N ASP D 221 -40.84 7.73 11.50
CA ASP D 221 -39.53 8.38 11.72
C ASP D 221 -38.58 7.59 12.56
N LYS D 222 -39.12 6.75 13.43
CA LYS D 222 -38.30 5.87 14.26
C LYS D 222 -37.74 4.74 13.44
N VAL D 223 -38.29 4.55 12.25
CA VAL D 223 -37.87 3.41 11.41
C VAL D 223 -36.78 3.90 10.42
N PRO D 224 -35.60 3.24 10.43
CA PRO D 224 -34.61 3.56 9.39
C PRO D 224 -35.10 3.44 7.97
N LEU D 225 -35.89 2.42 7.62
CA LEU D 225 -36.40 2.32 6.31
C LEU D 225 -37.60 3.27 6.00
N LYS D 226 -38.08 3.95 7.02
CA LYS D 226 -39.08 5.01 6.86
C LYS D 226 -40.42 4.56 6.28
N ARG D 227 -40.86 3.40 6.72
CA ARG D 227 -42.27 3.02 6.63
C ARG D 227 -42.66 2.04 7.72
N GLY D 228 -43.96 1.75 7.81
CA GLY D 228 -44.52 0.79 8.79
C GLY D 228 -44.42 -0.61 8.20
N CYS D 229 -44.79 -1.62 8.99
CA CYS D 229 -44.71 -3.03 8.63
C CYS D 229 -45.96 -3.32 7.83
N ASP D 230 -45.85 -4.06 6.75
CA ASP D 230 -46.98 -4.37 5.90
C ASP D 230 -47.31 -5.83 6.18
N TYR D 231 -48.59 -6.19 5.99
CA TYR D 231 -48.92 -7.62 6.04
C TYR D 231 -48.11 -8.49 5.11
N GLN D 232 -47.77 -7.97 3.91
CA GLN D 232 -46.93 -8.71 2.97
C GLN D 232 -45.54 -9.01 3.54
N ASP D 233 -44.98 -8.10 4.34
CA ASP D 233 -43.64 -8.35 4.90
C ASP D 233 -43.69 -9.58 5.85
N VAL D 234 -44.75 -9.61 6.64
CA VAL D 234 -45.03 -10.67 7.52
C VAL D 234 -45.11 -11.99 6.78
N LEU D 235 -45.98 -12.03 5.76
CA LEU D 235 -46.19 -13.22 4.98
C LEU D 235 -44.91 -13.65 4.29
N ASN D 236 -44.12 -12.70 3.81
CA ASN D 236 -42.83 -13.06 3.16
C ASN D 236 -41.87 -13.78 4.05
N VAL D 237 -41.69 -13.24 5.25
CA VAL D 237 -40.81 -13.85 6.24
C VAL D 237 -41.34 -15.20 6.73
N LEU D 238 -42.62 -15.22 7.02
CA LEU D 238 -43.26 -16.45 7.39
C LEU D 238 -43.06 -17.57 6.39
N LEU D 239 -43.27 -17.29 5.12
CA LEU D 239 -43.16 -18.36 4.10
C LEU D 239 -41.74 -18.91 3.96
N PHE D 240 -40.77 -18.03 4.20
CA PHE D 240 -39.39 -18.49 4.14
C PHE D 240 -39.10 -19.47 5.27
N TYR D 241 -39.34 -19.05 6.54
CA TYR D 241 -39.06 -19.86 7.74
C TYR D 241 -39.89 -21.13 7.85
N ALA D 242 -41.08 -21.09 7.24
CA ALA D 242 -41.93 -22.26 7.10
C ALA D 242 -41.50 -23.22 6.02
N SER D 243 -40.64 -22.77 5.08
CA SER D 243 -40.21 -23.60 3.96
C SER D 243 -39.10 -24.58 4.35
N ASP D 244 -38.92 -25.59 3.50
CA ASP D 244 -37.74 -26.46 3.65
C ASP D 244 -36.38 -25.73 3.34
N LYS D 245 -36.44 -24.52 2.85
CA LYS D 245 -35.21 -23.75 2.65
C LYS D 245 -34.64 -23.17 3.95
N ALA D 246 -35.43 -23.14 5.02
CA ALA D 246 -34.90 -22.70 6.31
C ALA D 246 -34.83 -23.87 7.31
N ALA D 247 -34.43 -25.03 6.84
CA ALA D 247 -34.38 -26.18 7.72
C ALA D 247 -33.32 -26.13 8.79
N TYR D 248 -32.28 -25.33 8.60
CA TYR D 248 -31.22 -25.25 9.61
C TYR D 248 -31.32 -24.03 10.55
N CYS D 249 -32.49 -23.42 10.58
CA CYS D 249 -32.81 -22.34 11.48
C CYS D 249 -33.92 -22.79 12.44
N THR D 250 -33.67 -22.71 13.74
CA THR D 250 -34.65 -22.99 14.75
C THR D 250 -34.44 -22.20 16.02
N GLY D 251 -35.54 -21.86 16.68
CA GLY D 251 -35.52 -21.18 17.95
C GLY D 251 -35.35 -19.69 17.86
N GLN D 252 -35.51 -19.12 16.67
CA GLN D 252 -35.11 -17.73 16.48
C GLN D 252 -36.19 -16.68 16.78
N SER D 253 -35.72 -15.48 17.04
CA SER D 253 -36.56 -14.25 17.13
C SER D 253 -36.29 -13.41 15.88
N ILE D 254 -37.14 -13.45 14.88
CA ILE D 254 -36.80 -12.91 13.56
C ILE D 254 -37.40 -11.52 13.48
N ASN D 255 -36.57 -10.53 13.38
CA ASN D 255 -37.09 -9.14 13.33
C ASN D 255 -37.65 -8.81 11.97
N VAL D 256 -38.83 -8.16 12.00
CA VAL D 256 -39.40 -7.63 10.83
C VAL D 256 -39.79 -6.18 11.18
N THR D 257 -38.77 -5.29 11.23
CA THR D 257 -38.92 -3.95 11.86
C THR D 257 -38.40 -2.75 11.08
N GLY D 258 -37.95 -2.97 9.87
CA GLY D 258 -37.42 -1.88 9.04
C GLY D 258 -36.11 -1.36 9.59
N GLY D 259 -35.44 -2.22 10.35
CA GLY D 259 -34.17 -1.89 11.04
C GLY D 259 -34.28 -1.18 12.38
N GLN D 260 -35.49 -1.03 12.89
CA GLN D 260 -35.68 -0.45 14.22
C GLN D 260 -35.07 -1.27 15.33
N VAL D 261 -35.04 -2.59 15.16
CA VAL D 261 -34.48 -3.45 16.14
C VAL D 261 -33.41 -4.28 15.37
N MET D 262 -32.17 -4.13 15.75
CA MET D 262 -31.08 -4.94 15.12
C MET D 262 -30.37 -5.97 16.01
N PHE D 263 -30.77 -6.05 17.27
CA PHE D 263 -30.23 -7.07 18.25
C PHE D 263 -31.32 -8.19 18.40
N GLU E 6 21.37 -28.08 -38.32
CA GLU E 6 21.03 -26.68 -38.72
C GLU E 6 21.43 -25.61 -37.68
N GLN E 7 22.12 -25.98 -36.63
CA GLN E 7 22.31 -25.06 -35.49
C GLN E 7 23.41 -24.03 -35.79
N VAL E 8 23.24 -22.85 -35.23
CA VAL E 8 24.18 -21.73 -35.33
C VAL E 8 24.87 -21.38 -33.97
N ALA E 9 26.18 -21.39 -33.95
CA ALA E 9 27.00 -20.91 -32.82
C ALA E 9 27.64 -19.61 -33.09
N VAL E 10 27.42 -18.69 -32.17
CA VAL E 10 28.16 -17.47 -32.13
C VAL E 10 29.22 -17.49 -31.11
N VAL E 11 30.48 -17.16 -31.46
CA VAL E 11 31.58 -17.28 -30.55
C VAL E 11 32.21 -15.92 -30.48
N ILE E 12 32.04 -15.27 -29.34
CA ILE E 12 32.63 -13.95 -29.09
C ILE E 12 34.02 -14.16 -28.56
N GLY E 13 34.99 -13.52 -29.18
CA GLY E 13 36.37 -13.85 -28.96
C GLY E 13 36.86 -15.00 -29.80
N GLY E 14 36.20 -15.28 -30.94
CA GLY E 14 36.64 -16.38 -31.81
C GLY E 14 37.90 -16.22 -32.64
N GLY E 15 38.56 -15.05 -32.54
CA GLY E 15 39.58 -14.75 -33.49
C GLY E 15 40.94 -15.37 -33.26
N GLN E 16 41.22 -15.80 -32.05
CA GLN E 16 42.51 -16.35 -31.73
C GLN E 16 42.46 -17.41 -30.65
N THR E 17 43.56 -18.17 -30.57
CA THR E 17 43.87 -19.12 -29.50
C THR E 17 42.64 -19.99 -29.09
N LEU E 18 42.24 -19.96 -27.80
CA LEU E 18 41.17 -20.87 -27.37
C LEU E 18 39.93 -20.65 -28.15
N GLY E 19 39.49 -19.39 -28.28
CA GLY E 19 38.21 -19.09 -28.99
C GLY E 19 38.18 -19.64 -30.44
N ALA E 20 39.29 -19.46 -31.09
CA ALA E 20 39.46 -19.89 -32.46
C ALA E 20 39.37 -21.42 -32.51
N PHE E 21 40.01 -22.14 -31.57
CA PHE E 21 39.86 -23.61 -31.59
C PHE E 21 38.38 -24.00 -31.38
N LEU E 22 37.67 -23.30 -30.46
CA LEU E 22 36.24 -23.58 -30.16
C LEU E 22 35.41 -23.35 -31.40
N CYS E 23 35.72 -22.31 -32.24
CA CYS E 23 35.05 -22.13 -33.52
C CYS E 23 35.34 -23.33 -34.48
N GLU E 24 36.58 -23.76 -34.58
CA GLU E 24 36.82 -24.92 -35.45
C GLU E 24 36.09 -26.18 -35.01
N GLY E 25 36.15 -26.42 -33.72
CA GLY E 25 35.53 -27.60 -33.17
C GLY E 25 34.02 -27.67 -33.29
N LEU E 26 33.38 -26.49 -33.12
CA LEU E 26 31.94 -26.40 -33.38
C LEU E 26 31.61 -26.65 -34.80
N ALA E 27 32.40 -26.09 -35.71
CA ALA E 27 32.23 -26.35 -37.16
C ALA E 27 32.37 -27.84 -37.45
N GLN E 28 33.40 -28.44 -36.89
CA GLN E 28 33.65 -29.92 -37.05
C GLN E 28 32.47 -30.77 -36.54
N ALA E 29 31.83 -30.33 -35.48
CA ALA E 29 30.63 -30.94 -34.94
C ALA E 29 29.32 -30.69 -35.71
N GLY E 30 29.33 -29.87 -36.76
CA GLY E 30 28.07 -29.66 -37.52
C GLY E 30 27.49 -28.26 -37.44
N TYR E 31 28.00 -27.40 -36.56
CA TYR E 31 27.41 -26.07 -36.38
C TYR E 31 27.90 -25.14 -37.48
N HIS E 32 27.00 -24.26 -37.92
CA HIS E 32 27.44 -23.05 -38.63
C HIS E 32 27.96 -22.11 -37.59
N VAL E 33 29.03 -21.44 -37.90
CA VAL E 33 29.70 -20.60 -36.90
C VAL E 33 29.78 -19.13 -37.30
N ALA E 34 29.36 -18.26 -36.39
CA ALA E 34 29.58 -16.82 -36.50
C ALA E 34 30.82 -16.52 -35.69
N VAL E 35 31.96 -16.36 -36.39
CA VAL E 35 33.20 -16.02 -35.73
C VAL E 35 33.25 -14.50 -35.43
N ALA E 36 33.21 -14.10 -34.16
CA ALA E 36 33.12 -12.65 -33.76
C ALA E 36 34.32 -12.24 -32.91
N ASP E 37 34.96 -11.13 -33.31
CA ASP E 37 36.11 -10.67 -32.57
C ASP E 37 36.28 -9.17 -32.78
N LEU E 38 37.05 -8.58 -31.86
CA LEU E 38 37.56 -7.18 -32.00
C LEU E 38 38.41 -6.97 -33.27
N ASN E 39 39.34 -7.91 -33.50
CA ASN E 39 40.14 -7.92 -34.70
C ASN E 39 39.37 -8.58 -35.85
N GLU E 40 38.79 -7.75 -36.71
CA GLU E 40 37.87 -8.30 -37.75
C GLU E 40 38.59 -9.15 -38.79
N SER E 41 39.80 -8.76 -39.11
CA SER E 41 40.72 -9.50 -39.95
C SER E 41 40.94 -10.93 -39.37
N ASN E 42 41.16 -11.08 -38.08
CA ASN E 42 41.35 -12.45 -37.52
C ASN E 42 40.08 -13.28 -37.71
N ALA E 43 38.94 -12.68 -37.50
CA ALA E 43 37.67 -13.38 -37.49
C ALA E 43 37.41 -13.83 -38.91
N ASN E 44 37.73 -12.97 -39.86
CA ASN E 44 37.61 -13.30 -41.30
C ASN E 44 38.62 -14.37 -41.72
N ARG E 45 39.87 -14.26 -41.34
CA ARG E 45 40.84 -15.28 -41.63
C ARG E 45 40.46 -16.67 -41.07
N LEU E 46 39.93 -16.69 -39.85
CA LEU E 46 39.53 -17.94 -39.25
C LEU E 46 38.30 -18.58 -39.91
N ALA E 47 37.30 -17.77 -40.25
CA ALA E 47 36.13 -18.20 -41.00
C ALA E 47 36.56 -18.83 -42.36
N ASP E 48 37.47 -18.18 -43.10
CA ASP E 48 38.01 -18.76 -44.33
C ASP E 48 38.70 -20.13 -44.04
N THR E 49 39.49 -20.23 -43.02
CA THR E 49 40.25 -21.45 -42.67
C THR E 49 39.23 -22.58 -42.37
N ILE E 50 38.18 -22.26 -41.65
CA ILE E 50 37.15 -23.19 -41.37
C ILE E 50 36.47 -23.65 -42.66
N ASN E 51 36.14 -22.70 -43.53
CA ASN E 51 35.62 -23.09 -44.81
C ASN E 51 36.55 -23.93 -45.67
N SER E 52 37.85 -23.63 -45.66
CA SER E 52 38.72 -24.51 -46.48
C SER E 52 38.86 -25.90 -45.81
N ARG E 53 38.84 -25.93 -44.50
CA ARG E 53 38.96 -27.22 -43.75
C ARG E 53 37.73 -28.10 -43.84
N TYR E 54 36.57 -27.49 -43.69
CA TYR E 54 35.34 -28.26 -43.46
C TYR E 54 34.22 -28.11 -44.51
N GLY E 55 34.35 -27.18 -45.46
CA GLY E 55 33.42 -27.06 -46.59
C GLY E 55 32.85 -25.67 -46.61
N ALA E 56 32.31 -25.30 -47.75
CA ALA E 56 31.79 -23.99 -48.01
C ALA E 56 30.60 -23.59 -47.15
N GLY E 57 30.54 -22.30 -46.82
CA GLY E 57 29.36 -21.77 -46.15
C GLY E 57 29.31 -22.10 -44.67
N ARG E 58 30.33 -22.77 -44.09
CA ARG E 58 30.24 -23.17 -42.66
C ARG E 58 30.43 -22.07 -41.68
N ALA E 59 31.30 -21.11 -42.00
CA ALA E 59 31.57 -20.02 -41.08
C ALA E 59 31.60 -18.69 -41.78
N TYR E 60 31.45 -17.65 -41.00
CA TYR E 60 31.43 -16.26 -41.45
C TYR E 60 32.01 -15.44 -40.29
N GLY E 61 32.72 -14.39 -40.63
CA GLY E 61 33.43 -13.59 -39.64
C GLY E 61 32.74 -12.24 -39.46
N PHE E 62 32.85 -11.70 -38.24
CA PHE E 62 32.18 -10.44 -37.83
C PHE E 62 33.07 -9.69 -36.90
N LYS E 63 32.89 -8.35 -36.93
CA LYS E 63 33.57 -7.45 -36.00
C LYS E 63 32.63 -7.24 -34.79
N VAL E 64 33.19 -7.22 -33.59
CA VAL E 64 32.39 -6.84 -32.41
C VAL E 64 33.35 -6.36 -31.35
N ASP E 65 32.94 -5.25 -30.73
CA ASP E 65 33.49 -4.80 -29.49
C ASP E 65 32.45 -5.16 -28.45
N ALA E 66 32.65 -6.30 -27.78
CA ALA E 66 31.67 -6.74 -26.77
C ALA E 66 31.41 -5.74 -25.64
N THR E 67 32.32 -4.79 -25.37
CA THR E 67 32.09 -3.83 -24.30
C THR E 67 31.19 -2.67 -24.72
N ASP E 68 30.89 -2.62 -26.00
CA ASP E 68 30.09 -1.50 -26.57
C ASP E 68 28.70 -1.97 -27.01
N GLU E 69 27.63 -1.35 -26.50
CA GLU E 69 26.23 -1.72 -26.81
C GLU E 69 25.79 -1.70 -28.29
N ALA E 70 26.07 -0.61 -29.02
CA ALA E 70 25.71 -0.56 -30.44
C ALA E 70 26.43 -1.63 -31.23
N SER E 71 27.70 -1.91 -30.88
CA SER E 71 28.46 -2.92 -31.61
C SER E 71 27.88 -4.33 -31.43
N VAL E 72 27.44 -4.65 -30.18
CA VAL E 72 26.76 -5.95 -29.87
C VAL E 72 25.42 -6.02 -30.53
N GLU E 73 24.66 -4.92 -30.56
CA GLU E 73 23.36 -4.94 -31.23
C GLU E 73 23.54 -5.14 -32.73
N ALA E 74 24.54 -4.49 -33.29
CA ALA E 74 24.81 -4.62 -34.71
C ALA E 74 25.28 -6.07 -35.04
N LEU E 75 26.07 -6.67 -34.13
CA LEU E 75 26.56 -8.06 -34.38
C LEU E 75 25.39 -8.95 -34.52
N ALA E 76 24.50 -8.87 -33.55
CA ALA E 76 23.26 -9.62 -33.53
C ALA E 76 22.38 -9.51 -34.73
N ARG E 77 22.13 -8.27 -35.17
CA ARG E 77 21.51 -8.03 -36.48
C ARG E 77 22.20 -8.71 -37.63
N ALA E 78 23.53 -8.68 -37.64
CA ALA E 78 24.32 -9.17 -38.78
C ALA E 78 24.33 -10.70 -38.77
N VAL E 79 24.31 -11.27 -37.56
CA VAL E 79 24.20 -12.74 -37.44
C VAL E 79 22.84 -13.19 -37.92
N ASP E 80 21.81 -12.52 -37.44
CA ASP E 80 20.44 -12.80 -37.90
C ASP E 80 20.30 -12.65 -39.47
N GLU E 81 20.80 -11.57 -40.01
CA GLU E 81 20.83 -11.37 -41.48
C GLU E 81 21.54 -12.52 -42.23
N THR E 82 22.68 -12.97 -41.70
CA THR E 82 23.49 -13.95 -42.38
C THR E 82 22.90 -15.37 -42.23
N PHE E 83 22.46 -15.74 -41.02
CA PHE E 83 22.05 -17.12 -40.72
C PHE E 83 20.59 -17.28 -40.40
N GLY E 84 19.90 -16.23 -39.99
CA GLY E 84 18.48 -16.37 -39.69
C GLY E 84 18.15 -16.84 -38.29
N ARG E 85 19.15 -17.16 -37.49
CA ARG E 85 18.93 -17.73 -36.16
C ARG E 85 20.18 -17.73 -35.34
N ALA E 86 20.04 -18.09 -34.06
CA ALA E 86 21.15 -18.19 -33.13
C ALA E 86 20.83 -19.35 -32.17
N ASP E 87 21.69 -20.35 -32.02
CA ASP E 87 21.35 -21.44 -31.15
C ASP E 87 22.22 -21.45 -29.92
N LEU E 88 23.46 -21.03 -30.07
CA LEU E 88 24.49 -21.20 -29.06
C LEU E 88 25.28 -19.93 -29.05
N LEU E 89 25.46 -19.40 -27.83
CA LEU E 89 26.41 -18.29 -27.60
C LEU E 89 27.56 -18.74 -26.75
N VAL E 90 28.80 -18.51 -27.22
CA VAL E 90 29.98 -18.80 -26.43
C VAL E 90 30.66 -17.48 -26.20
N TYR E 91 30.85 -17.11 -24.97
CA TYR E 91 31.49 -15.86 -24.58
C TYR E 91 32.90 -16.18 -24.05
N SER E 92 33.92 -15.73 -24.77
CA SER E 92 35.25 -15.97 -24.48
C SER E 92 36.07 -14.68 -24.47
N ALA E 93 36.35 -14.19 -23.28
CA ALA E 93 37.21 -13.01 -23.13
C ALA E 93 37.94 -12.97 -21.79
N GLY E 94 38.82 -11.99 -21.64
CA GLY E 94 39.35 -11.56 -20.36
C GLY E 94 40.79 -11.98 -20.23
N VAL E 95 41.62 -11.15 -19.64
CA VAL E 95 43.04 -11.40 -19.52
C VAL E 95 43.39 -10.89 -18.13
N ALA E 96 43.94 -11.72 -17.25
CA ALA E 96 44.35 -11.27 -15.91
C ALA E 96 45.48 -10.23 -15.98
N LYS E 97 45.33 -9.08 -15.35
CA LYS E 97 46.53 -8.22 -15.07
C LYS E 97 46.89 -8.27 -13.63
N ALA E 98 48.10 -8.70 -13.30
CA ALA E 98 48.49 -8.91 -11.92
C ALA E 98 49.08 -7.63 -11.31
N ALA E 99 48.63 -7.33 -10.09
CA ALA E 99 49.19 -6.31 -9.18
C ALA E 99 48.58 -6.53 -7.80
N PRO E 100 49.37 -6.32 -6.73
CA PRO E 100 48.78 -6.28 -5.39
C PRO E 100 47.76 -5.16 -5.29
N ILE E 101 46.78 -5.35 -4.41
CA ILE E 101 45.66 -4.41 -4.37
C ILE E 101 46.11 -2.94 -4.24
N THR E 102 47.12 -2.72 -3.40
CA THR E 102 47.58 -1.39 -3.06
C THR E 102 48.21 -0.74 -4.28
N GLN E 103 48.70 -1.52 -5.22
CA GLN E 103 49.10 -0.98 -6.53
C GLN E 103 48.09 -1.16 -7.71
N PHE E 104 46.90 -1.63 -7.47
CA PHE E 104 46.03 -1.96 -8.58
C PHE E 104 45.37 -0.72 -9.17
N ARG E 105 45.51 -0.45 -10.47
CA ARG E 105 44.87 0.75 -11.07
C ARG E 105 43.34 0.59 -11.30
N LEU E 106 42.58 1.65 -11.03
CA LEU E 106 41.18 1.70 -11.36
C LEU E 106 40.95 1.40 -12.83
N THR E 107 41.78 1.95 -13.73
CA THR E 107 41.51 1.74 -15.15
C THR E 107 41.57 0.25 -15.46
N ASP E 108 42.53 -0.46 -14.88
CA ASP E 108 42.63 -1.90 -15.03
C ASP E 108 41.46 -2.69 -14.38
N PHE E 109 41.03 -2.29 -13.21
CA PHE E 109 39.83 -2.89 -12.61
C PHE E 109 38.56 -2.63 -13.45
N ASP E 110 38.37 -1.39 -13.92
CA ASP E 110 37.16 -1.11 -14.71
C ASP E 110 37.14 -1.93 -16.00
N LEU E 111 38.28 -2.04 -16.60
CA LEU E 111 38.45 -2.81 -17.80
C LEU E 111 38.10 -4.30 -17.58
N SER E 112 38.58 -4.89 -16.51
CA SER E 112 38.21 -6.29 -16.21
C SER E 112 36.72 -6.48 -16.17
N LEU E 113 36.04 -5.54 -15.53
CA LEU E 113 34.63 -5.56 -15.41
C LEU E 113 33.91 -5.35 -16.74
N GLN E 114 34.41 -4.46 -17.57
CA GLN E 114 33.80 -4.24 -18.86
C GLN E 114 33.92 -5.48 -19.77
N VAL E 115 35.12 -6.02 -19.87
CA VAL E 115 35.39 -7.13 -20.77
C VAL E 115 34.67 -8.43 -20.36
N ASN E 116 34.64 -8.69 -19.06
CA ASN E 116 34.22 -9.99 -18.51
C ASN E 116 32.82 -10.06 -17.98
N LEU E 117 32.27 -8.91 -17.61
CA LEU E 117 30.91 -8.82 -17.10
C LEU E 117 29.98 -8.13 -18.03
N VAL E 118 30.32 -6.87 -18.34
CA VAL E 118 29.43 -6.08 -19.25
C VAL E 118 29.28 -6.72 -20.61
N GLY E 119 30.38 -7.09 -21.23
CA GLY E 119 30.27 -7.86 -22.50
C GLY E 119 29.48 -9.10 -22.46
N TYR E 120 29.65 -9.78 -21.32
CA TYR E 120 28.86 -10.99 -21.14
C TYR E 120 27.38 -10.72 -21.00
N PHE E 121 27.06 -9.71 -20.21
CA PHE E 121 25.71 -9.21 -20.07
C PHE E 121 25.09 -8.80 -21.42
N LEU E 122 25.81 -8.00 -22.16
CA LEU E 122 25.32 -7.45 -23.44
C LEU E 122 25.10 -8.58 -24.46
N CYS E 123 26.09 -9.48 -24.57
CA CYS E 123 26.02 -10.56 -25.54
C CYS E 123 24.87 -11.49 -25.16
N SER E 124 24.76 -11.85 -23.86
CA SER E 124 23.61 -12.67 -23.38
C SER E 124 22.27 -12.01 -23.64
N ARG E 125 22.16 -10.74 -23.29
CA ARG E 125 20.94 -10.03 -23.51
C ARG E 125 20.49 -10.12 -25.01
N GLU E 126 21.39 -9.77 -25.93
CA GLU E 126 21.01 -9.62 -27.34
C GLU E 126 20.78 -10.92 -28.06
N PHE E 127 21.58 -11.94 -27.75
CA PHE E 127 21.35 -13.23 -28.37
C PHE E 127 20.22 -14.03 -27.78
N SER E 128 20.01 -13.98 -26.47
CA SER E 128 18.80 -14.54 -25.89
C SER E 128 17.49 -14.00 -26.53
N LYS E 129 17.45 -12.72 -26.83
CA LYS E 129 16.29 -12.14 -27.53
C LYS E 129 16.05 -12.86 -28.84
N LEU E 130 17.12 -13.10 -29.60
CA LEU E 130 17.06 -13.79 -30.88
C LEU E 130 16.58 -15.21 -30.68
N MET E 131 17.01 -15.89 -29.61
CA MET E 131 16.54 -17.24 -29.36
C MET E 131 15.08 -17.21 -28.95
N ILE E 132 14.71 -16.22 -28.16
CA ILE E 132 13.34 -16.20 -27.67
C ILE E 132 12.40 -15.98 -28.86
N ARG E 133 12.79 -15.10 -29.76
CA ARG E 133 11.90 -14.70 -30.90
C ARG E 133 11.50 -15.93 -31.67
N ASP E 134 12.45 -16.86 -31.80
CA ASP E 134 12.31 -17.97 -32.69
C ASP E 134 11.93 -19.22 -31.98
N GLY E 135 11.55 -19.14 -30.70
CA GLY E 135 11.31 -20.37 -29.94
C GLY E 135 12.45 -21.39 -29.84
N ILE E 136 13.70 -20.96 -29.88
CA ILE E 136 14.84 -21.88 -29.78
C ILE E 136 15.20 -22.09 -28.29
N LYS E 137 15.40 -23.35 -27.97
CA LYS E 137 15.81 -23.74 -26.64
C LYS E 137 17.34 -23.71 -26.61
N GLY E 138 17.86 -22.51 -26.64
CA GLY E 138 19.28 -22.27 -26.87
C GLY E 138 20.17 -22.47 -25.63
N ARG E 139 21.40 -22.05 -25.79
CA ARG E 139 22.44 -22.28 -24.88
C ARG E 139 23.36 -21.04 -24.85
N ILE E 140 23.82 -20.67 -23.66
CA ILE E 140 24.80 -19.65 -23.41
C ILE E 140 25.87 -20.29 -22.57
N ILE E 141 27.10 -20.24 -23.02
CA ILE E 141 28.21 -20.80 -22.30
C ILE E 141 29.31 -19.76 -22.20
N GLN E 142 29.75 -19.46 -20.97
CA GLN E 142 30.83 -18.52 -20.71
C GLN E 142 32.11 -19.25 -20.36
N ILE E 143 33.22 -18.84 -21.01
CA ILE E 143 34.53 -19.23 -20.61
C ILE E 143 34.95 -18.47 -19.32
N ASN E 144 35.17 -19.26 -18.28
CA ASN E 144 35.56 -18.74 -17.00
C ASN E 144 36.82 -19.52 -16.52
N SER E 145 37.11 -19.46 -15.22
CA SER E 145 38.36 -19.82 -14.70
C SER E 145 38.21 -20.39 -13.35
N LYS E 146 39.21 -21.16 -12.94
CA LYS E 146 39.23 -21.43 -11.49
C LYS E 146 39.33 -20.21 -10.63
N SER E 147 39.84 -19.10 -11.17
CA SER E 147 39.85 -17.85 -10.42
C SER E 147 38.49 -17.25 -10.23
N GLY E 148 37.47 -17.84 -10.83
CA GLY E 148 36.12 -17.46 -10.53
C GLY E 148 35.49 -18.38 -9.51
N LYS E 149 36.27 -19.37 -9.00
CA LYS E 149 35.86 -20.22 -7.88
C LYS E 149 36.61 -19.95 -6.61
N VAL E 150 37.87 -19.56 -6.73
CA VAL E 150 38.69 -19.20 -5.63
C VAL E 150 39.41 -17.92 -5.97
N GLY E 151 39.41 -16.97 -5.07
CA GLY E 151 40.12 -15.73 -5.29
C GLY E 151 41.59 -15.94 -5.59
N SER E 152 42.14 -15.14 -6.50
CA SER E 152 43.51 -15.25 -6.97
C SER E 152 44.40 -14.06 -6.42
N LYS E 153 45.45 -14.47 -5.71
CA LYS E 153 46.37 -13.49 -5.17
C LYS E 153 47.00 -12.52 -6.23
N HIS E 154 46.98 -11.22 -5.92
CA HIS E 154 47.43 -10.14 -6.87
C HIS E 154 46.63 -10.07 -8.17
N ASN E 155 45.40 -10.63 -8.20
CA ASN E 155 44.55 -10.53 -9.37
C ASN E 155 43.16 -10.21 -8.96
N SER E 156 42.99 -9.19 -8.09
CA SER E 156 41.61 -8.80 -7.62
C SER E 156 40.66 -8.44 -8.75
N GLY E 157 41.17 -7.86 -9.82
CA GLY E 157 40.36 -7.44 -10.97
C GLY E 157 39.80 -8.64 -11.70
N TYR E 158 40.66 -9.64 -11.87
CA TYR E 158 40.27 -10.87 -12.58
C TYR E 158 39.30 -11.69 -11.76
N SER E 159 39.61 -11.93 -10.50
CA SER E 159 38.64 -12.67 -9.65
C SER E 159 37.32 -12.01 -9.41
N ALA E 160 37.37 -10.71 -9.22
CA ALA E 160 36.16 -9.97 -9.04
C ALA E 160 35.29 -10.15 -10.25
N ALA E 161 35.86 -10.01 -11.43
CA ALA E 161 35.12 -10.16 -12.65
C ALA E 161 34.66 -11.56 -12.89
N LYS E 162 35.51 -12.55 -12.64
CA LYS E 162 35.14 -13.94 -12.98
C LYS E 162 34.09 -14.51 -11.97
N PHE E 163 34.21 -14.15 -10.69
CA PHE E 163 33.18 -14.50 -9.71
C PHE E 163 31.85 -13.85 -10.13
N GLY E 164 31.92 -12.56 -10.53
CA GLY E 164 30.84 -11.85 -11.04
C GLY E 164 30.14 -12.58 -12.18
N GLY E 165 30.92 -13.21 -13.10
CA GLY E 165 30.33 -13.98 -14.15
C GLY E 165 29.46 -15.16 -13.75
N VAL E 166 29.87 -15.82 -12.66
CA VAL E 166 29.06 -16.86 -12.08
C VAL E 166 27.76 -16.33 -11.59
N GLY E 167 27.77 -15.19 -10.91
CA GLY E 167 26.54 -14.58 -10.46
C GLY E 167 25.60 -14.31 -11.65
N LEU E 168 26.14 -13.70 -12.69
CA LEU E 168 25.46 -13.44 -13.93
C LEU E 168 24.96 -14.70 -14.60
N THR E 169 25.80 -15.75 -14.69
CA THR E 169 25.32 -17.02 -15.20
C THR E 169 24.07 -17.49 -14.45
N GLN E 170 24.10 -17.40 -13.14
CA GLN E 170 23.02 -17.99 -12.38
C GLN E 170 21.67 -17.15 -12.55
N SER E 171 21.78 -15.82 -12.53
CA SER E 171 20.64 -14.92 -12.74
C SER E 171 20.07 -15.13 -14.14
N LEU E 172 20.97 -15.20 -15.12
CA LEU E 172 20.61 -15.52 -16.51
C LEU E 172 19.83 -16.80 -16.59
N ALA E 173 20.34 -17.87 -15.97
CA ALA E 173 19.61 -19.13 -15.99
C ALA E 173 18.21 -19.06 -15.45
N LEU E 174 18.02 -18.34 -14.35
CA LEU E 174 16.71 -18.19 -13.70
C LEU E 174 15.77 -17.34 -14.56
N ASP E 175 16.31 -16.31 -15.18
CA ASP E 175 15.50 -15.42 -16.12
C ASP E 175 15.07 -16.18 -17.37
N LEU E 176 15.96 -17.00 -17.94
CA LEU E 176 15.75 -17.63 -19.20
C LEU E 176 15.20 -19.04 -19.16
N ALA E 177 15.10 -19.63 -17.97
CA ALA E 177 14.62 -20.98 -17.79
C ALA E 177 13.24 -21.28 -18.44
N GLU E 178 12.32 -20.35 -18.24
CA GLU E 178 10.98 -20.44 -18.88
C GLU E 178 11.01 -20.52 -20.42
N TYR E 179 12.09 -20.06 -21.06
CA TYR E 179 12.27 -20.23 -22.52
C TYR E 179 13.08 -21.45 -22.95
N GLY E 180 13.44 -22.30 -21.99
CA GLY E 180 14.31 -23.42 -22.26
C GLY E 180 15.74 -23.08 -22.72
N ILE E 181 16.23 -21.88 -22.45
CA ILE E 181 17.62 -21.52 -22.69
C ILE E 181 18.35 -21.87 -21.36
N THR E 182 19.36 -22.74 -21.45
CA THR E 182 20.22 -23.00 -20.35
C THR E 182 21.53 -22.21 -20.52
N VAL E 183 22.19 -22.02 -19.36
CA VAL E 183 23.30 -21.09 -19.18
C VAL E 183 24.34 -21.69 -18.19
N HIS E 184 25.62 -21.70 -18.58
CA HIS E 184 26.69 -22.20 -17.74
C HIS E 184 27.94 -21.39 -17.85
N SER E 185 28.77 -21.43 -16.82
CA SER E 185 30.18 -21.02 -16.88
C SER E 185 31.13 -22.22 -16.77
N LEU E 186 32.11 -22.34 -17.67
CA LEU E 186 33.20 -23.32 -17.53
C LEU E 186 34.37 -22.76 -16.77
N MET E 187 34.67 -23.45 -15.70
CA MET E 187 35.67 -22.98 -14.75
C MET E 187 37.02 -23.72 -15.08
N LEU E 188 37.79 -23.08 -15.99
CA LEU E 188 38.94 -23.69 -16.55
C LEU E 188 40.12 -23.61 -15.64
N GLY E 189 40.88 -24.71 -15.63
CA GLY E 189 42.18 -24.78 -15.04
C GLY E 189 43.22 -24.02 -15.84
N ASN E 190 44.46 -24.33 -15.61
CA ASN E 190 45.56 -23.62 -16.32
C ASN E 190 45.85 -24.23 -17.70
N LEU E 191 45.81 -23.35 -18.73
CA LEU E 191 46.13 -23.68 -20.13
C LEU E 191 47.65 -23.48 -20.30
N LEU E 192 48.37 -24.45 -19.75
CA LEU E 192 49.80 -24.36 -19.51
C LEU E 192 50.58 -24.13 -20.81
N LYS E 193 50.16 -24.82 -21.88
CA LYS E 193 50.87 -24.74 -23.16
C LYS E 193 50.41 -23.60 -24.01
N SER E 194 49.39 -22.83 -23.58
CA SER E 194 48.83 -21.79 -24.44
C SER E 194 49.79 -20.58 -24.55
N PRO E 195 49.69 -19.77 -25.65
CA PRO E 195 50.47 -18.54 -25.71
C PRO E 195 50.23 -17.66 -24.49
N MET E 196 49.00 -17.58 -24.00
CA MET E 196 48.66 -16.74 -22.82
C MET E 196 49.64 -17.05 -21.66
N PHE E 197 49.58 -18.29 -21.18
CA PHE E 197 50.35 -18.74 -20.01
C PHE E 197 51.84 -18.73 -20.24
N GLN E 198 52.25 -19.14 -21.43
CA GLN E 198 53.66 -19.26 -21.76
C GLN E 198 54.34 -17.89 -21.66
N SER E 199 53.63 -16.84 -22.10
CA SER E 199 54.08 -15.47 -22.10
C SER E 199 54.23 -14.88 -20.70
N LEU E 200 53.67 -15.52 -19.69
CA LEU E 200 53.76 -15.04 -18.33
C LEU E 200 54.65 -15.92 -17.43
N LEU E 201 55.38 -16.85 -18.04
CA LEU E 201 56.29 -17.70 -17.26
C LEU E 201 57.27 -16.78 -16.49
N PRO E 202 57.91 -15.82 -17.18
CA PRO E 202 58.85 -14.98 -16.40
C PRO E 202 58.17 -14.28 -15.21
N GLN E 203 56.95 -13.76 -15.42
CA GLN E 203 56.18 -13.08 -14.34
C GLN E 203 55.80 -13.96 -13.17
N TYR E 204 55.28 -15.18 -13.46
CA TYR E 204 54.95 -16.13 -12.38
C TYR E 204 56.18 -16.57 -11.61
N ALA E 205 57.29 -16.82 -12.31
CA ALA E 205 58.52 -17.33 -11.68
C ALA E 205 59.01 -16.34 -10.63
N GLU E 206 59.07 -15.06 -11.02
CA GLU E 206 59.29 -13.93 -10.11
C GLU E 206 58.46 -14.05 -8.83
N LYS E 207 57.14 -14.06 -8.98
CA LYS E 207 56.20 -14.00 -7.82
C LYS E 207 56.21 -15.23 -6.92
N LEU E 208 56.60 -16.35 -7.49
CA LEU E 208 56.81 -17.57 -6.74
C LEU E 208 58.24 -17.71 -6.24
N GLY E 209 59.17 -16.87 -6.71
CA GLY E 209 60.59 -16.95 -6.31
C GLY E 209 61.31 -18.19 -6.83
N ILE E 210 61.00 -18.56 -8.07
CA ILE E 210 61.52 -19.80 -8.67
C ILE E 210 61.90 -19.41 -10.06
N THR E 211 62.47 -20.32 -10.83
CA THR E 211 62.90 -19.96 -12.19
C THR E 211 61.76 -20.26 -13.15
N PRO E 212 61.77 -19.61 -14.34
CA PRO E 212 60.67 -19.78 -15.32
C PRO E 212 60.51 -21.22 -15.79
N GLU E 213 61.61 -21.96 -15.84
CA GLU E 213 61.53 -23.40 -16.18
C GLU E 213 60.81 -24.28 -15.12
N GLU E 214 60.74 -23.81 -13.88
CA GLU E 214 60.14 -24.58 -12.78
C GLU E 214 58.64 -24.28 -12.66
N VAL E 215 58.15 -23.29 -13.42
CA VAL E 215 56.78 -22.84 -13.29
C VAL E 215 55.75 -23.89 -13.74
N GLU E 216 55.90 -24.48 -14.90
CA GLU E 216 54.91 -25.49 -15.30
C GLU E 216 54.93 -26.68 -14.35
N PRO E 217 56.11 -27.15 -13.90
CA PRO E 217 55.94 -28.29 -12.97
C PRO E 217 55.39 -27.97 -11.66
N TYR E 218 55.56 -26.75 -11.22
CA TYR E 218 54.95 -26.28 -10.02
C TYR E 218 53.41 -26.36 -10.18
N TYR E 219 52.92 -25.82 -11.29
CA TYR E 219 51.47 -25.85 -11.47
C TYR E 219 50.88 -27.23 -11.75
N VAL E 220 51.55 -28.05 -12.55
CA VAL E 220 51.16 -29.45 -12.79
C VAL E 220 51.07 -30.23 -11.48
N ASP E 221 52.05 -30.00 -10.59
CA ASP E 221 52.05 -30.68 -9.29
C ASP E 221 50.76 -30.50 -8.49
N LYS E 222 50.08 -29.38 -8.69
CA LYS E 222 48.94 -29.06 -7.90
C LYS E 222 47.67 -29.80 -8.43
N VAL E 223 47.77 -30.47 -9.56
CA VAL E 223 46.62 -31.01 -10.29
C VAL E 223 46.66 -32.48 -9.96
N PRO E 224 45.58 -32.98 -9.31
CA PRO E 224 45.55 -34.43 -9.10
C PRO E 224 45.86 -35.26 -10.37
N LEU E 225 45.29 -34.82 -11.47
CA LEU E 225 45.50 -35.52 -12.74
C LEU E 225 46.87 -35.29 -13.36
N LYS E 226 47.65 -34.38 -12.79
CA LYS E 226 49.05 -34.24 -13.13
C LYS E 226 49.26 -33.86 -14.61
N ARG E 227 48.45 -32.97 -15.10
CA ARG E 227 48.60 -32.36 -16.39
C ARG E 227 47.81 -31.06 -16.43
N GLY E 228 48.18 -30.20 -17.38
CA GLY E 228 47.46 -28.99 -17.64
C GLY E 228 46.19 -29.27 -18.45
N CYS E 229 45.37 -28.24 -18.57
CA CYS E 229 44.15 -28.27 -19.34
C CYS E 229 44.56 -27.97 -20.81
N ASP E 230 43.97 -28.65 -21.78
CA ASP E 230 44.15 -28.28 -23.17
C ASP E 230 42.82 -27.92 -23.79
N TYR E 231 42.88 -27.33 -24.99
CA TYR E 231 41.68 -26.74 -25.56
C TYR E 231 40.68 -27.85 -25.88
N GLN E 232 41.14 -29.11 -26.13
CA GLN E 232 40.17 -30.19 -26.41
C GLN E 232 39.34 -30.54 -25.16
N ASP E 233 39.94 -30.47 -23.96
CA ASP E 233 39.22 -30.69 -22.71
C ASP E 233 38.01 -29.70 -22.63
N VAL E 234 38.26 -28.45 -22.98
CA VAL E 234 37.27 -27.43 -23.00
C VAL E 234 36.21 -27.65 -24.03
N LEU E 235 36.60 -27.90 -25.28
CA LEU E 235 35.64 -28.14 -26.33
C LEU E 235 34.70 -29.32 -25.97
N ASN E 236 35.27 -30.40 -25.43
CA ASN E 236 34.43 -31.57 -25.13
C ASN E 236 33.34 -31.33 -24.08
N VAL E 237 33.70 -30.64 -23.04
CA VAL E 237 32.75 -30.17 -22.02
C VAL E 237 31.69 -29.23 -22.61
N LEU E 238 32.12 -28.25 -23.39
CA LEU E 238 31.26 -27.30 -24.04
C LEU E 238 30.23 -28.01 -24.95
N LEU E 239 30.66 -28.97 -25.76
CA LEU E 239 29.72 -29.61 -26.67
C LEU E 239 28.68 -30.40 -25.89
N PHE E 240 29.07 -30.95 -24.71
CA PHE E 240 28.08 -31.75 -23.98
C PHE E 240 27.00 -30.81 -23.47
N TYR E 241 27.41 -29.77 -22.76
CA TYR E 241 26.50 -28.80 -22.15
C TYR E 241 25.70 -28.03 -23.16
N ALA E 242 26.27 -27.88 -24.37
CA ALA E 242 25.54 -27.22 -25.44
C ALA E 242 24.52 -28.12 -26.13
N SER E 243 24.54 -29.42 -25.90
CA SER E 243 23.75 -30.37 -26.59
C SER E 243 22.38 -30.51 -25.90
N ASP E 244 21.43 -31.07 -26.64
CA ASP E 244 20.09 -31.39 -26.10
C ASP E 244 20.15 -32.40 -24.97
N LYS E 245 21.17 -33.25 -24.96
CA LYS E 245 21.33 -34.16 -23.83
C LYS E 245 21.49 -33.50 -22.48
N ALA E 246 21.94 -32.23 -22.46
CA ALA E 246 22.16 -31.54 -21.22
C ALA E 246 21.04 -30.59 -20.87
N ALA E 247 19.83 -30.87 -21.37
CA ALA E 247 18.70 -29.95 -21.20
C ALA E 247 18.21 -29.74 -19.73
N TYR E 248 18.38 -30.72 -18.84
CA TYR E 248 17.98 -30.55 -17.46
C TYR E 248 19.09 -29.98 -16.54
N CYS E 249 20.21 -29.45 -17.10
CA CYS E 249 21.25 -28.79 -16.29
C CYS E 249 21.24 -27.30 -16.65
N THR E 250 21.17 -26.42 -15.68
CA THR E 250 21.31 -24.98 -16.01
C THR E 250 21.87 -24.18 -14.82
N GLY E 251 22.53 -23.06 -15.11
CA GLY E 251 23.06 -22.19 -14.05
C GLY E 251 24.33 -22.67 -13.37
N GLN E 252 25.03 -23.59 -13.99
CA GLN E 252 26.15 -24.32 -13.37
C GLN E 252 27.47 -23.71 -13.60
N SER E 253 28.33 -23.89 -12.58
CA SER E 253 29.77 -23.59 -12.66
C SER E 253 30.52 -24.92 -12.92
N ILE E 254 30.78 -25.24 -14.16
CA ILE E 254 31.33 -26.55 -14.49
C ILE E 254 32.89 -26.53 -14.41
N ASN E 255 33.42 -27.32 -13.47
CA ASN E 255 34.87 -27.42 -13.24
C ASN E 255 35.51 -28.24 -14.35
N VAL E 256 36.61 -27.71 -14.87
CA VAL E 256 37.42 -28.42 -15.88
C VAL E 256 38.93 -28.22 -15.45
N THR E 257 39.28 -28.84 -14.32
CA THR E 257 40.51 -28.50 -13.60
C THR E 257 41.32 -29.72 -13.26
N GLY E 258 41.00 -30.89 -13.78
CA GLY E 258 41.90 -32.07 -13.45
C GLY E 258 41.79 -32.49 -11.99
N GLY E 259 40.68 -32.10 -11.36
CA GLY E 259 40.50 -32.34 -9.91
C GLY E 259 41.00 -31.30 -8.91
N GLN E 260 41.61 -30.20 -9.37
CA GLN E 260 42.19 -29.19 -8.48
C GLN E 260 41.08 -28.47 -7.69
N VAL E 261 39.89 -28.28 -8.32
CA VAL E 261 38.71 -27.70 -7.71
C VAL E 261 37.54 -28.71 -7.68
N MET E 262 37.16 -29.12 -6.49
CA MET E 262 36.06 -30.06 -6.36
C MET E 262 34.82 -29.45 -5.75
N PHE E 263 34.86 -28.17 -5.51
CA PHE E 263 33.68 -27.50 -4.96
C PHE E 263 33.09 -26.56 -6.02
N MET F 5 34.42 -51.16 -29.18
CA MET F 5 34.10 -50.55 -27.84
C MET F 5 34.84 -51.32 -26.72
N GLU F 6 34.30 -52.46 -26.30
CA GLU F 6 34.97 -53.40 -25.40
C GLU F 6 34.81 -53.11 -23.87
N GLN F 7 34.24 -52.00 -23.49
CA GLN F 7 34.27 -51.65 -22.04
C GLN F 7 33.17 -52.36 -21.28
N VAL F 8 33.41 -52.62 -20.00
CA VAL F 8 32.43 -53.31 -19.14
C VAL F 8 31.91 -52.34 -18.07
N ALA F 9 30.60 -52.26 -17.93
CA ALA F 9 29.94 -51.50 -16.86
C ALA F 9 29.40 -52.36 -15.75
N VAL F 10 29.64 -51.98 -14.50
CA VAL F 10 29.13 -52.78 -13.38
C VAL F 10 28.11 -51.91 -12.68
N VAL F 11 26.84 -52.26 -12.68
CA VAL F 11 25.82 -51.40 -12.08
C VAL F 11 25.31 -52.08 -10.81
N ILE F 12 25.67 -51.51 -9.67
CA ILE F 12 25.11 -51.90 -8.37
C ILE F 12 23.78 -51.24 -8.15
N GLY F 13 22.71 -52.05 -7.94
CA GLY F 13 21.29 -51.62 -7.84
C GLY F 13 20.68 -51.65 -9.25
N GLY F 14 21.32 -52.43 -10.13
CA GLY F 14 20.91 -52.53 -11.48
C GLY F 14 19.59 -53.28 -11.71
N GLY F 15 18.97 -53.87 -10.68
CA GLY F 15 17.84 -54.75 -10.89
C GLY F 15 16.47 -54.16 -11.06
N GLN F 16 16.33 -52.87 -10.81
CA GLN F 16 15.03 -52.23 -10.79
C GLN F 16 15.17 -50.76 -11.16
N THR F 17 14.05 -50.18 -11.57
CA THR F 17 13.77 -48.77 -11.75
C THR F 17 14.96 -48.01 -12.34
N LEU F 18 15.64 -47.15 -11.59
CA LEU F 18 16.67 -46.30 -12.25
C LEU F 18 17.87 -47.12 -12.66
N GLY F 19 18.32 -48.02 -11.79
CA GLY F 19 19.48 -48.82 -12.09
C GLY F 19 19.31 -49.65 -13.36
N ALA F 20 18.11 -50.24 -13.53
CA ALA F 20 17.77 -51.04 -14.72
C ALA F 20 17.73 -50.18 -15.99
N PHE F 21 17.19 -48.96 -15.90
CA PHE F 21 17.22 -48.02 -16.95
C PHE F 21 18.65 -47.68 -17.37
N LEU F 22 19.53 -47.59 -16.40
CA LEU F 22 20.90 -47.26 -16.73
C LEU F 22 21.62 -48.42 -17.35
N CYS F 23 21.37 -49.62 -16.83
CA CYS F 23 21.85 -50.84 -17.49
C CYS F 23 21.49 -50.97 -18.96
N GLU F 24 20.22 -50.78 -19.25
CA GLU F 24 19.71 -50.76 -20.65
C GLU F 24 20.38 -49.64 -21.50
N GLY F 25 20.51 -48.45 -20.91
CA GLY F 25 21.17 -47.37 -21.61
C GLY F 25 22.64 -47.51 -21.87
N LEU F 26 23.30 -48.19 -20.94
CA LEU F 26 24.70 -48.43 -21.08
C LEU F 26 24.86 -49.47 -22.17
N ALA F 27 24.02 -50.51 -22.15
CA ALA F 27 24.06 -51.43 -23.29
C ALA F 27 23.88 -50.75 -24.65
N GLN F 28 22.88 -49.95 -24.72
CA GLN F 28 22.52 -49.18 -25.91
C GLN F 28 23.71 -48.40 -26.42
N ALA F 29 24.52 -47.89 -25.50
CA ALA F 29 25.71 -47.15 -25.80
C ALA F 29 26.86 -48.04 -26.11
N GLY F 30 26.75 -49.38 -26.05
CA GLY F 30 27.86 -50.23 -26.41
C GLY F 30 28.59 -50.99 -25.33
N TYR F 31 28.21 -50.79 -24.07
CA TYR F 31 28.87 -51.43 -22.97
C TYR F 31 28.37 -52.85 -22.81
N HIS F 32 29.25 -53.72 -22.38
CA HIS F 32 28.86 -54.96 -21.72
C HIS F 32 28.51 -54.60 -20.28
N VAL F 33 27.60 -55.34 -19.70
CA VAL F 33 26.95 -54.90 -18.47
C VAL F 33 26.84 -56.04 -17.48
N ALA F 34 27.48 -55.85 -16.32
CA ALA F 34 27.22 -56.60 -15.09
C ALA F 34 26.08 -56.04 -14.30
N VAL F 35 24.92 -56.69 -14.39
CA VAL F 35 23.76 -56.24 -13.68
C VAL F 35 23.80 -56.90 -12.31
N ALA F 36 24.10 -56.10 -11.27
CA ALA F 36 24.24 -56.59 -9.91
C ALA F 36 23.15 -56.06 -9.01
N ASP F 37 22.47 -56.96 -8.25
CA ASP F 37 21.38 -56.52 -7.37
C ASP F 37 21.19 -57.53 -6.24
N LEU F 38 20.53 -57.08 -5.19
CA LEU F 38 20.10 -57.93 -4.07
C LEU F 38 19.15 -59.03 -4.56
N ASN F 39 18.33 -58.69 -5.53
CA ASN F 39 17.45 -59.67 -6.16
C ASN F 39 18.06 -60.26 -7.45
N GLU F 40 18.63 -61.47 -7.31
CA GLU F 40 19.41 -62.10 -8.37
C GLU F 40 18.54 -62.36 -9.54
N SER F 41 17.29 -62.63 -9.24
CA SER F 41 16.29 -62.98 -10.19
C SER F 41 15.86 -61.79 -11.05
N ASN F 42 15.75 -60.62 -10.45
CA ASN F 42 15.58 -59.39 -11.21
C ASN F 42 16.85 -59.14 -12.05
N ALA F 43 18.05 -59.38 -11.50
CA ALA F 43 19.31 -59.12 -12.29
C ALA F 43 19.36 -59.98 -13.54
N ASN F 44 19.06 -61.27 -13.36
CA ASN F 44 19.08 -62.20 -14.48
C ASN F 44 18.02 -61.97 -15.54
N ARG F 45 16.79 -61.66 -15.16
CA ARG F 45 15.76 -61.25 -16.10
C ARG F 45 16.23 -60.03 -16.98
N LEU F 46 16.75 -59.02 -16.33
CA LEU F 46 17.13 -57.81 -17.05
C LEU F 46 18.26 -58.16 -18.00
N ALA F 47 19.26 -58.89 -17.54
CA ALA F 47 20.35 -59.44 -18.38
C ALA F 47 19.88 -60.25 -19.59
N ASP F 48 18.84 -61.10 -19.41
CA ASP F 48 18.16 -61.80 -20.51
C ASP F 48 17.49 -60.78 -21.51
N THR F 49 16.79 -59.78 -21.00
CA THR F 49 16.23 -58.78 -21.95
C THR F 49 17.34 -58.01 -22.74
N ILE F 50 18.40 -57.64 -22.07
CA ILE F 50 19.51 -57.01 -22.77
C ILE F 50 20.13 -57.89 -23.84
N ASN F 51 20.35 -59.17 -23.51
CA ASN F 51 21.00 -60.05 -24.46
C ASN F 51 20.14 -60.32 -25.70
N SER F 52 18.83 -60.35 -25.50
CA SER F 52 17.93 -60.56 -26.59
C SER F 52 17.93 -59.35 -27.55
N ARG F 53 18.13 -58.13 -27.02
CA ARG F 53 18.09 -56.91 -27.82
C ARG F 53 19.45 -56.62 -28.40
N TYR F 54 20.55 -57.01 -27.71
CA TYR F 54 21.93 -56.67 -28.11
C TYR F 54 22.89 -57.77 -28.48
N GLY F 55 22.51 -59.01 -28.21
CA GLY F 55 23.30 -60.20 -28.60
C GLY F 55 23.81 -60.97 -27.44
N ALA F 56 24.24 -62.19 -27.70
CA ALA F 56 24.60 -63.07 -26.61
C ALA F 56 25.81 -62.54 -25.85
N GLY F 57 25.77 -62.71 -24.53
CA GLY F 57 26.91 -62.38 -23.72
C GLY F 57 27.12 -60.88 -23.47
N ARG F 58 26.16 -60.06 -23.81
CA ARG F 58 26.36 -58.65 -23.58
C ARG F 58 26.24 -58.34 -22.06
N ALA F 59 25.29 -59.03 -21.42
CA ALA F 59 24.98 -58.79 -20.03
C ALA F 59 24.90 -60.07 -19.23
N TYR F 60 25.20 -59.93 -17.95
CA TYR F 60 25.02 -61.03 -17.02
C TYR F 60 24.48 -60.50 -15.71
N GLY F 61 23.71 -61.34 -15.02
CA GLY F 61 23.16 -61.01 -13.75
C GLY F 61 23.92 -61.56 -12.58
N PHE F 62 23.97 -60.81 -11.49
CA PHE F 62 24.86 -61.17 -10.40
C PHE F 62 24.12 -60.78 -9.11
N LYS F 63 24.28 -61.58 -8.06
CA LYS F 63 23.77 -61.21 -6.74
C LYS F 63 24.81 -60.47 -5.97
N VAL F 64 24.36 -59.47 -5.24
CA VAL F 64 25.26 -58.70 -4.37
C VAL F 64 24.47 -58.08 -3.19
N ASP F 65 25.05 -58.14 -2.00
CA ASP F 65 24.65 -57.27 -0.90
C ASP F 65 25.82 -56.30 -0.71
N ALA F 66 25.64 -55.08 -1.23
CA ALA F 66 26.69 -54.06 -1.22
C ALA F 66 27.14 -53.69 0.17
N THR F 67 26.33 -53.96 1.16
CA THR F 67 26.73 -53.69 2.53
C THR F 67 27.61 -54.74 3.18
N ASP F 68 27.92 -55.80 2.44
CA ASP F 68 28.66 -56.98 2.99
C ASP F 68 29.98 -57.15 2.22
N GLU F 69 31.08 -57.07 2.94
CA GLU F 69 32.38 -57.08 2.33
C GLU F 69 32.58 -58.38 1.54
N ALA F 70 32.13 -59.52 2.11
CA ALA F 70 32.34 -60.78 1.38
C ALA F 70 31.53 -60.86 0.08
N SER F 71 30.27 -60.42 0.09
CA SER F 71 29.41 -60.33 -1.10
C SER F 71 30.04 -59.47 -2.22
N VAL F 72 30.52 -58.29 -1.86
CA VAL F 72 31.22 -57.41 -2.84
C VAL F 72 32.52 -58.01 -3.34
N GLU F 73 33.30 -58.65 -2.47
CA GLU F 73 34.55 -59.29 -2.91
C GLU F 73 34.22 -60.44 -3.88
N ALA F 74 33.14 -61.16 -3.57
CA ALA F 74 32.66 -62.27 -4.41
C ALA F 74 32.23 -61.69 -5.76
N LEU F 75 31.42 -60.64 -5.75
CA LEU F 75 31.00 -59.96 -7.00
C LEU F 75 32.18 -59.56 -7.90
N ALA F 76 33.18 -58.92 -7.32
CA ALA F 76 34.27 -58.49 -8.14
C ALA F 76 35.00 -59.67 -8.80
N ARG F 77 35.19 -60.74 -8.06
CA ARG F 77 35.74 -61.96 -8.65
C ARG F 77 34.83 -62.48 -9.76
N ALA F 78 33.51 -62.47 -9.59
CA ALA F 78 32.61 -63.05 -10.62
C ALA F 78 32.55 -62.17 -11.86
N VAL F 79 32.63 -60.88 -11.68
CA VAL F 79 32.77 -59.96 -12.89
C VAL F 79 34.07 -60.17 -13.63
N ASP F 80 35.15 -60.30 -12.90
CA ASP F 80 36.42 -60.62 -13.47
C ASP F 80 36.39 -61.99 -14.21
N GLU F 81 35.79 -62.99 -13.60
CA GLU F 81 35.67 -64.29 -14.26
C GLU F 81 34.77 -64.25 -15.50
N THR F 82 33.64 -63.54 -15.47
CA THR F 82 32.75 -63.40 -16.58
C THR F 82 33.31 -62.51 -17.73
N PHE F 83 33.83 -61.32 -17.43
CA PHE F 83 34.16 -60.36 -18.48
C PHE F 83 35.66 -60.15 -18.60
N GLY F 84 36.44 -60.46 -17.57
CA GLY F 84 37.91 -60.20 -17.55
C GLY F 84 38.42 -58.78 -17.37
N ARG F 85 37.54 -57.88 -17.00
CA ARG F 85 37.84 -56.45 -16.88
C ARG F 85 36.61 -55.71 -16.34
N ALA F 86 36.84 -54.49 -15.85
CA ALA F 86 35.76 -53.56 -15.37
C ALA F 86 36.28 -52.18 -15.67
N ASP F 87 35.46 -51.41 -16.32
CA ASP F 87 35.82 -50.14 -16.80
C ASP F 87 35.06 -49.08 -16.06
N LEU F 88 33.78 -49.28 -15.82
CA LEU F 88 32.92 -48.30 -15.21
C LEU F 88 32.16 -48.97 -14.08
N LEU F 89 32.20 -48.35 -12.92
CA LEU F 89 31.34 -48.64 -11.83
C LEU F 89 30.29 -47.58 -11.58
N VAL F 90 29.02 -48.01 -11.52
CA VAL F 90 27.87 -47.11 -11.22
C VAL F 90 27.25 -47.64 -9.93
N TYR F 91 27.20 -46.78 -8.90
CA TYR F 91 26.67 -47.14 -7.59
C TYR F 91 25.31 -46.49 -7.47
N SER F 92 24.26 -47.29 -7.57
CA SER F 92 22.90 -46.79 -7.48
C SER F 92 22.19 -47.51 -6.34
N ALA F 93 22.18 -46.94 -5.16
CA ALA F 93 21.43 -47.51 -4.02
C ALA F 93 21.02 -46.43 -3.06
N GLY F 94 20.07 -46.74 -2.18
CA GLY F 94 19.65 -45.81 -1.16
C GLY F 94 18.29 -45.17 -1.34
N VAL F 95 17.51 -45.16 -0.28
CA VAL F 95 16.19 -44.56 -0.28
C VAL F 95 15.95 -43.83 1.03
N ALA F 96 15.42 -42.64 0.95
CA ALA F 96 15.36 -41.79 2.10
C ALA F 96 14.22 -42.29 3.00
N LYS F 97 14.44 -42.20 4.31
CA LYS F 97 13.42 -42.48 5.31
C LYS F 97 13.29 -41.28 6.20
N ALA F 98 12.10 -40.73 6.17
CA ALA F 98 11.83 -39.46 6.82
C ALA F 98 11.37 -39.69 8.25
N ALA F 99 11.80 -38.80 9.15
CA ALA F 99 11.38 -38.72 10.55
C ALA F 99 12.08 -37.51 11.11
N PRO F 100 11.35 -36.67 11.88
CA PRO F 100 12.10 -35.64 12.62
C PRO F 100 13.25 -36.23 13.49
N ILE F 101 14.34 -35.48 13.64
CA ILE F 101 15.50 -35.93 14.43
C ILE F 101 15.13 -36.57 15.76
N THR F 102 14.23 -35.91 16.45
CA THR F 102 13.75 -36.35 17.75
C THR F 102 13.13 -37.78 17.80
N GLN F 103 12.57 -38.24 16.66
CA GLN F 103 12.01 -39.58 16.49
C GLN F 103 12.80 -40.49 15.55
N PHE F 104 14.02 -40.08 15.16
CA PHE F 104 14.71 -40.83 14.11
C PHE F 104 15.29 -42.02 14.80
N ARG F 105 15.12 -43.19 14.23
CA ARG F 105 15.78 -44.37 14.78
C ARG F 105 17.29 -44.56 14.47
N LEU F 106 18.02 -44.97 15.50
CA LEU F 106 19.43 -45.32 15.33
C LEU F 106 19.55 -46.46 14.28
N THR F 107 18.72 -47.51 14.36
CA THR F 107 18.83 -48.54 13.29
C THR F 107 18.60 -48.04 11.85
N ASP F 108 17.67 -47.12 11.63
CA ASP F 108 17.51 -46.44 10.37
C ASP F 108 18.70 -45.52 9.98
N PHE F 109 19.28 -44.79 10.93
CA PHE F 109 20.43 -43.97 10.64
C PHE F 109 21.60 -44.88 10.22
N ASP F 110 21.92 -45.92 10.98
CA ASP F 110 22.97 -46.87 10.59
C ASP F 110 22.75 -47.50 9.20
N LEU F 111 21.49 -47.90 8.93
CA LEU F 111 21.15 -48.53 7.66
C LEU F 111 21.39 -47.55 6.52
N SER F 112 21.01 -46.30 6.67
CA SER F 112 21.33 -45.33 5.65
C SER F 112 22.84 -45.19 5.32
N LEU F 113 23.66 -45.22 6.34
CA LEU F 113 25.10 -45.19 6.17
C LEU F 113 25.62 -46.44 5.47
N GLN F 114 25.11 -47.58 5.90
CA GLN F 114 25.51 -48.85 5.29
C GLN F 114 25.14 -48.94 3.78
N VAL F 115 23.89 -48.63 3.45
CA VAL F 115 23.47 -48.78 2.07
C VAL F 115 24.02 -47.69 1.18
N ASN F 116 23.93 -46.43 1.58
CA ASN F 116 24.32 -45.27 0.74
C ASN F 116 25.81 -45.02 0.68
N LEU F 117 26.53 -45.32 1.75
CA LEU F 117 27.91 -44.97 1.96
C LEU F 117 28.96 -46.11 2.11
N VAL F 118 28.78 -47.02 3.07
CA VAL F 118 29.66 -48.14 3.20
C VAL F 118 29.68 -48.98 1.90
N GLY F 119 28.51 -49.21 1.29
CA GLY F 119 28.45 -49.95 0.01
C GLY F 119 29.29 -49.27 -1.08
N TYR F 120 29.15 -47.96 -1.17
CA TYR F 120 29.96 -47.18 -2.18
C TYR F 120 31.46 -47.40 -1.97
N PHE F 121 31.88 -47.20 -0.72
CA PHE F 121 33.23 -47.44 -0.31
C PHE F 121 33.70 -48.85 -0.73
N LEU F 122 32.91 -49.89 -0.41
CA LEU F 122 33.39 -51.28 -0.66
C LEU F 122 33.48 -51.57 -2.14
N CYS F 123 32.47 -51.20 -2.87
CA CYS F 123 32.47 -51.41 -4.32
C CYS F 123 33.53 -50.59 -5.03
N SER F 124 33.70 -49.30 -4.65
CA SER F 124 34.81 -48.51 -5.20
C SER F 124 36.19 -49.17 -4.86
N ARG F 125 36.39 -49.65 -3.64
CA ARG F 125 37.64 -50.22 -3.31
C ARG F 125 37.91 -51.47 -4.20
N GLU F 126 36.92 -52.34 -4.32
CA GLU F 126 37.16 -53.66 -5.00
C GLU F 126 37.25 -53.47 -6.52
N PHE F 127 36.42 -52.58 -7.08
CA PHE F 127 36.44 -52.38 -8.53
C PHE F 127 37.62 -51.52 -8.95
N SER F 128 38.02 -50.55 -8.15
CA SER F 128 39.22 -49.82 -8.51
C SER F 128 40.44 -50.69 -8.55
N LYS F 129 40.52 -51.73 -7.71
CA LYS F 129 41.69 -52.64 -7.79
C LYS F 129 41.78 -53.29 -9.13
N LEU F 130 40.64 -53.75 -9.65
CA LEU F 130 40.61 -54.38 -10.98
C LEU F 130 40.99 -53.40 -12.07
N MET F 131 40.49 -52.15 -11.95
CA MET F 131 40.85 -51.16 -12.94
C MET F 131 42.36 -50.93 -12.92
N ILE F 132 42.98 -50.84 -11.76
CA ILE F 132 44.38 -50.58 -11.61
C ILE F 132 45.21 -51.78 -12.14
N ARG F 133 44.83 -52.96 -11.76
CA ARG F 133 45.49 -54.17 -12.29
C ARG F 133 45.62 -54.14 -13.83
N ASP F 134 44.57 -53.77 -14.53
CA ASP F 134 44.51 -53.80 -15.98
C ASP F 134 44.93 -52.55 -16.67
N GLY F 135 45.38 -51.54 -15.93
CA GLY F 135 45.80 -50.31 -16.53
C GLY F 135 44.63 -49.52 -17.11
N ILE F 136 43.42 -49.69 -16.58
CA ILE F 136 42.21 -49.13 -17.20
C ILE F 136 42.07 -47.72 -16.66
N LYS F 137 41.84 -46.77 -17.54
CA LYS F 137 41.60 -45.39 -17.11
C LYS F 137 40.10 -45.35 -16.78
N GLY F 138 39.73 -45.87 -15.63
CA GLY F 138 38.31 -46.25 -15.33
C GLY F 138 37.49 -45.06 -14.83
N ARG F 139 36.30 -45.39 -14.40
CA ARG F 139 35.30 -44.42 -14.01
C ARG F 139 34.49 -45.01 -12.89
N ILE F 140 34.21 -44.18 -11.89
CA ILE F 140 33.32 -44.53 -10.76
C ILE F 140 32.33 -43.38 -10.68
N ILE F 141 31.05 -43.71 -10.81
CA ILE F 141 30.01 -42.74 -10.86
C ILE F 141 28.92 -43.13 -9.83
N GLN F 142 28.74 -42.30 -8.82
CA GLN F 142 27.77 -42.47 -7.75
C GLN F 142 26.51 -41.76 -8.04
N ILE F 143 25.36 -42.47 -7.92
CA ILE F 143 24.04 -41.79 -7.93
C ILE F 143 23.78 -41.20 -6.55
N ASN F 144 23.67 -39.88 -6.50
CA ASN F 144 23.58 -39.11 -5.31
C ASN F 144 22.30 -38.21 -5.48
N SER F 145 22.17 -37.10 -4.78
CA SER F 145 20.96 -36.44 -4.61
C SER F 145 21.25 -34.99 -4.27
N LYS F 146 20.30 -34.16 -4.59
CA LYS F 146 20.36 -32.80 -4.08
C LYS F 146 20.34 -32.74 -2.52
N SER F 147 19.88 -33.82 -1.87
CA SER F 147 20.09 -33.95 -0.44
C SER F 147 21.55 -34.17 0.03
N GLY F 148 22.46 -34.35 -0.93
CA GLY F 148 23.90 -34.32 -0.71
C GLY F 148 24.53 -32.95 -0.86
N LYS F 149 23.75 -31.97 -1.32
CA LYS F 149 24.22 -30.57 -1.50
C LYS F 149 23.60 -29.67 -0.46
N VAL F 150 22.36 -30.00 -0.04
CA VAL F 150 21.68 -29.28 0.99
C VAL F 150 20.96 -30.27 1.86
N GLY F 151 21.15 -30.15 3.17
CA GLY F 151 20.47 -30.97 4.12
C GLY F 151 18.99 -30.92 3.92
N SER F 152 18.34 -32.02 4.20
CA SER F 152 16.94 -32.15 3.99
C SER F 152 16.25 -32.35 5.35
N LYS F 153 15.22 -31.54 5.56
CA LYS F 153 14.41 -31.58 6.79
C LYS F 153 13.71 -32.93 6.90
N HIS F 154 13.76 -33.53 8.07
CA HIS F 154 13.29 -34.87 8.38
C HIS F 154 13.99 -35.98 7.68
N ASN F 155 15.16 -35.71 7.13
CA ASN F 155 15.98 -36.75 6.52
C ASN F 155 17.43 -36.64 6.94
N SER F 156 17.70 -36.58 8.24
CA SER F 156 19.07 -36.57 8.74
C SER F 156 19.92 -37.74 8.27
N GLY F 157 19.36 -38.94 8.19
CA GLY F 157 20.07 -40.11 7.81
C GLY F 157 20.51 -40.07 6.35
N TYR F 158 19.55 -39.76 5.50
CA TYR F 158 19.82 -39.60 4.08
C TYR F 158 20.82 -38.43 3.79
N SER F 159 20.62 -37.23 4.33
CA SER F 159 21.60 -36.13 4.08
C SER F 159 22.95 -36.46 4.69
N ALA F 160 23.01 -36.97 5.92
CA ALA F 160 24.32 -37.42 6.46
C ALA F 160 25.03 -38.35 5.46
N ALA F 161 24.33 -39.42 5.03
CA ALA F 161 24.88 -40.34 4.07
C ALA F 161 25.24 -39.83 2.67
N LYS F 162 24.42 -38.99 2.09
CA LYS F 162 24.69 -38.51 0.76
C LYS F 162 25.79 -37.41 0.78
N PHE F 163 25.80 -36.57 1.80
CA PHE F 163 26.90 -35.60 2.00
C PHE F 163 28.19 -36.45 2.17
N GLY F 164 28.11 -37.52 2.93
CA GLY F 164 29.26 -38.41 3.07
C GLY F 164 29.80 -39.00 1.79
N GLY F 165 28.88 -39.32 0.87
CA GLY F 165 29.23 -39.81 -0.42
C GLY F 165 30.03 -38.78 -1.22
N VAL F 166 29.70 -37.51 -1.10
CA VAL F 166 30.51 -36.44 -1.73
C VAL F 166 31.95 -36.42 -1.24
N GLY F 167 32.12 -36.52 0.06
CA GLY F 167 33.44 -36.51 0.66
C GLY F 167 34.16 -37.77 0.23
N LEU F 168 33.45 -38.92 0.14
CA LEU F 168 34.12 -40.11 -0.37
C LEU F 168 34.54 -39.95 -1.85
N THR F 169 33.62 -39.45 -2.68
CA THR F 169 33.95 -39.21 -4.07
C THR F 169 35.27 -38.36 -4.22
N GLN F 170 35.37 -37.29 -3.46
CA GLN F 170 36.51 -36.44 -3.47
C GLN F 170 37.77 -37.18 -3.06
N SER F 171 37.72 -37.88 -1.95
CA SER F 171 38.87 -38.63 -1.49
C SER F 171 39.26 -39.73 -2.51
N LEU F 172 38.28 -40.44 -3.06
CA LEU F 172 38.53 -41.46 -4.07
C LEU F 172 39.19 -40.85 -5.33
N ALA F 173 38.71 -39.67 -5.73
CA ALA F 173 39.33 -38.98 -6.83
C ALA F 173 40.77 -38.66 -6.59
N LEU F 174 41.11 -38.20 -5.40
CA LEU F 174 42.49 -37.87 -5.14
C LEU F 174 43.37 -39.19 -5.04
N ASP F 175 42.81 -40.26 -4.55
CA ASP F 175 43.60 -41.51 -4.38
C ASP F 175 43.86 -42.18 -5.69
N LEU F 176 42.95 -42.02 -6.64
CA LEU F 176 42.93 -42.76 -7.84
C LEU F 176 43.38 -41.98 -9.07
N ALA F 177 43.52 -40.64 -8.93
CA ALA F 177 43.92 -39.81 -10.05
C ALA F 177 45.26 -40.26 -10.73
N GLU F 178 46.18 -40.81 -9.94
CA GLU F 178 47.47 -41.23 -10.49
C GLU F 178 47.26 -42.42 -11.42
N TYR F 179 46.12 -43.12 -11.36
CA TYR F 179 45.81 -44.28 -12.22
C TYR F 179 44.91 -43.91 -13.42
N GLY F 180 44.59 -42.61 -13.54
CA GLY F 180 43.73 -42.19 -14.55
C GLY F 180 42.27 -42.56 -14.36
N ILE F 181 41.87 -42.89 -13.13
CA ILE F 181 40.45 -43.22 -12.82
C ILE F 181 39.85 -41.97 -12.27
N THR F 182 38.71 -41.56 -12.83
CA THR F 182 37.96 -40.37 -12.37
C THR F 182 36.72 -40.84 -11.63
N VAL F 183 36.22 -39.99 -10.75
CA VAL F 183 35.16 -40.32 -9.78
C VAL F 183 34.24 -39.11 -9.66
N HIS F 184 32.95 -39.32 -9.78
CA HIS F 184 31.96 -38.24 -9.63
C HIS F 184 30.74 -38.70 -8.88
N SER F 185 29.97 -37.76 -8.38
CA SER F 185 28.66 -38.06 -7.73
C SER F 185 27.70 -37.20 -8.52
N LEU F 186 26.56 -37.79 -8.87
CA LEU F 186 25.54 -37.15 -9.65
C LEU F 186 24.42 -36.75 -8.68
N MET F 187 24.11 -35.45 -8.61
CA MET F 187 23.28 -34.90 -7.53
C MET F 187 21.91 -34.69 -8.13
N LEU F 188 21.12 -35.73 -8.01
CA LEU F 188 19.88 -35.77 -8.77
C LEU F 188 18.77 -34.97 -8.13
N GLY F 189 17.97 -34.30 -8.95
CA GLY F 189 16.74 -33.73 -8.46
C GLY F 189 15.70 -34.81 -8.28
N ASN F 190 14.44 -34.42 -8.14
CA ASN F 190 13.42 -35.39 -7.81
C ASN F 190 12.94 -36.20 -9.02
N LEU F 191 12.91 -37.53 -8.86
CA LEU F 191 12.47 -38.43 -9.89
C LEU F 191 10.94 -38.64 -9.77
N LEU F 192 10.20 -37.63 -10.15
CA LEU F 192 8.75 -37.49 -9.82
C LEU F 192 7.82 -38.59 -10.33
N LYS F 193 8.18 -39.25 -11.42
CA LYS F 193 7.38 -40.32 -11.97
C LYS F 193 7.98 -41.72 -11.67
N SER F 194 8.99 -41.78 -10.80
CA SER F 194 9.51 -43.05 -10.33
C SER F 194 8.42 -43.74 -9.48
N PRO F 195 8.50 -45.06 -9.34
CA PRO F 195 7.55 -45.72 -8.44
C PRO F 195 7.67 -45.19 -7.03
N MET F 196 8.90 -45.19 -6.50
CA MET F 196 9.11 -44.85 -5.08
C MET F 196 8.49 -43.51 -4.73
N PHE F 197 8.76 -42.52 -5.57
CA PHE F 197 8.24 -41.17 -5.36
C PHE F 197 6.74 -41.06 -5.48
N GLN F 198 6.18 -41.82 -6.43
CA GLN F 198 4.73 -41.98 -6.52
C GLN F 198 4.11 -42.59 -5.23
N SER F 199 4.74 -43.57 -4.64
CA SER F 199 4.23 -44.20 -3.44
C SER F 199 4.20 -43.25 -2.22
N LEU F 200 5.11 -42.27 -2.19
CA LEU F 200 5.25 -41.38 -1.04
C LEU F 200 4.37 -40.15 -1.11
N LEU F 201 3.58 -40.01 -2.15
CA LEU F 201 2.83 -38.78 -2.29
C LEU F 201 2.00 -38.42 -1.02
N PRO F 202 1.27 -39.41 -0.46
CA PRO F 202 0.52 -39.15 0.78
C PRO F 202 1.44 -38.68 1.91
N GLN F 203 2.43 -39.48 2.25
CA GLN F 203 3.46 -39.08 3.23
C GLN F 203 3.93 -37.63 3.04
N TYR F 204 4.26 -37.26 1.81
CA TYR F 204 4.80 -35.94 1.55
C TYR F 204 3.77 -34.82 1.80
N ALA F 205 2.52 -35.04 1.36
CA ALA F 205 1.39 -34.12 1.56
C ALA F 205 1.17 -33.84 3.03
N GLU F 206 1.17 -34.91 3.82
CA GLU F 206 0.91 -34.82 5.27
C GLU F 206 2.09 -34.16 5.93
N LYS F 207 3.26 -34.33 5.33
CA LYS F 207 4.49 -33.72 5.80
C LYS F 207 4.46 -32.22 5.56
N LEU F 208 4.12 -31.83 4.33
CA LEU F 208 3.85 -30.43 3.97
C LEU F 208 2.46 -30.11 4.49
N GLY F 209 1.99 -28.90 4.30
CA GLY F 209 0.61 -28.60 4.72
C GLY F 209 -0.44 -28.78 3.62
N ILE F 210 -0.33 -29.83 2.79
CA ILE F 210 -1.09 -29.89 1.50
C ILE F 210 -1.68 -31.25 1.16
N THR F 211 -2.55 -31.33 0.14
CA THR F 211 -3.04 -32.65 -0.32
C THR F 211 -2.03 -33.30 -1.29
N PRO F 212 -2.14 -34.64 -1.47
CA PRO F 212 -1.26 -35.41 -2.36
C PRO F 212 -1.40 -35.06 -3.84
N GLU F 213 -2.64 -34.87 -4.27
CA GLU F 213 -2.97 -34.22 -5.55
C GLU F 213 -1.90 -33.16 -5.92
N GLU F 214 -1.49 -32.37 -4.92
CA GLU F 214 -0.68 -31.14 -5.09
C GLU F 214 0.86 -31.22 -4.76
N VAL F 215 1.34 -32.43 -4.47
CA VAL F 215 2.76 -32.67 -4.17
C VAL F 215 3.64 -32.45 -5.40
N GLU F 216 3.28 -33.06 -6.53
CA GLU F 216 4.02 -32.86 -7.79
C GLU F 216 4.09 -31.43 -8.23
N PRO F 217 2.97 -30.69 -8.24
CA PRO F 217 3.10 -29.28 -8.58
C PRO F 217 3.87 -28.49 -7.57
N TYR F 218 3.84 -28.87 -6.28
CA TYR F 218 4.68 -28.25 -5.28
C TYR F 218 6.18 -28.39 -5.68
N TYR F 219 6.63 -29.60 -5.93
CA TYR F 219 8.06 -29.81 -6.24
C TYR F 219 8.48 -29.34 -7.66
N VAL F 220 7.59 -29.46 -8.64
CA VAL F 220 7.81 -28.87 -9.96
C VAL F 220 8.04 -27.36 -9.87
N ASP F 221 7.26 -26.71 -9.03
CA ASP F 221 7.26 -25.26 -8.95
C ASP F 221 8.59 -24.71 -8.46
N LYS F 222 9.26 -25.49 -7.64
CA LYS F 222 10.56 -25.12 -7.11
C LYS F 222 11.75 -25.25 -8.10
N VAL F 223 11.51 -25.81 -9.27
CA VAL F 223 12.51 -26.09 -10.28
C VAL F 223 12.40 -25.01 -11.33
N PRO F 224 13.47 -24.24 -11.58
CA PRO F 224 13.45 -23.27 -12.66
C PRO F 224 12.95 -23.79 -14.05
N LEU F 225 13.41 -24.96 -14.48
CA LEU F 225 13.05 -25.49 -15.73
C LEU F 225 11.64 -26.11 -15.65
N LYS F 226 10.99 -26.12 -14.49
CA LYS F 226 9.54 -26.49 -14.32
C LYS F 226 9.21 -27.89 -14.75
N ARG F 227 10.04 -28.82 -14.34
CA ARG F 227 9.79 -30.25 -14.55
CA ARG F 227 9.77 -30.25 -14.53
C ARG F 227 10.72 -31.03 -13.62
N GLY F 228 10.38 -32.30 -13.44
CA GLY F 228 11.10 -33.25 -12.58
C GLY F 228 12.26 -33.82 -13.32
N CYS F 229 13.12 -34.52 -12.60
CA CYS F 229 14.29 -35.15 -13.22
C CYS F 229 13.83 -36.42 -13.89
N ASP F 230 14.23 -36.65 -15.13
CA ASP F 230 13.92 -37.92 -15.82
C ASP F 230 15.10 -38.90 -15.75
N TYR F 231 14.82 -40.21 -15.88
CA TYR F 231 15.86 -41.25 -15.96
C TYR F 231 16.78 -40.96 -17.14
N GLN F 232 16.24 -40.41 -18.26
CA GLN F 232 17.05 -40.16 -19.42
C GLN F 232 18.07 -39.04 -19.11
N ASP F 233 17.73 -38.04 -18.29
CA ASP F 233 18.69 -36.96 -17.90
C ASP F 233 19.87 -37.55 -17.13
N VAL F 234 19.58 -38.49 -16.22
CA VAL F 234 20.61 -39.21 -15.45
C VAL F 234 21.50 -39.94 -16.39
N LEU F 235 20.93 -40.77 -17.27
CA LEU F 235 21.76 -41.49 -18.24
C LEU F 235 22.64 -40.60 -19.14
N ASN F 236 22.07 -39.49 -19.59
CA ASN F 236 22.82 -38.63 -20.47
C ASN F 236 24.10 -38.06 -19.75
N VAL F 237 23.91 -37.59 -18.55
CA VAL F 237 25.01 -36.95 -17.76
C VAL F 237 26.03 -38.05 -17.40
N LEU F 238 25.47 -39.18 -16.99
CA LEU F 238 26.32 -40.38 -16.70
C LEU F 238 27.23 -40.77 -17.87
N LEU F 239 26.64 -40.99 -19.06
CA LEU F 239 27.41 -41.34 -20.28
C LEU F 239 28.56 -40.30 -20.57
N PHE F 240 28.30 -39.00 -20.36
CA PHE F 240 29.32 -38.01 -20.73
C PHE F 240 30.49 -38.18 -19.72
N TYR F 241 30.15 -38.17 -18.42
CA TYR F 241 31.19 -38.20 -17.38
C TYR F 241 31.91 -39.56 -17.42
N ALA F 242 31.22 -40.59 -17.91
CA ALA F 242 31.89 -41.90 -18.01
C ALA F 242 32.75 -41.98 -19.28
N SER F 243 32.66 -40.98 -20.14
CA SER F 243 33.37 -41.07 -21.42
C SER F 243 34.80 -40.54 -21.32
N ASP F 244 35.55 -40.84 -22.36
CA ASP F 244 36.88 -40.23 -22.47
C ASP F 244 36.84 -38.75 -22.78
N LYS F 245 35.69 -38.24 -23.17
CA LYS F 245 35.54 -36.79 -23.35
C LYS F 245 35.54 -35.96 -22.08
N ALA F 246 35.37 -36.62 -20.94
CA ALA F 246 35.43 -35.97 -19.64
C ALA F 246 36.69 -36.35 -18.86
N ALA F 247 37.84 -36.58 -19.52
CA ALA F 247 38.96 -37.13 -18.83
C ALA F 247 39.69 -36.11 -17.96
N TYR F 248 39.40 -34.80 -18.11
CA TYR F 248 40.02 -33.78 -17.26
C TYR F 248 39.10 -33.32 -16.13
N CYS F 249 37.99 -34.04 -15.90
CA CYS F 249 37.09 -33.76 -14.75
C CYS F 249 37.14 -34.94 -13.77
N THR F 250 37.39 -34.64 -12.48
CA THR F 250 37.26 -35.57 -11.44
C THR F 250 36.91 -34.99 -10.10
N GLY F 251 36.29 -35.85 -9.27
CA GLY F 251 36.02 -35.51 -7.91
C GLY F 251 34.82 -34.56 -7.82
N GLN F 252 33.96 -34.51 -8.83
CA GLN F 252 32.88 -33.51 -8.93
C GLN F 252 31.50 -33.96 -8.37
N SER F 253 30.74 -32.99 -7.96
CA SER F 253 29.36 -33.14 -7.51
C SER F 253 28.60 -32.48 -8.64
N ILE F 254 28.07 -33.28 -9.55
CA ILE F 254 27.47 -32.81 -10.83
C ILE F 254 25.96 -32.71 -10.59
N ASN F 255 25.47 -31.48 -10.62
CA ASN F 255 24.06 -31.27 -10.47
C ASN F 255 23.18 -31.67 -11.68
N VAL F 256 22.03 -32.36 -11.41
CA VAL F 256 21.08 -32.76 -12.46
C VAL F 256 19.77 -32.39 -11.80
N THR F 257 19.49 -31.07 -11.76
CA THR F 257 18.42 -30.52 -10.90
C THR F 257 17.50 -29.52 -11.57
N GLY F 258 17.70 -29.26 -12.84
CA GLY F 258 16.79 -28.29 -13.53
C GLY F 258 17.10 -26.91 -13.10
N GLY F 259 18.33 -26.66 -12.59
CA GLY F 259 18.64 -25.35 -12.03
C GLY F 259 18.24 -25.04 -10.59
N GLN F 260 17.63 -25.98 -9.91
CA GLN F 260 17.25 -25.79 -8.48
C GLN F 260 18.50 -25.61 -7.55
N VAL F 261 19.55 -26.34 -7.86
CA VAL F 261 20.82 -26.21 -7.15
C VAL F 261 21.87 -25.70 -8.13
N MET F 262 22.41 -24.52 -7.89
CA MET F 262 23.41 -23.97 -8.75
C MET F 262 24.78 -23.85 -8.11
N PHE F 263 24.88 -24.28 -6.85
CA PHE F 263 26.20 -24.31 -6.13
C PHE F 263 26.71 -25.76 -6.03
N GLU G 6 40.69 2.27 21.39
CA GLU G 6 41.39 3.27 20.50
C GLU G 6 41.20 3.14 18.97
N GLN G 7 40.56 2.07 18.52
CA GLN G 7 40.34 1.81 17.14
C GLN G 7 39.37 2.71 16.45
N VAL G 8 39.66 2.94 15.18
CA VAL G 8 38.89 3.79 14.31
C VAL G 8 38.21 2.95 13.24
N ALA G 9 36.88 3.07 13.15
CA ALA G 9 36.07 2.44 12.14
C ALA G 9 35.53 3.47 11.17
N VAL G 10 35.68 3.17 9.88
CA VAL G 10 35.16 3.94 8.73
C VAL G 10 34.00 3.21 8.09
N VAL G 11 32.79 3.79 8.21
CA VAL G 11 31.63 3.21 7.61
C VAL G 11 31.17 3.95 6.38
N ILE G 12 31.28 3.26 5.26
CA ILE G 12 30.92 3.83 3.98
C ILE G 12 29.46 3.46 3.78
N GLY G 13 28.61 4.47 3.61
CA GLY G 13 27.16 4.36 3.66
C GLY G 13 26.60 4.58 5.07
N GLY G 14 27.37 5.19 5.95
CA GLY G 14 26.96 5.43 7.30
C GLY G 14 25.86 6.43 7.59
N GLY G 15 25.46 7.22 6.61
CA GLY G 15 24.50 8.29 6.93
C GLY G 15 23.04 7.88 7.16
N GLN G 16 22.67 6.65 6.80
CA GLN G 16 21.30 6.20 6.96
C GLN G 16 21.18 4.67 7.11
N THR G 17 19.97 4.28 7.47
CA THR G 17 19.50 2.95 7.70
C THR G 17 20.54 2.00 8.26
N LEU G 18 20.87 0.89 7.55
CA LEU G 18 21.72 -0.14 8.15
C LEU G 18 23.05 0.49 8.57
N GLY G 19 23.61 1.25 7.66
CA GLY G 19 24.86 1.94 7.91
C GLY G 19 24.90 2.75 9.18
N ALA G 20 23.85 3.57 9.39
CA ALA G 20 23.72 4.36 10.59
C ALA G 20 23.69 3.55 11.86
N PHE G 21 22.85 2.54 11.88
CA PHE G 21 22.82 1.57 12.95
C PHE G 21 24.17 0.97 13.26
N LEU G 22 24.89 0.55 12.25
CA LEU G 22 26.26 0.03 12.52
C LEU G 22 27.21 1.09 13.14
N CYS G 23 27.10 2.32 12.68
CA CYS G 23 27.96 3.38 13.17
C CYS G 23 27.74 3.56 14.68
N GLU G 24 26.46 3.44 15.06
CA GLU G 24 26.03 3.69 16.42
C GLU G 24 26.47 2.54 17.22
N GLY G 25 26.26 1.34 16.69
CA GLY G 25 26.72 0.12 17.37
C GLY G 25 28.22 -0.02 17.58
N LEU G 26 29.00 0.37 16.60
CA LEU G 26 30.42 0.44 16.66
C LEU G 26 30.87 1.41 17.79
N ALA G 27 30.23 2.58 17.86
CA ALA G 27 30.52 3.54 18.95
C ALA G 27 30.19 2.98 20.32
N GLN G 28 29.01 2.39 20.45
CA GLN G 28 28.69 1.66 21.62
C GLN G 28 29.77 0.61 22.05
N ALA G 29 30.37 -0.04 21.08
CA ALA G 29 31.42 -1.04 21.35
C ALA G 29 32.76 -0.43 21.60
N GLY G 30 32.86 0.89 21.52
CA GLY G 30 34.10 1.59 21.84
C GLY G 30 34.91 2.14 20.70
N TYR G 31 34.44 2.04 19.46
CA TYR G 31 35.20 2.60 18.34
C TYR G 31 34.93 4.10 18.23
N HIS G 32 35.93 4.83 17.77
CA HIS G 32 35.76 6.15 17.10
C HIS G 32 35.28 5.85 15.65
N VAL G 33 34.41 6.73 15.12
CA VAL G 33 33.70 6.41 13.89
C VAL G 33 33.74 7.55 12.87
N ALA G 34 34.28 7.26 11.70
CA ALA G 34 34.10 8.07 10.52
C ALA G 34 32.85 7.64 9.81
N VAL G 35 31.89 8.57 9.82
CA VAL G 35 30.57 8.35 9.27
C VAL G 35 30.59 8.90 7.86
N ALA G 36 30.69 8.03 6.87
CA ALA G 36 30.84 8.53 5.53
C ALA G 36 29.65 8.23 4.68
N ASP G 37 29.21 9.28 3.99
CA ASP G 37 28.03 9.20 3.20
C ASP G 37 28.01 10.23 2.04
N LEU G 38 27.16 9.93 1.07
CA LEU G 38 26.94 10.77 -0.08
C LEU G 38 26.23 12.03 0.44
N ASN G 39 25.30 11.84 1.35
CA ASN G 39 24.66 12.94 2.05
C ASN G 39 25.48 13.39 3.25
N GLU G 40 26.30 14.40 3.04
CA GLU G 40 27.08 14.96 4.14
C GLU G 40 26.30 15.43 5.39
N SER G 41 25.08 15.95 5.23
CA SER G 41 24.36 16.50 6.40
C SER G 41 23.88 15.36 7.30
N ASN G 42 23.43 14.26 6.71
CA ASN G 42 23.03 13.09 7.49
C ASN G 42 24.16 12.49 8.28
N ALA G 43 25.35 12.49 7.70
CA ALA G 43 26.56 11.93 8.37
C ALA G 43 26.87 12.81 9.53
N ASN G 44 26.93 14.12 9.28
CA ASN G 44 27.15 15.07 10.36
C ASN G 44 26.15 14.98 11.46
N ARG G 45 24.88 14.71 11.12
CA ARG G 45 23.82 14.63 12.15
C ARG G 45 23.92 13.37 12.95
N LEU G 46 24.22 12.28 12.28
CA LEU G 46 24.52 11.05 13.02
C LEU G 46 25.77 11.19 13.93
N ALA G 47 26.86 11.70 13.39
CA ALA G 47 28.04 12.04 14.21
C ALA G 47 27.73 12.89 15.43
N ASP G 48 27.03 14.04 15.29
CA ASP G 48 26.53 14.78 16.49
C ASP G 48 25.83 13.91 17.56
N THR G 49 24.95 13.07 17.08
CA THR G 49 24.18 12.20 17.96
C THR G 49 25.09 11.20 18.68
N ILE G 50 25.99 10.57 17.94
CA ILE G 50 27.00 9.67 18.60
C ILE G 50 27.83 10.42 19.61
N ASN G 51 28.25 11.66 19.29
CA ASN G 51 29.05 12.43 20.24
C ASN G 51 28.32 12.82 21.47
N SER G 52 27.04 13.13 21.31
CA SER G 52 26.24 13.43 22.51
C SER G 52 26.06 12.17 23.42
N ARG G 53 25.98 10.97 22.84
CA ARG G 53 25.72 9.77 23.62
C ARG G 53 27.04 9.16 24.15
N TYR G 54 28.12 9.32 23.39
CA TYR G 54 29.40 8.66 23.71
C TYR G 54 30.58 9.54 24.01
N GLY G 55 30.44 10.87 23.88
CA GLY G 55 31.47 11.79 24.32
C GLY G 55 32.04 12.48 23.13
N ALA G 56 32.66 13.63 23.40
CA ALA G 56 33.10 14.50 22.32
C ALA G 56 34.18 13.89 21.46
N GLY G 57 34.07 14.11 20.15
CA GLY G 57 35.17 13.77 19.23
C GLY G 57 35.18 12.23 18.97
N ARG G 58 34.11 11.54 19.36
CA ARG G 58 34.06 10.08 19.12
C ARG G 58 33.74 9.80 17.62
N ALA G 59 32.90 10.67 17.03
CA ALA G 59 32.50 10.48 15.64
C ALA G 59 32.66 11.76 14.83
N TYR G 60 33.01 11.63 13.54
CA TYR G 60 32.92 12.74 12.59
C TYR G 60 32.25 12.33 11.28
N GLY G 61 31.51 13.24 10.66
CA GLY G 61 30.91 13.04 9.37
C GLY G 61 31.81 13.49 8.23
N PHE G 62 31.72 12.75 7.11
CA PHE G 62 32.49 13.02 5.90
C PHE G 62 31.60 12.82 4.75
N LYS G 63 31.89 13.55 3.67
CA LYS G 63 31.24 13.31 2.41
C LYS G 63 32.06 12.28 1.60
N VAL G 64 31.39 11.31 0.99
CA VAL G 64 32.04 10.51 -0.04
C VAL G 64 31.10 10.07 -1.14
N ASP G 65 31.60 10.08 -2.36
CA ASP G 65 31.00 9.28 -3.48
C ASP G 65 31.92 8.09 -3.74
N ALA G 66 31.56 6.91 -3.23
CA ALA G 66 32.49 5.75 -3.32
C ALA G 66 32.80 5.31 -4.74
N THR G 67 32.01 5.76 -5.70
CA THR G 67 32.22 5.49 -7.13
C THR G 67 33.28 6.36 -7.74
N ASP G 68 33.73 7.35 -7.01
CA ASP G 68 34.61 8.36 -7.60
C ASP G 68 35.94 8.25 -6.93
N GLU G 69 36.98 8.02 -7.71
CA GLU G 69 38.30 7.79 -7.15
C GLU G 69 38.85 9.00 -6.39
N ALA G 70 38.66 10.21 -6.90
CA ALA G 70 39.21 11.33 -6.15
C ALA G 70 38.45 11.54 -4.86
N SER G 71 37.15 11.29 -4.85
CA SER G 71 36.36 11.33 -3.61
C SER G 71 36.81 10.37 -2.48
N VAL G 72 37.17 9.14 -2.85
CA VAL G 72 37.58 8.16 -1.90
C VAL G 72 38.97 8.45 -1.45
N GLU G 73 39.88 8.89 -2.35
CA GLU G 73 41.26 9.26 -1.87
C GLU G 73 41.20 10.41 -0.88
N ALA G 74 40.33 11.35 -1.18
CA ALA G 74 40.09 12.52 -0.32
C ALA G 74 39.59 12.07 1.03
N LEU G 75 38.58 11.17 1.01
CA LEU G 75 38.10 10.59 2.21
C LEU G 75 39.16 9.96 3.05
N ALA G 76 40.01 9.11 2.47
CA ALA G 76 41.09 8.54 3.21
C ALA G 76 41.96 9.58 3.92
N ARG G 77 42.33 10.63 3.18
CA ARG G 77 43.18 11.72 3.68
C ARG G 77 42.50 12.45 4.85
N ALA G 78 41.19 12.73 4.71
CA ALA G 78 40.43 13.36 5.79
C ALA G 78 40.31 12.50 7.04
N VAL G 79 40.05 11.20 6.88
CA VAL G 79 40.00 10.31 8.04
C VAL G 79 41.32 10.23 8.76
N ASP G 80 42.42 10.16 8.00
CA ASP G 80 43.73 10.22 8.56
C ASP G 80 44.04 11.57 9.24
N GLU G 81 43.73 12.68 8.60
CA GLU G 81 43.88 14.00 9.31
C GLU G 81 43.08 14.12 10.58
N THR G 82 41.84 13.67 10.60
CA THR G 82 41.02 13.73 11.80
C THR G 82 41.33 12.76 12.92
N PHE G 83 41.55 11.47 12.60
CA PHE G 83 41.75 10.44 13.65
C PHE G 83 43.16 9.83 13.71
N GLY G 84 43.93 9.97 12.61
CA GLY G 84 45.34 9.53 12.56
C GLY G 84 45.56 8.01 12.30
N ARG G 85 44.49 7.27 12.06
CA ARG G 85 44.60 5.79 11.86
C ARG G 85 43.26 5.33 11.31
N ALA G 86 43.27 4.11 10.75
CA ALA G 86 42.06 3.47 10.36
C ALA G 86 42.27 2.00 10.73
N ASP G 87 41.30 1.41 11.43
CA ASP G 87 41.37 0.00 11.87
C ASP G 87 40.41 -0.94 11.17
N LEU G 88 39.19 -0.44 10.98
CA LEU G 88 38.06 -1.21 10.44
C LEU G 88 37.31 -0.39 9.36
N LEU G 89 37.17 -0.98 8.16
CA LEU G 89 36.46 -0.44 7.04
C LEU G 89 35.23 -1.32 6.91
N VAL G 90 34.08 -0.65 6.96
CA VAL G 90 32.79 -1.30 6.70
C VAL G 90 32.23 -0.68 5.41
N TYR G 91 32.06 -1.49 4.36
CA TYR G 91 31.50 -1.01 3.09
C TYR G 91 29.99 -1.45 2.96
N SER G 92 29.06 -0.47 3.12
CA SER G 92 27.66 -0.73 3.04
C SER G 92 26.96 0.06 1.89
N ALA G 93 26.58 -0.63 0.84
CA ALA G 93 26.06 0.04 -0.37
C ALA G 93 25.36 -0.91 -1.32
N GLY G 94 24.49 -0.28 -2.10
CA GLY G 94 23.84 -0.87 -3.23
C GLY G 94 22.42 -1.21 -2.90
N VAL G 95 21.56 -1.12 -3.91
CA VAL G 95 20.18 -1.49 -3.80
C VAL G 95 19.81 -2.20 -5.10
N ALA G 96 19.19 -3.36 -4.98
CA ALA G 96 18.92 -4.11 -6.20
C ALA G 96 17.94 -3.34 -7.12
N LYS G 97 18.19 -3.40 -8.43
CA LYS G 97 17.18 -3.03 -9.47
C LYS G 97 16.65 -4.23 -10.29
N ALA G 98 15.34 -4.42 -10.30
CA ALA G 98 14.77 -5.66 -10.81
C ALA G 98 14.19 -5.54 -12.22
N ALA G 99 14.69 -6.38 -13.13
CA ALA G 99 14.20 -6.46 -14.49
C ALA G 99 14.66 -7.77 -15.10
N PRO G 100 13.76 -8.47 -15.82
CA PRO G 100 14.32 -9.61 -16.59
C PRO G 100 15.42 -9.14 -17.57
N ILE G 101 16.37 -10.05 -17.83
CA ILE G 101 17.55 -9.79 -18.65
C ILE G 101 17.19 -9.12 -19.98
N THR G 102 16.08 -9.57 -20.56
CA THR G 102 15.65 -9.04 -21.87
C THR G 102 15.26 -7.54 -21.88
N GLN G 103 14.99 -7.01 -20.70
CA GLN G 103 14.66 -5.62 -20.57
C GLN G 103 15.61 -4.87 -19.68
N PHE G 104 16.71 -5.48 -19.27
CA PHE G 104 17.58 -4.85 -18.28
C PHE G 104 18.46 -3.86 -19.02
N ARG G 105 18.60 -2.68 -18.44
CA ARG G 105 19.29 -1.58 -19.04
C ARG G 105 20.78 -1.59 -18.73
N LEU G 106 21.62 -1.32 -19.73
CA LEU G 106 23.03 -1.25 -19.51
C LEU G 106 23.36 -0.23 -18.38
N THR G 107 22.67 0.95 -18.40
CA THR G 107 22.98 1.96 -17.41
C THR G 107 22.76 1.44 -16.04
N ASP G 108 21.77 0.59 -15.85
CA ASP G 108 21.49 0.08 -14.52
C ASP G 108 22.53 -0.99 -14.15
N PHE G 109 22.89 -1.83 -15.12
CA PHE G 109 23.90 -2.88 -14.90
C PHE G 109 25.23 -2.27 -14.51
N ASP G 110 25.69 -1.28 -15.28
CA ASP G 110 26.89 -0.47 -14.95
C ASP G 110 26.90 0.25 -13.59
N LEU G 111 25.81 0.94 -13.27
CA LEU G 111 25.67 1.51 -11.99
C LEU G 111 25.75 0.42 -10.86
N SER G 112 25.09 -0.72 -11.03
CA SER G 112 25.28 -1.79 -10.03
C SER G 112 26.78 -2.11 -9.80
N LEU G 113 27.55 -2.24 -10.89
CA LEU G 113 28.97 -2.52 -10.78
C LEU G 113 29.76 -1.44 -10.03
N GLN G 114 29.39 -0.17 -10.33
CA GLN G 114 30.09 0.99 -9.80
C GLN G 114 29.89 1.08 -8.30
N VAL G 115 28.63 1.03 -7.84
CA VAL G 115 28.29 1.21 -6.46
C VAL G 115 28.65 0.00 -5.58
N ASN G 116 28.38 -1.20 -6.09
CA ASN G 116 28.45 -2.41 -5.26
C ASN G 116 29.83 -2.95 -5.27
N LEU G 117 30.59 -2.70 -6.34
CA LEU G 117 31.91 -3.37 -6.54
C LEU G 117 33.09 -2.44 -6.70
N VAL G 118 32.94 -1.46 -7.59
CA VAL G 118 34.05 -0.53 -7.79
C VAL G 118 34.30 0.24 -6.49
N GLY G 119 33.24 0.62 -5.78
CA GLY G 119 33.36 1.38 -4.58
C GLY G 119 34.07 0.57 -3.50
N TYR G 120 33.69 -0.69 -3.47
CA TYR G 120 34.37 -1.66 -2.56
C TYR G 120 35.84 -1.75 -2.92
N PHE G 121 36.14 -1.90 -4.19
CA PHE G 121 37.55 -1.83 -4.62
C PHE G 121 38.33 -0.56 -4.18
N LEU G 122 37.81 0.64 -4.56
CA LEU G 122 38.49 1.92 -4.13
C LEU G 122 38.70 2.11 -2.64
N CYS G 123 37.67 1.84 -1.86
CA CYS G 123 37.77 1.99 -0.45
C CYS G 123 38.73 0.98 0.23
N SER G 124 38.68 -0.25 -0.20
CA SER G 124 39.65 -1.24 0.26
C SER G 124 41.08 -0.88 -0.09
N ARG G 125 41.30 -0.39 -1.29
CA ARG G 125 42.61 -0.02 -1.70
C ARG G 125 43.18 1.13 -0.82
N GLU G 126 42.44 2.22 -0.74
CA GLU G 126 42.85 3.40 0.02
C GLU G 126 42.97 3.19 1.52
N PHE G 127 42.03 2.45 2.14
CA PHE G 127 42.10 2.19 3.54
C PHE G 127 43.09 1.09 3.97
N SER G 128 43.30 0.05 3.14
CA SER G 128 44.35 -0.92 3.46
C SER G 128 45.69 -0.23 3.43
N LYS G 129 45.85 0.78 2.58
CA LYS G 129 47.16 1.47 2.56
C LYS G 129 47.45 2.14 3.91
N LEU G 130 46.45 2.79 4.52
CA LEU G 130 46.62 3.44 5.84
C LEU G 130 46.94 2.44 6.94
N MET G 131 46.30 1.28 6.84
CA MET G 131 46.52 0.20 7.78
C MET G 131 47.91 -0.38 7.68
N ILE G 132 48.39 -0.59 6.46
CA ILE G 132 49.76 -1.09 6.26
C ILE G 132 50.82 -0.06 6.74
N ARG G 133 50.62 1.21 6.42
CA ARG G 133 51.54 2.26 6.84
C ARG G 133 51.72 2.22 8.33
N ASP G 134 50.66 2.04 9.10
CA ASP G 134 50.73 2.06 10.55
C ASP G 134 50.94 0.73 11.27
N GLY G 135 51.15 -0.34 10.50
CA GLY G 135 51.32 -1.69 11.07
C GLY G 135 50.06 -2.21 11.71
N ILE G 136 48.92 -1.79 11.27
CA ILE G 136 47.65 -2.18 11.94
C ILE G 136 47.17 -3.54 11.43
N LYS G 137 46.79 -4.44 12.32
CA LYS G 137 46.20 -5.73 11.90
C LYS G 137 44.70 -5.54 11.68
N GLY G 138 44.39 -4.93 10.55
CA GLY G 138 43.11 -4.30 10.29
C GLY G 138 42.03 -5.25 9.87
N ARG G 139 40.90 -4.67 9.52
CA ARG G 139 39.72 -5.41 9.16
C ARG G 139 38.99 -4.72 8.05
N ILE G 140 38.59 -5.47 7.04
CA ILE G 140 37.69 -4.95 5.99
C ILE G 140 36.47 -5.88 5.97
N ILE G 141 35.26 -5.32 6.14
CA ILE G 141 34.03 -6.07 6.15
C ILE G 141 33.05 -5.45 5.13
N GLN G 142 32.69 -6.26 4.15
CA GLN G 142 31.71 -5.88 3.16
C GLN G 142 30.31 -6.33 3.53
N ILE G 143 29.35 -5.42 3.49
CA ILE G 143 27.93 -5.86 3.56
C ILE G 143 27.47 -6.40 2.22
N ASN G 144 27.02 -7.63 2.19
CA ASN G 144 26.70 -8.31 0.92
C ASN G 144 25.34 -8.90 1.18
N SER G 145 24.95 -9.93 0.48
CA SER G 145 23.60 -10.43 0.38
C SER G 145 23.61 -11.87 0.05
N LYS G 146 22.54 -12.54 0.40
CA LYS G 146 22.32 -13.85 -0.17
C LYS G 146 22.32 -13.89 -1.69
N SER G 147 21.95 -12.79 -2.34
CA SER G 147 22.13 -12.63 -3.79
C SER G 147 23.56 -12.64 -4.28
N GLY G 148 24.53 -12.58 -3.32
CA GLY G 148 25.94 -12.88 -3.66
C GLY G 148 26.37 -14.33 -3.45
N LYS G 149 25.45 -15.12 -2.93
CA LYS G 149 25.59 -16.58 -2.85
C LYS G 149 24.84 -17.39 -3.91
N VAL G 150 23.61 -16.99 -4.17
CA VAL G 150 22.72 -17.64 -5.17
C VAL G 150 22.20 -16.50 -6.01
N GLY G 151 22.35 -16.65 -7.33
CA GLY G 151 21.82 -15.66 -8.29
C GLY G 151 20.33 -15.40 -8.08
N SER G 152 19.91 -14.14 -8.29
CA SER G 152 18.54 -13.75 -8.05
C SER G 152 17.81 -13.46 -9.37
N LYS G 153 16.64 -14.10 -9.55
CA LYS G 153 15.85 -13.89 -10.72
C LYS G 153 15.50 -12.41 -10.87
N HIS G 154 15.67 -11.93 -12.09
CA HIS G 154 15.45 -10.55 -12.49
C HIS G 154 16.40 -9.63 -11.73
N ASN G 155 17.56 -10.11 -11.26
CA ASN G 155 18.46 -9.24 -10.50
C ASN G 155 19.86 -9.37 -11.02
N SER G 156 19.97 -9.48 -12.34
CA SER G 156 21.27 -9.83 -12.97
C SER G 156 22.39 -8.86 -12.56
N GLY G 157 22.06 -7.57 -12.46
CA GLY G 157 23.05 -6.57 -12.13
C GLY G 157 23.52 -6.76 -10.71
N TYR G 158 22.57 -6.99 -9.79
CA TYR G 158 22.84 -7.10 -8.41
C TYR G 158 23.65 -8.41 -8.07
N SER G 159 23.26 -9.50 -8.67
CA SER G 159 23.96 -10.81 -8.40
C SER G 159 25.36 -10.78 -8.97
N ALA G 160 25.50 -10.27 -10.20
CA ALA G 160 26.81 -10.04 -10.79
C ALA G 160 27.74 -9.18 -9.89
N ALA G 161 27.24 -8.03 -9.37
CA ALA G 161 28.09 -7.21 -8.51
C ALA G 161 28.37 -7.90 -7.17
N LYS G 162 27.37 -8.54 -6.58
CA LYS G 162 27.50 -9.11 -5.24
C LYS G 162 28.39 -10.36 -5.27
N PHE G 163 28.20 -11.23 -6.28
CA PHE G 163 29.12 -12.36 -6.48
C PHE G 163 30.54 -11.79 -6.68
N GLY G 164 30.64 -10.72 -7.48
CA GLY G 164 31.91 -10.09 -7.73
C GLY G 164 32.57 -9.62 -6.45
N GLY G 165 31.73 -9.15 -5.52
CA GLY G 165 32.20 -8.74 -4.19
C GLY G 165 32.85 -9.93 -3.41
N VAL G 166 32.25 -11.13 -3.50
CA VAL G 166 32.92 -12.30 -2.88
C VAL G 166 34.33 -12.55 -3.49
N GLY G 167 34.40 -12.60 -4.79
CA GLY G 167 35.67 -12.66 -5.45
C GLY G 167 36.69 -11.65 -5.00
N LEU G 168 36.34 -10.36 -4.96
CA LEU G 168 37.23 -9.36 -4.45
C LEU G 168 37.67 -9.57 -3.00
N THR G 169 36.74 -9.93 -2.08
CA THR G 169 37.00 -10.27 -0.75
C THR G 169 38.06 -11.36 -0.66
N GLN G 170 37.94 -12.36 -1.50
CA GLN G 170 38.94 -13.48 -1.44
C GLN G 170 40.37 -12.99 -1.89
N SER G 171 40.44 -12.26 -2.99
CA SER G 171 41.73 -11.80 -3.52
C SER G 171 42.32 -10.76 -2.54
N LEU G 172 41.45 -9.89 -1.99
CA LEU G 172 41.90 -8.92 -0.93
C LEU G 172 42.50 -9.65 0.24
N ALA G 173 41.76 -10.67 0.72
CA ALA G 173 42.31 -11.50 1.80
C ALA G 173 43.63 -12.14 1.54
N LEU G 174 43.84 -12.68 0.37
CA LEU G 174 45.15 -13.32 0.01
C LEU G 174 46.22 -12.21 -0.14
N ASP G 175 45.80 -11.09 -0.71
CA ASP G 175 46.74 -9.90 -0.78
C ASP G 175 47.17 -9.31 0.55
N LEU G 176 46.31 -9.25 1.51
CA LEU G 176 46.55 -8.46 2.71
C LEU G 176 46.88 -9.29 3.90
N ALA G 177 46.79 -10.64 3.80
CA ALA G 177 47.00 -11.49 4.90
C ALA G 177 48.43 -11.28 5.46
N GLU G 178 49.44 -11.10 4.61
CA GLU G 178 50.84 -10.90 5.15
C GLU G 178 50.92 -9.73 6.12
N TYR G 179 50.06 -8.74 5.95
CA TYR G 179 50.00 -7.59 6.84
C TYR G 179 49.11 -7.75 8.05
N GLY G 180 48.51 -8.92 8.26
CA GLY G 180 47.69 -9.12 9.40
C GLY G 180 46.25 -8.51 9.22
N ILE G 181 45.86 -8.16 8.03
CA ILE G 181 44.52 -7.64 7.78
C ILE G 181 43.57 -8.69 7.30
N THR G 182 42.39 -8.86 7.93
CA THR G 182 41.42 -9.87 7.44
C THR G 182 40.25 -9.14 6.72
N VAL G 183 39.62 -9.91 5.82
CA VAL G 183 38.69 -9.43 4.88
C VAL G 183 37.49 -10.44 4.84
N HIS G 184 36.29 -9.94 5.01
CA HIS G 184 35.05 -10.79 4.97
C HIS G 184 33.89 -10.07 4.26
N SER G 185 33.01 -10.91 3.69
CA SER G 185 31.72 -10.44 3.20
C SER G 185 30.64 -11.00 4.07
N LEU G 186 29.68 -10.19 4.50
CA LEU G 186 28.50 -10.74 5.26
C LEU G 186 27.33 -10.91 4.33
N MET G 187 26.84 -12.15 4.22
CA MET G 187 25.84 -12.49 3.28
C MET G 187 24.49 -12.40 3.99
N LEU G 188 23.86 -11.23 3.85
CA LEU G 188 22.74 -10.88 4.66
C LEU G 188 21.47 -11.45 4.05
N GLY G 189 20.59 -11.97 4.91
CA GLY G 189 19.18 -12.27 4.56
C GLY G 189 18.42 -10.94 4.37
N ASN G 190 17.12 -11.01 4.19
CA ASN G 190 16.26 -9.81 3.95
C ASN G 190 16.07 -9.01 5.21
N LEU G 191 16.30 -7.68 5.11
CA LEU G 191 16.13 -6.78 6.24
C LEU G 191 14.69 -6.25 6.16
N LEU G 192 13.77 -7.09 6.60
CA LEU G 192 12.32 -6.85 6.32
C LEU G 192 11.79 -5.54 6.84
N LYS G 193 12.37 -5.02 7.93
CA LYS G 193 11.94 -3.73 8.53
C LYS G 193 12.69 -2.50 8.06
N SER G 194 13.68 -2.68 7.20
CA SER G 194 14.38 -1.53 6.63
C SER G 194 13.42 -0.63 5.81
N PRO G 195 13.53 0.68 6.01
CA PRO G 195 12.84 1.58 5.11
C PRO G 195 12.98 1.17 3.65
N MET G 196 14.12 0.63 3.26
CA MET G 196 14.28 0.20 1.87
C MET G 196 13.37 -0.96 1.48
N PHE G 197 13.27 -1.99 2.33
CA PHE G 197 12.51 -3.16 1.97
C PHE G 197 11.03 -2.73 1.88
N GLN G 198 10.53 -2.15 2.96
CA GLN G 198 9.19 -1.58 3.08
C GLN G 198 8.79 -0.78 1.83
N SER G 199 9.62 0.19 1.45
CA SER G 199 9.44 1.02 0.24
C SER G 199 9.33 0.24 -1.07
N LEU G 200 10.28 -0.65 -1.33
CA LEU G 200 10.22 -1.48 -2.55
C LEU G 200 9.24 -2.64 -2.49
N LEU G 201 8.39 -2.73 -1.47
CA LEU G 201 7.35 -3.77 -1.45
C LEU G 201 6.62 -3.94 -2.79
N PRO G 202 6.21 -2.82 -3.45
CA PRO G 202 5.64 -2.82 -4.79
C PRO G 202 6.40 -3.64 -5.84
N GLN G 203 7.69 -3.36 -5.99
CA GLN G 203 8.59 -4.07 -6.94
C GLN G 203 8.73 -5.60 -6.64
N TYR G 204 8.70 -5.98 -5.35
CA TYR G 204 8.68 -7.40 -4.91
C TYR G 204 7.30 -8.01 -5.17
N ALA G 205 6.28 -7.28 -4.73
CA ALA G 205 4.88 -7.53 -5.09
C ALA G 205 4.65 -7.63 -6.61
N GLU G 206 5.41 -6.86 -7.39
CA GLU G 206 5.47 -6.99 -8.87
C GLU G 206 6.24 -8.24 -9.33
N LYS G 207 7.50 -8.37 -8.93
CA LYS G 207 8.31 -9.48 -9.43
C LYS G 207 7.59 -10.78 -9.12
N LEU G 208 7.03 -10.90 -7.94
CA LEU G 208 6.16 -12.05 -7.76
C LEU G 208 4.80 -11.42 -7.92
N GLY G 209 3.90 -12.03 -8.67
CA GLY G 209 2.59 -11.41 -8.80
C GLY G 209 1.84 -11.73 -7.53
N ILE G 210 1.96 -10.84 -6.56
CA ILE G 210 1.40 -10.94 -5.25
C ILE G 210 1.30 -9.53 -4.72
N THR G 211 0.45 -9.34 -3.74
CA THR G 211 0.27 -8.06 -3.16
C THR G 211 1.36 -7.62 -2.20
N PRO G 212 1.59 -6.32 -2.02
CA PRO G 212 2.59 -5.84 -1.04
C PRO G 212 2.38 -6.27 0.43
N GLU G 213 1.14 -6.43 0.93
CA GLU G 213 1.00 -7.05 2.28
C GLU G 213 1.30 -8.57 2.25
N GLU G 214 1.27 -9.22 1.08
CA GLU G 214 1.81 -10.63 0.99
C GLU G 214 3.38 -10.73 1.10
N VAL G 215 4.12 -9.61 0.98
CA VAL G 215 5.59 -9.74 0.73
C VAL G 215 6.41 -10.32 1.89
N GLU G 216 6.16 -9.82 3.11
CA GLU G 216 6.86 -10.25 4.31
C GLU G 216 6.59 -11.70 4.75
N PRO G 217 5.32 -12.09 4.86
CA PRO G 217 4.96 -13.54 5.04
C PRO G 217 5.61 -14.51 3.98
N TYR G 218 5.64 -14.12 2.73
CA TYR G 218 6.22 -14.95 1.68
C TYR G 218 7.72 -15.16 1.96
N TYR G 219 8.43 -14.06 2.31
CA TYR G 219 9.86 -14.19 2.64
C TYR G 219 10.15 -14.80 4.05
N VAL G 220 9.42 -14.40 5.12
CA VAL G 220 9.57 -15.01 6.44
C VAL G 220 9.40 -16.54 6.42
N ASP G 221 8.47 -17.00 5.56
CA ASP G 221 8.21 -18.41 5.40
C ASP G 221 9.44 -19.21 4.94
N LYS G 222 10.22 -18.65 4.02
CA LYS G 222 11.34 -19.36 3.45
C LYS G 222 12.56 -19.44 4.43
N VAL G 223 12.45 -18.93 5.65
CA VAL G 223 13.58 -18.89 6.63
C VAL G 223 13.33 -20.02 7.67
N PRO G 224 14.22 -20.99 7.79
CA PRO G 224 14.08 -21.97 8.82
C PRO G 224 13.83 -21.36 10.20
N LEU G 225 14.49 -20.26 10.54
CA LEU G 225 14.28 -19.63 11.88
C LEU G 225 13.04 -18.73 11.95
N LYS G 226 12.39 -18.48 10.83
CA LYS G 226 11.06 -17.90 10.76
C LYS G 226 11.00 -16.43 11.21
N ARG G 227 11.95 -15.63 10.77
CA ARG G 227 11.93 -14.17 10.97
C ARG G 227 12.91 -13.60 9.94
N GLY G 228 12.78 -12.30 9.72
CA GLY G 228 13.75 -11.56 8.93
C GLY G 228 15.09 -11.38 9.66
N CYS G 229 16.04 -10.90 8.91
CA CYS G 229 17.30 -10.45 9.46
C CYS G 229 17.10 -9.08 10.10
N ASP G 230 17.62 -8.92 11.31
CA ASP G 230 17.61 -7.67 12.03
C ASP G 230 18.93 -6.96 11.88
N TYR G 231 18.92 -5.62 11.93
CA TYR G 231 20.13 -4.83 12.03
C TYR G 231 21.05 -5.37 13.15
N GLN G 232 20.49 -5.68 14.31
CA GLN G 232 21.27 -6.15 15.44
C GLN G 232 22.03 -7.44 15.08
N ASP G 233 21.45 -8.26 14.22
CA ASP G 233 22.12 -9.56 13.91
C ASP G 233 23.35 -9.20 13.05
N VAL G 234 23.21 -8.24 12.18
CA VAL G 234 24.31 -7.79 11.31
C VAL G 234 25.47 -7.25 12.14
N LEU G 235 25.10 -6.36 13.08
CA LEU G 235 26.07 -5.79 14.01
C LEU G 235 26.78 -6.82 14.82
N ASN G 236 25.99 -7.78 15.31
CA ASN G 236 26.62 -8.83 16.17
C ASN G 236 27.69 -9.60 15.45
N VAL G 237 27.42 -9.97 14.20
CA VAL G 237 28.38 -10.81 13.42
C VAL G 237 29.62 -9.97 13.04
N LEU G 238 29.36 -8.73 12.67
CA LEU G 238 30.35 -7.77 12.32
C LEU G 238 31.32 -7.49 13.47
N LEU G 239 30.81 -7.25 14.69
CA LEU G 239 31.65 -7.01 15.87
C LEU G 239 32.56 -8.25 16.12
N PHE G 240 32.03 -9.43 15.93
CA PHE G 240 32.91 -10.63 16.13
C PHE G 240 33.99 -10.73 15.06
N TYR G 241 33.66 -10.59 13.78
CA TYR G 241 34.65 -10.79 12.74
C TYR G 241 35.68 -9.63 12.72
N ALA G 242 35.23 -8.47 13.22
CA ALA G 242 36.14 -7.34 13.36
C ALA G 242 37.03 -7.37 14.56
N SER G 243 36.81 -8.30 15.47
CA SER G 243 37.48 -8.35 16.75
C SER G 243 38.77 -9.15 16.60
N ASP G 244 39.67 -8.99 17.56
CA ASP G 244 40.84 -9.86 17.65
C ASP G 244 40.48 -11.34 17.91
N LYS G 245 39.24 -11.65 18.26
CA LYS G 245 38.86 -13.00 18.56
C LYS G 245 38.63 -13.83 17.30
N ALA G 246 38.63 -13.19 16.14
CA ALA G 246 38.46 -13.83 14.83
C ALA G 246 39.72 -13.71 13.96
N ALA G 247 40.89 -13.61 14.58
CA ALA G 247 42.16 -13.31 13.86
C ALA G 247 42.60 -14.41 12.94
N TYR G 248 42.12 -15.63 13.12
CA TYR G 248 42.43 -16.76 12.23
C TYR G 248 41.34 -17.10 11.19
N CYS G 249 40.40 -16.18 10.98
CA CYS G 249 39.48 -16.33 9.87
C CYS G 249 39.65 -15.17 8.84
N THR G 250 39.79 -15.55 7.57
CA THR G 250 39.83 -14.51 6.55
C THR G 250 39.31 -14.95 5.22
N GLY G 251 38.76 -14.01 4.45
CA GLY G 251 38.25 -14.32 3.08
C GLY G 251 36.88 -14.96 3.00
N GLN G 252 36.18 -14.91 4.11
CA GLN G 252 34.98 -15.71 4.28
C GLN G 252 33.76 -14.97 3.74
N SER G 253 32.79 -15.77 3.34
CA SER G 253 31.44 -15.32 2.98
C SER G 253 30.61 -15.77 4.13
N ILE G 254 30.29 -14.90 5.06
CA ILE G 254 29.60 -15.35 6.33
C ILE G 254 28.07 -15.18 6.23
N ASN G 255 27.30 -16.28 6.35
CA ASN G 255 25.88 -16.21 6.22
C ASN G 255 25.20 -15.67 7.44
N VAL G 256 24.27 -14.77 7.22
CA VAL G 256 23.37 -14.19 8.32
C VAL G 256 21.92 -14.28 7.77
N THR G 257 21.37 -15.50 7.69
CA THR G 257 20.21 -15.81 6.83
C THR G 257 19.16 -16.60 7.50
N GLY G 258 19.36 -16.88 8.79
CA GLY G 258 18.46 -17.69 9.60
C GLY G 258 18.37 -19.15 9.17
N GLY G 259 19.49 -19.63 8.62
CA GLY G 259 19.53 -20.91 7.96
C GLY G 259 18.93 -21.04 6.57
N GLN G 260 18.47 -19.98 5.95
CA GLN G 260 18.10 -20.10 4.56
C GLN G 260 19.23 -20.48 3.59
N VAL G 261 20.43 -20.00 3.84
CA VAL G 261 21.61 -20.33 3.04
C VAL G 261 22.62 -21.11 3.92
N MET G 262 22.91 -22.32 3.56
CA MET G 262 23.80 -23.18 4.44
C MET G 262 25.11 -23.61 3.75
N PHE G 263 25.16 -23.32 2.46
CA PHE G 263 26.40 -23.43 1.69
C PHE G 263 27.22 -22.11 1.55
N GLU H 6 24.14 -18.99 34.23
CA GLU H 6 23.67 -20.38 34.57
C GLU H 6 23.48 -21.37 33.38
N GLN H 7 24.17 -21.16 32.26
CA GLN H 7 24.05 -22.12 31.18
C GLN H 7 24.95 -23.33 31.49
N VAL H 8 24.49 -24.47 30.98
CA VAL H 8 25.20 -25.71 31.12
C VAL H 8 25.79 -26.17 29.78
N ALA H 9 27.05 -26.46 29.76
CA ALA H 9 27.65 -27.05 28.59
C ALA H 9 28.09 -28.52 28.77
N VAL H 10 27.80 -29.34 27.75
CA VAL H 10 28.16 -30.71 27.72
C VAL H 10 29.15 -30.88 26.62
N VAL H 11 30.34 -31.30 26.99
CA VAL H 11 31.38 -31.50 26.06
C VAL H 11 31.68 -32.99 25.97
N ILE H 12 31.30 -33.55 24.81
CA ILE H 12 31.55 -34.93 24.48
C ILE H 12 32.95 -34.98 23.94
N GLY H 13 33.82 -35.75 24.54
CA GLY H 13 35.23 -35.74 24.21
C GLY H 13 35.99 -34.72 25.06
N GLY H 14 35.49 -34.40 26.25
CA GLY H 14 36.08 -33.40 27.12
C GLY H 14 37.36 -33.77 27.84
N GLY H 15 37.76 -35.03 27.74
CA GLY H 15 38.73 -35.62 28.68
C GLY H 15 40.14 -35.27 28.32
N GLN H 16 40.39 -34.83 27.12
CA GLN H 16 41.78 -34.50 26.73
C GLN H 16 41.88 -33.47 25.65
N THR H 17 43.13 -33.07 25.40
CA THR H 17 43.63 -32.17 24.38
C THR H 17 42.62 -31.04 24.08
N LEU H 18 42.19 -30.93 22.83
CA LEU H 18 41.26 -29.86 22.46
C LEU H 18 39.98 -29.82 23.30
N GLY H 19 39.25 -30.94 23.44
CA GLY H 19 38.05 -30.95 24.26
C GLY H 19 38.18 -30.46 25.69
N ALA H 20 39.29 -30.84 26.37
CA ALA H 20 39.59 -30.41 27.77
C ALA H 20 39.78 -28.87 27.79
N PHE H 21 40.56 -28.39 26.85
CA PHE H 21 40.74 -26.94 26.67
C PHE H 21 39.39 -26.25 26.48
N LEU H 22 38.50 -26.79 25.63
CA LEU H 22 37.19 -26.26 25.51
C LEU H 22 36.34 -26.30 26.79
N CYS H 23 36.40 -27.40 27.55
CA CYS H 23 35.76 -27.45 28.87
C CYS H 23 36.31 -26.28 29.77
N GLU H 24 37.63 -26.13 29.84
CA GLU H 24 38.24 -25.04 30.70
C GLU H 24 37.80 -23.67 30.22
N GLY H 25 37.72 -23.55 28.89
CA GLY H 25 37.34 -22.32 28.32
C GLY H 25 35.92 -21.92 28.56
N LEU H 26 35.01 -22.88 28.51
CA LEU H 26 33.60 -22.63 28.78
C LEU H 26 33.38 -22.25 30.26
N ALA H 27 34.07 -23.00 31.11
CA ALA H 27 34.10 -22.73 32.58
C ALA H 27 34.62 -21.28 32.83
N GLN H 28 35.72 -20.95 32.19
CA GLN H 28 36.25 -19.58 32.26
C GLN H 28 35.21 -18.56 31.79
N ALA H 29 34.51 -18.85 30.70
CA ALA H 29 33.39 -18.04 30.26
C ALA H 29 32.17 -18.05 31.13
N GLY H 30 32.11 -18.87 32.15
CA GLY H 30 30.90 -18.85 33.04
C GLY H 30 29.86 -19.93 32.88
N TYR H 31 30.07 -20.82 31.93
CA TYR H 31 29.23 -22.03 31.88
C TYR H 31 29.51 -23.04 33.03
N HIS H 32 28.50 -23.73 33.50
CA HIS H 32 28.71 -24.99 34.19
C HIS H 32 29.01 -26.03 33.11
N VAL H 33 30.01 -26.88 33.38
CA VAL H 33 30.52 -27.85 32.43
C VAL H 33 30.37 -29.33 32.82
N ALA H 34 29.88 -30.10 31.84
CA ALA H 34 29.82 -31.54 31.96
C ALA H 34 30.86 -32.08 31.05
N VAL H 35 31.91 -32.61 31.66
CA VAL H 35 33.03 -33.10 30.96
C VAL H 35 32.76 -34.57 30.73
N ALA H 36 32.50 -34.95 29.50
CA ALA H 36 32.12 -36.33 29.20
C ALA H 36 33.11 -37.01 28.28
N ASP H 37 33.55 -38.22 28.63
CA ASP H 37 34.58 -38.88 27.85
C ASP H 37 34.52 -40.36 28.08
N LEU H 38 34.98 -41.09 27.10
CA LEU H 38 35.18 -42.58 27.25
C LEU H 38 36.05 -42.91 28.46
N ASN H 39 37.07 -42.10 28.71
CA ASN H 39 37.92 -42.26 29.91
C ASN H 39 37.34 -41.47 31.07
N GLU H 40 36.59 -42.17 31.92
CA GLU H 40 35.93 -41.56 33.02
C GLU H 40 36.91 -40.84 33.91
N SER H 41 38.03 -41.50 34.15
CA SER H 41 39.10 -41.01 35.00
C SER H 41 39.69 -39.68 34.48
N ASN H 42 40.01 -39.60 33.19
CA ASN H 42 40.37 -38.32 32.57
C ASN H 42 39.24 -37.28 32.70
N ALA H 43 37.99 -37.64 32.54
CA ALA H 43 36.87 -36.68 32.74
C ALA H 43 36.81 -36.13 34.14
N ASN H 44 36.88 -37.00 35.13
CA ASN H 44 36.82 -36.60 36.49
C ASN H 44 38.05 -35.83 36.90
N ARG H 45 39.21 -36.20 36.38
CA ARG H 45 40.44 -35.49 36.67
C ARG H 45 40.40 -34.07 36.09
N LEU H 46 39.88 -33.91 34.87
CA LEU H 46 39.74 -32.57 34.34
C LEU H 46 38.70 -31.75 35.10
N ALA H 47 37.56 -32.35 35.42
CA ALA H 47 36.59 -31.63 36.21
C ALA H 47 37.23 -31.19 37.55
N ASP H 48 38.06 -32.03 38.21
CA ASP H 48 38.70 -31.57 39.44
C ASP H 48 39.60 -30.33 39.21
N THR H 49 40.40 -30.40 38.16
CA THR H 49 41.29 -29.33 37.76
C THR H 49 40.48 -28.04 37.53
N ILE H 50 39.41 -28.12 36.77
CA ILE H 50 38.52 -26.97 36.53
C ILE H 50 38.04 -26.34 37.84
N ASN H 51 37.56 -27.18 38.75
CA ASN H 51 37.10 -26.61 40.01
C ASN H 51 38.20 -26.01 40.87
N SER H 52 39.38 -26.68 40.89
CA SER H 52 40.53 -26.15 41.62
C SER H 52 40.93 -24.75 41.04
N ARG H 53 40.82 -24.63 39.71
CA ARG H 53 41.20 -23.42 38.93
C ARG H 53 40.19 -22.28 39.08
N TYR H 54 38.89 -22.56 38.92
CA TYR H 54 37.84 -21.53 38.84
C TYR H 54 36.77 -21.64 39.93
N GLY H 55 36.88 -22.58 40.86
CA GLY H 55 35.90 -22.64 41.93
C GLY H 55 35.04 -23.90 41.93
N ALA H 56 34.52 -24.22 43.12
CA ALA H 56 33.77 -25.43 43.41
C ALA H 56 32.52 -25.56 42.59
N GLY H 57 32.21 -26.79 42.20
CA GLY H 57 30.93 -27.04 41.58
C GLY H 57 30.70 -26.47 40.18
N ARG H 58 31.79 -26.11 39.51
CA ARG H 58 31.74 -25.55 38.16
C ARG H 58 31.68 -26.63 37.09
N ALA H 59 32.39 -27.72 37.35
CA ALA H 59 32.42 -28.82 36.47
C ALA H 59 32.23 -30.18 37.15
N TYR H 60 31.67 -31.16 36.37
CA TYR H 60 31.49 -32.57 36.81
C TYR H 60 31.87 -33.49 35.66
N GLY H 61 32.39 -34.68 36.00
CA GLY H 61 32.88 -35.64 35.03
C GLY H 61 31.93 -36.77 34.80
N PHE H 62 31.91 -37.33 33.58
CA PHE H 62 30.85 -38.31 33.20
C PHE H 62 31.47 -39.26 32.21
N LYS H 63 31.02 -40.51 32.22
CA LYS H 63 31.51 -41.50 31.25
C LYS H 63 30.50 -41.54 30.11
N VAL H 64 30.98 -41.56 28.89
CA VAL H 64 30.09 -41.90 27.79
C VAL H 64 30.91 -42.58 26.73
N ASP H 65 30.25 -43.54 26.06
CA ASP H 65 30.61 -44.11 24.78
C ASP H 65 29.58 -43.55 23.80
N ALA H 66 30.02 -42.52 23.03
CA ALA H 66 29.10 -41.81 22.15
C ALA H 66 28.58 -42.69 20.97
N THR H 67 29.25 -43.79 20.72
CA THR H 67 28.88 -44.77 19.70
C THR H 67 27.81 -45.71 20.20
N ASP H 68 27.49 -45.65 21.49
CA ASP H 68 26.53 -46.58 22.10
C ASP H 68 25.27 -45.91 22.58
N GLU H 69 24.14 -46.32 22.03
CA GLU H 69 22.87 -45.69 22.26
C GLU H 69 22.48 -45.61 23.78
N ALA H 70 22.59 -46.74 24.47
CA ALA H 70 22.35 -46.81 25.94
C ALA H 70 23.30 -45.83 26.71
N SER H 71 24.57 -45.82 26.36
CA SER H 71 25.50 -44.93 27.05
C SER H 71 25.14 -43.42 26.92
N VAL H 72 24.80 -42.98 25.72
CA VAL H 72 24.37 -41.60 25.52
C VAL H 72 23.05 -41.23 26.25
N GLU H 73 22.08 -42.15 26.20
CA GLU H 73 20.85 -42.00 26.93
C GLU H 73 21.06 -41.85 28.41
N ALA H 74 21.96 -42.65 28.98
CA ALA H 74 22.29 -42.56 30.41
C ALA H 74 23.06 -41.27 30.78
N LEU H 75 23.87 -40.81 29.84
CA LEU H 75 24.65 -39.59 30.02
C LEU H 75 23.71 -38.44 30.11
N ALA H 76 22.67 -38.43 29.28
CA ALA H 76 21.74 -37.32 29.23
C ALA H 76 20.90 -37.28 30.49
N ARG H 77 20.63 -38.47 31.03
CA ARG H 77 19.90 -38.58 32.31
C ARG H 77 20.68 -38.07 33.45
N ALA H 78 21.98 -38.36 33.47
CA ALA H 78 22.85 -37.99 34.54
C ALA H 78 23.19 -36.50 34.51
N VAL H 79 23.29 -35.92 33.32
CA VAL H 79 23.45 -34.48 33.20
C VAL H 79 22.22 -33.80 33.74
N ASP H 80 21.07 -34.28 33.36
CA ASP H 80 19.85 -33.76 33.84
C ASP H 80 19.74 -33.79 35.39
N GLU H 81 20.19 -34.90 35.94
CA GLU H 81 20.30 -35.06 37.39
C GLU H 81 21.22 -34.10 38.03
N THR H 82 22.40 -33.87 37.47
CA THR H 82 23.41 -33.06 38.14
C THR H 82 23.02 -31.62 38.03
N PHE H 83 22.62 -31.20 36.82
CA PHE H 83 22.45 -29.78 36.52
C PHE H 83 21.05 -29.37 36.25
N GLY H 84 20.21 -30.31 35.86
CA GLY H 84 18.80 -30.02 35.56
C GLY H 84 18.47 -29.32 34.25
N ARG H 85 19.47 -29.08 33.40
CA ARG H 85 19.24 -28.52 32.09
C ARG H 85 20.49 -28.77 31.20
N ALA H 86 20.34 -28.50 29.92
CA ALA H 86 21.46 -28.46 28.99
C ALA H 86 21.26 -27.31 28.01
N ASP H 87 22.24 -26.45 27.86
CA ASP H 87 22.15 -25.30 26.92
C ASP H 87 23.01 -25.50 25.66
N LEU H 88 24.15 -26.11 25.82
CA LEU H 88 25.13 -26.23 24.73
C LEU H 88 25.74 -27.61 24.71
N LEU H 89 25.72 -28.22 23.53
CA LEU H 89 26.39 -29.48 23.24
C LEU H 89 27.54 -29.21 22.25
N VAL H 90 28.74 -29.65 22.63
CA VAL H 90 29.90 -29.65 21.85
C VAL H 90 30.32 -31.11 21.65
N TYR H 91 30.25 -31.52 20.37
CA TYR H 91 30.68 -32.83 19.96
C TYR H 91 32.07 -32.78 19.45
N SER H 92 33.01 -33.35 20.22
CA SER H 92 34.43 -33.34 19.84
C SER H 92 34.96 -34.77 19.71
N ALA H 93 35.15 -35.23 18.51
CA ALA H 93 35.67 -36.61 18.30
C ALA H 93 36.24 -36.85 16.91
N GLY H 94 36.91 -37.98 16.77
CA GLY H 94 37.38 -38.46 15.50
C GLY H 94 38.82 -38.27 15.36
N VAL H 95 39.46 -39.26 14.78
CA VAL H 95 40.89 -39.21 14.56
C VAL H 95 41.13 -39.80 13.16
N ALA H 96 41.75 -39.05 12.26
CA ALA H 96 42.01 -39.54 10.90
C ALA H 96 43.01 -40.72 10.86
N LYS H 97 42.61 -41.79 10.15
CA LYS H 97 43.48 -42.92 9.89
C LYS H 97 43.75 -43.01 8.38
N ALA H 98 44.98 -42.83 7.99
CA ALA H 98 45.37 -42.68 6.61
C ALA H 98 45.75 -43.97 5.91
N ALA H 99 45.24 -44.12 4.69
CA ALA H 99 45.59 -45.24 3.76
C ALA H 99 44.96 -44.98 2.45
N PRO H 100 45.59 -45.39 1.35
CA PRO H 100 44.88 -45.26 0.07
C PRO H 100 43.71 -46.19 0.05
N ILE H 101 42.71 -45.84 -0.76
CA ILE H 101 41.46 -46.58 -0.78
C ILE H 101 41.67 -48.10 -0.97
N THR H 102 42.61 -48.41 -1.82
CA THR H 102 42.86 -49.85 -2.10
C THR H 102 43.36 -50.65 -0.90
N GLN H 103 43.90 -49.99 0.15
CA GLN H 103 44.39 -50.66 1.37
C GLN H 103 43.47 -50.41 2.52
N PHE H 104 42.41 -49.63 2.35
CA PHE H 104 41.57 -49.20 3.46
C PHE H 104 40.70 -50.28 3.98
N ARG H 105 40.81 -50.57 5.27
CA ARG H 105 40.01 -51.54 5.91
C ARG H 105 38.60 -51.10 6.19
N LEU H 106 37.66 -52.02 5.97
CA LEU H 106 36.30 -51.77 6.36
C LEU H 106 36.10 -51.47 7.86
N THR H 107 36.84 -52.16 8.71
CA THR H 107 36.71 -51.92 10.16
C THR H 107 37.10 -50.47 10.51
N ASP H 108 38.12 -49.94 9.85
CA ASP H 108 38.52 -48.57 10.03
C ASP H 108 37.47 -47.60 9.41
N PHE H 109 36.88 -47.95 8.29
CA PHE H 109 35.87 -47.05 7.67
C PHE H 109 34.64 -47.01 8.55
N ASP H 110 34.23 -48.19 8.99
CA ASP H 110 33.05 -48.26 9.89
C ASP H 110 33.30 -47.51 11.17
N LEU H 111 34.48 -47.67 11.77
CA LEU H 111 34.75 -46.99 13.04
C LEU H 111 34.69 -45.45 12.85
N SER H 112 35.21 -44.98 11.72
CA SER H 112 35.15 -43.53 11.44
C SER H 112 33.75 -42.98 11.40
N LEU H 113 32.85 -43.73 10.79
CA LEU H 113 31.44 -43.33 10.71
C LEU H 113 30.76 -43.41 12.10
N GLN H 114 31.08 -44.45 12.89
CA GLN H 114 30.51 -44.53 14.23
C GLN H 114 30.91 -43.33 15.16
N VAL H 115 32.21 -43.05 15.19
CA VAL H 115 32.79 -42.04 16.06
C VAL H 115 32.46 -40.62 15.59
N ASN H 116 32.59 -40.38 14.30
CA ASN H 116 32.40 -38.97 13.78
C ASN H 116 30.97 -38.63 13.51
N LEU H 117 30.16 -39.64 13.23
CA LEU H 117 28.86 -39.39 12.73
C LEU H 117 27.70 -39.94 13.53
N VAL H 118 27.71 -41.24 13.81
CA VAL H 118 26.67 -41.85 14.62
C VAL H 118 26.65 -41.22 16.01
N GLY H 119 27.81 -41.10 16.62
CA GLY H 119 27.89 -40.48 17.91
C GLY H 119 27.37 -39.05 17.86
N TYR H 120 27.64 -38.30 16.81
CA TYR H 120 27.13 -36.95 16.69
C TYR H 120 25.60 -36.95 16.58
N PHE H 121 25.04 -37.89 15.80
CA PHE H 121 23.61 -38.08 15.77
C PHE H 121 22.98 -38.38 17.15
N LEU H 122 23.52 -39.39 17.83
CA LEU H 122 22.95 -39.88 19.09
C LEU H 122 22.99 -38.76 20.11
N CYS H 123 24.08 -38.04 20.18
CA CYS H 123 24.27 -36.97 21.20
C CYS H 123 23.38 -35.74 20.90
N SER H 124 23.28 -35.40 19.60
CA SER H 124 22.34 -34.39 19.15
C SER H 124 20.92 -34.67 19.43
N ARG H 125 20.50 -35.89 19.15
CA ARG H 125 19.11 -36.30 19.35
C ARG H 125 18.75 -36.20 20.82
N GLU H 126 19.57 -36.83 21.65
CA GLU H 126 19.30 -36.90 23.07
C GLU H 126 19.40 -35.53 23.79
N PHE H 127 20.40 -34.71 23.51
CA PHE H 127 20.46 -33.39 24.11
C PHE H 127 19.49 -32.36 23.52
N SER H 128 19.14 -32.44 22.24
CA SER H 128 18.13 -31.56 21.70
C SER H 128 16.74 -31.79 22.38
N LYS H 129 16.46 -33.04 22.73
CA LYS H 129 15.24 -33.46 23.49
C LYS H 129 15.16 -32.75 24.85
N LEU H 130 16.27 -32.71 25.57
CA LEU H 130 16.31 -31.91 26.82
C LEU H 130 16.04 -30.45 26.60
N MET H 131 16.70 -29.87 25.59
CA MET H 131 16.50 -28.46 25.34
C MET H 131 15.03 -28.22 24.99
N ILE H 132 14.46 -29.07 24.14
CA ILE H 132 13.10 -28.86 23.73
C ILE H 132 12.18 -28.92 24.97
N ARG H 133 12.46 -29.87 25.85
CA ARG H 133 11.69 -30.08 27.07
C ARG H 133 11.56 -28.79 27.90
N ASP H 134 12.71 -28.14 28.19
CA ASP H 134 12.78 -26.94 29.05
C ASP H 134 12.68 -25.65 28.28
N GLY H 135 12.37 -25.73 27.00
CA GLY H 135 12.15 -24.54 26.18
C GLY H 135 13.41 -23.75 25.92
N ILE H 136 14.55 -24.44 25.85
CA ILE H 136 15.85 -23.76 25.82
C ILE H 136 16.20 -23.55 24.36
N LYS H 137 16.50 -22.30 23.97
CA LYS H 137 17.06 -21.95 22.65
C LYS H 137 18.50 -22.25 22.60
N GLY H 138 18.82 -23.53 22.57
CA GLY H 138 20.16 -24.00 22.77
C GLY H 138 21.00 -24.04 21.48
N ARG H 139 22.12 -24.70 21.63
CA ARG H 139 23.18 -24.70 20.69
C ARG H 139 23.78 -26.10 20.64
N ILE H 140 24.21 -26.46 19.45
CA ILE H 140 24.90 -27.69 19.19
C ILE H 140 26.03 -27.27 18.27
N ILE H 141 27.23 -27.68 18.65
CA ILE H 141 28.43 -27.33 17.88
C ILE H 141 29.24 -28.59 17.72
N GLN H 142 29.53 -28.94 16.47
CA GLN H 142 30.35 -30.11 16.10
C GLN H 142 31.77 -29.57 15.76
N ILE H 143 32.81 -30.17 16.37
CA ILE H 143 34.18 -29.96 15.92
C ILE H 143 34.40 -30.79 14.66
N ASN H 144 34.75 -30.17 13.55
CA ASN H 144 34.92 -30.79 12.25
C ASN H 144 36.29 -30.29 11.74
N SER H 145 36.47 -30.35 10.43
CA SER H 145 37.78 -30.26 9.79
C SER H 145 37.66 -29.66 8.41
N LYS H 146 38.72 -29.02 7.97
CA LYS H 146 38.79 -28.66 6.55
C LYS H 146 38.64 -29.91 5.65
N SER H 147 38.98 -31.11 6.20
CA SER H 147 38.73 -32.37 5.52
C SER H 147 37.22 -32.69 5.35
N GLY H 148 36.37 -31.92 6.02
CA GLY H 148 34.95 -31.95 5.80
C GLY H 148 34.43 -30.92 4.79
N LYS H 149 35.36 -30.14 4.23
CA LYS H 149 35.12 -29.17 3.15
C LYS H 149 35.80 -29.65 1.84
N VAL H 150 36.93 -30.32 1.92
CA VAL H 150 37.61 -30.77 0.74
C VAL H 150 38.12 -32.18 1.07
N GLY H 151 37.86 -33.11 0.20
CA GLY H 151 38.26 -34.49 0.47
C GLY H 151 39.77 -34.57 0.68
N SER H 152 40.21 -35.45 1.55
CA SER H 152 41.58 -35.65 1.80
C SER H 152 42.14 -36.97 1.22
N LYS H 153 43.29 -36.85 0.57
CA LYS H 153 43.97 -37.88 -0.10
C LYS H 153 44.48 -38.86 0.94
N HIS H 154 44.19 -40.13 0.71
CA HIS H 154 44.41 -41.26 1.66
C HIS H 154 43.65 -41.14 2.98
N ASN H 155 42.62 -40.32 3.03
CA ASN H 155 41.78 -40.21 4.24
C ASN H 155 40.28 -40.33 3.90
N SER H 156 39.93 -41.31 3.05
CA SER H 156 38.54 -41.48 2.66
C SER H 156 37.61 -41.72 3.84
N GLY H 157 38.05 -42.42 4.88
CA GLY H 157 37.17 -42.67 6.06
C GLY H 157 36.81 -41.39 6.82
N TYR H 158 37.80 -40.55 6.97
CA TYR H 158 37.66 -39.32 7.72
C TYR H 158 36.84 -38.29 6.92
N SER H 159 37.19 -38.12 5.67
CA SER H 159 36.49 -37.19 4.80
C SER H 159 35.07 -37.58 4.56
N ALA H 160 34.83 -38.87 4.29
CA ALA H 160 33.45 -39.29 4.24
C ALA H 160 32.66 -38.94 5.51
N ALA H 161 33.21 -39.17 6.70
CA ALA H 161 32.52 -38.95 7.94
C ALA H 161 32.41 -37.49 8.26
N LYS H 162 33.49 -36.75 8.01
CA LYS H 162 33.39 -35.32 8.28
C LYS H 162 32.39 -34.58 7.31
N PHE H 163 32.44 -34.90 6.02
CA PHE H 163 31.44 -34.42 5.07
C PHE H 163 30.06 -34.78 5.58
N GLY H 164 29.89 -36.07 6.01
CA GLY H 164 28.63 -36.47 6.60
C GLY H 164 28.17 -35.65 7.77
N GLY H 165 29.13 -35.19 8.60
CA GLY H 165 28.76 -34.39 9.71
C GLY H 165 28.19 -33.05 9.27
N VAL H 166 28.69 -32.51 8.17
CA VAL H 166 28.17 -31.23 7.63
C VAL H 166 26.69 -31.49 7.22
N GLY H 167 26.40 -32.59 6.54
CA GLY H 167 25.02 -32.82 6.09
C GLY H 167 24.11 -33.05 7.28
N LEU H 168 24.64 -33.75 8.28
CA LEU H 168 23.92 -33.85 9.55
C LEU H 168 23.64 -32.53 10.20
N THR H 169 24.68 -31.68 10.33
CA THR H 169 24.50 -30.35 10.84
C THR H 169 23.35 -29.59 10.13
N GLN H 170 23.25 -29.67 8.82
CA GLN H 170 22.25 -28.90 8.06
C GLN H 170 20.82 -29.46 8.32
N SER H 171 20.70 -30.77 8.32
CA SER H 171 19.39 -31.43 8.60
C SER H 171 18.98 -31.14 10.04
N LEU H 172 19.88 -31.32 10.99
CA LEU H 172 19.58 -30.94 12.37
C LEU H 172 19.12 -29.48 12.48
N ALA H 173 19.80 -28.59 11.77
CA ALA H 173 19.42 -27.22 11.77
C ALA H 173 17.96 -26.97 11.32
N LEU H 174 17.59 -27.63 10.21
CA LEU H 174 16.27 -27.53 9.64
C LEU H 174 15.25 -28.13 10.60
N ASP H 175 15.64 -29.26 11.19
CA ASP H 175 14.70 -29.97 12.11
C ASP H 175 14.47 -29.15 13.39
N LEU H 176 15.49 -28.45 13.87
CA LEU H 176 15.51 -27.85 15.24
C LEU H 176 15.23 -26.35 15.24
N ALA H 177 15.08 -25.77 14.06
CA ALA H 177 14.95 -24.32 13.95
C ALA H 177 13.65 -23.80 14.59
N GLU H 178 12.57 -24.52 14.50
CA GLU H 178 11.33 -24.08 15.17
C GLU H 178 11.43 -24.01 16.73
N TYR H 179 12.34 -24.75 17.37
CA TYR H 179 12.60 -24.64 18.79
C TYR H 179 13.68 -23.62 19.19
N GLY H 180 14.25 -22.94 18.22
CA GLY H 180 15.30 -21.96 18.46
C GLY H 180 16.65 -22.53 18.81
N ILE H 181 16.89 -23.79 18.52
CA ILE H 181 18.20 -24.37 18.70
C ILE H 181 18.91 -24.21 17.38
N THR H 182 20.12 -23.64 17.44
CA THR H 182 20.98 -23.54 16.27
C THR H 182 22.08 -24.62 16.28
N VAL H 183 22.53 -24.96 15.11
CA VAL H 183 23.51 -26.05 14.93
C VAL H 183 24.61 -25.62 13.94
N HIS H 184 25.87 -25.86 14.27
CA HIS H 184 27.05 -25.49 13.44
C HIS H 184 28.15 -26.56 13.50
N SER H 185 28.90 -26.68 12.42
CA SER H 185 30.21 -27.38 12.37
C SER H 185 31.38 -26.35 12.19
N LEU H 186 32.47 -26.49 12.94
CA LEU H 186 33.67 -25.68 12.86
C LEU H 186 34.65 -26.45 12.08
N MET H 187 35.05 -25.87 10.95
CA MET H 187 35.83 -26.60 10.00
C MET H 187 37.30 -26.16 10.30
N LEU H 188 37.97 -26.93 11.16
CA LEU H 188 39.26 -26.52 11.67
C LEU H 188 40.42 -26.75 10.71
N GLY H 189 41.37 -25.85 10.71
CA GLY H 189 42.63 -26.04 10.01
C GLY H 189 43.51 -27.00 10.81
N ASN H 190 44.83 -26.99 10.51
CA ASN H 190 45.70 -27.94 11.16
C ASN H 190 46.12 -27.44 12.56
N LEU H 191 45.85 -28.25 13.55
CA LEU H 191 46.27 -27.91 14.90
C LEU H 191 47.75 -28.30 15.06
N LEU H 192 48.67 -27.51 14.46
CA LEU H 192 50.07 -27.94 14.25
C LEU H 192 50.86 -28.37 15.52
N LYS H 193 50.61 -27.67 16.62
CA LYS H 193 51.21 -27.98 17.90
C LYS H 193 50.54 -28.97 18.76
N SER H 194 49.39 -29.51 18.35
CA SER H 194 48.70 -30.50 19.18
C SER H 194 49.54 -31.85 19.26
N PRO H 195 49.33 -32.63 20.31
CA PRO H 195 50.03 -33.96 20.44
C PRO H 195 49.92 -34.87 19.25
N MET H 196 48.71 -34.94 18.72
CA MET H 196 48.34 -35.81 17.58
C MET H 196 49.07 -35.36 16.32
N PHE H 197 49.01 -34.07 15.97
CA PHE H 197 49.78 -33.61 14.81
C PHE H 197 51.29 -33.83 14.96
N GLN H 198 51.81 -33.54 16.19
CA GLN H 198 53.23 -33.71 16.55
C GLN H 198 53.64 -35.16 16.51
N SER H 199 52.75 -36.04 16.93
CA SER H 199 53.03 -37.47 16.83
C SER H 199 53.09 -37.96 15.40
N LEU H 200 52.55 -37.21 14.44
CA LEU H 200 52.51 -37.67 13.03
C LEU H 200 53.47 -36.99 12.08
N LEU H 201 54.34 -36.15 12.61
CA LEU H 201 55.37 -35.52 11.82
C LEU H 201 56.25 -36.48 11.03
N PRO H 202 56.65 -37.61 11.65
CA PRO H 202 57.46 -38.55 10.85
C PRO H 202 56.64 -39.18 9.74
N GLN H 203 55.42 -39.58 10.03
CA GLN H 203 54.49 -40.07 9.00
C GLN H 203 54.30 -39.09 7.82
N TYR H 204 54.03 -37.81 8.14
CA TYR H 204 53.82 -36.79 7.11
C TYR H 204 55.08 -36.51 6.33
N ALA H 205 56.21 -36.52 7.01
CA ALA H 205 57.49 -36.27 6.35
C ALA H 205 57.78 -37.34 5.27
N GLU H 206 57.40 -38.59 5.61
CA GLU H 206 57.46 -39.78 4.73
C GLU H 206 56.49 -39.72 3.55
N LYS H 207 55.28 -39.24 3.79
CA LYS H 207 54.33 -39.01 2.70
C LYS H 207 54.65 -37.80 1.83
N LEU H 208 55.51 -36.89 2.28
CA LEU H 208 55.80 -35.62 1.57
C LEU H 208 57.25 -35.47 1.04
N GLY H 209 58.16 -36.37 1.43
CA GLY H 209 59.50 -36.38 0.87
C GLY H 209 60.43 -35.40 1.55
N ILE H 210 60.15 -35.10 2.83
CA ILE H 210 60.93 -34.10 3.56
C ILE H 210 61.29 -34.60 4.95
N THR H 211 62.19 -33.91 5.66
CA THR H 211 62.47 -34.20 7.07
C THR H 211 61.31 -33.78 8.00
N PRO H 212 61.09 -34.53 9.08
CA PRO H 212 59.97 -34.16 9.94
C PRO H 212 60.11 -32.73 10.52
N GLU H 213 61.34 -32.26 10.64
CA GLU H 213 61.61 -30.90 11.03
C GLU H 213 61.02 -29.82 10.09
N GLU H 214 60.83 -30.16 8.83
CA GLU H 214 60.33 -29.21 7.86
C GLU H 214 58.85 -29.40 7.48
N VAL H 215 58.14 -30.29 8.18
CA VAL H 215 56.70 -30.56 7.96
C VAL H 215 55.80 -29.34 8.37
N GLU H 216 55.97 -28.84 9.57
CA GLU H 216 55.23 -27.67 10.01
C GLU H 216 55.45 -26.47 9.12
N PRO H 217 56.72 -26.08 8.84
CA PRO H 217 56.87 -25.03 7.81
C PRO H 217 56.14 -25.32 6.48
N TYR H 218 56.18 -26.55 5.98
CA TYR H 218 55.41 -26.90 4.77
C TYR H 218 53.87 -26.54 4.89
N TYR H 219 53.26 -26.94 6.01
CA TYR H 219 51.85 -26.69 6.20
C TYR H 219 51.51 -25.22 6.56
N VAL H 220 52.40 -24.54 7.28
CA VAL H 220 52.24 -23.12 7.59
C VAL H 220 52.31 -22.28 6.29
N ASP H 221 53.21 -22.64 5.37
CA ASP H 221 53.25 -22.02 4.06
C ASP H 221 51.96 -22.07 3.24
N LYS H 222 51.10 -23.09 3.45
CA LYS H 222 49.85 -23.18 2.69
C LYS H 222 48.76 -22.26 3.27
N VAL H 223 49.04 -21.58 4.38
CA VAL H 223 47.99 -20.81 5.09
C VAL H 223 48.29 -19.37 4.77
N PRO H 224 47.29 -18.65 4.23
CA PRO H 224 47.56 -17.21 4.03
C PRO H 224 48.03 -16.45 5.21
N LEU H 225 47.45 -16.70 6.36
CA LEU H 225 47.82 -16.06 7.59
C LEU H 225 49.16 -16.61 8.20
N LYS H 226 49.73 -17.62 7.59
CA LYS H 226 51.11 -18.09 7.87
C LYS H 226 51.29 -18.52 9.33
N ARG H 227 50.32 -19.25 9.85
CA ARG H 227 50.43 -19.92 11.13
C ARG H 227 49.42 -21.02 11.12
N GLY H 228 49.61 -21.97 12.03
CA GLY H 228 48.66 -23.03 12.32
C GLY H 228 47.55 -22.57 13.24
N CYS H 229 46.53 -23.41 13.35
CA CYS H 229 45.42 -23.23 14.24
C CYS H 229 45.76 -23.62 15.69
N ASP H 230 45.42 -22.76 16.65
CA ASP H 230 45.63 -23.13 18.06
C ASP H 230 44.26 -23.33 18.78
N TYR H 231 44.23 -23.86 20.01
CA TYR H 231 42.93 -24.21 20.54
C TYR H 231 42.15 -22.88 20.87
N GLN H 232 42.88 -21.87 21.25
CA GLN H 232 42.23 -20.55 21.46
C GLN H 232 41.40 -20.05 20.25
N ASP H 233 41.94 -20.15 19.03
CA ASP H 233 41.19 -19.82 17.78
C ASP H 233 39.82 -20.57 17.76
N VAL H 234 39.88 -21.83 18.12
CA VAL H 234 38.69 -22.64 18.13
C VAL H 234 37.71 -22.19 19.23
N LEU H 235 38.23 -22.01 20.47
CA LEU H 235 37.39 -21.56 21.55
C LEU H 235 36.77 -20.17 21.24
N ASN H 236 37.49 -19.24 20.60
CA ASN H 236 36.88 -17.92 20.37
C ASN H 236 35.66 -18.02 19.44
N VAL H 237 35.80 -18.83 18.39
CA VAL H 237 34.70 -19.01 17.41
C VAL H 237 33.52 -19.74 18.05
N LEU H 238 33.80 -20.79 18.83
CA LEU H 238 32.77 -21.54 19.50
C LEU H 238 31.98 -20.66 20.43
N LEU H 239 32.66 -19.84 21.21
CA LEU H 239 31.99 -19.03 22.19
C LEU H 239 31.04 -18.04 21.49
N PHE H 240 31.43 -17.50 20.34
CA PHE H 240 30.58 -16.53 19.62
C PHE H 240 29.34 -17.27 19.08
N TYR H 241 29.53 -18.34 18.30
CA TYR H 241 28.36 -19.08 17.72
C TYR H 241 27.48 -19.70 18.79
N ALA H 242 28.02 -19.95 19.96
CA ALA H 242 27.19 -20.48 21.06
C ALA H 242 26.49 -19.38 21.81
N SER H 243 26.78 -18.11 21.53
CA SER H 243 26.19 -17.04 22.34
C SER H 243 24.89 -16.62 21.74
N ASP H 244 24.13 -15.87 22.55
CA ASP H 244 22.82 -15.33 22.06
C ASP H 244 23.00 -14.37 20.88
N LYS H 245 24.19 -13.80 20.77
CA LYS H 245 24.53 -12.89 19.68
C LYS H 245 24.47 -13.51 18.28
N ALA H 246 24.58 -14.84 18.18
CA ALA H 246 24.58 -15.57 16.94
C ALA H 246 23.26 -16.34 16.68
N ALA H 247 22.21 -15.93 17.39
CA ALA H 247 20.83 -16.46 17.25
C ALA H 247 20.36 -16.60 15.81
N TYR H 248 20.76 -15.74 14.91
CA TYR H 248 20.23 -15.76 13.56
C TYR H 248 21.14 -16.54 12.57
N CYS H 249 22.12 -17.27 13.08
CA CYS H 249 22.92 -18.10 12.19
C CYS H 249 22.66 -19.57 12.56
N THR H 250 22.38 -20.40 11.55
CA THR H 250 22.17 -21.83 11.80
C THR H 250 22.52 -22.72 10.61
N GLY H 251 23.00 -23.93 10.90
CA GLY H 251 23.37 -24.92 9.89
C GLY H 251 24.67 -24.62 9.17
N GLN H 252 25.56 -23.78 9.77
CA GLN H 252 26.75 -23.30 9.01
C GLN H 252 27.96 -24.20 9.19
N SER H 253 28.79 -24.20 8.17
CA SER H 253 30.09 -24.80 8.24
C SER H 253 31.05 -23.58 8.40
N ILE H 254 31.59 -23.36 9.57
CA ILE H 254 32.39 -22.14 9.84
C ILE H 254 33.87 -22.48 9.71
N ASN H 255 34.55 -21.84 8.77
CA ASN H 255 35.93 -22.08 8.51
C ASN H 255 36.78 -21.36 9.53
N VAL H 256 37.79 -22.08 10.04
CA VAL H 256 38.76 -21.53 11.04
C VAL H 256 40.10 -22.03 10.55
N THR H 257 40.53 -21.47 9.42
CA THR H 257 41.63 -22.05 8.60
C THR H 257 42.72 -21.07 8.22
N GLY H 258 42.64 -19.82 8.69
CA GLY H 258 43.69 -18.87 8.43
C GLY H 258 43.58 -18.41 6.99
N GLY H 259 42.39 -18.62 6.40
CA GLY H 259 42.19 -18.40 5.01
C GLY H 259 42.51 -19.51 4.02
N GLN H 260 42.89 -20.68 4.51
CA GLN H 260 43.25 -21.70 3.55
C GLN H 260 42.01 -22.18 2.75
N VAL H 261 40.86 -22.19 3.42
CA VAL H 261 39.59 -22.53 2.81
C VAL H 261 38.69 -21.26 2.85
N MET H 262 38.26 -20.86 1.67
CA MET H 262 37.35 -19.66 1.52
C MET H 262 36.00 -19.96 0.91
N PHE H 263 35.72 -21.23 0.63
CA PHE H 263 34.40 -21.70 0.17
C PHE H 263 33.65 -22.37 1.32
N GLU I 6 5.62 62.02 3.44
CA GLU I 6 6.51 62.78 2.50
C GLU I 6 6.29 62.56 1.00
N GLN I 7 5.76 61.41 0.66
CA GLN I 7 5.47 61.05 -0.67
C GLN I 7 4.27 61.82 -1.25
N VAL I 8 4.40 62.09 -2.55
CA VAL I 8 3.39 62.81 -3.33
C VAL I 8 2.77 61.86 -4.34
N ALA I 9 1.46 61.78 -4.36
CA ALA I 9 0.79 61.05 -5.40
C ALA I 9 0.11 62.02 -6.40
N VAL I 10 0.23 61.71 -7.69
CA VAL I 10 -0.52 62.38 -8.78
C VAL I 10 -1.58 61.45 -9.37
N VAL I 11 -2.86 61.81 -9.25
CA VAL I 11 -3.93 60.97 -9.72
C VAL I 11 -4.62 61.71 -10.84
N ILE I 12 -4.44 61.19 -12.06
CA ILE I 12 -5.00 61.73 -13.30
C ILE I 12 -6.37 61.07 -13.38
N GLY I 13 -7.42 61.86 -13.49
CA GLY I 13 -8.79 61.42 -13.28
C GLY I 13 -9.31 61.45 -11.86
N GLY I 14 -8.66 62.22 -10.99
CA GLY I 14 -8.98 62.20 -9.54
C GLY I 14 -10.22 63.03 -9.20
N GLY I 15 -10.73 63.76 -10.20
CA GLY I 15 -11.86 64.66 -10.05
C GLY I 15 -13.15 63.99 -9.66
N GLN I 16 -13.32 62.78 -10.18
CA GLN I 16 -14.56 62.03 -10.06
C GLN I 16 -14.36 60.60 -9.60
N THR I 17 -15.43 59.83 -9.63
CA THR I 17 -15.81 58.96 -8.61
C THR I 17 -14.71 57.96 -8.15
N LEU I 18 -14.25 57.04 -8.99
CA LEU I 18 -13.21 56.09 -8.48
C LEU I 18 -11.90 56.88 -8.24
N GLY I 19 -11.54 57.75 -9.16
CA GLY I 19 -10.34 58.54 -8.96
C GLY I 19 -10.36 59.33 -7.68
N ALA I 20 -11.52 60.00 -7.41
CA ALA I 20 -11.73 60.71 -6.18
C ALA I 20 -11.56 59.85 -4.93
N PHE I 21 -12.05 58.64 -4.99
CA PHE I 21 -11.94 57.70 -3.85
C PHE I 21 -10.48 57.38 -3.58
N LEU I 22 -9.69 57.27 -4.64
CA LEU I 22 -8.28 56.91 -4.49
C LEU I 22 -7.49 58.05 -3.95
N CYS I 23 -7.89 59.28 -4.34
CA CYS I 23 -7.23 60.49 -3.78
C CYS I 23 -7.43 60.58 -2.31
N GLU I 24 -8.67 60.37 -1.86
CA GLU I 24 -8.98 60.40 -0.47
C GLU I 24 -8.22 59.28 0.27
N GLY I 25 -8.23 58.10 -0.31
CA GLY I 25 -7.46 56.95 0.30
C GLY I 25 -5.97 57.13 0.37
N LEU I 26 -5.39 57.72 -0.65
CA LEU I 26 -3.97 58.03 -0.58
C LEU I 26 -3.60 59.04 0.46
N ALA I 27 -4.44 60.07 0.61
CA ALA I 27 -4.34 61.00 1.69
C ALA I 27 -4.44 60.37 3.09
N GLN I 28 -5.41 59.50 3.27
CA GLN I 28 -5.50 58.69 4.51
C GLN I 28 -4.22 57.89 4.79
N ALA I 29 -3.61 57.41 3.73
CA ALA I 29 -2.45 56.56 3.86
C ALA I 29 -1.17 57.38 4.00
N GLY I 30 -1.29 58.71 4.05
CA GLY I 30 -0.13 59.54 4.28
C GLY I 30 0.41 60.29 3.05
N TYR I 31 -0.13 60.14 1.84
CA TYR I 31 0.43 60.81 0.68
C TYR I 31 -0.09 62.29 0.70
N HIS I 32 0.74 63.20 0.24
CA HIS I 32 0.26 64.50 -0.38
C HIS I 32 -0.31 64.12 -1.73
N VAL I 33 -1.35 64.83 -2.16
CA VAL I 33 -2.06 64.44 -3.33
C VAL I 33 -2.22 65.60 -4.34
N ALA I 34 -1.72 65.40 -5.56
CA ALA I 34 -2.06 66.23 -6.69
C ALA I 34 -3.25 65.66 -7.38
N VAL I 35 -4.39 66.31 -7.22
CA VAL I 35 -5.65 65.81 -7.78
C VAL I 35 -5.83 66.47 -9.16
N ALA I 36 -5.80 65.68 -10.22
CA ALA I 36 -5.66 66.22 -11.59
C ALA I 36 -6.80 65.74 -12.45
N ASP I 37 -7.54 66.65 -13.11
CA ASP I 37 -8.65 66.26 -13.90
C ASP I 37 -8.99 67.28 -15.03
N LEU I 38 -9.62 66.79 -16.06
CA LEU I 38 -10.32 67.66 -17.02
C LEU I 38 -11.29 68.62 -16.30
N ASN I 39 -12.03 68.10 -15.32
CA ASN I 39 -12.92 68.94 -14.53
C ASN I 39 -12.15 69.54 -13.36
N GLU I 40 -11.58 70.73 -13.58
CA GLU I 40 -10.76 71.41 -12.60
C GLU I 40 -11.47 71.78 -11.31
N SER I 41 -12.69 72.25 -11.51
CA SER I 41 -13.59 72.56 -10.40
C SER I 41 -13.81 71.34 -9.45
N ASN I 42 -14.06 70.15 -9.99
CA ASN I 42 -14.10 68.94 -9.13
C ASN I 42 -12.77 68.66 -8.46
N ALA I 43 -11.67 68.76 -9.20
CA ALA I 43 -10.34 68.59 -8.64
C ALA I 43 -10.02 69.53 -7.49
N ASN I 44 -10.33 70.84 -7.65
CA ASN I 44 -10.06 71.75 -6.60
C ASN I 44 -10.98 71.51 -5.42
N ARG I 45 -12.23 71.14 -5.67
CA ARG I 45 -13.15 70.81 -4.58
C ARG I 45 -12.66 69.63 -3.71
N LEU I 46 -12.18 68.59 -4.38
CA LEU I 46 -11.71 67.40 -3.69
C LEU I 46 -10.51 67.80 -2.89
N ALA I 47 -9.60 68.61 -3.46
CA ALA I 47 -8.43 68.99 -2.80
C ALA I 47 -8.74 69.77 -1.52
N ASP I 48 -9.73 70.67 -1.56
CA ASP I 48 -10.25 71.35 -0.36
C ASP I 48 -10.79 70.34 0.67
N THR I 49 -11.61 69.39 0.25
CA THR I 49 -12.18 68.37 1.15
C THR I 49 -11.02 67.60 1.84
N ILE I 50 -9.98 67.25 1.07
CA ILE I 50 -8.83 66.57 1.67
C ILE I 50 -8.08 67.42 2.68
N ASN I 51 -7.88 68.72 2.40
CA ASN I 51 -7.19 69.59 3.31
C ASN I 51 -7.96 69.85 4.58
N SER I 52 -9.27 69.96 4.51
CA SER I 52 -10.03 70.08 5.74
C SER I 52 -10.02 68.81 6.61
N ARG I 53 -10.00 67.64 6.00
CA ARG I 53 -9.91 66.34 6.70
C ARG I 53 -8.49 66.01 7.23
N TYR I 54 -7.44 66.37 6.47
CA TYR I 54 -6.06 65.92 6.76
C TYR I 54 -5.05 67.04 7.06
N GLY I 55 -5.46 68.30 6.93
CA GLY I 55 -4.65 69.48 7.23
C GLY I 55 -4.19 70.29 6.03
N ALA I 56 -3.86 71.56 6.29
CA ALA I 56 -3.46 72.48 5.21
C ALA I 56 -2.38 71.89 4.31
N GLY I 57 -2.55 72.02 2.99
CA GLY I 57 -1.44 71.80 2.05
C GLY I 57 -1.27 70.31 1.74
N ARG I 58 -2.23 69.46 2.14
CA ARG I 58 -2.07 68.03 1.87
C ARG I 58 -2.39 67.73 0.42
N ALA I 59 -3.43 68.35 -0.12
CA ALA I 59 -3.75 68.22 -1.54
C ALA I 59 -3.84 69.58 -2.30
N TYR I 60 -3.54 69.52 -3.62
CA TYR I 60 -3.79 70.64 -4.56
C TYR I 60 -4.49 70.11 -5.78
N GLY I 61 -5.24 70.99 -6.43
CA GLY I 61 -6.05 70.60 -7.58
C GLY I 61 -5.40 71.19 -8.78
N PHE I 62 -5.59 70.51 -9.91
CA PHE I 62 -4.93 70.85 -11.17
C PHE I 62 -5.86 70.50 -12.29
N LYS I 63 -5.85 71.36 -13.34
CA LYS I 63 -6.46 71.03 -14.62
C LYS I 63 -5.45 70.27 -15.49
N VAL I 64 -5.95 69.26 -16.17
CA VAL I 64 -5.21 68.57 -17.18
C VAL I 64 -6.16 67.99 -18.20
N ASP I 65 -5.80 68.07 -19.47
CA ASP I 65 -6.45 67.29 -20.49
C ASP I 65 -5.38 66.29 -20.90
N ALA I 66 -5.60 65.02 -20.50
CA ALA I 66 -4.55 63.98 -20.60
C ALA I 66 -4.16 63.63 -22.03
N THR I 67 -5.08 63.82 -22.95
CA THR I 67 -4.82 63.61 -24.41
C THR I 67 -4.00 64.69 -25.10
N ASP I 68 -3.55 65.72 -24.40
CA ASP I 68 -2.94 66.92 -25.02
C ASP I 68 -1.58 67.15 -24.43
N GLU I 69 -0.56 67.18 -25.28
CA GLU I 69 0.81 67.24 -24.81
C GLU I 69 1.13 68.46 -23.94
N ALA I 70 0.66 69.63 -24.39
CA ALA I 70 0.98 70.89 -23.71
C ALA I 70 0.43 70.89 -22.29
N SER I 71 -0.75 70.33 -22.15
CA SER I 71 -1.45 70.27 -20.85
C SER I 71 -0.70 69.39 -19.85
N VAL I 72 -0.29 68.24 -20.29
CA VAL I 72 0.44 67.29 -19.39
C VAL I 72 1.76 67.91 -18.99
N GLU I 73 2.46 68.51 -19.94
CA GLU I 73 3.74 69.12 -19.62
C GLU I 73 3.53 70.23 -18.62
N ALA I 74 2.47 71.02 -18.81
CA ALA I 74 2.14 72.07 -17.83
C ALA I 74 1.77 71.48 -16.43
N LEU I 75 0.98 70.41 -16.40
CA LEU I 75 0.67 69.68 -15.12
C LEU I 75 1.94 69.28 -14.32
N ALA I 76 2.86 68.66 -15.02
CA ALA I 76 4.11 68.21 -14.43
C ALA I 76 4.96 69.34 -13.87
N ARG I 77 5.02 70.47 -14.61
CA ARG I 77 5.60 71.69 -14.04
C ARG I 77 4.87 72.19 -12.83
N ALA I 78 3.55 72.25 -12.90
CA ALA I 78 2.81 72.81 -11.78
C ALA I 78 2.93 71.91 -10.57
N VAL I 79 2.89 70.59 -10.78
CA VAL I 79 3.07 69.65 -9.62
C VAL I 79 4.38 69.86 -8.85
N ASP I 80 5.46 69.87 -9.59
CA ASP I 80 6.80 70.19 -9.14
C ASP I 80 6.92 71.58 -8.49
N GLU I 81 6.35 72.57 -9.14
CA GLU I 81 6.26 73.88 -8.49
C GLU I 81 5.57 73.76 -7.12
N THR I 82 4.46 73.02 -7.05
CA THR I 82 3.68 72.93 -5.79
C THR I 82 4.35 72.01 -4.76
N PHE I 83 4.74 70.85 -5.19
CA PHE I 83 5.35 69.82 -4.31
C PHE I 83 6.82 69.64 -4.75
N GLY I 84 7.76 69.50 -3.87
CA GLY I 84 9.15 69.33 -4.43
C GLY I 84 9.40 68.13 -5.38
N ARG I 85 8.36 67.31 -5.70
CA ARG I 85 8.62 65.92 -6.22
C ARG I 85 7.37 65.21 -6.72
N ALA I 86 7.55 64.04 -7.35
CA ALA I 86 6.44 63.11 -7.59
C ALA I 86 6.94 61.67 -7.35
N ASP I 87 6.21 60.90 -6.55
CA ASP I 87 6.59 59.51 -6.15
C ASP I 87 5.68 58.46 -6.80
N LEU I 88 4.40 58.79 -6.96
CA LEU I 88 3.40 57.92 -7.57
C LEU I 88 2.55 58.63 -8.53
N LEU I 89 2.39 58.03 -9.69
CA LEU I 89 1.40 58.41 -10.67
C LEU I 89 0.34 57.32 -10.81
N VAL I 90 -0.92 57.72 -10.66
CA VAL I 90 -2.09 56.83 -10.90
C VAL I 90 -2.88 57.31 -12.14
N TYR I 91 -3.06 56.47 -13.12
CA TYR I 91 -3.74 56.90 -14.32
C TYR I 91 -5.12 56.33 -14.26
N SER I 92 -6.16 57.14 -13.96
CA SER I 92 -7.55 56.64 -13.90
C SER I 92 -8.40 57.41 -14.92
N ALA I 93 -8.61 56.81 -16.07
CA ALA I 93 -9.44 57.41 -17.09
C ALA I 93 -9.94 56.38 -18.08
N GLY I 94 -10.98 56.76 -18.78
CA GLY I 94 -11.52 55.95 -19.86
C GLY I 94 -12.83 55.31 -19.57
N VAL I 95 -13.73 55.34 -20.55
CA VAL I 95 -15.13 54.87 -20.38
C VAL I 95 -15.53 54.01 -21.58
N ALA I 96 -16.01 52.80 -21.34
CA ALA I 96 -16.42 51.99 -22.45
C ALA I 96 -17.66 52.57 -23.11
N LYS I 97 -17.71 52.47 -24.43
CA LYS I 97 -18.86 52.87 -25.22
C LYS I 97 -19.14 51.70 -26.11
N ALA I 98 -20.22 51.02 -25.85
CA ALA I 98 -20.55 49.81 -26.54
C ALA I 98 -21.38 49.86 -27.81
N ALA I 99 -20.97 49.10 -28.81
CA ALA I 99 -21.65 48.89 -30.09
C ALA I 99 -20.98 47.75 -30.87
N PRO I 100 -21.71 47.07 -31.75
CA PRO I 100 -21.07 46.03 -32.55
C PRO I 100 -20.09 46.60 -33.56
N ILE I 101 -19.11 45.84 -34.02
CA ILE I 101 -18.07 46.39 -34.88
C ILE I 101 -18.64 47.03 -36.13
N THR I 102 -19.68 46.41 -36.62
CA THR I 102 -20.48 46.82 -37.78
C THR I 102 -21.03 48.25 -37.67
N GLN I 103 -21.22 48.72 -36.44
CA GLN I 103 -21.79 50.05 -36.13
C GLN I 103 -20.81 50.95 -35.38
N PHE I 104 -19.58 50.52 -35.13
CA PHE I 104 -18.77 51.24 -34.23
C PHE I 104 -18.20 52.43 -34.99
N ARG I 105 -18.36 53.65 -34.44
CA ARG I 105 -17.88 54.85 -35.08
C ARG I 105 -16.40 55.06 -34.87
N LEU I 106 -15.70 55.47 -35.92
CA LEU I 106 -14.29 55.81 -35.82
C LEU I 106 -13.98 56.85 -34.72
N THR I 107 -14.81 57.90 -34.63
CA THR I 107 -14.59 58.92 -33.60
C THR I 107 -14.57 58.30 -32.18
N ASP I 108 -15.40 57.29 -31.96
CA ASP I 108 -15.48 56.60 -30.64
C ASP I 108 -14.22 55.71 -30.43
N PHE I 109 -13.88 54.99 -31.48
CA PHE I 109 -12.65 54.16 -31.39
C PHE I 109 -11.43 55.05 -31.15
N ASP I 110 -11.38 56.19 -31.85
CA ASP I 110 -10.26 57.14 -31.72
C ASP I 110 -10.29 57.72 -30.36
N LEU I 111 -11.47 58.12 -29.88
CA LEU I 111 -11.49 58.76 -28.59
C LEU I 111 -11.07 57.71 -27.51
N SER I 112 -11.60 56.49 -27.63
CA SER I 112 -11.16 55.42 -26.70
C SER I 112 -9.61 55.38 -26.61
N LEU I 113 -8.92 55.44 -27.76
CA LEU I 113 -7.46 55.35 -27.77
C LEU I 113 -6.80 56.50 -27.22
N GLN I 114 -7.42 57.67 -27.40
CA GLN I 114 -6.74 58.87 -26.94
C GLN I 114 -6.73 58.97 -25.41
N VAL I 115 -7.88 58.69 -24.80
CA VAL I 115 -8.09 58.88 -23.38
C VAL I 115 -7.45 57.71 -22.62
N ASN I 116 -7.80 56.52 -23.04
CA ASN I 116 -7.29 55.33 -22.34
C ASN I 116 -5.78 55.08 -22.54
N LEU I 117 -5.23 55.44 -23.72
CA LEU I 117 -3.87 55.05 -24.11
C LEU I 117 -2.89 56.15 -24.39
N VAL I 118 -3.21 57.12 -25.27
CA VAL I 118 -2.33 58.26 -25.40
C VAL I 118 -2.12 58.98 -24.10
N GLY I 119 -3.17 59.13 -23.30
CA GLY I 119 -3.05 59.90 -22.06
C GLY I 119 -2.07 59.25 -21.08
N TYR I 120 -2.21 57.95 -21.02
CA TYR I 120 -1.34 57.07 -20.11
C TYR I 120 0.11 57.27 -20.51
N PHE I 121 0.33 57.20 -21.81
CA PHE I 121 1.69 57.48 -22.37
C PHE I 121 2.25 58.85 -22.01
N LEU I 122 1.45 59.91 -22.25
CA LEU I 122 1.94 61.26 -21.97
C LEU I 122 2.30 61.46 -20.53
N CYS I 123 1.38 61.03 -19.67
CA CYS I 123 1.53 61.22 -18.24
C CYS I 123 2.71 60.40 -17.69
N SER I 124 2.87 59.19 -18.18
CA SER I 124 4.03 58.37 -17.75
C SER I 124 5.34 59.00 -18.18
N ARG I 125 5.33 59.52 -19.41
CA ARG I 125 6.56 60.17 -19.89
C ARG I 125 7.01 61.27 -19.00
N GLU I 126 6.10 62.21 -18.76
CA GLU I 126 6.46 63.45 -18.08
C GLU I 126 6.77 63.28 -16.62
N PHE I 127 5.96 62.47 -15.92
CA PHE I 127 6.24 62.17 -14.55
C PHE I 127 7.38 61.24 -14.29
N SER I 128 7.61 60.26 -15.15
CA SER I 128 8.79 59.46 -14.97
C SER I 128 10.08 60.38 -15.02
N LYS I 129 10.11 61.40 -15.89
CA LYS I 129 11.24 62.33 -15.91
C LYS I 129 11.48 63.00 -14.58
N LEU I 130 10.41 63.31 -13.85
CA LEU I 130 10.60 63.93 -12.51
C LEU I 130 11.12 63.01 -11.46
N MET I 131 10.64 61.79 -11.52
CA MET I 131 11.09 60.72 -10.58
C MET I 131 12.63 60.46 -10.80
N ILE I 132 13.02 60.39 -12.05
CA ILE I 132 14.42 60.18 -12.45
C ILE I 132 15.35 61.35 -12.04
N ARG I 133 14.90 62.56 -12.26
CA ARG I 133 15.72 63.69 -12.00
C ARG I 133 16.00 63.74 -10.55
N ASP I 134 15.07 63.29 -9.70
CA ASP I 134 15.25 63.33 -8.25
C ASP I 134 15.69 62.03 -7.62
N GLY I 135 15.87 61.00 -8.43
CA GLY I 135 16.36 59.69 -7.95
C GLY I 135 15.34 58.97 -7.09
N ILE I 136 14.08 59.17 -7.43
CA ILE I 136 12.97 58.64 -6.67
C ILE I 136 12.74 57.26 -7.28
N LYS I 137 12.64 56.24 -6.45
CA LYS I 137 12.25 54.94 -6.94
C LYS I 137 10.73 54.93 -6.92
N GLY I 138 10.16 55.35 -8.02
CA GLY I 138 8.74 55.64 -8.04
C GLY I 138 7.84 54.54 -8.48
N ARG I 139 6.62 54.92 -8.77
CA ARG I 139 5.60 53.97 -9.08
C ARG I 139 4.68 54.55 -10.11
N ILE I 140 4.35 53.79 -11.12
CA ILE I 140 3.26 54.15 -12.00
C ILE I 140 2.20 53.04 -12.00
N ILE I 141 0.96 53.41 -11.66
CA ILE I 141 -0.17 52.48 -11.67
C ILE I 141 -1.33 52.94 -12.52
N GLN I 142 -1.73 52.09 -13.45
CA GLN I 142 -2.77 52.35 -14.36
C GLN I 142 -3.97 51.58 -13.99
N ILE I 143 -5.10 52.29 -13.88
CA ILE I 143 -6.40 51.61 -13.75
C ILE I 143 -6.80 51.02 -15.03
N ASN I 144 -7.10 49.71 -15.09
CA ASN I 144 -7.46 49.02 -16.28
C ASN I 144 -8.69 48.16 -15.97
N SER I 145 -8.85 47.06 -16.64
CA SER I 145 -10.06 46.36 -16.68
C SER I 145 -9.81 44.93 -17.05
N LYS I 146 -10.72 44.02 -16.69
CA LYS I 146 -10.70 42.73 -17.21
C LYS I 146 -11.03 42.60 -18.71
N SER I 147 -11.53 43.68 -19.31
CA SER I 147 -11.48 43.87 -20.71
C SER I 147 -10.09 44.19 -21.31
N GLY I 148 -9.08 44.45 -20.52
CA GLY I 148 -7.66 44.42 -21.01
C GLY I 148 -6.93 43.05 -20.95
N LYS I 149 -7.65 42.06 -20.43
CA LYS I 149 -7.24 40.64 -20.26
C LYS I 149 -7.97 39.74 -21.22
N VAL I 150 -9.26 39.96 -21.40
CA VAL I 150 -10.05 39.17 -22.34
C VAL I 150 -10.93 40.13 -23.12
N GLY I 151 -10.85 40.06 -24.45
CA GLY I 151 -11.68 40.89 -25.29
C GLY I 151 -13.15 40.95 -24.91
N SER I 152 -13.73 42.17 -24.99
CA SER I 152 -15.17 42.34 -24.68
C SER I 152 -16.08 42.45 -25.92
N LYS I 153 -17.17 41.69 -25.92
CA LYS I 153 -18.17 41.73 -26.94
C LYS I 153 -18.77 43.17 -27.03
N HIS I 154 -18.80 43.73 -28.24
CA HIS I 154 -19.33 45.10 -28.50
C HIS I 154 -18.47 46.18 -27.88
N ASN I 155 -17.26 45.85 -27.39
CA ASN I 155 -16.37 46.87 -26.85
C ASN I 155 -14.95 46.85 -27.43
N SER I 156 -14.85 46.79 -28.78
CA SER I 156 -13.54 46.84 -29.50
C SER I 156 -12.71 48.08 -29.23
N GLY I 157 -13.34 49.25 -29.11
CA GLY I 157 -12.54 50.42 -28.74
C GLY I 157 -11.98 50.26 -27.31
N TYR I 158 -12.85 49.78 -26.40
CA TYR I 158 -12.44 49.69 -25.01
C TYR I 158 -11.35 48.61 -24.81
N SER I 159 -11.60 47.44 -25.35
CA SER I 159 -10.63 46.33 -25.25
C SER I 159 -9.38 46.56 -26.03
N ALA I 160 -9.44 47.19 -27.21
CA ALA I 160 -8.22 47.49 -27.91
C ALA I 160 -7.40 48.39 -27.13
N ALA I 161 -8.04 49.43 -26.57
CA ALA I 161 -7.33 50.37 -25.77
C ALA I 161 -6.74 49.74 -24.47
N LYS I 162 -7.52 48.90 -23.82
CA LYS I 162 -7.14 48.40 -22.48
C LYS I 162 -6.05 47.35 -22.60
N PHE I 163 -6.17 46.46 -23.56
CA PHE I 163 -4.97 45.58 -23.98
C PHE I 163 -3.74 46.43 -24.29
N GLY I 164 -3.90 47.57 -25.03
CA GLY I 164 -2.78 48.45 -25.34
C GLY I 164 -2.12 48.96 -24.13
N GLY I 165 -2.93 49.21 -23.10
CA GLY I 165 -2.38 49.73 -21.86
C GLY I 165 -1.47 48.69 -21.19
N VAL I 166 -1.78 47.41 -21.35
CA VAL I 166 -0.92 46.28 -20.77
C VAL I 166 0.44 46.31 -21.45
N GLY I 167 0.41 46.39 -22.79
CA GLY I 167 1.63 46.63 -23.63
C GLY I 167 2.51 47.73 -23.15
N LEU I 168 1.91 48.91 -22.92
CA LEU I 168 2.64 50.03 -22.55
C LEU I 168 3.20 49.83 -21.19
N THR I 169 2.33 49.31 -20.28
CA THR I 169 2.82 49.00 -18.98
C THR I 169 4.10 48.15 -18.94
N GLN I 170 4.13 47.17 -19.73
CA GLN I 170 5.33 46.26 -19.75
C GLN I 170 6.58 46.94 -20.38
N SER I 171 6.35 47.73 -21.43
CA SER I 171 7.44 48.51 -22.05
C SER I 171 7.94 49.58 -21.11
N LEU I 172 7.03 50.29 -20.40
CA LEU I 172 7.47 51.27 -19.45
C LEU I 172 8.27 50.61 -18.34
N ALA I 173 7.79 49.47 -17.90
CA ALA I 173 8.52 48.74 -16.82
C ALA I 173 9.98 48.45 -17.22
N LEU I 174 10.18 47.92 -18.39
CA LEU I 174 11.57 47.64 -18.89
C LEU I 174 12.43 48.88 -19.09
N ASP I 175 11.79 50.00 -19.49
CA ASP I 175 12.50 51.23 -19.74
C ASP I 175 12.88 51.88 -18.44
N LEU I 176 12.02 51.79 -17.40
CA LEU I 176 12.21 52.50 -16.17
C LEU I 176 12.81 51.71 -15.02
N ALA I 177 12.97 50.40 -15.24
CA ALA I 177 13.62 49.46 -14.31
C ALA I 177 14.97 49.91 -13.79
N GLU I 178 15.80 50.47 -14.64
CA GLU I 178 17.15 50.87 -14.21
C GLU I 178 17.09 52.02 -13.18
N TYR I 179 16.00 52.79 -13.19
CA TYR I 179 15.83 53.84 -12.20
C TYR I 179 15.02 53.45 -10.97
N GLY I 180 14.66 52.18 -10.84
CA GLY I 180 13.94 51.71 -9.66
C GLY I 180 12.48 52.10 -9.60
N ILE I 181 11.95 52.52 -10.74
CA ILE I 181 10.53 52.83 -10.90
C ILE I 181 9.77 51.60 -11.37
N THR I 182 8.72 51.19 -10.64
CA THR I 182 7.86 50.05 -11.08
C THR I 182 6.57 50.54 -11.69
N VAL I 183 6.04 49.75 -12.61
CA VAL I 183 4.87 50.07 -13.39
C VAL I 183 3.92 48.89 -13.39
N HIS I 184 2.63 49.10 -13.13
CA HIS I 184 1.59 48.03 -13.19
C HIS I 184 0.28 48.52 -13.68
N SER I 185 -0.49 47.60 -14.23
CA SER I 185 -1.86 47.82 -14.59
C SER I 185 -2.79 47.00 -13.65
N LEU I 186 -3.89 47.58 -13.19
CA LEU I 186 -4.86 46.84 -12.33
C LEU I 186 -6.02 46.43 -13.09
N MET I 187 -6.29 45.15 -13.18
CA MET I 187 -7.33 44.66 -14.06
C MET I 187 -8.63 44.53 -13.31
N LEU I 188 -9.41 45.62 -13.29
CA LEU I 188 -10.61 45.61 -12.45
C LEU I 188 -11.79 44.81 -12.95
N GLY I 189 -12.55 44.21 -12.02
CA GLY I 189 -13.85 43.65 -12.34
C GLY I 189 -14.92 44.75 -12.47
N ASN I 190 -16.19 44.37 -12.48
CA ASN I 190 -17.27 45.41 -12.60
C ASN I 190 -17.51 46.16 -11.33
N LEU I 191 -17.51 47.49 -11.44
CA LEU I 191 -17.73 48.39 -10.31
C LEU I 191 -19.25 48.64 -10.28
N LEU I 192 -19.97 47.62 -9.82
CA LEU I 192 -21.42 47.55 -9.89
C LEU I 192 -22.15 48.72 -9.26
N LYS I 193 -21.56 49.30 -8.22
CA LYS I 193 -22.16 50.46 -7.52
C LYS I 193 -21.74 51.82 -8.06
N SER I 194 -20.85 51.85 -9.01
CA SER I 194 -20.34 53.11 -9.52
C SER I 194 -21.53 53.88 -10.15
N PRO I 195 -21.49 55.24 -10.20
CA PRO I 195 -22.53 55.97 -10.96
C PRO I 195 -22.65 55.59 -12.43
N MET I 196 -21.52 55.43 -13.11
CA MET I 196 -21.50 55.06 -14.52
C MET I 196 -22.13 53.67 -14.79
N PHE I 197 -21.79 52.64 -14.00
CA PHE I 197 -22.46 51.33 -14.16
C PHE I 197 -23.96 51.45 -13.86
N GLN I 198 -24.31 52.04 -12.74
CA GLN I 198 -25.77 52.28 -12.44
C GLN I 198 -26.54 53.03 -13.56
N SER I 199 -25.88 54.00 -14.20
CA SER I 199 -26.52 54.80 -15.25
C SER I 199 -26.85 53.97 -16.50
N LEU I 200 -26.02 52.96 -16.77
CA LEU I 200 -26.19 52.11 -17.95
C LEU I 200 -26.91 50.81 -17.68
N LEU I 201 -27.52 50.65 -16.51
CA LEU I 201 -28.28 49.40 -16.25
C LEU I 201 -29.30 49.08 -17.32
N PRO I 202 -30.06 50.09 -17.80
CA PRO I 202 -31.01 49.93 -18.92
C PRO I 202 -30.34 49.42 -20.21
N GLN I 203 -29.25 50.06 -20.59
CA GLN I 203 -28.48 49.60 -21.76
C GLN I 203 -28.07 48.11 -21.69
N TYR I 204 -27.59 47.68 -20.51
CA TYR I 204 -27.15 46.28 -20.28
C TYR I 204 -28.31 45.31 -20.26
N ALA I 205 -29.45 45.74 -19.74
CA ALA I 205 -30.63 44.88 -19.71
C ALA I 205 -31.04 44.44 -21.13
N GLU I 206 -31.07 45.41 -22.05
CA GLU I 206 -31.45 45.19 -23.44
C GLU I 206 -30.40 44.34 -24.17
N LYS I 207 -29.12 44.62 -23.97
CA LYS I 207 -28.09 43.77 -24.55
C LYS I 207 -28.32 42.31 -24.17
N LEU I 208 -28.50 42.10 -22.86
CA LEU I 208 -28.51 40.76 -22.29
C LEU I 208 -29.90 40.15 -22.35
N GLY I 209 -30.90 40.99 -22.59
CA GLY I 209 -32.26 40.53 -22.84
C GLY I 209 -33.03 40.22 -21.59
N ILE I 210 -32.84 41.05 -20.56
CA ILE I 210 -33.35 40.81 -19.21
C ILE I 210 -33.88 42.14 -18.69
N THR I 211 -34.55 42.17 -17.54
CA THR I 211 -34.90 43.44 -16.86
C THR I 211 -33.65 44.16 -16.42
N PRO I 212 -33.74 45.49 -16.19
CA PRO I 212 -32.78 46.28 -15.43
C PRO I 212 -32.49 45.73 -14.03
N GLU I 213 -33.52 45.34 -13.29
CA GLU I 213 -33.32 44.85 -11.92
C GLU I 213 -32.56 43.48 -11.89
N GLU I 214 -32.53 42.73 -12.98
CA GLU I 214 -31.76 41.45 -13.05
C GLU I 214 -30.28 41.65 -13.47
N VAL I 215 -29.86 42.86 -13.80
CA VAL I 215 -28.50 43.06 -14.41
C VAL I 215 -27.32 42.82 -13.43
N GLU I 216 -27.37 43.40 -12.24
CA GLU I 216 -26.30 43.25 -11.25
C GLU I 216 -26.20 41.77 -10.84
N PRO I 217 -27.32 41.14 -10.44
CA PRO I 217 -27.25 39.69 -10.13
C PRO I 217 -26.70 38.79 -11.25
N TYR I 218 -27.00 39.11 -12.48
CA TYR I 218 -26.42 38.40 -13.61
C TYR I 218 -24.87 38.49 -13.56
N TYR I 219 -24.37 39.68 -13.35
CA TYR I 219 -22.90 39.89 -13.28
C TYR I 219 -22.21 39.34 -12.02
N VAL I 220 -22.92 39.42 -10.90
CA VAL I 220 -22.47 38.81 -9.66
C VAL I 220 -22.33 37.32 -9.80
N ASP I 221 -23.23 36.72 -10.58
CA ASP I 221 -23.24 35.29 -10.73
C ASP I 221 -21.98 34.77 -11.43
N LYS I 222 -21.42 35.56 -12.34
CA LYS I 222 -20.18 35.17 -13.02
C LYS I 222 -18.94 35.31 -12.11
N VAL I 223 -19.08 35.82 -10.91
CA VAL I 223 -17.89 36.02 -10.03
C VAL I 223 -17.78 34.82 -9.04
N PRO I 224 -16.65 34.12 -8.96
CA PRO I 224 -16.63 32.99 -8.00
C PRO I 224 -16.84 33.42 -6.58
N LEU I 225 -16.35 34.63 -6.20
CA LEU I 225 -16.60 35.16 -4.89
C LEU I 225 -17.99 35.81 -4.72
N LYS I 226 -18.77 35.89 -5.80
CA LYS I 226 -20.18 36.34 -5.73
C LYS I 226 -20.44 37.74 -5.20
N ARG I 227 -19.68 38.72 -5.68
CA ARG I 227 -19.98 40.12 -5.43
C ARG I 227 -19.15 40.91 -6.45
N GLY I 228 -19.54 42.17 -6.67
CA GLY I 228 -18.83 43.05 -7.55
C GLY I 228 -17.52 43.56 -6.94
N CYS I 229 -16.75 44.29 -7.73
CA CYS I 229 -15.57 44.98 -7.28
C CYS I 229 -15.98 46.23 -6.51
N ASP I 230 -15.38 46.44 -5.35
CA ASP I 230 -15.58 47.65 -4.55
C ASP I 230 -14.42 48.58 -4.80
N TYR I 231 -14.72 49.87 -4.71
CA TYR I 231 -13.70 50.83 -4.71
C TYR I 231 -12.60 50.49 -3.70
N GLN I 232 -12.95 50.00 -2.52
CA GLN I 232 -11.93 49.72 -1.47
C GLN I 232 -10.94 48.61 -1.88
N ASP I 233 -11.45 47.61 -2.58
CA ASP I 233 -10.59 46.55 -3.22
C ASP I 233 -9.50 47.13 -4.12
N VAL I 234 -9.90 48.14 -4.93
CA VAL I 234 -9.00 48.79 -5.83
C VAL I 234 -7.92 49.53 -5.06
N LEU I 235 -8.33 50.29 -4.07
CA LEU I 235 -7.40 51.06 -3.30
C LEU I 235 -6.49 50.16 -2.51
N ASN I 236 -7.03 49.10 -1.92
CA ASN I 236 -6.11 48.10 -1.23
C ASN I 236 -4.99 47.55 -2.09
N VAL I 237 -5.27 47.11 -3.26
CA VAL I 237 -4.28 46.58 -4.18
C VAL I 237 -3.32 47.68 -4.65
N LEU I 238 -3.88 48.85 -5.00
CA LEU I 238 -3.04 49.98 -5.35
C LEU I 238 -2.01 50.32 -4.30
N LEU I 239 -2.45 50.43 -3.04
CA LEU I 239 -1.60 50.78 -1.94
C LEU I 239 -0.45 49.82 -1.74
N PHE I 240 -0.75 48.54 -1.91
CA PHE I 240 0.32 47.51 -1.81
C PHE I 240 1.40 47.64 -2.90
N TYR I 241 0.95 47.63 -4.16
CA TYR I 241 1.82 47.79 -5.36
C TYR I 241 2.58 49.12 -5.47
N ALA I 242 2.07 50.13 -4.82
CA ALA I 242 2.75 51.41 -4.74
C ALA I 242 3.66 51.55 -3.59
N SER I 243 3.71 50.52 -2.72
CA SER I 243 4.53 50.65 -1.56
C SER I 243 5.95 50.02 -1.80
N ASP I 244 6.80 50.33 -0.84
CA ASP I 244 8.17 49.83 -0.84
C ASP I 244 8.07 48.32 -0.69
N LYS I 245 7.00 47.80 -0.07
CA LYS I 245 6.91 46.35 0.17
C LYS I 245 6.68 45.57 -1.12
N ALA I 246 6.44 46.22 -2.27
CA ALA I 246 6.32 45.54 -3.57
C ALA I 246 7.42 45.93 -4.52
N ALA I 247 8.62 46.15 -4.02
CA ALA I 247 9.71 46.73 -4.81
C ALA I 247 10.32 45.76 -5.79
N TYR I 248 10.07 44.46 -5.65
CA TYR I 248 10.52 43.46 -6.64
C TYR I 248 9.49 42.91 -7.60
N CYS I 249 8.37 43.60 -7.73
CA CYS I 249 7.37 43.29 -8.78
C CYS I 249 7.23 44.52 -9.76
N THR I 250 7.25 44.25 -11.03
CA THR I 250 7.15 45.33 -12.05
C THR I 250 6.61 44.78 -13.34
N GLY I 251 5.86 45.63 -14.08
CA GLY I 251 5.33 45.23 -15.35
C GLY I 251 4.14 44.33 -15.29
N GLN I 252 3.55 44.20 -14.12
CA GLN I 252 2.43 43.22 -14.01
C GLN I 252 1.02 43.71 -14.41
N SER I 253 0.16 42.78 -14.86
CA SER I 253 -1.31 42.96 -14.88
C SER I 253 -1.95 42.27 -13.66
N ILE I 254 -2.34 43.08 -12.68
CA ILE I 254 -2.88 42.57 -11.43
C ILE I 254 -4.37 42.46 -11.47
N ASN I 255 -4.84 41.24 -11.35
CA ASN I 255 -6.29 41.01 -11.36
C ASN I 255 -6.99 41.33 -10.07
N VAL I 256 -8.12 42.07 -10.21
CA VAL I 256 -8.93 42.49 -9.09
C VAL I 256 -10.38 42.10 -9.46
N THR I 257 -10.66 40.80 -9.47
CA THR I 257 -11.88 40.29 -10.18
C THR I 257 -12.74 39.26 -9.44
N GLY I 258 -12.42 38.95 -8.17
CA GLY I 258 -13.21 38.00 -7.41
C GLY I 258 -13.05 36.58 -7.90
N GLY I 259 -12.00 36.37 -8.70
CA GLY I 259 -11.67 35.07 -9.26
C GLY I 259 -12.25 34.85 -10.65
N GLN I 260 -12.91 35.87 -11.19
CA GLN I 260 -13.46 35.70 -12.53
C GLN I 260 -12.32 35.60 -13.53
N VAL I 261 -11.21 36.31 -13.33
CA VAL I 261 -10.06 36.17 -14.25
C VAL I 261 -8.90 35.59 -13.49
N MET I 262 -8.49 34.39 -13.83
CA MET I 262 -7.26 33.83 -13.17
C MET I 262 -5.97 33.71 -13.99
N PHE I 263 -6.02 34.17 -15.24
CA PHE I 263 -4.91 34.08 -16.17
C PHE I 263 -4.24 35.47 -16.30
N MET J 5 -4.00 40.40 16.85
CA MET J 5 -4.84 39.41 16.09
C MET J 5 -4.79 37.99 16.70
N GLU J 6 -5.73 37.19 16.22
CA GLU J 6 -5.86 35.84 16.71
C GLU J 6 -5.47 34.78 15.67
N GLN J 7 -5.00 35.18 14.48
CA GLN J 7 -4.89 34.23 13.36
C GLN J 7 -3.82 33.20 13.53
N VAL J 8 -4.04 32.01 13.01
CA VAL J 8 -3.07 30.95 13.02
C VAL J 8 -2.59 30.61 11.59
N ALA J 9 -1.28 30.61 11.38
CA ALA J 9 -0.74 30.20 10.14
C ALA J 9 -0.09 28.85 10.30
N VAL J 10 -0.28 27.99 9.36
CA VAL J 10 0.37 26.66 9.29
C VAL J 10 1.31 26.68 8.12
N VAL J 11 2.60 26.52 8.37
CA VAL J 11 3.58 26.46 7.34
C VAL J 11 4.23 25.09 7.15
N ILE J 12 3.88 24.47 6.05
CA ILE J 12 4.42 23.22 5.60
C ILE J 12 5.73 23.48 4.91
N GLY J 13 6.78 22.91 5.45
CA GLY J 13 8.17 23.12 4.98
C GLY J 13 8.78 24.23 5.81
N GLY J 14 8.38 24.38 7.04
CA GLY J 14 8.72 25.49 7.85
C GLY J 14 10.07 25.33 8.53
N GLY J 15 10.67 24.15 8.49
CA GLY J 15 11.86 23.90 9.34
C GLY J 15 13.18 24.49 8.84
N GLN J 16 13.19 25.07 7.66
CA GLN J 16 14.45 25.59 7.13
C GLN J 16 14.27 26.67 6.05
N THR J 17 15.33 27.49 5.90
CA THR J 17 15.60 28.39 4.78
C THR J 17 14.34 29.29 4.60
N LEU J 18 13.79 29.34 3.40
CA LEU J 18 12.68 30.29 3.09
C LEU J 18 11.49 30.02 4.03
N GLY J 19 11.03 28.76 4.14
CA GLY J 19 9.93 28.39 5.04
C GLY J 19 10.13 28.79 6.45
N ALA J 20 11.34 28.69 6.96
CA ALA J 20 11.68 29.10 8.31
C ALA J 20 11.58 30.64 8.45
N PHE J 21 12.11 31.36 7.53
CA PHE J 21 11.90 32.83 7.56
C PHE J 21 10.42 33.24 7.46
N LEU J 22 9.66 32.52 6.62
CA LEU J 22 8.25 32.86 6.50
C LEU J 22 7.60 32.66 7.81
N CYS J 23 7.95 31.53 8.49
CA CYS J 23 7.41 31.29 9.81
C CYS J 23 7.76 32.47 10.71
N GLU J 24 9.02 32.87 10.74
CA GLU J 24 9.36 34.00 11.62
C GLU J 24 8.66 35.33 11.30
N GLY J 25 8.54 35.65 10.02
CA GLY J 25 7.78 36.86 9.58
C GLY J 25 6.38 36.86 9.97
N LEU J 26 5.75 35.69 9.85
CA LEU J 26 4.40 35.57 10.22
C LEU J 26 4.27 35.82 11.68
N ALA J 27 5.20 35.22 12.47
CA ALA J 27 5.18 35.41 13.88
C ALA J 27 5.25 36.94 14.27
N GLN J 28 6.17 37.53 13.61
CA GLN J 28 6.49 38.95 13.76
C GLN J 28 5.29 39.81 13.38
N ALA J 29 4.52 39.37 12.39
CA ALA J 29 3.29 40.06 11.98
C ALA J 29 2.12 39.81 12.88
N GLY J 30 2.27 38.89 13.82
CA GLY J 30 1.30 38.70 14.89
C GLY J 30 0.50 37.40 14.80
N TYR J 31 0.87 36.57 13.84
CA TYR J 31 0.23 35.27 13.66
C TYR J 31 0.81 34.31 14.74
N HIS J 32 0.00 33.37 15.14
CA HIS J 32 0.48 32.22 15.88
C HIS J 32 0.94 31.28 14.81
N VAL J 33 2.04 30.54 14.99
CA VAL J 33 2.51 29.73 13.90
C VAL J 33 2.72 28.25 14.21
N ALA J 34 2.28 27.42 13.29
CA ALA J 34 2.50 25.97 13.40
C ALA J 34 3.57 25.72 12.43
N VAL J 35 4.76 25.39 12.94
CA VAL J 35 5.90 25.15 12.09
C VAL J 35 5.92 23.64 11.77
N ALA J 36 5.57 23.27 10.53
CA ALA J 36 5.50 21.84 10.18
C ALA J 36 6.58 21.39 9.21
N ASP J 37 7.28 20.26 9.48
CA ASP J 37 8.36 19.85 8.62
C ASP J 37 8.61 18.33 8.76
N LEU J 38 9.16 17.72 7.75
CA LEU J 38 9.59 16.27 7.77
C LEU J 38 10.62 16.03 8.88
N ASN J 39 11.42 17.06 9.11
CA ASN J 39 12.38 17.10 10.24
C ASN J 39 11.82 17.82 11.43
N GLU J 40 11.29 17.02 12.33
CA GLU J 40 10.63 17.50 13.49
C GLU J 40 11.63 18.25 14.35
N SER J 41 12.87 17.78 14.43
CA SER J 41 13.80 18.46 15.31
C SER J 41 13.97 19.95 14.82
N ASN J 42 14.04 20.14 13.52
CA ASN J 42 14.20 21.46 12.89
C ASN J 42 12.99 22.38 13.15
N ALA J 43 11.82 21.79 13.13
CA ALA J 43 10.60 22.49 13.42
C ALA J 43 10.56 22.95 14.84
N ASN J 44 10.93 22.07 15.76
CA ASN J 44 10.85 22.35 17.18
C ASN J 44 11.85 23.44 17.51
N ARG J 45 13.02 23.39 16.87
CA ARG J 45 14.07 24.38 17.14
C ARG J 45 13.66 25.79 16.64
N LEU J 46 13.03 25.84 15.48
CA LEU J 46 12.54 27.12 14.99
C LEU J 46 11.41 27.67 15.80
N ALA J 47 10.46 26.81 16.24
CA ALA J 47 9.40 27.23 17.13
C ALA J 47 9.94 27.82 18.47
N ASP J 48 10.92 27.13 19.07
CA ASP J 48 11.63 27.63 20.26
C ASP J 48 12.23 29.06 19.99
N THR J 49 12.95 29.23 18.89
CA THR J 49 13.55 30.50 18.53
C THR J 49 12.49 31.60 18.35
N ILE J 50 11.42 31.32 17.64
CA ILE J 50 10.32 32.25 17.55
C ILE J 50 9.76 32.66 18.92
N ASN J 51 9.59 31.68 19.82
CA ASN J 51 9.10 31.99 21.11
C ASN J 51 10.13 32.85 21.95
N SER J 52 11.39 32.60 21.73
CA SER J 52 12.44 33.38 22.43
C SER J 52 12.44 34.83 21.92
N ARG J 53 12.17 34.98 20.65
CA ARG J 53 12.23 36.28 19.97
C ARG J 53 10.96 37.07 20.21
N TYR J 54 9.80 36.41 20.13
CA TYR J 54 8.57 37.16 20.09
C TYR J 54 7.62 36.92 21.17
N GLY J 55 7.91 35.99 22.09
CA GLY J 55 7.03 35.71 23.23
C GLY J 55 6.43 34.30 23.32
N ALA J 56 6.23 33.90 24.54
CA ALA J 56 5.71 32.58 24.87
C ALA J 56 4.47 32.18 23.99
N GLY J 57 4.45 30.97 23.46
CA GLY J 57 3.26 30.42 22.89
C GLY J 57 2.92 30.95 21.51
N ARG J 58 3.87 31.63 20.88
CA ARG J 58 3.68 32.18 19.56
C ARG J 58 3.70 31.05 18.54
N ALA J 59 4.57 30.05 18.75
CA ALA J 59 4.80 29.04 17.74
C ALA J 59 4.98 27.66 18.41
N TYR J 60 4.57 26.62 17.69
CA TYR J 60 4.83 25.19 18.05
C TYR J 60 5.31 24.44 16.81
N GLY J 61 6.12 23.41 17.07
CA GLY J 61 6.70 22.59 16.01
C GLY J 61 5.91 21.30 15.85
N PHE J 62 5.78 20.82 14.61
CA PHE J 62 5.09 19.58 14.25
C PHE J 62 5.85 18.81 13.22
N LYS J 63 5.76 17.47 13.33
CA LYS J 63 6.21 16.67 12.25
C LYS J 63 5.13 16.48 11.22
N VAL J 64 5.50 16.55 9.95
CA VAL J 64 4.65 16.08 8.87
C VAL J 64 5.41 15.50 7.68
N ASP J 65 4.78 14.46 7.09
CA ASP J 65 5.14 14.00 5.75
C ASP J 65 3.96 14.34 4.86
N ALA J 66 4.12 15.44 4.13
CA ALA J 66 2.99 16.06 3.45
C ALA J 66 2.53 15.19 2.31
N THR J 67 3.38 14.26 1.83
CA THR J 67 2.94 13.30 0.83
C THR J 67 2.07 12.15 1.39
N ASP J 68 1.86 12.07 2.72
CA ASP J 68 1.17 10.93 3.35
C ASP J 68 -0.13 11.35 4.03
N GLU J 69 -1.22 10.73 3.64
CA GLU J 69 -2.53 11.10 4.09
C GLU J 69 -2.67 11.05 5.61
N ALA J 70 -2.18 9.98 6.24
CA ALA J 70 -2.38 9.84 7.69
C ALA J 70 -1.65 10.95 8.49
N SER J 71 -0.45 11.24 8.04
CA SER J 71 0.43 12.26 8.61
C SER J 71 -0.22 13.66 8.54
N VAL J 72 -0.79 13.97 7.37
CA VAL J 72 -1.53 15.22 7.17
C VAL J 72 -2.76 15.34 8.03
N GLU J 73 -3.48 14.26 8.14
CA GLU J 73 -4.64 14.22 8.99
C GLU J 73 -4.23 14.34 10.44
N ALA J 74 -3.11 13.73 10.80
CA ALA J 74 -2.58 13.86 12.20
C ALA J 74 -2.09 15.30 12.49
N LEU J 75 -1.49 15.89 11.50
CA LEU J 75 -1.01 17.27 11.64
C LEU J 75 -2.16 18.21 11.85
N ALA J 76 -3.26 18.08 11.10
CA ALA J 76 -4.41 18.97 11.30
C ALA J 76 -5.06 18.84 12.66
N ARG J 77 -5.19 17.61 13.17
CA ARG J 77 -5.72 17.39 14.51
C ARG J 77 -4.80 18.03 15.58
N ALA J 78 -3.51 17.91 15.43
CA ALA J 78 -2.61 18.45 16.47
C ALA J 78 -2.57 19.99 16.35
N VAL J 79 -2.68 20.53 15.11
CA VAL J 79 -2.79 21.97 14.98
C VAL J 79 -4.03 22.45 15.70
N ASP J 80 -5.17 21.80 15.42
CA ASP J 80 -6.41 22.13 16.08
C ASP J 80 -6.34 21.98 17.63
N GLU J 81 -5.69 20.93 18.14
CA GLU J 81 -5.54 20.76 19.57
C GLU J 81 -4.69 21.86 20.23
N THR J 82 -3.67 22.33 19.51
CA THR J 82 -2.72 23.27 20.04
C THR J 82 -3.24 24.68 19.97
N PHE J 83 -3.80 25.06 18.83
CA PHE J 83 -4.29 26.42 18.56
C PHE J 83 -5.80 26.42 18.42
N GLY J 84 -6.46 27.53 18.45
CA GLY J 84 -7.93 27.35 18.19
C GLY J 84 -8.46 26.65 16.88
N ARG J 85 -7.67 26.66 15.80
CA ARG J 85 -8.17 27.12 14.54
C ARG J 85 -7.04 27.07 13.53
N ALA J 86 -7.35 27.32 12.24
CA ALA J 86 -6.34 27.47 11.18
C ALA J 86 -6.86 28.57 10.26
N ASP J 87 -6.06 29.59 9.97
CA ASP J 87 -6.49 30.73 9.13
C ASP J 87 -5.73 30.80 7.80
N LEU J 88 -4.45 30.43 7.85
CA LEU J 88 -3.61 30.53 6.66
C LEU J 88 -2.82 29.26 6.59
N LEU J 89 -2.82 28.69 5.38
CA LEU J 89 -1.91 27.59 5.04
C LEU J 89 -0.91 28.12 4.03
N VAL J 90 0.36 27.94 4.34
CA VAL J 90 1.42 28.23 3.44
C VAL J 90 2.05 26.90 3.05
N TYR J 91 2.12 26.60 1.77
CA TYR J 91 2.69 25.30 1.31
C TYR J 91 4.07 25.56 0.67
N SER J 92 5.17 25.18 1.33
CA SER J 92 6.53 25.44 0.81
C SER J 92 7.31 24.15 0.63
N ALA J 93 7.47 23.71 -0.60
CA ALA J 93 8.18 22.47 -0.88
C ALA J 93 8.68 22.46 -2.28
N GLY J 94 9.65 21.59 -2.54
CA GLY J 94 10.08 21.30 -3.92
C GLY J 94 11.49 21.69 -4.26
N VAL J 95 12.21 20.75 -4.88
CA VAL J 95 13.61 21.02 -5.28
C VAL J 95 13.83 20.54 -6.71
N ALA J 96 14.24 21.45 -7.59
CA ALA J 96 14.39 21.09 -8.99
C ALA J 96 15.50 20.03 -9.08
N LYS J 97 15.29 18.99 -9.87
CA LYS J 97 16.44 18.10 -10.24
C LYS J 97 16.67 18.09 -11.74
N ALA J 98 17.76 18.73 -12.16
CA ALA J 98 18.01 18.95 -13.59
C ALA J 98 18.57 17.73 -14.34
N ALA J 99 17.96 17.40 -15.48
CA ALA J 99 18.49 16.40 -16.44
C ALA J 99 17.67 16.51 -17.71
N PRO J 100 18.35 16.45 -18.89
CA PRO J 100 17.56 16.47 -20.15
C PRO J 100 16.58 15.33 -20.14
N ILE J 101 15.46 15.51 -20.84
CA ILE J 101 14.41 14.49 -20.92
C ILE J 101 14.94 13.09 -21.13
N THR J 102 15.96 12.94 -21.95
CA THR J 102 16.38 11.59 -22.40
C THR J 102 17.01 10.76 -21.30
N GLN J 103 17.43 11.38 -20.21
CA GLN J 103 18.02 10.64 -19.09
C GLN J 103 17.38 11.03 -17.74
N PHE J 104 16.18 11.62 -17.79
CA PHE J 104 15.45 12.02 -16.62
C PHE J 104 14.76 10.77 -16.04
N ARG J 105 15.02 10.50 -14.76
CA ARG J 105 14.52 9.27 -14.12
C ARG J 105 13.06 9.42 -13.68
N LEU J 106 12.26 8.40 -13.96
CA LEU J 106 10.92 8.34 -13.44
C LEU J 106 10.83 8.58 -11.92
N THR J 107 11.72 7.95 -11.17
CA THR J 107 11.58 8.10 -9.72
C THR J 107 11.74 9.55 -9.36
N ASP J 108 12.60 10.31 -10.05
CA ASP J 108 12.72 11.74 -9.80
C ASP J 108 11.48 12.57 -10.25
N PHE J 109 10.76 12.08 -11.28
CA PHE J 109 9.61 12.75 -11.89
C PHE J 109 8.46 12.53 -10.91
N ASP J 110 8.33 11.27 -10.47
CA ASP J 110 7.28 10.92 -9.51
C ASP J 110 7.44 11.67 -8.18
N LEU J 111 8.68 11.75 -7.71
CA LEU J 111 9.01 12.41 -6.47
C LEU J 111 8.58 13.91 -6.59
N SER J 112 8.83 14.51 -7.74
CA SER J 112 8.45 15.92 -7.96
C SER J 112 6.99 16.10 -7.89
N LEU J 113 6.22 15.16 -8.43
CA LEU J 113 4.80 15.26 -8.39
C LEU J 113 4.27 15.08 -6.97
N GLN J 114 4.84 14.08 -6.26
CA GLN J 114 4.42 13.84 -4.88
C GLN J 114 4.68 15.06 -3.98
N VAL J 115 5.89 15.59 -4.02
CA VAL J 115 6.24 16.67 -3.16
C VAL J 115 5.53 18.01 -3.52
N ASN J 116 5.50 18.36 -4.79
CA ASN J 116 4.99 19.71 -5.19
C ASN J 116 3.52 19.77 -5.46
N LEU J 117 2.92 18.60 -5.67
CA LEU J 117 1.54 18.55 -6.09
C LEU J 117 0.62 17.70 -5.19
N VAL J 118 0.96 16.42 -4.93
CA VAL J 118 0.10 15.62 -4.05
C VAL J 118 0.10 16.24 -2.64
N GLY J 119 1.27 16.64 -2.18
CA GLY J 119 1.40 17.29 -0.91
C GLY J 119 0.51 18.52 -0.77
N TYR J 120 0.53 19.37 -1.80
CA TYR J 120 -0.29 20.61 -1.82
C TYR J 120 -1.76 20.26 -1.82
N PHE J 121 -2.12 19.23 -2.58
CA PHE J 121 -3.47 18.71 -2.58
C PHE J 121 -3.96 18.28 -1.16
N LEU J 122 -3.14 17.47 -0.52
CA LEU J 122 -3.50 16.91 0.71
C LEU J 122 -3.60 17.98 1.80
N CYS J 123 -2.62 18.88 1.88
CA CYS J 123 -2.61 19.89 2.92
C CYS J 123 -3.76 20.88 2.73
N SER J 124 -4.01 21.28 1.48
CA SER J 124 -5.13 22.13 1.14
C SER J 124 -6.45 21.51 1.51
N ARG J 125 -6.60 20.20 1.30
CA ARG J 125 -7.91 19.57 1.55
C ARG J 125 -8.18 19.54 3.05
N GLU J 126 -7.17 19.14 3.79
CA GLU J 126 -7.33 19.00 5.24
C GLU J 126 -7.51 20.36 5.94
N PHE J 127 -6.72 21.37 5.60
CA PHE J 127 -6.81 22.62 6.33
C PHE J 127 -8.03 23.42 5.96
N SER J 128 -8.47 23.32 4.70
CA SER J 128 -9.64 24.03 4.28
C SER J 128 -10.88 23.50 4.98
N LYS J 129 -10.96 22.20 5.29
CA LYS J 129 -12.08 21.69 6.13
C LYS J 129 -12.06 22.28 7.52
N LEU J 130 -10.88 22.47 8.10
CA LEU J 130 -10.82 23.19 9.39
C LEU J 130 -11.25 24.62 9.27
N MET J 131 -10.87 25.34 8.21
CA MET J 131 -11.36 26.68 8.04
C MET J 131 -12.92 26.73 7.93
N ILE J 132 -13.45 25.90 7.03
CA ILE J 132 -14.90 25.71 6.78
C ILE J 132 -15.64 25.43 8.07
N ARG J 133 -15.15 24.49 8.86
CA ARG J 133 -15.84 24.20 10.13
C ARG J 133 -15.97 25.45 10.98
N ASP J 134 -14.94 26.29 11.04
CA ASP J 134 -14.98 27.45 11.92
C ASP J 134 -15.51 28.72 11.28
N GLY J 135 -16.01 28.65 10.07
CA GLY J 135 -16.48 29.84 9.34
C GLY J 135 -15.40 30.84 8.98
N ILE J 136 -14.15 30.35 8.84
CA ILE J 136 -13.00 31.24 8.66
C ILE J 136 -12.83 31.54 7.19
N LYS J 137 -12.77 32.81 6.87
CA LYS J 137 -12.51 33.26 5.50
C LYS J 137 -11.01 33.19 5.32
N GLY J 138 -10.47 31.96 5.24
CA GLY J 138 -8.98 31.79 5.29
C GLY J 138 -8.27 32.03 3.96
N ARG J 139 -7.08 31.48 3.89
CA ARG J 139 -6.11 31.71 2.85
C ARG J 139 -5.23 30.49 2.69
N ILE J 140 -5.00 30.12 1.44
CA ILE J 140 -4.04 29.13 1.10
C ILE J 140 -3.07 29.75 0.16
N ILE J 141 -1.78 29.76 0.53
CA ILE J 141 -0.70 30.29 -0.35
C ILE J 141 0.38 29.21 -0.63
N GLN J 142 0.66 28.98 -1.90
CA GLN J 142 1.61 27.96 -2.33
C GLN J 142 2.81 28.72 -2.79
N ILE J 143 3.99 28.36 -2.31
CA ILE J 143 5.24 28.88 -2.87
C ILE J 143 5.56 28.15 -4.15
N ASN J 144 5.55 28.85 -5.27
CA ASN J 144 5.79 28.27 -6.55
C ASN J 144 6.98 29.00 -7.19
N SER J 145 7.04 29.03 -8.48
CA SER J 145 8.29 29.51 -9.15
C SER J 145 8.05 30.08 -10.52
N LYS J 146 8.88 30.99 -10.99
CA LYS J 146 8.74 31.26 -12.43
C LYS J 146 8.86 30.06 -13.36
N SER J 147 9.40 28.90 -12.93
CA SER J 147 9.29 27.62 -13.67
C SER J 147 7.89 27.01 -13.71
N GLY J 148 6.92 27.61 -13.00
CA GLY J 148 5.55 27.24 -13.15
C GLY J 148 4.82 28.21 -14.10
N LYS J 149 5.54 29.21 -14.64
CA LYS J 149 4.96 30.17 -15.64
C LYS J 149 5.61 29.90 -17.02
N VAL J 150 6.81 29.33 -17.02
CA VAL J 150 7.47 29.01 -18.28
C VAL J 150 8.35 27.77 -18.03
N GLY J 151 8.12 26.75 -18.84
CA GLY J 151 8.99 25.56 -18.92
C GLY J 151 10.47 25.87 -18.77
N SER J 152 11.13 25.10 -17.93
CA SER J 152 12.54 25.19 -17.69
C SER J 152 13.29 24.05 -18.37
N LYS J 153 14.23 24.40 -19.23
CA LYS J 153 15.05 23.42 -19.94
C LYS J 153 15.70 22.47 -18.91
N HIS J 154 15.63 21.18 -19.17
CA HIS J 154 16.23 20.11 -18.32
C HIS J 154 15.64 20.11 -16.92
N ASN J 155 14.45 20.70 -16.73
CA ASN J 155 13.81 20.67 -15.41
C ASN J 155 12.37 20.29 -15.66
N SER J 156 12.16 19.31 -16.53
CA SER J 156 10.79 18.85 -16.84
C SER J 156 9.97 18.38 -15.62
N GLY J 157 10.65 17.72 -14.66
CA GLY J 157 9.97 17.27 -13.47
C GLY J 157 9.43 18.47 -12.66
N TYR J 158 10.26 19.52 -12.54
CA TYR J 158 9.94 20.68 -11.71
C TYR J 158 8.90 21.51 -12.47
N SER J 159 9.07 21.72 -13.77
CA SER J 159 8.06 22.51 -14.50
C SER J 159 6.72 21.87 -14.59
N ALA J 160 6.66 20.55 -14.81
CA ALA J 160 5.37 19.89 -14.80
C ALA J 160 4.69 20.02 -13.45
N ALA J 161 5.49 19.96 -12.39
CA ALA J 161 4.91 19.92 -11.04
C ALA J 161 4.43 21.31 -10.70
N LYS J 162 5.26 22.29 -11.04
CA LYS J 162 4.98 23.66 -10.63
C LYS J 162 3.84 24.22 -11.48
N PHE J 163 3.77 23.87 -12.75
CA PHE J 163 2.63 24.26 -13.62
C PHE J 163 1.35 23.61 -13.09
N GLY J 164 1.43 22.34 -12.69
CA GLY J 164 0.33 21.64 -11.98
C GLY J 164 -0.24 22.34 -10.74
N GLY J 165 0.64 23.00 -9.99
CA GLY J 165 0.24 23.68 -8.78
C GLY J 165 -0.60 24.94 -9.10
N VAL J 166 -0.37 25.57 -10.24
CA VAL J 166 -1.24 26.72 -10.72
C VAL J 166 -2.63 26.22 -11.01
N GLY J 167 -2.73 25.06 -11.62
CA GLY J 167 -4.00 24.50 -11.94
C GLY J 167 -4.79 24.07 -10.71
N LEU J 168 -4.09 23.46 -9.73
CA LEU J 168 -4.67 23.13 -8.47
C LEU J 168 -5.08 24.39 -7.73
N THR J 169 -4.22 25.40 -7.73
CA THR J 169 -4.56 26.71 -7.17
C THR J 169 -5.89 27.21 -7.73
N GLN J 170 -6.06 27.07 -9.03
CA GLN J 170 -7.25 27.63 -9.64
C GLN J 170 -8.47 26.81 -9.31
N SER J 171 -8.36 25.48 -9.33
CA SER J 171 -9.50 24.63 -8.97
C SER J 171 -9.88 24.79 -7.49
N LEU J 172 -8.89 24.86 -6.60
CA LEU J 172 -9.15 25.13 -5.19
C LEU J 172 -9.92 26.44 -5.00
N ALA J 173 -9.44 27.46 -5.68
CA ALA J 173 -10.09 28.77 -5.59
C ALA J 173 -11.55 28.73 -5.96
N LEU J 174 -11.87 27.99 -7.01
CA LEU J 174 -13.21 27.83 -7.42
C LEU J 174 -14.09 27.05 -6.47
N ASP J 175 -13.58 25.90 -5.97
CA ASP J 175 -14.31 25.09 -4.95
C ASP J 175 -14.50 25.82 -3.61
N LEU J 176 -13.54 26.65 -3.21
CA LEU J 176 -13.58 27.28 -1.88
C LEU J 176 -14.10 28.70 -1.86
N ALA J 177 -14.32 29.31 -3.04
CA ALA J 177 -14.79 30.71 -3.11
C ALA J 177 -16.03 30.91 -2.27
N GLU J 178 -16.91 29.92 -2.33
CA GLU J 178 -18.16 30.04 -1.57
C GLU J 178 -18.03 30.14 -0.01
N TYR J 179 -16.88 29.72 0.52
CA TYR J 179 -16.55 29.87 1.95
C TYR J 179 -15.71 31.07 2.27
N GLY J 180 -15.42 31.95 1.30
CA GLY J 180 -14.54 33.12 1.52
C GLY J 180 -13.06 32.81 1.66
N ILE J 181 -12.70 31.58 1.37
CA ILE J 181 -11.33 31.17 1.31
C ILE J 181 -10.71 31.48 -0.04
N THR J 182 -9.61 32.22 -0.04
CA THR J 182 -8.87 32.54 -1.28
C THR J 182 -7.60 31.69 -1.39
N VAL J 183 -7.15 31.45 -2.64
CA VAL J 183 -6.05 30.56 -2.94
C VAL J 183 -5.12 31.17 -3.98
N HIS J 184 -3.82 31.29 -3.66
CA HIS J 184 -2.87 31.83 -4.62
C HIS J 184 -1.63 30.96 -4.77
N SER J 185 -0.97 31.02 -5.93
CA SER J 185 0.49 30.61 -6.03
C SER J 185 1.44 31.80 -6.25
N LEU J 186 2.57 31.86 -5.53
CA LEU J 186 3.59 32.91 -5.65
C LEU J 186 4.70 32.39 -6.57
N MET J 187 4.98 33.11 -7.67
CA MET J 187 5.82 32.61 -8.78
C MET J 187 7.18 33.30 -8.56
N LEU J 188 8.04 32.62 -7.80
CA LEU J 188 9.21 33.38 -7.29
C LEU J 188 10.28 33.43 -8.35
N GLY J 189 11.09 34.50 -8.40
CA GLY J 189 12.31 34.48 -9.18
C GLY J 189 13.41 33.74 -8.44
N ASN J 190 14.70 34.07 -8.70
CA ASN J 190 15.80 33.27 -8.17
C ASN J 190 16.27 33.87 -6.88
N LEU J 191 16.34 33.01 -5.84
CA LEU J 191 16.79 33.43 -4.51
C LEU J 191 18.31 33.30 -4.46
N LEU J 192 18.96 34.21 -5.16
CA LEU J 192 20.40 34.02 -5.46
C LEU J 192 21.34 33.81 -4.23
N LYS J 193 21.01 34.48 -3.12
CA LYS J 193 21.85 34.40 -1.94
C LYS J 193 21.49 33.21 -1.05
N SER J 194 20.43 32.45 -1.40
CA SER J 194 19.96 31.37 -0.54
C SER J 194 20.99 30.27 -0.53
N PRO J 195 21.00 29.47 0.54
CA PRO J 195 21.91 28.32 0.57
C PRO J 195 21.72 27.34 -0.60
N MET J 196 20.51 27.19 -1.15
CA MET J 196 20.31 26.23 -2.26
C MET J 196 20.87 26.76 -3.59
N PHE J 197 20.56 28.01 -3.92
CA PHE J 197 21.15 28.57 -5.14
C PHE J 197 22.70 28.55 -5.04
N GLN J 198 23.22 29.07 -3.94
CA GLN J 198 24.68 29.10 -3.67
C GLN J 198 25.38 27.74 -3.79
N SER J 199 24.61 26.66 -3.72
CA SER J 199 25.16 25.30 -3.74
C SER J 199 25.03 24.73 -5.12
N LEU J 200 24.55 25.50 -6.06
CA LEU J 200 24.53 25.03 -7.43
C LEU J 200 25.38 25.92 -8.34
N LEU J 201 26.10 26.88 -7.74
CA LEU J 201 26.92 27.79 -8.51
C LEU J 201 27.98 27.07 -9.35
N PRO J 202 28.70 26.04 -8.77
CA PRO J 202 29.50 25.15 -9.65
C PRO J 202 28.69 24.49 -10.76
N GLN J 203 27.55 23.89 -10.40
CA GLN J 203 26.73 23.11 -11.34
C GLN J 203 25.86 23.94 -12.31
N TYR J 204 25.72 25.23 -12.06
CA TYR J 204 25.12 26.14 -13.07
C TYR J 204 26.21 26.56 -14.02
N ALA J 205 27.39 26.87 -13.48
CA ALA J 205 28.50 27.16 -14.34
C ALA J 205 28.70 26.03 -15.35
N GLU J 206 28.44 24.80 -14.88
CA GLU J 206 28.39 23.63 -15.74
C GLU J 206 27.37 23.67 -16.89
N LYS J 207 26.09 23.47 -16.56
CA LYS J 207 25.02 23.28 -17.57
C LYS J 207 24.94 24.34 -18.68
N LEU J 208 25.64 25.47 -18.51
CA LEU J 208 26.11 26.28 -19.64
C LEU J 208 27.52 26.76 -19.33
N GLY J 209 28.33 26.99 -20.36
CA GLY J 209 29.70 27.44 -20.15
C GLY J 209 29.68 28.71 -19.33
N ILE J 210 30.35 28.67 -18.19
CA ILE J 210 30.65 29.85 -17.38
C ILE J 210 31.56 29.34 -16.25
N THR J 211 32.31 30.25 -15.62
CA THR J 211 32.79 30.13 -14.21
C THR J 211 31.71 30.19 -13.06
N PRO J 212 32.05 29.74 -11.82
CA PRO J 212 31.16 30.15 -10.70
C PRO J 212 31.02 31.62 -10.28
N GLU J 213 32.09 32.42 -10.18
CA GLU J 213 31.93 33.75 -9.51
C GLU J 213 31.17 34.74 -10.38
N GLU J 214 30.81 34.29 -11.57
CA GLU J 214 30.06 35.10 -12.52
C GLU J 214 28.67 34.50 -12.85
N VAL J 215 28.22 33.51 -12.06
CA VAL J 215 26.88 32.96 -12.26
C VAL J 215 25.75 33.90 -11.75
N GLU J 216 25.94 34.47 -10.56
CA GLU J 216 24.93 35.39 -10.01
C GLU J 216 24.81 36.62 -10.91
N PRO J 217 25.88 37.46 -11.01
CA PRO J 217 25.90 38.52 -12.04
C PRO J 217 25.17 38.20 -13.37
N TYR J 218 25.28 36.96 -13.88
CA TYR J 218 24.62 36.48 -15.12
C TYR J 218 23.11 36.42 -15.03
N TYR J 219 22.60 35.77 -13.99
CA TYR J 219 21.13 35.80 -13.74
C TYR J 219 20.69 37.22 -13.33
N VAL J 220 21.42 37.91 -12.43
CA VAL J 220 21.15 39.35 -12.10
C VAL J 220 20.89 40.13 -13.38
N ASP J 221 21.73 39.95 -14.40
CA ASP J 221 21.59 40.70 -15.68
C ASP J 221 20.29 40.43 -16.49
N LYS J 222 19.74 39.24 -16.32
CA LYS J 222 18.47 38.83 -16.92
C LYS J 222 17.19 39.35 -16.19
N VAL J 223 17.39 40.02 -15.06
CA VAL J 223 16.30 40.65 -14.23
C VAL J 223 16.24 42.19 -14.55
N PRO J 224 15.11 42.68 -15.09
CA PRO J 224 15.02 44.14 -15.30
C PRO J 224 15.37 44.99 -14.08
N LEU J 225 14.92 44.61 -12.88
CA LEU J 225 15.32 45.36 -11.67
C LEU J 225 16.78 45.11 -11.19
N LYS J 226 17.46 44.16 -11.82
CA LYS J 226 18.92 43.95 -11.67
C LYS J 226 19.30 43.60 -10.23
N ARG J 227 18.60 42.61 -9.73
CA ARG J 227 18.94 42.04 -8.42
C ARG J 227 18.14 40.77 -8.32
N GLY J 228 18.57 39.88 -7.42
CA GLY J 228 17.88 38.64 -7.13
C GLY J 228 16.77 38.91 -6.15
N CYS J 229 15.93 37.88 -5.96
CA CYS J 229 14.82 37.88 -4.99
C CYS J 229 15.39 37.67 -3.59
N ASP J 230 14.96 38.41 -2.59
CA ASP J 230 15.31 38.01 -1.21
C ASP J 230 14.09 37.49 -0.42
N TYR J 231 14.33 36.99 0.78
CA TYR J 231 13.20 36.33 1.43
C TYR J 231 12.12 37.36 1.79
N GLN J 232 12.56 38.58 2.11
CA GLN J 232 11.66 39.63 2.49
C GLN J 232 10.73 40.02 1.36
N ASP J 233 11.20 39.92 0.14
CA ASP J 233 10.31 40.22 -1.00
C ASP J 233 9.10 39.21 -0.97
N VAL J 234 9.42 37.93 -0.69
CA VAL J 234 8.43 36.87 -0.62
C VAL J 234 7.41 37.06 0.49
N LEU J 235 7.92 37.32 1.70
CA LEU J 235 7.17 37.56 2.89
C LEU J 235 6.20 38.75 2.66
N ASN J 236 6.71 39.79 2.05
CA ASN J 236 5.85 41.00 1.82
C ASN J 236 4.67 40.70 0.92
N VAL J 237 4.83 39.99 -0.19
CA VAL J 237 3.71 39.63 -1.08
C VAL J 237 2.74 38.71 -0.34
N LEU J 238 3.34 37.71 0.29
CA LEU J 238 2.55 36.73 1.10
C LEU J 238 1.63 37.41 2.10
N LEU J 239 2.16 38.39 2.84
CA LEU J 239 1.45 39.03 3.85
C LEU J 239 0.28 39.87 3.30
N PHE J 240 0.46 40.43 2.12
CA PHE J 240 -0.61 41.18 1.44
C PHE J 240 -1.74 40.22 1.04
N TYR J 241 -1.41 39.17 0.32
CA TYR J 241 -2.45 38.31 -0.23
C TYR J 241 -3.16 37.48 0.86
N ALA J 242 -2.42 37.32 1.95
CA ALA J 242 -2.97 36.71 3.16
C ALA J 242 -3.91 37.54 3.98
N SER J 243 -3.92 38.81 3.74
CA SER J 243 -4.60 39.80 4.57
C SER J 243 -6.00 40.00 4.06
N ASP J 244 -6.83 40.57 4.92
CA ASP J 244 -8.22 41.00 4.60
C ASP J 244 -8.28 41.96 3.43
N LYS J 245 -7.21 42.73 3.24
CA LYS J 245 -7.14 43.71 2.15
C LYS J 245 -7.32 43.03 0.76
N ALA J 246 -6.87 41.78 0.63
CA ALA J 246 -6.87 41.05 -0.62
C ALA J 246 -8.01 40.06 -0.73
N ALA J 247 -9.13 40.38 -0.11
CA ALA J 247 -10.30 39.49 -0.11
C ALA J 247 -10.91 39.32 -1.46
N TYR J 248 -10.74 40.28 -2.38
CA TYR J 248 -11.31 40.17 -3.73
C TYR J 248 -10.42 39.54 -4.80
N CYS J 249 -9.25 39.02 -4.44
CA CYS J 249 -8.35 38.38 -5.33
C CYS J 249 -8.26 36.89 -4.95
N THR J 250 -8.60 36.03 -5.88
CA THR J 250 -8.42 34.62 -5.67
C THR J 250 -8.03 33.87 -6.90
N GLY J 251 -7.32 32.75 -6.71
CA GLY J 251 -6.97 31.93 -7.80
C GLY J 251 -5.82 32.40 -8.59
N GLN J 252 -5.04 33.31 -8.07
CA GLN J 252 -4.00 33.95 -8.90
C GLN J 252 -2.59 33.31 -8.89
N SER J 253 -1.81 33.62 -9.93
CA SER J 253 -0.36 33.36 -10.00
C SER J 253 0.32 34.70 -9.87
N ILE J 254 0.84 34.98 -8.70
CA ILE J 254 1.41 36.28 -8.37
C ILE J 254 2.94 36.27 -8.64
N ASN J 255 3.37 37.03 -9.68
CA ASN J 255 4.80 37.09 -10.01
C ASN J 255 5.63 37.87 -9.01
N VAL J 256 6.77 37.32 -8.61
CA VAL J 256 7.69 38.07 -7.75
C VAL J 256 9.08 37.85 -8.37
N THR J 257 9.28 38.49 -9.51
CA THR J 257 10.39 38.12 -10.40
C THR J 257 11.25 39.29 -10.84
N GLY J 258 11.00 40.47 -10.27
CA GLY J 258 11.80 41.62 -10.61
C GLY J 258 11.52 42.12 -12.00
N GLY J 259 10.37 41.70 -12.54
CA GLY J 259 9.97 41.98 -13.88
C GLY J 259 10.43 41.00 -14.94
N GLN J 260 11.12 39.91 -14.53
CA GLN J 260 11.48 39.00 -15.53
C GLN J 260 10.29 38.30 -16.18
N VAL J 261 9.17 38.06 -15.47
CA VAL J 261 8.00 37.38 -16.04
C VAL J 261 6.88 38.41 -15.88
N MET J 262 6.37 38.88 -17.02
CA MET J 262 5.24 39.87 -17.07
C MET J 262 3.90 39.32 -17.53
N PHE J 263 3.84 38.02 -17.78
CA PHE J 263 2.58 37.35 -18.18
C PHE J 263 2.09 36.40 -17.10
N GLU K 6 -12.19 29.85 -55.83
CA GLU K 6 -13.30 30.85 -55.73
C GLU K 6 -13.09 32.02 -54.75
N GLN K 7 -12.26 31.81 -53.74
CA GLN K 7 -12.19 32.73 -52.63
C GLN K 7 -11.40 34.02 -52.92
N VAL K 8 -11.82 35.10 -52.27
CA VAL K 8 -11.17 36.37 -52.47
C VAL K 8 -10.40 36.84 -51.24
N ALA K 9 -9.18 37.36 -51.46
CA ALA K 9 -8.35 37.80 -50.37
C ALA K 9 -7.81 39.19 -50.55
N VAL K 10 -8.10 40.07 -49.59
CA VAL K 10 -7.59 41.41 -49.59
C VAL K 10 -6.35 41.48 -48.74
N VAL K 11 -5.22 41.94 -49.27
CA VAL K 11 -4.00 42.05 -48.45
C VAL K 11 -3.64 43.50 -48.34
N ILE K 12 -3.87 44.06 -47.16
CA ILE K 12 -3.52 45.40 -46.87
C ILE K 12 -2.03 45.43 -46.49
N GLY K 13 -1.29 46.31 -47.15
CA GLY K 13 0.16 46.27 -47.21
C GLY K 13 0.66 45.13 -48.10
N GLY K 14 -0.15 44.63 -49.03
CA GLY K 14 0.32 43.60 -49.97
C GLY K 14 1.37 44.05 -51.02
N GLY K 15 1.90 45.25 -50.93
CA GLY K 15 2.70 45.82 -52.00
C GLY K 15 4.09 45.27 -52.00
N GLN K 16 4.72 45.32 -50.85
CA GLN K 16 6.17 45.10 -50.73
C GLN K 16 6.52 44.06 -49.63
N THR K 17 7.80 43.63 -49.60
CA THR K 17 8.38 42.72 -48.58
C THR K 17 7.35 41.64 -48.18
N LEU K 18 6.90 41.65 -46.93
CA LEU K 18 6.17 40.49 -46.40
C LEU K 18 4.82 40.35 -47.03
N GLY K 19 4.07 41.46 -47.09
CA GLY K 19 2.71 41.39 -47.67
C GLY K 19 2.72 40.84 -49.09
N ALA K 20 3.75 41.24 -49.85
CA ALA K 20 3.90 40.79 -51.23
C ALA K 20 4.11 39.31 -51.30
N PHE K 21 4.97 38.76 -50.44
CA PHE K 21 5.17 37.30 -50.40
C PHE K 21 3.86 36.62 -50.10
N LEU K 22 3.12 37.17 -49.14
CA LEU K 22 1.79 36.63 -48.82
C LEU K 22 0.81 36.61 -49.98
N CYS K 23 0.69 37.74 -50.69
CA CYS K 23 -0.12 37.78 -51.91
C CYS K 23 0.24 36.67 -52.90
N GLU K 24 1.53 36.56 -53.17
CA GLU K 24 2.04 35.47 -54.08
C GLU K 24 1.59 34.09 -53.58
N GLY K 25 1.74 33.88 -52.27
CA GLY K 25 1.41 32.59 -51.68
C GLY K 25 -0.06 32.28 -51.73
N LEU K 26 -0.89 33.33 -51.58
CA LEU K 26 -2.31 33.08 -51.55
C LEU K 26 -2.79 32.70 -52.94
N ALA K 27 -2.24 33.37 -53.93
CA ALA K 27 -2.51 33.02 -55.36
C ALA K 27 -2.17 31.58 -55.66
N GLN K 28 -1.01 31.15 -55.19
CA GLN K 28 -0.56 29.76 -55.33
C GLN K 28 -1.51 28.77 -54.67
N ALA K 29 -2.03 29.13 -53.47
CA ALA K 29 -3.08 28.36 -52.80
C ALA K 29 -4.41 28.34 -53.51
N GLY K 30 -4.57 29.14 -54.57
CA GLY K 30 -5.79 29.14 -55.36
C GLY K 30 -6.65 30.34 -55.00
N TYR K 31 -6.13 31.34 -54.28
CA TYR K 31 -7.01 32.54 -53.99
C TYR K 31 -6.97 33.57 -55.14
N HIS K 32 -8.09 34.28 -55.36
CA HIS K 32 -8.08 35.57 -56.06
C HIS K 32 -7.61 36.61 -55.07
N VAL K 33 -6.73 37.52 -55.46
CA VAL K 33 -6.07 38.48 -54.57
C VAL K 33 -6.30 39.95 -54.95
N ALA K 34 -6.77 40.73 -53.99
CA ALA K 34 -6.85 42.15 -54.11
C ALA K 34 -5.64 42.70 -53.36
N VAL K 35 -4.68 43.30 -54.11
CA VAL K 35 -3.41 43.76 -53.58
C VAL K 35 -3.47 45.26 -53.22
N ALA K 36 -3.76 45.57 -51.94
CA ALA K 36 -3.94 46.96 -51.48
C ALA K 36 -2.67 47.47 -50.86
N ASP K 37 -2.33 48.70 -51.23
CA ASP K 37 -1.11 49.34 -50.74
C ASP K 37 -1.22 50.84 -50.92
N LEU K 38 -0.42 51.56 -50.14
CA LEU K 38 -0.20 52.99 -50.24
C LEU K 38 0.43 53.31 -51.62
N ASN K 39 1.56 52.66 -51.94
CA ASN K 39 2.10 52.64 -53.29
C ASN K 39 1.27 51.80 -54.27
N GLU K 40 0.49 52.49 -55.10
CA GLU K 40 -0.44 51.83 -56.03
C GLU K 40 0.23 51.18 -57.24
N SER K 41 1.39 51.74 -57.62
CA SER K 41 2.25 51.18 -58.67
C SER K 41 2.76 49.77 -58.28
N ASN K 42 3.36 49.67 -57.09
CA ASN K 42 3.79 48.37 -56.50
C ASN K 42 2.63 47.37 -56.49
N ALA K 43 1.48 47.89 -56.08
CA ALA K 43 0.28 47.05 -56.01
C ALA K 43 0.05 46.52 -57.39
N ASN K 44 -0.01 47.42 -58.38
CA ASN K 44 -0.38 46.94 -59.73
C ASN K 44 0.64 46.05 -60.34
N ARG K 45 1.92 46.40 -60.16
CA ARG K 45 2.95 45.58 -60.82
C ARG K 45 3.01 44.17 -60.23
N LEU K 46 2.59 43.98 -58.97
CA LEU K 46 2.59 42.64 -58.38
C LEU K 46 1.32 41.91 -58.73
N ALA K 47 0.21 42.62 -58.91
CA ALA K 47 -1.03 42.01 -59.41
C ALA K 47 -0.75 41.47 -60.80
N ASP K 48 0.05 42.24 -61.53
CA ASP K 48 0.43 41.95 -62.90
C ASP K 48 1.27 40.67 -62.96
N THR K 49 2.26 40.58 -62.08
CA THR K 49 3.04 39.33 -61.92
C THR K 49 2.13 38.16 -61.61
N ILE K 50 1.20 38.31 -60.66
CA ILE K 50 0.27 37.20 -60.38
C ILE K 50 -0.51 36.77 -61.63
N ASN K 51 -1.05 37.74 -62.38
CA ASN K 51 -2.00 37.43 -63.48
C ASN K 51 -1.37 36.69 -64.66
N SER K 52 -0.14 37.09 -64.98
CA SER K 52 0.68 36.39 -66.01
C SER K 52 1.00 34.92 -65.62
N ARG K 53 1.11 34.67 -64.30
CA ARG K 53 1.23 33.28 -63.74
C ARG K 53 -0.06 32.41 -63.75
N TYR K 54 -1.18 32.94 -63.26
CA TYR K 54 -2.39 32.11 -63.05
C TYR K 54 -3.56 32.49 -63.92
N GLY K 55 -3.45 33.56 -64.71
CA GLY K 55 -4.46 33.88 -65.73
C GLY K 55 -5.26 35.13 -65.40
N ALA K 56 -5.89 35.71 -66.42
CA ALA K 56 -6.43 37.08 -66.34
C ALA K 56 -7.43 37.22 -65.23
N GLY K 57 -7.31 38.34 -64.53
CA GLY K 57 -8.27 38.71 -63.48
C GLY K 57 -8.07 37.90 -62.20
N ARG K 58 -6.89 37.32 -62.04
CA ARG K 58 -6.58 36.67 -60.76
C ARG K 58 -6.36 37.69 -59.64
N ALA K 59 -5.51 38.68 -59.92
CA ALA K 59 -5.14 39.73 -58.99
C ALA K 59 -5.40 41.14 -59.56
N TYR K 60 -5.62 42.11 -58.66
CA TYR K 60 -5.81 43.55 -59.00
C TYR K 60 -5.17 44.39 -57.93
N GLY K 61 -4.49 45.44 -58.33
CA GLY K 61 -3.88 46.38 -57.38
C GLY K 61 -4.86 47.50 -57.05
N PHE K 62 -4.93 47.83 -55.77
CA PHE K 62 -5.67 48.99 -55.27
C PHE K 62 -4.82 49.90 -54.40
N LYS K 63 -5.22 51.17 -54.39
CA LYS K 63 -4.60 52.15 -53.57
C LYS K 63 -5.36 52.08 -52.25
N VAL K 64 -4.63 52.26 -51.16
CA VAL K 64 -5.30 52.48 -49.86
C VAL K 64 -4.32 53.06 -48.85
N ASP K 65 -4.82 54.03 -48.08
CA ASP K 65 -4.17 54.54 -46.89
C ASP K 65 -5.07 54.02 -45.77
N ALA K 66 -4.84 52.79 -45.28
CA ALA K 66 -5.74 52.15 -44.26
C ALA K 66 -6.06 52.97 -42.97
N THR K 67 -5.18 53.93 -42.65
CA THR K 67 -5.36 55.07 -41.72
C THR K 67 -6.57 55.97 -41.95
N ASP K 68 -7.06 55.98 -43.20
CA ASP K 68 -8.08 56.93 -43.63
C ASP K 68 -9.46 56.29 -43.89
N GLU K 69 -10.50 56.79 -43.22
CA GLU K 69 -11.79 56.18 -43.32
C GLU K 69 -12.32 56.11 -44.76
N ALA K 70 -12.33 57.28 -45.41
CA ALA K 70 -12.84 57.36 -46.81
C ALA K 70 -12.10 56.37 -47.72
N SER K 71 -10.79 56.39 -47.57
CA SER K 71 -9.95 55.51 -48.43
C SER K 71 -10.23 54.04 -48.23
N VAL K 72 -10.32 53.63 -46.96
CA VAL K 72 -10.69 52.24 -46.67
C VAL K 72 -12.09 51.92 -47.12
N GLU K 73 -13.03 52.81 -46.89
CA GLU K 73 -14.43 52.55 -47.33
C GLU K 73 -14.58 52.36 -48.85
N ALA K 74 -13.74 53.09 -49.58
CA ALA K 74 -13.72 53.09 -51.08
C ALA K 74 -13.00 51.85 -51.53
N LEU K 75 -11.92 51.53 -50.82
CA LEU K 75 -11.15 50.27 -51.15
C LEU K 75 -12.10 49.09 -51.09
N ALA K 76 -12.90 48.96 -50.03
CA ALA K 76 -13.93 47.94 -49.94
C ALA K 76 -15.00 48.01 -51.05
N ARG K 77 -15.50 49.22 -51.36
CA ARG K 77 -16.37 49.34 -52.57
C ARG K 77 -15.69 48.77 -53.86
N ALA K 78 -14.45 49.19 -54.05
CA ALA K 78 -13.65 48.84 -55.23
C ALA K 78 -13.45 47.33 -55.37
N VAL K 79 -13.26 46.65 -54.23
CA VAL K 79 -13.08 45.22 -54.24
C VAL K 79 -14.36 44.49 -54.57
N ASP K 80 -15.46 44.98 -54.01
CA ASP K 80 -16.78 44.38 -54.22
C ASP K 80 -17.18 44.57 -55.68
N GLU K 81 -16.88 45.75 -56.24
CA GLU K 81 -17.09 46.03 -57.67
C GLU K 81 -16.42 44.95 -58.51
N THR K 82 -15.11 44.82 -58.32
CA THR K 82 -14.28 43.86 -59.04
C THR K 82 -14.67 42.39 -58.91
N PHE K 83 -14.72 41.87 -57.66
CA PHE K 83 -15.04 40.43 -57.40
C PHE K 83 -16.39 40.43 -56.74
N GLY K 84 -17.04 39.29 -56.67
CA GLY K 84 -18.39 39.30 -56.04
C GLY K 84 -18.45 39.44 -54.50
N ARG K 85 -17.34 39.67 -53.82
CA ARG K 85 -17.19 39.07 -52.45
C ARG K 85 -15.81 39.32 -51.87
N ALA K 86 -15.70 39.25 -50.53
CA ALA K 86 -14.39 39.18 -49.86
C ALA K 86 -14.49 38.13 -48.78
N ASP K 87 -13.55 37.18 -48.77
CA ASP K 87 -13.53 36.00 -47.88
C ASP K 87 -12.43 36.08 -46.83
N LEU K 88 -11.35 36.78 -47.11
CA LEU K 88 -10.21 36.80 -46.21
C LEU K 88 -9.54 38.17 -46.21
N LEU K 89 -9.39 38.71 -45.02
CA LEU K 89 -8.70 39.92 -44.89
C LEU K 89 -7.38 39.70 -44.19
N VAL K 90 -6.29 40.17 -44.78
CA VAL K 90 -4.98 40.10 -44.17
C VAL K 90 -4.41 41.48 -43.93
N TYR K 91 -4.24 41.84 -42.66
CA TYR K 91 -3.79 43.18 -42.32
C TYR K 91 -2.32 43.13 -41.86
N SER K 92 -1.45 43.68 -42.72
CA SER K 92 0.00 43.62 -42.59
C SER K 92 0.44 45.08 -42.61
N ALA K 93 0.85 45.59 -41.46
CA ALA K 93 1.34 46.96 -41.30
C ALA K 93 2.24 47.14 -40.07
N GLY K 94 2.92 48.27 -40.04
CA GLY K 94 3.54 48.74 -38.84
C GLY K 94 4.97 48.48 -38.69
N VAL K 95 5.66 49.45 -38.11
CA VAL K 95 7.09 49.39 -38.07
C VAL K 95 7.57 50.09 -36.82
N ALA K 96 8.34 49.38 -36.00
CA ALA K 96 8.71 49.95 -34.72
C ALA K 96 9.68 51.07 -34.95
N LYS K 97 9.66 52.03 -34.04
CA LYS K 97 10.68 53.05 -33.91
C LYS K 97 11.09 53.02 -32.47
N ALA K 98 12.37 53.02 -32.22
CA ALA K 98 12.86 52.70 -30.90
C ALA K 98 13.31 53.97 -30.24
N ALA K 99 12.99 54.11 -28.96
CA ALA K 99 13.55 55.13 -28.09
C ALA K 99 13.10 54.86 -26.65
N PRO K 100 13.92 55.30 -25.68
CA PRO K 100 13.45 55.24 -24.33
C PRO K 100 12.24 56.18 -24.13
N ILE K 101 11.31 55.77 -23.27
CA ILE K 101 10.05 56.49 -23.08
C ILE K 101 10.30 58.00 -22.94
N THR K 102 11.31 58.34 -22.15
CA THR K 102 11.65 59.73 -21.86
C THR K 102 12.01 60.53 -23.17
N GLN K 103 12.46 59.82 -24.21
CA GLN K 103 12.70 60.43 -25.52
C GLN K 103 11.65 60.10 -26.54
N PHE K 104 10.62 59.32 -26.19
CA PHE K 104 9.62 58.89 -27.22
C PHE K 104 8.72 60.04 -27.66
N ARG K 105 8.59 60.26 -28.97
CA ARG K 105 7.80 61.41 -29.42
C ARG K 105 6.31 61.06 -29.59
N LEU K 106 5.44 62.04 -29.31
CA LEU K 106 3.99 61.77 -29.43
C LEU K 106 3.56 61.42 -30.82
N THR K 107 4.06 62.19 -31.81
CA THR K 107 3.70 61.94 -33.17
C THR K 107 4.01 60.48 -33.58
N ASP K 108 5.13 60.00 -33.13
CA ASP K 108 5.51 58.54 -33.30
C ASP K 108 4.55 57.56 -32.64
N PHE K 109 4.26 57.85 -31.37
CA PHE K 109 3.26 57.02 -30.62
C PHE K 109 1.93 56.97 -31.37
N ASP K 110 1.43 58.17 -31.72
CA ASP K 110 0.15 58.33 -32.46
C ASP K 110 0.17 57.60 -33.79
N LEU K 111 1.28 57.76 -34.52
CA LEU K 111 1.41 57.06 -35.79
C LEU K 111 1.35 55.52 -35.58
N SER K 112 2.05 55.05 -34.55
CA SER K 112 1.97 53.58 -34.27
C SER K 112 0.49 53.14 -34.08
N LEU K 113 -0.30 53.91 -33.32
CA LEU K 113 -1.71 53.55 -33.13
C LEU K 113 -2.54 53.66 -34.39
N GLN K 114 -2.37 54.78 -35.10
CA GLN K 114 -3.00 54.91 -36.44
C GLN K 114 -2.69 53.71 -37.32
N VAL K 115 -1.42 53.43 -37.51
CA VAL K 115 -1.04 52.39 -38.51
C VAL K 115 -1.42 50.96 -38.10
N ASN K 116 -1.29 50.66 -36.82
CA ASN K 116 -1.30 49.27 -36.37
C ASN K 116 -2.63 48.90 -35.77
N LEU K 117 -3.38 49.90 -35.31
CA LEU K 117 -4.62 49.63 -34.65
C LEU K 117 -5.79 50.26 -35.37
N VAL K 118 -5.70 51.57 -35.59
CA VAL K 118 -6.79 52.28 -36.27
C VAL K 118 -7.08 51.67 -37.68
N GLY K 119 -6.06 51.57 -38.53
CA GLY K 119 -6.22 50.81 -39.77
C GLY K 119 -6.84 49.41 -39.71
N TYR K 120 -6.43 48.60 -38.71
CA TYR K 120 -6.94 47.26 -38.56
C TYR K 120 -8.38 47.27 -38.18
N PHE K 121 -8.76 48.19 -37.29
CA PHE K 121 -10.19 48.40 -36.96
C PHE K 121 -11.00 48.76 -38.21
N LEU K 122 -10.49 49.76 -38.91
CA LEU K 122 -11.14 50.23 -40.20
C LEU K 122 -11.31 49.20 -41.30
N CYS K 123 -10.27 48.39 -41.57
CA CYS K 123 -10.39 47.39 -42.62
C CYS K 123 -11.29 46.28 -42.12
N SER K 124 -11.12 45.93 -40.84
CA SER K 124 -11.92 44.87 -40.25
C SER K 124 -13.42 45.18 -40.33
N ARG K 125 -13.81 46.39 -39.90
CA ARG K 125 -15.24 46.79 -39.97
C ARG K 125 -15.80 46.73 -41.40
N GLU K 126 -15.05 47.36 -42.35
CA GLU K 126 -15.59 47.52 -43.77
C GLU K 126 -15.66 46.18 -44.47
N PHE K 127 -14.65 45.31 -44.28
CA PHE K 127 -14.65 44.02 -44.96
C PHE K 127 -15.58 42.97 -44.34
N SER K 128 -15.67 42.92 -43.01
CA SER K 128 -16.70 42.11 -42.31
C SER K 128 -18.15 42.41 -42.70
N LYS K 129 -18.53 43.67 -42.86
CA LYS K 129 -19.88 44.02 -43.45
C LYS K 129 -20.06 43.33 -44.83
N LEU K 130 -19.03 43.43 -45.68
CA LEU K 130 -19.07 42.65 -46.95
C LEU K 130 -19.26 41.15 -46.78
N MET K 131 -18.52 40.54 -45.83
CA MET K 131 -18.65 39.11 -45.59
C MET K 131 -20.03 38.81 -45.06
N ILE K 132 -20.50 39.63 -44.10
CA ILE K 132 -21.82 39.42 -43.51
C ILE K 132 -22.94 39.51 -44.56
N ARG K 133 -22.89 40.56 -45.39
CA ARG K 133 -23.92 40.72 -46.46
C ARG K 133 -24.13 39.41 -47.27
N ASP K 134 -23.02 38.82 -47.69
CA ASP K 134 -23.05 37.62 -48.51
C ASP K 134 -23.14 36.30 -47.77
N GLY K 135 -23.05 36.31 -46.43
CA GLY K 135 -23.18 35.11 -45.63
C GLY K 135 -21.96 34.26 -45.84
N ILE K 136 -20.82 34.91 -46.01
CA ILE K 136 -19.54 34.25 -46.13
C ILE K 136 -18.98 34.09 -44.70
N LYS K 137 -18.50 32.87 -44.44
CA LYS K 137 -17.84 32.49 -43.20
C LYS K 137 -16.37 32.81 -43.37
N GLY K 138 -16.06 34.10 -43.25
CA GLY K 138 -14.82 34.65 -43.69
C GLY K 138 -13.73 34.59 -42.65
N ARG K 139 -12.68 35.33 -42.85
CA ARG K 139 -11.49 35.17 -42.05
C ARG K 139 -10.84 36.53 -41.97
N ILE K 140 -10.41 36.92 -40.81
CA ILE K 140 -9.56 38.07 -40.67
C ILE K 140 -8.27 37.65 -39.98
N ILE K 141 -7.12 38.06 -40.51
CA ILE K 141 -5.86 37.74 -39.86
C ILE K 141 -4.95 38.91 -39.88
N GLN K 142 -4.42 39.16 -38.71
CA GLN K 142 -3.56 40.30 -38.47
C GLN K 142 -2.10 39.90 -38.32
N ILE K 143 -1.21 40.64 -38.96
CA ILE K 143 0.18 40.36 -38.82
C ILE K 143 0.65 41.09 -37.59
N ASN K 144 1.03 40.33 -36.55
CA ASN K 144 1.36 40.92 -35.26
C ASN K 144 2.77 40.41 -34.95
N SER K 145 3.18 40.50 -33.71
CA SER K 145 4.58 40.40 -33.37
C SER K 145 4.72 39.82 -31.95
N LYS K 146 5.83 39.14 -31.69
CA LYS K 146 6.06 38.74 -30.31
C LYS K 146 6.06 39.98 -29.34
N SER K 147 6.24 41.17 -29.92
CA SER K 147 6.13 42.37 -29.20
C SER K 147 4.69 42.69 -28.82
N GLY K 148 3.72 42.01 -29.40
CA GLY K 148 2.40 42.00 -28.90
C GLY K 148 2.04 41.02 -27.76
N LYS K 149 3.00 40.21 -27.31
CA LYS K 149 2.87 39.21 -26.25
C LYS K 149 3.68 39.63 -25.03
N VAL K 150 4.81 40.29 -25.25
CA VAL K 150 5.61 40.77 -24.18
C VAL K 150 6.18 42.12 -24.59
N GLY K 151 6.17 43.09 -23.69
CA GLY K 151 6.66 44.45 -23.98
C GLY K 151 8.15 44.53 -24.27
N SER K 152 8.51 45.37 -25.26
CA SER K 152 9.92 45.51 -25.68
C SER K 152 10.46 46.81 -25.17
N LYS K 153 11.65 46.69 -24.61
CA LYS K 153 12.37 47.83 -24.10
C LYS K 153 12.62 48.82 -25.24
N HIS K 154 12.33 50.08 -24.97
CA HIS K 154 12.57 51.16 -25.95
C HIS K 154 11.54 51.08 -27.09
N ASN K 155 10.46 50.30 -26.92
CA ASN K 155 9.47 50.21 -27.99
C ASN K 155 8.05 50.35 -27.51
N SER K 156 7.84 51.33 -26.62
CA SER K 156 6.50 51.52 -26.02
C SER K 156 5.36 51.70 -27.05
N GLY K 157 5.61 52.49 -28.10
CA GLY K 157 4.65 52.65 -29.17
C GLY K 157 4.25 51.39 -29.91
N TYR K 158 5.27 50.64 -30.29
CA TYR K 158 5.02 49.37 -31.03
C TYR K 158 4.31 48.35 -30.09
N SER K 159 4.80 48.23 -28.85
CA SER K 159 4.17 47.20 -27.96
C SER K 159 2.74 47.62 -27.61
N ALA K 160 2.58 48.91 -27.25
CA ALA K 160 1.18 49.43 -27.00
C ALA K 160 0.24 49.06 -28.13
N ALA K 161 0.70 49.29 -29.36
CA ALA K 161 -0.13 49.06 -30.52
C ALA K 161 -0.39 47.61 -30.86
N LYS K 162 0.66 46.77 -30.79
CA LYS K 162 0.53 45.35 -31.07
C LYS K 162 -0.33 44.59 -30.00
N PHE K 163 -0.10 44.92 -28.71
CA PHE K 163 -1.04 44.43 -27.64
C PHE K 163 -2.44 44.84 -27.95
N GLY K 164 -2.59 46.11 -28.34
CA GLY K 164 -3.91 46.62 -28.66
C GLY K 164 -4.58 45.82 -29.74
N GLY K 165 -3.75 45.41 -30.69
CA GLY K 165 -4.20 44.58 -31.78
C GLY K 165 -4.76 43.27 -31.36
N VAL K 166 -4.11 42.62 -30.38
CA VAL K 166 -4.69 41.40 -29.79
C VAL K 166 -6.04 41.65 -29.14
N GLY K 167 -6.13 42.72 -28.38
CA GLY K 167 -7.47 43.13 -27.83
C GLY K 167 -8.53 43.22 -28.91
N LEU K 168 -8.17 43.99 -29.93
CA LEU K 168 -9.10 44.13 -31.04
C LEU K 168 -9.45 42.81 -31.70
N THR K 169 -8.44 41.97 -31.96
CA THR K 169 -8.74 40.63 -32.45
C THR K 169 -9.78 39.87 -31.64
N GLN K 170 -9.59 39.79 -30.32
CA GLN K 170 -10.54 39.05 -29.49
C GLN K 170 -12.01 39.66 -29.51
N SER K 171 -12.09 40.99 -29.44
CA SER K 171 -13.42 41.70 -29.52
C SER K 171 -14.10 41.43 -30.85
N LEU K 172 -13.32 41.55 -31.92
CA LEU K 172 -13.84 41.23 -33.27
C LEU K 172 -14.29 39.81 -33.34
N ALA K 173 -13.47 38.86 -32.78
CA ALA K 173 -13.89 37.48 -32.84
C ALA K 173 -15.24 37.27 -32.16
N LEU K 174 -15.50 37.95 -31.05
CA LEU K 174 -16.76 37.76 -30.30
C LEU K 174 -17.92 38.46 -31.00
N ASP K 175 -17.68 39.67 -31.50
CA ASP K 175 -18.70 40.42 -32.33
C ASP K 175 -19.12 39.63 -33.61
N LEU K 176 -18.15 38.94 -34.25
CA LEU K 176 -18.37 38.26 -35.57
C LEU K 176 -18.63 36.77 -35.57
N ALA K 177 -18.39 36.10 -34.43
CA ALA K 177 -18.61 34.67 -34.23
C ALA K 177 -19.97 34.16 -34.71
N GLU K 178 -21.01 34.91 -34.42
CA GLU K 178 -22.37 34.49 -34.86
C GLU K 178 -22.58 34.51 -36.42
N TYR K 179 -21.59 34.99 -37.16
CA TYR K 179 -21.62 34.98 -38.62
C TYR K 179 -20.62 34.04 -39.19
N GLY K 180 -19.93 33.29 -38.34
CA GLY K 180 -18.97 32.32 -38.84
C GLY K 180 -17.75 32.97 -39.39
N ILE K 181 -17.45 34.22 -39.04
CA ILE K 181 -16.16 34.83 -39.35
C ILE K 181 -15.15 34.60 -38.17
N THR K 182 -13.96 34.07 -38.44
CA THR K 182 -12.92 33.91 -37.40
C THR K 182 -11.83 34.95 -37.56
N VAL K 183 -11.13 35.21 -36.47
CA VAL K 183 -10.19 36.31 -36.43
C VAL K 183 -9.00 35.90 -35.59
N HIS K 184 -7.78 36.15 -36.08
CA HIS K 184 -6.57 35.76 -35.35
C HIS K 184 -5.46 36.79 -35.54
N SER K 185 -4.64 36.98 -34.56
CA SER K 185 -3.37 37.68 -34.76
C SER K 185 -2.22 36.65 -34.81
N LEU K 186 -1.32 36.80 -35.80
CA LEU K 186 -0.09 35.99 -35.88
C LEU K 186 1.05 36.74 -35.21
N MET K 187 1.67 36.10 -34.22
CA MET K 187 2.64 36.80 -33.37
C MET K 187 4.00 36.32 -33.85
N LEU K 188 4.62 37.08 -34.75
CA LEU K 188 5.81 36.64 -35.43
C LEU K 188 7.06 36.95 -34.65
N GLY K 189 8.04 36.08 -34.81
CA GLY K 189 9.41 36.31 -34.36
C GLY K 189 10.15 37.36 -35.20
N ASN K 190 11.44 37.48 -34.99
CA ASN K 190 12.26 38.37 -35.78
C ASN K 190 12.43 37.83 -37.23
N LEU K 191 12.01 38.62 -38.23
CA LEU K 191 12.26 38.28 -39.64
C LEU K 191 13.67 38.74 -39.98
N LEU K 192 14.63 37.90 -39.62
CA LEU K 192 16.03 38.29 -39.67
C LEU K 192 16.54 38.57 -41.09
N LYS K 193 15.90 37.97 -42.09
CA LYS K 193 16.27 38.14 -43.51
C LYS K 193 15.45 39.24 -44.26
N SER K 194 14.46 39.83 -43.58
CA SER K 194 13.69 40.93 -44.15
C SER K 194 14.64 42.10 -44.47
N PRO K 195 14.45 42.71 -45.66
CA PRO K 195 15.25 43.90 -45.97
C PRO K 195 15.30 44.88 -44.80
N MET K 196 14.15 45.04 -44.17
CA MET K 196 14.01 45.91 -43.03
C MET K 196 14.98 45.55 -41.91
N PHE K 197 15.05 44.27 -41.55
CA PHE K 197 15.92 43.85 -40.41
C PHE K 197 17.41 44.10 -40.71
N GLN K 198 17.80 43.80 -41.96
CA GLN K 198 19.16 44.04 -42.48
C GLN K 198 19.61 45.48 -42.42
N SER K 199 18.70 46.40 -42.77
CA SER K 199 18.98 47.83 -42.68
C SER K 199 19.21 48.26 -41.23
N LEU K 200 18.69 47.49 -40.28
CA LEU K 200 18.77 47.87 -38.87
C LEU K 200 19.88 47.25 -38.03
N LEU K 201 20.73 46.43 -38.63
CA LEU K 201 21.89 45.82 -37.93
C LEU K 201 22.69 46.89 -37.16
N PRO K 202 23.09 47.99 -37.87
CA PRO K 202 23.68 49.18 -37.23
C PRO K 202 22.92 49.65 -35.98
N GLN K 203 21.62 49.91 -36.12
CA GLN K 203 20.79 50.39 -34.98
C GLN K 203 20.73 49.39 -33.78
N TYR K 204 20.48 48.10 -34.05
CA TYR K 204 20.49 47.10 -32.98
C TYR K 204 21.85 46.90 -32.34
N ALA K 205 22.85 46.63 -33.17
CA ALA K 205 24.23 46.40 -32.72
C ALA K 205 24.65 47.45 -31.68
N GLU K 206 24.35 48.71 -31.99
CA GLU K 206 24.62 49.81 -31.08
C GLU K 206 23.69 49.73 -29.88
N LYS K 207 22.37 49.67 -30.10
CA LYS K 207 21.39 49.55 -28.98
C LYS K 207 21.39 48.20 -28.25
N LEU K 208 22.47 47.44 -28.45
CA LEU K 208 22.89 46.41 -27.51
C LEU K 208 24.41 46.50 -27.15
N GLY K 209 25.17 47.31 -27.90
CA GLY K 209 26.58 47.53 -27.65
C GLY K 209 27.39 46.33 -28.08
N ILE K 210 27.17 45.83 -29.29
CA ILE K 210 27.91 44.69 -29.85
C ILE K 210 28.15 44.97 -31.33
N THR K 211 28.84 44.08 -32.02
CA THR K 211 29.14 44.31 -33.47
C THR K 211 27.88 44.02 -34.33
N PRO K 212 27.78 44.64 -35.54
CA PRO K 212 26.70 44.36 -36.54
C PRO K 212 26.69 42.97 -37.18
N GLU K 213 27.86 42.37 -37.35
CA GLU K 213 27.99 41.01 -37.90
C GLU K 213 27.61 39.97 -36.84
N GLU K 214 27.69 40.36 -35.56
CA GLU K 214 27.24 39.55 -34.43
C GLU K 214 25.71 39.51 -34.27
N VAL K 215 25.04 40.60 -34.60
CA VAL K 215 23.64 40.83 -34.22
C VAL K 215 22.72 39.62 -34.37
N GLU K 216 22.55 39.09 -35.57
CA GLU K 216 21.56 38.01 -35.73
C GLU K 216 21.96 36.69 -35.02
N PRO K 217 23.29 36.43 -34.83
CA PRO K 217 23.65 35.35 -33.87
C PRO K 217 23.16 35.54 -32.43
N TYR K 218 22.95 36.78 -31.99
CA TYR K 218 22.33 37.09 -30.69
C TYR K 218 20.81 36.84 -30.63
N TYR K 219 20.11 37.14 -31.72
CA TYR K 219 18.66 36.88 -31.80
C TYR K 219 18.29 35.45 -32.15
N VAL K 220 19.06 34.83 -33.06
CA VAL K 220 19.02 33.36 -33.29
C VAL K 220 19.15 32.54 -32.01
N ASP K 221 20.08 32.95 -31.14
CA ASP K 221 20.43 32.28 -29.90
C ASP K 221 19.29 32.30 -28.84
N LYS K 222 18.54 33.42 -28.79
CA LYS K 222 17.31 33.46 -28.03
C LYS K 222 16.25 32.47 -28.52
N VAL K 223 16.43 31.81 -29.65
CA VAL K 223 15.32 31.05 -30.22
C VAL K 223 15.62 29.60 -29.96
N PRO K 224 14.68 28.87 -29.32
CA PRO K 224 14.97 27.47 -29.09
C PRO K 224 15.27 26.69 -30.41
N LEU K 225 14.45 26.92 -31.45
CA LEU K 225 14.72 26.30 -32.75
C LEU K 225 15.91 26.89 -33.54
N LYS K 226 16.59 27.88 -32.96
CA LYS K 226 17.88 28.37 -33.44
C LYS K 226 17.86 28.90 -34.89
N ARG K 227 16.78 29.56 -35.30
CA ARG K 227 16.71 30.21 -36.59
C ARG K 227 15.71 31.31 -36.41
N GLY K 228 15.78 32.25 -37.32
CA GLY K 228 14.84 33.34 -37.36
C GLY K 228 13.58 32.95 -38.08
N CYS K 229 12.61 33.84 -38.01
CA CYS K 229 11.35 33.68 -38.71
C CYS K 229 11.53 33.88 -40.22
N ASP K 230 10.91 32.99 -40.99
CA ASP K 230 10.92 33.07 -42.48
C ASP K 230 9.52 33.45 -42.95
N TYR K 231 9.45 34.27 -44.00
CA TYR K 231 8.16 34.54 -44.74
C TYR K 231 7.28 33.29 -44.85
N GLN K 232 7.89 32.15 -45.10
CA GLN K 232 7.14 30.96 -45.43
C GLN K 232 6.46 30.28 -44.21
N ASP K 233 7.12 30.46 -43.06
CA ASP K 233 6.50 30.09 -41.79
C ASP K 233 5.20 30.92 -41.66
N VAL K 234 5.31 32.22 -41.90
CA VAL K 234 4.08 33.06 -41.80
C VAL K 234 3.00 32.54 -42.72
N LEU K 235 3.35 32.35 -43.99
CA LEU K 235 2.39 31.88 -44.96
C LEU K 235 1.74 30.55 -44.58
N ASN K 236 2.58 29.57 -44.15
CA ASN K 236 2.05 28.28 -43.71
C ASN K 236 0.95 28.40 -42.63
N VAL K 237 1.25 29.10 -41.54
CA VAL K 237 0.29 29.35 -40.45
C VAL K 237 -0.97 30.13 -40.90
N LEU K 238 -0.76 31.23 -41.59
CA LEU K 238 -1.91 31.97 -42.22
C LEU K 238 -2.74 31.07 -43.09
N LEU K 239 -2.08 30.24 -43.91
CA LEU K 239 -2.80 29.37 -44.82
C LEU K 239 -3.72 28.44 -44.04
N PHE K 240 -3.17 27.83 -42.98
CA PHE K 240 -4.00 26.92 -42.15
C PHE K 240 -5.15 27.67 -41.47
N TYR K 241 -4.83 28.72 -40.76
CA TYR K 241 -5.90 29.40 -40.03
C TYR K 241 -6.99 30.04 -40.94
N ALA K 242 -6.63 30.40 -42.19
CA ALA K 242 -7.67 30.89 -43.16
C ALA K 242 -8.55 29.76 -43.75
N SER K 243 -8.06 28.51 -43.69
CA SER K 243 -8.74 27.43 -44.36
C SER K 243 -9.96 27.07 -43.61
N ASP K 244 -10.91 26.38 -44.24
CA ASP K 244 -12.06 25.82 -43.52
C ASP K 244 -11.70 24.78 -42.42
N LYS K 245 -10.50 24.21 -42.47
CA LYS K 245 -10.09 23.23 -41.42
C LYS K 245 -9.89 23.87 -40.01
N ALA K 246 -9.73 25.19 -39.99
CA ALA K 246 -9.59 25.97 -38.77
C ALA K 246 -10.88 26.67 -38.31
N ALA K 247 -12.06 26.09 -38.64
CA ALA K 247 -13.37 26.76 -38.41
C ALA K 247 -13.64 26.96 -36.94
N TYR K 248 -13.14 26.01 -36.13
CA TYR K 248 -13.37 26.02 -34.72
C TYR K 248 -12.40 26.77 -33.88
N CYS K 249 -11.37 27.41 -34.45
CA CYS K 249 -10.52 28.30 -33.69
C CYS K 249 -10.85 29.78 -34.03
N THR K 250 -11.04 30.60 -32.99
CA THR K 250 -11.21 32.00 -33.19
C THR K 250 -10.63 32.85 -32.07
N GLY K 251 -10.21 34.05 -32.38
CA GLY K 251 -9.75 34.95 -31.36
C GLY K 251 -8.34 34.76 -30.85
N GLN K 252 -7.51 33.98 -31.58
CA GLN K 252 -6.27 33.49 -31.05
C GLN K 252 -5.09 34.39 -31.37
N SER K 253 -4.14 34.43 -30.44
CA SER K 253 -2.84 34.97 -30.71
C SER K 253 -1.91 33.80 -31.03
N ILE K 254 -1.56 33.59 -32.30
CA ILE K 254 -0.87 32.34 -32.75
C ILE K 254 0.64 32.63 -32.80
N ASN K 255 1.44 31.94 -31.96
CA ASN K 255 2.80 32.21 -31.85
C ASN K 255 3.56 31.54 -33.03
N VAL K 256 4.50 32.29 -33.63
CA VAL K 256 5.31 31.79 -34.77
C VAL K 256 6.68 32.34 -34.46
N THR K 257 7.25 31.79 -33.36
CA THR K 257 8.43 32.36 -32.80
C THR K 257 9.58 31.33 -32.54
N GLY K 258 9.42 30.08 -32.96
CA GLY K 258 10.52 29.07 -32.76
C GLY K 258 10.77 28.65 -31.31
N GLY K 259 9.67 28.70 -30.55
CA GLY K 259 9.66 28.43 -29.10
C GLY K 259 10.04 29.60 -28.21
N GLN K 260 10.36 30.74 -28.84
CA GLN K 260 10.74 31.88 -28.04
C GLN K 260 9.60 32.29 -27.08
N VAL K 261 8.35 32.16 -27.51
CA VAL K 261 7.18 32.53 -26.69
C VAL K 261 6.26 31.33 -26.69
N MET K 262 6.04 30.81 -25.48
CA MET K 262 5.15 29.67 -25.26
C MET K 262 3.84 29.98 -24.50
N PHE K 263 3.66 31.25 -24.14
CA PHE K 263 2.42 31.72 -23.43
C PHE K 263 1.60 32.62 -24.37
N VAL L 8 5.94 7.63 -39.63
CA VAL L 8 5.17 6.71 -38.74
C VAL L 8 4.54 7.46 -37.54
N ALA L 9 3.31 7.17 -37.21
CA ALA L 9 2.62 7.91 -36.13
C ALA L 9 2.31 6.92 -35.03
N VAL L 10 2.67 7.26 -33.80
CA VAL L 10 2.38 6.41 -32.65
C VAL L 10 1.30 7.12 -31.81
N VAL L 11 0.16 6.48 -31.73
CA VAL L 11 -0.96 6.99 -31.00
C VAL L 11 -1.15 6.16 -29.74
N ILE L 12 -0.93 6.79 -28.58
CA ILE L 12 -1.23 6.17 -27.28
C ILE L 12 -2.65 6.51 -26.96
N GLY L 13 -3.43 5.51 -26.55
CA GLY L 13 -4.89 5.60 -26.46
C GLY L 13 -5.59 5.50 -27.84
N GLY L 14 -4.93 4.89 -28.83
CA GLY L 14 -5.47 4.76 -30.19
C GLY L 14 -6.65 3.80 -30.31
N GLY L 15 -6.89 2.99 -29.28
CA GLY L 15 -7.84 1.87 -29.39
C GLY L 15 -9.32 2.21 -29.46
N GLN L 16 -9.70 3.44 -29.16
CA GLN L 16 -11.11 3.79 -29.19
C GLN L 16 -11.38 5.29 -29.35
N THR L 17 -12.67 5.56 -29.56
CA THR L 17 -13.25 6.90 -29.60
C THR L 17 -12.28 7.91 -30.27
N LEU L 18 -11.89 8.99 -29.60
CA LEU L 18 -10.99 9.97 -30.18
C LEU L 18 -9.64 9.49 -30.70
N GLY L 19 -8.92 8.66 -29.94
CA GLY L 19 -7.61 8.16 -30.40
C GLY L 19 -7.81 7.36 -31.68
N ALA L 20 -8.87 6.53 -31.69
CA ALA L 20 -9.25 5.72 -32.82
C ALA L 20 -9.52 6.63 -34.04
N PHE L 21 -10.34 7.65 -33.86
CA PHE L 21 -10.60 8.64 -34.93
C PHE L 21 -9.33 9.30 -35.43
N LEU L 22 -8.39 9.59 -34.54
CA LEU L 22 -7.11 10.17 -35.00
C LEU L 22 -6.21 9.18 -35.75
N CYS L 23 -6.17 7.93 -35.27
CA CYS L 23 -5.48 6.85 -35.97
C CYS L 23 -5.95 6.76 -37.43
N GLU L 24 -7.27 6.76 -37.65
CA GLU L 24 -7.86 6.67 -39.01
C GLU L 24 -7.52 7.87 -39.84
N GLY L 25 -7.67 9.06 -39.28
CA GLY L 25 -7.31 10.25 -40.08
C GLY L 25 -5.81 10.37 -40.35
N LEU L 26 -4.96 9.79 -39.50
CA LEU L 26 -3.53 9.87 -39.78
C LEU L 26 -3.20 8.87 -40.88
N ALA L 27 -3.85 7.68 -40.92
CA ALA L 27 -3.61 6.75 -42.07
C ALA L 27 -4.13 7.49 -43.33
N GLN L 28 -5.33 8.01 -43.20
CA GLN L 28 -5.88 8.86 -44.27
C GLN L 28 -4.89 9.88 -44.85
N ALA L 29 -4.12 10.54 -44.00
CA ALA L 29 -3.17 11.55 -44.46
C ALA L 29 -1.86 10.98 -44.94
N GLY L 30 -1.66 9.68 -44.90
CA GLY L 30 -0.47 9.10 -45.48
C GLY L 30 0.40 8.37 -44.47
N TYR L 31 0.05 8.46 -43.20
CA TYR L 31 0.94 7.97 -42.16
C TYR L 31 0.78 6.48 -41.99
N HIS L 32 1.86 5.80 -41.66
CA HIS L 32 1.73 4.47 -41.08
C HIS L 32 1.51 4.70 -39.60
N VAL L 33 0.72 3.81 -38.99
CA VAL L 33 0.24 3.98 -37.64
C VAL L 33 0.51 2.78 -36.72
N ALA L 34 1.26 3.07 -35.63
CA ALA L 34 1.27 2.24 -34.41
C ALA L 34 0.08 2.56 -33.47
N VAL L 35 -0.93 1.72 -33.48
CA VAL L 35 -2.07 1.90 -32.64
C VAL L 35 -1.74 1.28 -31.26
N ALA L 36 -1.59 2.09 -30.20
CA ALA L 36 -1.33 1.50 -28.86
C ALA L 36 -2.41 1.78 -27.89
N ASP L 37 -2.73 0.75 -27.12
CA ASP L 37 -3.83 0.85 -26.19
C ASP L 37 -3.73 -0.16 -25.06
N LEU L 38 -4.38 0.18 -23.95
CA LEU L 38 -4.42 -0.72 -22.79
C LEU L 38 -4.99 -1.99 -23.32
N ASN L 39 -6.04 -1.83 -24.14
CA ASN L 39 -6.78 -2.90 -24.78
C ASN L 39 -6.19 -3.30 -26.16
N GLU L 40 -5.48 -4.43 -26.15
CA GLU L 40 -4.76 -4.92 -27.30
C GLU L 40 -5.72 -5.40 -28.37
N SER L 41 -6.85 -5.93 -27.90
CA SER L 41 -7.92 -6.42 -28.76
C SER L 41 -8.47 -5.30 -29.64
N ASN L 42 -8.75 -4.12 -29.06
CA ASN L 42 -9.19 -2.95 -29.84
C ASN L 42 -8.11 -2.40 -30.78
N ALA L 43 -6.89 -2.22 -30.29
CA ALA L 43 -5.74 -1.87 -31.11
C ALA L 43 -5.59 -2.71 -32.43
N ASN L 44 -5.52 -4.05 -32.29
CA ASN L 44 -5.46 -4.96 -33.44
C ASN L 44 -6.68 -4.80 -34.37
N ARG L 45 -7.89 -4.81 -33.79
CA ARG L 45 -9.14 -4.63 -34.55
C ARG L 45 -9.18 -3.30 -35.37
N LEU L 46 -8.79 -2.19 -34.74
CA LEU L 46 -8.61 -0.93 -35.50
C LEU L 46 -7.52 -0.98 -36.58
N ALA L 47 -6.36 -1.58 -36.26
CA ALA L 47 -5.24 -1.74 -37.21
C ALA L 47 -5.66 -2.57 -38.43
N ASP L 48 -6.50 -3.58 -38.16
CA ASP L 48 -7.13 -4.42 -39.18
C ASP L 48 -8.03 -3.68 -40.14
N THR L 49 -8.80 -2.73 -39.63
CA THR L 49 -9.63 -1.84 -40.46
C THR L 49 -8.77 -0.91 -41.28
N ILE L 50 -7.81 -0.27 -40.63
CA ILE L 50 -6.90 0.61 -41.36
C ILE L 50 -6.20 -0.17 -42.47
N ASN L 51 -5.76 -1.41 -42.17
CA ASN L 51 -5.03 -2.21 -43.19
C ASN L 51 -5.96 -2.60 -44.37
N SER L 52 -7.23 -2.82 -44.11
CA SER L 52 -8.20 -3.11 -45.17
C SER L 52 -8.46 -1.94 -46.09
N ARG L 53 -8.67 -0.77 -45.55
CA ARG L 53 -8.93 0.39 -46.37
C ARG L 53 -7.66 0.93 -47.06
N TYR L 54 -6.48 0.67 -46.47
CA TYR L 54 -5.21 1.32 -46.93
C TYR L 54 -4.10 0.38 -47.38
N GLY L 55 -4.26 -0.94 -47.24
CA GLY L 55 -3.19 -1.88 -47.59
C GLY L 55 -2.49 -2.51 -46.39
N ALA L 56 -2.10 -3.79 -46.52
CA ALA L 56 -1.38 -4.50 -45.43
C ALA L 56 -0.07 -3.77 -45.03
N GLY L 57 0.32 -3.89 -43.75
CA GLY L 57 1.55 -3.26 -43.23
C GLY L 57 1.50 -1.77 -42.89
N ARG L 58 0.33 -1.15 -43.10
CA ARG L 58 0.17 0.26 -42.84
C ARG L 58 -0.02 0.52 -41.32
N ALA L 59 -0.78 -0.36 -40.68
CA ALA L 59 -1.10 -0.24 -39.27
C ALA L 59 -0.66 -1.52 -38.54
N TYR L 60 -0.18 -1.35 -37.29
CA TYR L 60 -0.08 -2.43 -36.28
C TYR L 60 -0.67 -2.04 -34.95
N GLY L 61 -1.27 -3.02 -34.26
CA GLY L 61 -1.77 -2.87 -32.88
C GLY L 61 -0.70 -3.25 -31.84
N PHE L 62 -0.72 -2.56 -30.72
CA PHE L 62 0.24 -2.80 -29.67
C PHE L 62 -0.47 -2.63 -28.33
N LYS L 63 -0.07 -3.43 -27.34
CA LYS L 63 -0.52 -3.23 -25.91
C LYS L 63 0.43 -2.27 -25.21
N VAL L 64 -0.17 -1.32 -24.48
CA VAL L 64 0.61 -0.43 -23.60
C VAL L 64 -0.22 -0.05 -22.40
N ASP L 65 0.41 -0.07 -21.22
CA ASP L 65 -0.14 0.65 -20.03
C ASP L 65 0.82 1.82 -19.94
N ALA L 66 0.38 3.03 -20.39
CA ALA L 66 1.22 4.24 -20.40
C ALA L 66 1.72 4.59 -19.01
N THR L 67 1.02 4.11 -17.98
CA THR L 67 1.49 4.39 -16.58
C THR L 67 2.66 3.54 -16.10
N ASP L 68 3.04 2.49 -16.82
CA ASP L 68 4.05 1.51 -16.39
C ASP L 68 5.28 1.61 -17.23
N GLU L 69 6.45 1.84 -16.63
CA GLU L 69 7.63 2.21 -17.40
C GLU L 69 8.19 1.14 -18.36
N ALA L 70 8.25 -0.09 -17.83
CA ALA L 70 8.69 -1.25 -18.60
C ALA L 70 7.80 -1.43 -19.84
N SER L 71 6.47 -1.34 -19.66
CA SER L 71 5.51 -1.51 -20.76
C SER L 71 5.75 -0.46 -21.90
N VAL L 72 5.98 0.77 -21.48
CA VAL L 72 6.24 1.84 -22.47
C VAL L 72 7.57 1.67 -23.13
N GLU L 73 8.59 1.29 -22.37
CA GLU L 73 9.90 0.94 -22.94
C GLU L 73 9.84 -0.21 -23.99
N ALA L 74 8.95 -1.18 -23.69
CA ALA L 74 8.71 -2.33 -24.55
C ALA L 74 7.86 -2.01 -25.78
N LEU L 75 6.92 -1.08 -25.63
CA LEU L 75 6.18 -0.54 -26.81
C LEU L 75 7.15 0.13 -27.79
N ALA L 76 8.05 0.95 -27.27
CA ALA L 76 9.05 1.60 -28.11
C ALA L 76 9.96 0.64 -28.86
N ARG L 77 10.48 -0.41 -28.18
CA ARG L 77 11.23 -1.41 -28.92
C ARG L 77 10.40 -2.12 -29.99
N ALA L 78 9.12 -2.39 -29.74
CA ALA L 78 8.25 -3.13 -30.72
C ALA L 78 7.97 -2.29 -31.97
N VAL L 79 7.54 -1.06 -31.71
CA VAL L 79 7.35 -0.10 -32.77
C VAL L 79 8.61 0.04 -33.59
N ASP L 80 9.78 0.08 -32.96
CA ASP L 80 11.04 0.23 -33.70
C ASP L 80 11.40 -1.05 -34.48
N GLU L 81 11.09 -2.21 -33.91
CA GLU L 81 11.23 -3.50 -34.60
C GLU L 81 10.20 -3.69 -35.74
N THR L 82 9.01 -3.10 -35.63
CA THR L 82 7.94 -3.25 -36.61
C THR L 82 8.01 -2.25 -37.76
N PHE L 83 8.37 -0.99 -37.46
CA PHE L 83 8.47 0.06 -38.46
C PHE L 83 9.90 0.60 -38.54
N GLY L 84 10.22 1.39 -39.51
CA GLY L 84 11.62 1.95 -39.46
C GLY L 84 12.06 2.68 -38.14
N ARG L 85 11.09 3.24 -37.41
CA ARG L 85 11.28 4.62 -36.94
C ARG L 85 10.06 5.14 -36.24
N ALA L 86 10.20 6.35 -35.69
CA ALA L 86 9.03 7.05 -35.14
C ALA L 86 9.13 8.52 -35.43
N ASP L 87 8.04 9.05 -35.98
CA ASP L 87 7.98 10.46 -36.49
C ASP L 87 7.06 11.37 -35.64
N LEU L 88 5.90 10.83 -35.30
CA LEU L 88 4.89 11.57 -34.53
C LEU L 88 4.45 10.69 -33.40
N LEU L 89 4.48 11.26 -32.17
CA LEU L 89 3.78 10.74 -30.98
C LEU L 89 2.55 11.58 -30.69
N VAL L 90 1.41 10.95 -30.68
CA VAL L 90 0.18 11.49 -30.19
C VAL L 90 -0.07 10.83 -28.84
N TYR L 91 -0.19 11.64 -27.78
CA TYR L 91 -0.62 11.18 -26.43
C TYR L 91 -2.03 11.53 -26.11
N SER L 92 -2.91 10.51 -26.13
CA SER L 92 -4.35 10.70 -25.89
C SER L 92 -4.88 9.86 -24.69
N ALA L 93 -5.10 10.48 -23.54
CA ALA L 93 -5.53 9.79 -22.31
C ALA L 93 -6.32 10.73 -21.38
N GLY L 94 -6.88 10.16 -20.31
CA GLY L 94 -7.46 10.94 -19.20
C GLY L 94 -8.97 11.19 -19.20
N VAL L 95 -9.63 10.72 -18.15
CA VAL L 95 -11.02 11.07 -17.85
C VAL L 95 -11.08 12.03 -16.65
N ALA L 96 -12.07 12.94 -16.68
CA ALA L 96 -12.31 13.88 -15.59
C ALA L 96 -13.23 13.22 -14.55
N LYS L 97 -12.68 12.99 -13.34
CA LYS L 97 -13.49 12.61 -12.16
C LYS L 97 -13.75 13.87 -11.36
N ALA L 98 -14.99 14.00 -10.88
CA ALA L 98 -15.50 15.25 -10.31
C ALA L 98 -15.97 15.11 -8.88
N ALA L 99 -15.37 15.91 -8.00
CA ALA L 99 -15.94 16.11 -6.65
C ALA L 99 -15.35 17.41 -6.04
N PRO L 100 -16.08 18.04 -5.09
CA PRO L 100 -15.46 19.16 -4.41
C PRO L 100 -14.19 18.70 -3.67
N ILE L 101 -13.26 19.63 -3.53
CA ILE L 101 -11.96 19.33 -2.91
C ILE L 101 -12.07 18.58 -1.56
N THR L 102 -13.05 18.98 -0.74
CA THR L 102 -13.32 18.38 0.57
C THR L 102 -13.90 16.94 0.53
N GLN L 103 -14.15 16.41 -0.67
CA GLN L 103 -14.55 15.00 -0.87
C GLN L 103 -13.68 14.30 -1.93
N PHE L 104 -12.59 14.93 -2.39
CA PHE L 104 -11.82 14.37 -3.49
C PHE L 104 -10.83 13.35 -2.94
N ARG L 105 -10.72 12.20 -3.61
CA ARG L 105 -9.91 11.12 -3.06
C ARG L 105 -8.50 11.21 -3.53
N LEU L 106 -7.57 10.94 -2.62
CA LEU L 106 -6.17 10.78 -3.01
C LEU L 106 -5.97 9.73 -4.17
N THR L 107 -6.64 8.58 -4.07
CA THR L 107 -6.55 7.56 -5.12
C THR L 107 -7.02 8.15 -6.48
N ASP L 108 -8.03 8.99 -6.56
CA ASP L 108 -8.39 9.60 -7.85
C ASP L 108 -7.36 10.65 -8.26
N PHE L 109 -6.92 11.47 -7.30
CA PHE L 109 -5.91 12.49 -7.56
C PHE L 109 -4.71 11.83 -8.12
N ASP L 110 -4.27 10.75 -7.48
CA ASP L 110 -3.02 10.12 -7.94
C ASP L 110 -3.20 9.48 -9.30
N LEU L 111 -4.38 8.90 -9.53
CA LEU L 111 -4.64 8.19 -10.82
C LEU L 111 -4.62 9.21 -11.99
N SER L 112 -5.26 10.35 -11.79
CA SER L 112 -5.20 11.40 -12.79
C SER L 112 -3.76 11.81 -13.11
N LEU L 113 -2.89 11.98 -12.10
CA LEU L 113 -1.49 12.32 -12.39
C LEU L 113 -0.81 11.23 -13.24
N GLN L 114 -1.12 9.97 -12.95
CA GLN L 114 -0.40 8.86 -13.56
C GLN L 114 -0.71 8.77 -15.04
N VAL L 115 -2.01 8.67 -15.33
CA VAL L 115 -2.58 8.68 -16.66
C VAL L 115 -2.22 9.94 -17.48
N ASN L 116 -2.56 11.14 -16.93
CA ASN L 116 -2.50 12.38 -17.73
C ASN L 116 -1.14 12.93 -17.88
N LEU L 117 -0.31 12.65 -16.89
CA LEU L 117 0.99 13.23 -16.81
C LEU L 117 2.14 12.27 -16.91
N VAL L 118 2.17 11.25 -16.02
CA VAL L 118 3.36 10.36 -15.97
C VAL L 118 3.60 9.66 -17.31
N GLY L 119 2.56 9.06 -17.80
CA GLY L 119 2.60 8.40 -19.10
C GLY L 119 2.99 9.32 -20.23
N TYR L 120 2.64 10.61 -20.19
CA TYR L 120 3.09 11.48 -21.25
C TYR L 120 4.56 11.70 -21.11
N PHE L 121 5.08 11.69 -19.87
CA PHE L 121 6.48 11.84 -19.57
C PHE L 121 7.24 10.64 -20.15
N LEU L 122 6.69 9.47 -19.89
CA LEU L 122 7.40 8.23 -20.26
C LEU L 122 7.40 8.02 -21.80
N CYS L 123 6.21 8.16 -22.43
CA CYS L 123 6.09 8.05 -23.90
C CYS L 123 6.94 9.10 -24.61
N SER L 124 6.88 10.33 -24.15
CA SER L 124 7.76 11.38 -24.69
C SER L 124 9.23 11.04 -24.59
N ARG L 125 9.65 10.58 -23.40
CA ARG L 125 11.04 10.22 -23.20
C ARG L 125 11.45 9.12 -24.20
N GLU L 126 10.62 8.06 -24.30
CA GLU L 126 11.07 6.86 -25.02
C GLU L 126 11.06 7.07 -26.51
N PHE L 127 10.04 7.78 -27.00
CA PHE L 127 9.96 8.09 -28.43
C PHE L 127 10.90 9.19 -28.89
N SER L 128 11.19 10.22 -28.06
CA SER L 128 12.14 11.23 -28.49
C SER L 128 13.56 10.64 -28.68
N LYS L 129 13.93 9.65 -27.84
CA LYS L 129 15.22 8.94 -28.03
C LYS L 129 15.38 8.33 -29.46
N LEU L 130 14.31 7.72 -29.93
CA LEU L 130 14.19 7.14 -31.26
C LEU L 130 14.31 8.13 -32.36
N MET L 131 13.62 9.26 -32.22
CA MET L 131 13.73 10.33 -33.17
C MET L 131 15.14 10.91 -33.20
N ILE L 132 15.74 11.09 -32.04
CA ILE L 132 17.09 11.61 -31.98
C ILE L 132 18.09 10.69 -32.71
N ARG L 133 17.97 9.40 -32.47
CA ARG L 133 18.85 8.33 -33.02
C ARG L 133 18.84 8.32 -34.58
N ASP L 134 17.65 8.49 -35.14
CA ASP L 134 17.46 8.53 -36.59
C ASP L 134 17.54 9.92 -37.21
N GLY L 135 17.83 10.96 -36.41
CA GLY L 135 17.95 12.33 -36.90
C GLY L 135 16.63 12.86 -37.41
N ILE L 136 15.54 12.34 -36.86
CA ILE L 136 14.22 12.69 -37.33
C ILE L 136 13.70 13.98 -36.68
N LYS L 137 13.20 14.87 -37.51
CA LYS L 137 12.68 16.11 -37.02
C LYS L 137 11.22 15.89 -36.63
N GLY L 138 10.99 15.12 -35.57
CA GLY L 138 9.70 14.65 -35.23
C GLY L 138 8.79 15.60 -34.52
N ARG L 139 7.64 15.05 -34.13
CA ARG L 139 6.55 15.76 -33.51
C ARG L 139 5.96 15.02 -32.27
N ILE L 140 5.69 15.77 -31.21
CA ILE L 140 4.98 15.26 -30.03
C ILE L 140 3.80 16.19 -29.80
N ILE L 141 2.61 15.59 -29.74
CA ILE L 141 1.39 16.30 -29.61
C ILE L 141 0.58 15.58 -28.51
N GLN L 142 0.19 16.31 -27.48
CA GLN L 142 -0.59 15.81 -26.37
C GLN L 142 -2.01 16.31 -26.51
N ILE L 143 -2.99 15.42 -26.39
CA ILE L 143 -4.38 15.81 -26.29
C ILE L 143 -4.60 16.33 -24.87
N ASN L 144 -4.93 17.63 -24.76
CA ASN L 144 -5.18 18.29 -23.49
C ASN L 144 -6.62 18.86 -23.48
N SER L 145 -6.86 19.96 -22.78
CA SER L 145 -8.19 20.40 -22.46
C SER L 145 -8.13 21.88 -22.14
N LYS L 146 -9.26 22.51 -22.31
CA LYS L 146 -9.45 23.80 -21.74
C LYS L 146 -9.32 23.83 -20.17
N SER L 147 -9.56 22.71 -19.51
CA SER L 147 -9.20 22.55 -18.10
C SER L 147 -7.67 22.54 -17.81
N GLY L 148 -6.86 22.55 -18.86
CA GLY L 148 -5.43 22.80 -18.76
C GLY L 148 -5.09 24.27 -18.89
N LYS L 149 -6.11 25.10 -19.21
CA LYS L 149 -5.99 26.56 -19.37
C LYS L 149 -6.66 27.41 -18.22
N VAL L 150 -7.74 26.92 -17.71
CA VAL L 150 -8.44 27.54 -16.60
C VAL L 150 -8.83 26.41 -15.71
N GLY L 151 -8.61 26.58 -14.41
CA GLY L 151 -8.89 25.50 -13.48
C GLY L 151 -10.35 25.19 -13.53
N SER L 152 -10.72 23.95 -13.30
CA SER L 152 -12.14 23.57 -13.33
C SER L 152 -12.69 23.29 -11.93
N LYS L 153 -13.89 23.79 -11.71
CA LYS L 153 -14.58 23.65 -10.43
C LYS L 153 -14.93 22.14 -10.24
N HIS L 154 -14.62 21.60 -9.08
CA HIS L 154 -14.87 20.20 -8.71
C HIS L 154 -14.01 19.23 -9.47
N ASN L 155 -13.04 19.73 -10.22
CA ASN L 155 -12.19 18.87 -10.97
C ASN L 155 -10.72 19.17 -10.67
N SER L 156 -10.37 19.27 -9.39
CA SER L 156 -8.98 19.45 -8.92
C SER L 156 -7.97 18.56 -9.59
N GLY L 157 -8.24 17.27 -9.57
CA GLY L 157 -7.22 16.30 -10.07
C GLY L 157 -6.93 16.42 -11.57
N TYR L 158 -8.01 16.66 -12.33
CA TYR L 158 -7.94 16.84 -13.79
C TYR L 158 -7.21 18.12 -14.20
N SER L 159 -7.58 19.25 -13.58
CA SER L 159 -6.91 20.54 -13.89
C SER L 159 -5.51 20.51 -13.40
N ALA L 160 -5.24 19.95 -12.21
CA ALA L 160 -3.81 19.90 -11.88
C ALA L 160 -2.94 19.15 -12.92
N ALA L 161 -3.43 18.02 -13.34
CA ALA L 161 -2.72 17.11 -14.22
C ALA L 161 -2.61 17.68 -15.65
N LYS L 162 -3.67 18.33 -16.10
CA LYS L 162 -3.68 19.04 -17.44
C LYS L 162 -2.78 20.27 -17.50
N PHE L 163 -2.84 21.11 -16.47
CA PHE L 163 -1.87 22.18 -16.36
C PHE L 163 -0.50 21.59 -16.35
N GLY L 164 -0.37 20.48 -15.61
CA GLY L 164 0.96 19.86 -15.61
C GLY L 164 1.47 19.48 -16.99
N GLY L 165 0.59 18.91 -17.79
CA GLY L 165 0.92 18.64 -19.20
C GLY L 165 1.45 19.86 -19.93
N VAL L 166 0.84 21.04 -19.72
CA VAL L 166 1.36 22.21 -20.41
C VAL L 166 2.82 22.51 -20.02
N GLY L 167 3.14 22.38 -18.72
CA GLY L 167 4.49 22.65 -18.24
C GLY L 167 5.49 21.66 -18.86
N LEU L 168 5.03 20.44 -19.04
CA LEU L 168 5.95 19.38 -19.53
C LEU L 168 6.15 19.63 -20.99
N THR L 169 5.08 19.99 -21.70
CA THR L 169 5.17 20.34 -23.09
C THR L 169 6.24 21.42 -23.29
N GLN L 170 6.16 22.48 -22.51
CA GLN L 170 7.15 23.55 -22.59
C GLN L 170 8.61 23.08 -22.30
N SER L 171 8.80 22.20 -21.31
CA SER L 171 10.11 21.69 -21.01
C SER L 171 10.61 20.71 -22.10
N LEU L 172 9.71 19.88 -22.63
CA LEU L 172 10.10 18.99 -23.71
C LEU L 172 10.57 19.77 -24.91
N ALA L 173 9.81 20.85 -25.22
CA ALA L 173 10.07 21.65 -26.33
C ALA L 173 11.45 22.29 -26.24
N LEU L 174 11.82 22.77 -25.05
CA LEU L 174 13.15 23.34 -24.84
C LEU L 174 14.28 22.28 -24.84
N ASP L 175 14.02 21.11 -24.30
CA ASP L 175 15.02 19.97 -24.31
C ASP L 175 15.30 19.41 -25.69
N LEU L 176 14.29 19.46 -26.56
CA LEU L 176 14.29 18.72 -27.81
C LEU L 176 14.48 19.64 -29.05
N ALA L 177 14.32 20.95 -28.83
CA ALA L 177 14.42 21.92 -29.93
C ALA L 177 15.72 21.76 -30.73
N GLU L 178 16.83 21.49 -30.06
CA GLU L 178 18.12 21.29 -30.71
C GLU L 178 18.16 20.11 -31.65
N TYR L 179 17.13 19.26 -31.62
CA TYR L 179 17.00 18.06 -32.48
C TYR L 179 15.91 18.22 -33.55
N GLY L 180 15.36 19.41 -33.71
CA GLY L 180 14.27 19.64 -34.67
C GLY L 180 12.98 18.93 -34.33
N ILE L 181 12.81 18.62 -33.05
CA ILE L 181 11.57 17.98 -32.61
C ILE L 181 10.72 19.10 -31.95
N THR L 182 9.47 19.26 -32.41
CA THR L 182 8.52 20.21 -31.86
C THR L 182 7.49 19.46 -31.00
N VAL L 183 6.99 20.19 -30.01
CA VAL L 183 6.11 19.68 -28.97
C VAL L 183 4.92 20.66 -28.69
N HIS L 184 3.68 20.18 -28.73
CA HIS L 184 2.53 21.00 -28.44
C HIS L 184 1.47 20.23 -27.67
N SER L 185 0.66 20.98 -26.89
CA SER L 185 -0.53 20.43 -26.27
C SER L 185 -1.68 21.12 -26.97
N LEU L 186 -2.66 20.31 -27.35
CA LEU L 186 -3.91 20.85 -27.89
C LEU L 186 -4.91 21.04 -26.81
N MET L 187 -5.45 22.27 -26.62
CA MET L 187 -6.36 22.55 -25.52
C MET L 187 -7.79 22.42 -26.06
N LEU L 188 -8.36 21.25 -25.91
CA LEU L 188 -9.70 20.99 -26.42
C LEU L 188 -10.92 21.57 -25.66
N GLY L 189 -11.91 22.04 -26.41
CA GLY L 189 -13.27 22.28 -25.87
C GLY L 189 -13.98 21.00 -25.47
N ASN L 190 -15.27 21.08 -25.20
CA ASN L 190 -16.07 19.95 -24.79
C ASN L 190 -16.45 19.08 -26.03
N LEU L 191 -16.17 17.77 -25.98
CA LEU L 191 -16.50 16.83 -27.09
C LEU L 191 -17.93 16.37 -26.89
N LEU L 192 -18.88 17.25 -27.21
CA LEU L 192 -20.22 17.10 -26.66
C LEU L 192 -20.87 15.81 -27.10
N LYS L 193 -20.52 15.34 -28.30
CA LYS L 193 -21.14 14.19 -28.94
C LYS L 193 -20.42 12.89 -28.67
N SER L 194 -19.30 12.97 -27.95
CA SER L 194 -18.53 11.78 -27.61
C SER L 194 -19.31 10.87 -26.65
N PRO L 195 -19.08 9.56 -26.76
CA PRO L 195 -19.71 8.58 -25.87
C PRO L 195 -19.61 8.93 -24.38
N MET L 196 -18.39 9.27 -23.93
CA MET L 196 -18.14 9.61 -22.50
C MET L 196 -18.97 10.85 -22.10
N PHE L 197 -18.95 11.88 -22.94
CA PHE L 197 -19.73 13.07 -22.61
C PHE L 197 -21.22 12.72 -22.43
N GLN L 198 -21.77 12.05 -23.41
CA GLN L 198 -23.16 11.55 -23.40
C GLN L 198 -23.61 10.77 -22.14
N SER L 199 -22.83 9.76 -21.74
CA SER L 199 -23.11 8.98 -20.51
C SER L 199 -23.20 9.82 -19.19
N LEU L 200 -22.42 10.91 -19.11
CA LEU L 200 -22.38 11.76 -17.90
C LEU L 200 -23.44 12.88 -17.84
N LEU L 201 -24.34 12.96 -18.81
CA LEU L 201 -25.37 14.00 -18.83
C LEU L 201 -26.13 14.12 -17.49
N PRO L 202 -26.64 13.01 -16.94
CA PRO L 202 -27.32 13.08 -15.64
C PRO L 202 -26.46 13.64 -14.50
N GLN L 203 -25.18 13.26 -14.47
CA GLN L 203 -24.24 13.79 -13.46
C GLN L 203 -24.15 15.33 -13.56
N TYR L 204 -23.57 15.85 -14.64
CA TYR L 204 -23.51 17.32 -14.87
C TYR L 204 -24.87 18.00 -14.64
N ALA L 205 -25.93 17.40 -15.18
CA ALA L 205 -27.32 17.81 -14.89
C ALA L 205 -27.54 18.01 -13.40
N GLU L 206 -27.25 16.98 -12.60
CA GLU L 206 -27.34 17.08 -11.13
C GLU L 206 -26.35 18.12 -10.54
N LYS L 207 -25.09 18.11 -11.01
CA LYS L 207 -24.09 19.13 -10.61
C LYS L 207 -24.75 20.52 -10.62
N LEU L 208 -25.05 21.08 -11.79
CA LEU L 208 -25.87 22.31 -11.83
C LEU L 208 -27.30 21.89 -11.58
N GLY L 209 -28.10 22.74 -10.93
CA GLY L 209 -29.54 22.47 -10.71
C GLY L 209 -30.36 22.59 -11.99
N ILE L 210 -30.30 21.55 -12.84
CA ILE L 210 -30.91 21.56 -14.19
C ILE L 210 -31.04 20.11 -14.71
N THR L 211 -31.93 19.88 -15.66
CA THR L 211 -32.17 18.52 -16.24
C THR L 211 -31.14 18.11 -17.33
N PRO L 212 -31.15 16.83 -17.78
CA PRO L 212 -30.10 16.36 -18.71
C PRO L 212 -30.17 16.91 -20.14
N GLU L 213 -31.40 17.08 -20.63
CA GLU L 213 -31.65 17.68 -21.94
C GLU L 213 -31.10 19.13 -22.06
N GLU L 214 -30.87 19.80 -20.93
CA GLU L 214 -30.42 21.22 -20.89
C GLU L 214 -28.91 21.36 -20.74
N VAL L 215 -28.21 20.22 -20.67
CA VAL L 215 -26.78 20.22 -20.46
C VAL L 215 -26.07 20.63 -21.76
N GLU L 216 -26.29 19.92 -22.85
CA GLU L 216 -25.63 20.27 -24.14
C GLU L 216 -25.86 21.76 -24.52
N PRO L 217 -27.11 22.27 -24.45
CA PRO L 217 -27.43 23.70 -24.72
C PRO L 217 -26.69 24.70 -23.83
N TYR L 218 -26.68 24.39 -22.54
CA TYR L 218 -25.92 25.18 -21.55
C TYR L 218 -24.41 25.26 -21.88
N TYR L 219 -23.79 24.16 -22.30
CA TYR L 219 -22.37 24.26 -22.71
C TYR L 219 -22.12 24.92 -24.06
N VAL L 220 -22.91 24.53 -25.07
CA VAL L 220 -22.93 25.21 -26.38
C VAL L 220 -23.00 26.74 -26.26
N ASP L 221 -23.84 27.19 -25.35
CA ASP L 221 -24.12 28.60 -25.19
C ASP L 221 -22.92 29.39 -24.67
N LYS L 222 -22.02 28.72 -23.97
CA LYS L 222 -20.79 29.29 -23.47
C LYS L 222 -19.76 29.49 -24.58
N VAL L 223 -19.96 28.89 -25.74
CA VAL L 223 -18.98 28.95 -26.82
C VAL L 223 -19.41 30.05 -27.82
N PRO L 224 -18.51 31.02 -28.13
CA PRO L 224 -18.81 32.03 -29.15
C PRO L 224 -19.33 31.55 -30.51
N LEU L 225 -18.74 30.47 -31.03
CA LEU L 225 -19.20 29.76 -32.24
C LEU L 225 -20.33 28.78 -32.01
N LYS L 226 -20.88 28.72 -30.81
CA LYS L 226 -22.13 28.00 -30.57
C LYS L 226 -22.17 26.61 -31.19
N ARG L 227 -21.11 25.83 -30.95
CA ARG L 227 -21.23 24.36 -31.05
C ARG L 227 -20.12 23.78 -30.23
N GLY L 228 -20.23 22.47 -30.00
CA GLY L 228 -19.22 21.70 -29.38
C GLY L 228 -18.01 21.44 -30.22
N CYS L 229 -17.13 20.62 -29.65
CA CYS L 229 -15.90 20.22 -30.37
C CYS L 229 -16.19 18.92 -31.08
N ASP L 230 -15.60 18.75 -32.26
CA ASP L 230 -15.79 17.57 -33.11
C ASP L 230 -14.41 16.92 -33.23
N TYR L 231 -14.42 15.61 -33.41
CA TYR L 231 -13.15 14.92 -33.61
C TYR L 231 -12.39 15.53 -34.76
N GLN L 232 -13.14 15.97 -35.76
CA GLN L 232 -12.54 16.49 -36.95
C GLN L 232 -11.73 17.74 -36.72
N ASP L 233 -12.18 18.59 -35.77
CA ASP L 233 -11.41 19.82 -35.46
C ASP L 233 -10.02 19.49 -34.83
N VAL L 234 -10.09 18.51 -33.92
CA VAL L 234 -8.90 17.92 -33.27
C VAL L 234 -7.96 17.39 -34.32
N LEU L 235 -8.49 16.60 -35.23
CA LEU L 235 -7.65 16.01 -36.27
C LEU L 235 -7.01 17.06 -37.20
N ASN L 236 -7.82 18.05 -37.65
CA ASN L 236 -7.32 19.09 -38.54
C ASN L 236 -6.16 19.91 -37.92
N VAL L 237 -6.29 20.25 -36.64
CA VAL L 237 -5.26 21.05 -35.93
C VAL L 237 -4.06 20.17 -35.68
N LEU L 238 -4.31 18.93 -35.26
CA LEU L 238 -3.17 17.97 -35.09
C LEU L 238 -2.33 17.76 -36.35
N LEU L 239 -3.04 17.51 -37.43
CA LEU L 239 -2.41 17.46 -38.76
C LEU L 239 -1.53 18.67 -39.12
N PHE L 240 -1.98 19.92 -39.00
CA PHE L 240 -1.09 21.08 -39.31
C PHE L 240 0.12 21.11 -38.36
N TYR L 241 -0.10 20.92 -37.06
CA TYR L 241 1.09 21.07 -36.13
C TYR L 241 2.06 19.90 -36.19
N ALA L 242 1.56 18.77 -36.72
CA ALA L 242 2.45 17.61 -37.05
C ALA L 242 3.17 17.69 -38.39
N SER L 243 2.80 18.65 -39.29
CA SER L 243 3.42 18.76 -40.58
C SER L 243 4.74 19.54 -40.51
N ASP L 244 5.44 19.44 -41.62
CA ASP L 244 6.65 20.21 -41.92
C ASP L 244 6.34 21.72 -41.99
N LYS L 245 5.09 22.03 -42.34
CA LYS L 245 4.64 23.41 -42.40
C LYS L 245 4.65 24.20 -41.08
N ALA L 246 4.70 23.49 -39.95
CA ALA L 246 4.60 24.07 -38.61
C ALA L 246 5.92 23.96 -37.91
N ALA L 247 7.02 23.90 -38.69
CA ALA L 247 8.38 23.67 -38.16
C ALA L 247 8.88 24.77 -37.23
N TYR L 248 8.39 26.02 -37.40
CA TYR L 248 8.82 27.18 -36.52
C TYR L 248 7.89 27.42 -35.30
N CYS L 249 6.91 26.55 -35.10
CA CYS L 249 6.12 26.55 -33.83
C CYS L 249 6.55 25.41 -32.88
N THR L 250 6.77 25.74 -31.62
CA THR L 250 6.95 24.69 -30.59
C THR L 250 6.62 25.17 -29.20
N GLY L 251 6.26 24.17 -28.36
CA GLY L 251 6.00 24.46 -26.96
C GLY L 251 4.64 25.08 -26.70
N GLN L 252 3.70 24.94 -27.63
CA GLN L 252 2.48 25.79 -27.58
C GLN L 252 1.35 25.03 -27.03
N SER L 253 0.45 25.78 -26.41
CA SER L 253 -0.85 25.35 -25.96
C SER L 253 -1.84 25.87 -26.94
N ILE L 254 -2.34 24.97 -27.77
CA ILE L 254 -3.06 25.39 -28.96
C ILE L 254 -4.56 25.21 -28.70
N ASN L 255 -5.29 26.31 -28.67
CA ASN L 255 -6.70 26.28 -28.27
C ASN L 255 -7.55 25.74 -29.42
N VAL L 256 -8.52 24.90 -29.06
CA VAL L 256 -9.43 24.35 -30.03
C VAL L 256 -10.79 24.38 -29.32
N THR L 257 -11.34 25.58 -29.11
CA THR L 257 -12.46 25.81 -28.20
C THR L 257 -13.60 26.64 -28.71
N GLY L 258 -13.49 27.09 -29.98
CA GLY L 258 -14.64 27.85 -30.59
C GLY L 258 -14.66 29.24 -30.00
N GLY L 259 -13.49 29.66 -29.57
CA GLY L 259 -13.29 30.98 -28.96
C GLY L 259 -13.62 31.10 -27.50
N GLN L 260 -13.88 30.00 -26.81
CA GLN L 260 -14.21 30.02 -25.40
C GLN L 260 -13.00 30.41 -24.60
N VAL L 261 -11.84 29.98 -25.06
CA VAL L 261 -10.58 30.39 -24.52
C VAL L 261 -9.73 31.10 -25.58
N MET L 262 -9.33 32.34 -25.28
CA MET L 262 -8.53 33.16 -26.18
C MET L 262 -7.18 33.57 -25.58
N PHE L 263 -6.81 32.98 -24.42
CA PHE L 263 -5.49 33.25 -23.77
C PHE L 263 -4.56 32.01 -23.87
CL CL M . -28.42 1.20 31.90
CL CL N . -21.19 -14.11 34.21
CL CL O . -30.23 -21.33 14.03
CL CL P . -35.61 -5.42 10.73
CL CL Q . 37.85 -31.01 -12.32
CL CL R . 21.01 -28.34 -12.64
CL CL S . 22.53 -18.48 8.55
CL CL T . 39.41 -19.14 7.47
CL CL U . -9.13 38.06 -8.93
CL CL V . 7.64 40.68 -11.20
CL CL W . 6.43 29.38 -31.44
CL CL X . -10.51 28.65 -29.97
#